data_4NDZ
#
_entry.id   4NDZ
#
_cell.length_a   155.720
_cell.length_b   170.690
_cell.length_c   183.960
_cell.angle_alpha   90.00
_cell.angle_beta   90.00
_cell.angle_gamma   90.00
#
_symmetry.space_group_name_H-M   'P 21 21 21'
#
loop_
_entity.id
_entity.type
_entity.pdbx_description
1 polymer 'Maltose-binding periplasmic protein, Heparan sulfate 2-O-sulfotransferase 1 fusion'
2 branched 'beta-D-glucopyranuronic acid-(1-4)-2-acetamido-2-deoxy-alpha-D-glucopyranose-(1-4)-beta-D-glucopyranuronic acid-(1-4)-2-deoxy-2-(sulfoamino)-alpha-D-glucopyranose-(1-4)-alpha-L-idopyranuronic acid-(1-4)-2-deoxy-2-(sulfoamino)-alpha-D-glucopyranose-(1-4)-beta-D-glucopyranuronic acid'
3 branched alpha-D-glucopyranose-(1-4)-alpha-D-glucopyranose
4 non-polymer "ADENOSINE-3'-5'-DIPHOSPHATE"
5 non-polymer P-NITROPHENOL
#
_entity_poly.entity_id   1
_entity_poly.type   'polypeptide(L)'
_entity_poly.pdbx_seq_one_letter_code
;KIEEGKLVIWINGDKGYNGLAEVGKKFEKDTGIKVTVEHPDKLEEKFPQVAATGDGPDIIFWAHDRFGGYAQSGLLAEIT
PDKAFQDKLYPFTWDAVRYNGKLIAYPIAVEALSLIYNKDLLPNPPKTWEEIPALDKELKAKGKSALMFNLQEPYFTWPL
IAADGGYAFKYENGKYDIKDVGVDNAGAKAGLTFLVDLIKNKHMNADTDYSIAEAAFNKGETAMTINGPWAWSNIDTSKV
NYGVTVLPTFKGQPSKPFVGVLSAGINAASPNKELAKEFLENYLLTDEGLEAVNKDKPLGAVALKSYEEELAKDPRIAAT
MENAQKGEIMPNIPQMSAFWYAVRTAVINAASGRQTVDAALAAAQTNAAADEEDDVVIIYNRVPKTASTSFTNIAYDLCA
KNRYHVLHINTTKNNPVMSLQDQVRFVKNVTSWKEMKPGFYHGHVSYLDFAKFGVKKKPIYINVIRDPIERLVSYYYFLR
FGDDYRPGLRRRKQGDKKTFDECVAAGGSDCAPEKLWLQIPFFCGHSSECWNVGSRWALEQAKYNLINEYFLVGVTEELE
DFIMLLEAALPRFFRGATELYRTGKKSHLRKTTEKKLPTKETIAKLQQSEIWKMENEFYEFALEQFQFVRAHAVREKDGE
LYILAQNFFYEKIYPKSN
;
_entity_poly.pdbx_strand_id   A,B,C,D,E,F
#
loop_
_chem_comp.id
_chem_comp.type
_chem_comp.name
_chem_comp.formula
A3P RNA linking ADENOSINE-3'-5'-DIPHOSPHATE 'C10 H15 N5 O10 P2'
BDP D-saccharide, beta linking 'beta-D-glucopyranuronic acid' 'C6 H10 O7'
GLC D-saccharide, alpha linking alpha-D-glucopyranose 'C6 H12 O6'
GNS D-saccharide, alpha linking 2-deoxy-2-(sulfoamino)-alpha-D-glucopyranose 'C6 H13 N O8 S'
IDR L-saccharide, alpha linking 'alpha-L-idopyranuronic acid' 'C6 H10 O7'
NDG D-saccharide, alpha linking 2-acetamido-2-deoxy-alpha-D-glucopyranose 'C8 H15 N O6'
NPO non-polymer P-NITROPHENOL 'C6 H5 N O3'
#
# COMPACT_ATOMS: atom_id res chain seq x y z
N ASP A 371 43.14 -39.56 24.32
CA ASP A 371 44.37 -39.13 23.66
C ASP A 371 44.88 -37.78 24.18
N GLU A 372 45.87 -37.22 23.50
CA GLU A 372 46.53 -35.99 23.92
C GLU A 372 46.17 -34.82 23.00
N GLU A 373 46.14 -33.61 23.56
CA GLU A 373 45.83 -32.42 22.77
C GLU A 373 47.06 -31.90 22.01
N ASP A 374 47.28 -32.47 20.83
CA ASP A 374 48.45 -32.15 20.01
C ASP A 374 48.14 -31.09 18.95
N ASP A 375 46.86 -30.76 18.80
CA ASP A 375 46.46 -29.81 17.77
C ASP A 375 46.51 -28.38 18.30
N VAL A 376 47.72 -27.89 18.53
CA VAL A 376 47.89 -26.53 18.97
C VAL A 376 48.94 -25.85 18.10
N VAL A 377 48.76 -24.56 17.83
CA VAL A 377 49.76 -23.81 17.09
C VAL A 377 49.93 -22.43 17.69
N ILE A 378 51.15 -22.10 18.09
CA ILE A 378 51.47 -20.77 18.57
C ILE A 378 52.12 -19.97 17.45
N ILE A 379 51.74 -18.71 17.33
CA ILE A 379 52.45 -17.80 16.46
C ILE A 379 53.04 -16.66 17.26
N TYR A 380 54.37 -16.58 17.27
CA TYR A 380 55.07 -15.46 17.85
C TYR A 380 55.59 -14.58 16.70
N ASN A 381 54.83 -13.57 16.32
CA ASN A 381 55.29 -12.66 15.28
C ASN A 381 56.26 -11.66 15.87
N ARG A 382 57.51 -12.07 15.97
CA ARG A 382 58.50 -11.34 16.74
C ARG A 382 58.83 -9.95 16.21
N VAL A 383 58.83 -8.98 17.12
CA VAL A 383 59.27 -7.61 16.82
C VAL A 383 60.79 -7.51 16.98
N PRO A 384 61.46 -6.94 15.97
CA PRO A 384 62.91 -6.75 15.91
C PRO A 384 63.52 -6.04 17.12
N LYS A 385 64.59 -6.62 17.66
CA LYS A 385 65.36 -6.01 18.73
C LYS A 385 64.55 -5.85 20.02
N THR A 386 63.80 -6.89 20.35
CA THR A 386 63.02 -6.92 21.59
C THR A 386 63.33 -8.14 22.44
N ALA A 387 64.56 -8.66 22.35
CA ALA A 387 64.95 -9.89 23.03
C ALA A 387 64.24 -11.12 22.51
N SER A 388 63.88 -11.10 21.23
CA SER A 388 63.14 -12.20 20.62
C SER A 388 64.01 -13.41 20.36
N THR A 389 65.30 -13.18 20.08
CA THR A 389 66.21 -14.28 19.81
C THR A 389 66.38 -15.12 21.06
N SER A 390 66.45 -14.44 22.21
CA SER A 390 66.66 -15.12 23.48
C SER A 390 65.48 -15.99 23.86
N PHE A 391 64.27 -15.44 23.68
CA PHE A 391 63.04 -16.17 23.96
C PHE A 391 62.83 -17.32 23.00
N THR A 392 63.06 -17.09 21.71
CA THR A 392 62.81 -18.08 20.69
C THR A 392 63.70 -19.30 20.88
N ASN A 393 64.92 -19.07 21.34
CA ASN A 393 65.86 -20.17 21.57
C ASN A 393 65.46 -21.06 22.72
N ILE A 394 64.62 -20.54 23.61
CA ILE A 394 64.02 -21.37 24.64
C ILE A 394 63.09 -22.38 23.98
N ALA A 395 62.22 -21.91 23.10
CA ALA A 395 61.35 -22.77 22.31
C ALA A 395 62.17 -23.81 21.57
N TYR A 396 63.33 -23.44 21.05
CA TYR A 396 64.14 -24.37 20.30
C TYR A 396 64.74 -25.42 21.22
N ASP A 397 65.06 -25.03 22.44
CA ASP A 397 65.71 -25.94 23.37
C ASP A 397 64.72 -26.91 23.99
N LEU A 398 63.47 -26.50 24.08
CA LEU A 398 62.46 -27.32 24.72
C LEU A 398 61.64 -28.14 23.74
N CYS A 399 61.68 -27.79 22.46
CA CYS A 399 60.78 -28.41 21.49
C CYS A 399 61.04 -29.89 21.35
N ALA A 400 62.30 -30.27 21.36
CA ALA A 400 62.67 -31.67 21.28
C ALA A 400 62.08 -32.42 22.46
N LYS A 401 62.33 -31.90 23.65
CA LYS A 401 61.99 -32.57 24.90
C LYS A 401 60.50 -32.55 25.21
N ASN A 402 59.83 -31.44 24.88
CA ASN A 402 58.38 -31.28 25.13
C ASN A 402 57.53 -31.72 23.93
N ARG A 403 58.20 -32.33 22.95
CA ARG A 403 57.54 -32.90 21.79
C ARG A 403 56.71 -31.91 20.99
N TYR A 404 57.37 -30.95 20.36
CA TYR A 404 56.72 -30.07 19.39
C TYR A 404 57.69 -29.57 18.33
N HIS A 405 57.21 -28.74 17.42
CA HIS A 405 58.05 -28.29 16.31
C HIS A 405 58.18 -26.78 16.29
N VAL A 406 59.36 -26.30 15.90
CA VAL A 406 59.60 -24.86 15.82
C VAL A 406 60.05 -24.44 14.42
N LEU A 407 59.27 -23.58 13.78
CA LEU A 407 59.56 -23.15 12.42
C LEU A 407 59.76 -21.65 12.37
N HIS A 408 60.69 -21.19 11.54
CA HIS A 408 60.91 -19.76 11.37
C HIS A 408 60.36 -19.30 10.04
N ILE A 409 59.61 -18.20 10.06
CA ILE A 409 59.01 -17.66 8.85
C ILE A 409 59.92 -16.61 8.26
N ASN A 410 60.34 -16.80 7.00
CA ASN A 410 61.17 -15.82 6.35
C ASN A 410 60.42 -15.13 5.23
N THR A 411 60.47 -13.80 5.19
CA THR A 411 59.79 -13.02 4.16
C THR A 411 60.77 -12.22 3.32
N THR A 412 60.50 -12.13 2.02
CA THR A 412 61.36 -11.43 1.08
C THR A 412 61.60 -9.99 1.52
N LYS A 413 62.87 -9.60 1.57
CA LYS A 413 63.32 -8.26 1.99
C LYS A 413 62.86 -7.89 3.40
N ASN A 414 62.56 -8.91 4.19
CA ASN A 414 62.03 -8.71 5.54
C ASN A 414 60.71 -7.91 5.65
N ASN A 415 60.02 -7.71 4.54
CA ASN A 415 58.73 -7.03 4.53
C ASN A 415 57.74 -7.79 5.40
N PRO A 416 57.14 -7.10 6.38
CA PRO A 416 56.25 -7.69 7.38
C PRO A 416 54.80 -7.80 6.91
N VAL A 417 54.50 -7.37 5.70
CA VAL A 417 53.15 -7.50 5.16
C VAL A 417 53.09 -8.49 4.01
N MET A 418 52.23 -9.49 4.14
CA MET A 418 52.08 -10.52 3.12
C MET A 418 51.03 -10.15 2.07
N SER A 419 51.22 -10.63 0.85
CA SER A 419 50.23 -10.43 -0.20
C SER A 419 49.04 -11.31 0.12
N LEU A 420 47.87 -10.92 -0.37
CA LEU A 420 46.65 -11.66 -0.09
C LEU A 420 46.83 -13.14 -0.41
N GLN A 421 47.44 -13.44 -1.55
CA GLN A 421 47.62 -14.82 -1.93
C GLN A 421 48.59 -15.52 -0.98
N ASP A 422 49.55 -14.78 -0.43
CA ASP A 422 50.53 -15.35 0.49
C ASP A 422 49.89 -15.52 1.85
N GLN A 423 48.94 -14.65 2.17
CA GLN A 423 48.23 -14.76 3.42
C GLN A 423 47.45 -16.07 3.42
N VAL A 424 46.73 -16.31 2.34
CA VAL A 424 45.92 -17.51 2.23
C VAL A 424 46.77 -18.76 2.37
N ARG A 425 47.94 -18.78 1.71
CA ARG A 425 48.88 -19.90 1.77
C ARG A 425 49.37 -20.13 3.18
N PHE A 426 49.80 -19.07 3.85
CA PHE A 426 50.33 -19.16 5.20
C PHE A 426 49.31 -19.74 6.15
N VAL A 427 48.09 -19.21 6.10
CA VAL A 427 47.01 -19.66 6.95
C VAL A 427 46.71 -21.12 6.69
N LYS A 428 46.69 -21.50 5.42
CA LYS A 428 46.43 -22.86 4.99
C LYS A 428 47.47 -23.80 5.58
N ASN A 429 48.73 -23.41 5.45
CA ASN A 429 49.84 -24.17 6.03
C ASN A 429 49.69 -24.35 7.53
N VAL A 430 49.76 -23.23 8.25
CA VAL A 430 49.69 -23.26 9.70
C VAL A 430 48.63 -24.22 10.22
N THR A 431 47.44 -24.18 9.63
CA THR A 431 46.31 -24.93 10.15
C THR A 431 46.20 -26.36 9.62
N SER A 432 46.67 -26.62 8.41
CA SER A 432 46.47 -27.93 7.83
C SER A 432 47.77 -28.73 7.66
N TRP A 433 48.89 -28.19 8.14
CA TRP A 433 50.16 -28.90 8.08
C TRP A 433 50.30 -29.76 9.34
N LYS A 434 49.74 -30.96 9.28
CA LYS A 434 49.50 -31.77 10.45
C LYS A 434 50.78 -32.25 11.12
N GLU A 435 51.82 -32.47 10.31
CA GLU A 435 53.05 -33.04 10.85
C GLU A 435 53.89 -32.03 11.59
N MET A 436 53.42 -30.80 11.69
CA MET A 436 54.14 -29.76 12.43
C MET A 436 53.35 -29.33 13.64
N LYS A 437 52.37 -30.15 14.04
CA LYS A 437 51.57 -29.84 15.21
C LYS A 437 51.90 -30.77 16.39
N PRO A 438 52.03 -30.20 17.59
CA PRO A 438 51.89 -28.77 17.86
C PRO A 438 53.10 -27.99 17.40
N GLY A 439 52.90 -26.72 17.04
CA GLY A 439 53.94 -25.95 16.41
C GLY A 439 54.11 -24.54 16.93
N PHE A 440 55.31 -24.01 16.73
CA PHE A 440 55.66 -22.68 17.19
C PHE A 440 56.26 -21.93 16.01
N TYR A 441 55.41 -21.21 15.27
CA TYR A 441 55.90 -20.46 14.13
C TYR A 441 56.32 -19.09 14.64
N HIS A 442 57.46 -18.59 14.19
CA HIS A 442 57.94 -17.26 14.60
C HIS A 442 58.59 -16.56 13.43
N GLY A 443 58.56 -15.23 13.44
CA GLY A 443 59.08 -14.44 12.33
C GLY A 443 58.58 -13.01 12.37
N HIS A 444 59.28 -12.11 11.69
CA HIS A 444 58.93 -10.70 11.71
C HIS A 444 57.79 -10.39 10.73
N VAL A 445 56.61 -10.91 11.04
CA VAL A 445 55.42 -10.70 10.24
C VAL A 445 54.41 -9.89 11.04
N SER A 446 53.72 -8.96 10.37
CA SER A 446 52.68 -8.15 10.99
C SER A 446 51.50 -9.04 11.38
N TYR A 447 50.71 -8.65 12.38
CA TYR A 447 49.67 -9.54 12.87
C TYR A 447 48.67 -9.94 11.79
N LEU A 448 48.45 -11.24 11.61
CA LEU A 448 47.52 -11.76 10.61
C LEU A 448 46.30 -12.43 11.22
N ASP A 449 45.11 -11.95 10.85
CA ASP A 449 43.83 -12.46 11.40
C ASP A 449 43.32 -13.70 10.65
N PHE A 450 43.33 -14.83 11.33
CA PHE A 450 42.95 -16.10 10.72
C PHE A 450 41.44 -16.24 10.61
N ALA A 451 40.70 -15.48 11.41
CA ALA A 451 39.25 -15.55 11.43
C ALA A 451 38.66 -15.33 10.04
N LYS A 452 39.17 -14.32 9.33
CA LYS A 452 38.69 -13.93 8.01
C LYS A 452 38.65 -15.06 7.02
N PHE A 453 39.57 -16.01 7.18
CA PHE A 453 39.78 -17.06 6.19
C PHE A 453 38.94 -18.29 6.49
N GLY A 454 38.17 -18.21 7.57
CA GLY A 454 37.27 -19.29 7.95
C GLY A 454 37.99 -20.58 8.24
N VAL A 455 38.82 -20.57 9.28
CA VAL A 455 39.54 -21.76 9.71
C VAL A 455 38.73 -22.41 10.83
N LYS A 456 39.06 -23.65 11.17
CA LYS A 456 38.35 -24.33 12.24
C LYS A 456 38.83 -23.79 13.57
N LYS A 457 40.14 -23.82 13.73
CA LYS A 457 40.82 -23.47 14.97
C LYS A 457 41.82 -22.34 14.71
N LYS A 458 41.72 -21.27 15.49
CA LYS A 458 42.69 -20.18 15.40
C LYS A 458 43.99 -20.52 16.10
N PRO A 459 45.11 -19.92 15.65
CA PRO A 459 46.35 -20.16 16.37
C PRO A 459 46.40 -19.28 17.61
N ILE A 460 47.40 -19.52 18.46
CA ILE A 460 47.60 -18.73 19.65
C ILE A 460 48.69 -17.70 19.36
N TYR A 461 48.38 -16.44 19.57
CA TYR A 461 49.34 -15.38 19.30
C TYR A 461 49.95 -14.87 20.59
N ILE A 462 51.27 -14.78 20.63
CA ILE A 462 51.98 -14.18 21.74
C ILE A 462 53.00 -13.21 21.17
N ASN A 463 53.47 -12.27 21.99
CA ASN A 463 54.50 -11.34 21.55
C ASN A 463 55.22 -10.68 22.72
N VAL A 464 56.31 -9.99 22.40
CA VAL A 464 57.09 -9.23 23.38
C VAL A 464 57.47 -7.91 22.75
N ILE A 465 57.16 -6.81 23.41
CA ILE A 465 57.49 -5.49 22.91
C ILE A 465 58.40 -4.75 23.87
N ARG A 466 58.99 -3.65 23.41
CA ARG A 466 60.04 -2.95 24.13
C ARG A 466 59.76 -1.47 24.07
N ASP A 467 60.39 -0.68 24.93
CA ASP A 467 60.16 0.75 24.90
C ASP A 467 60.57 1.27 23.54
N PRO A 468 59.68 2.02 22.89
CA PRO A 468 59.82 2.52 21.52
C PRO A 468 61.18 3.15 21.22
N ILE A 469 61.65 4.02 22.10
CA ILE A 469 62.91 4.70 21.88
C ILE A 469 64.07 3.74 22.07
N GLU A 470 64.07 2.99 23.17
CA GLU A 470 65.17 2.07 23.44
C GLU A 470 65.29 1.01 22.36
N ARG A 471 64.16 0.67 21.74
CA ARG A 471 64.15 -0.32 20.66
C ARG A 471 64.73 0.28 19.39
N LEU A 472 64.39 1.52 19.09
CA LEU A 472 64.90 2.16 17.89
C LEU A 472 66.41 2.33 18.01
N VAL A 473 66.86 2.83 19.15
CA VAL A 473 68.29 3.02 19.39
C VAL A 473 69.03 1.71 19.26
N SER A 474 68.48 0.66 19.87
CA SER A 474 69.03 -0.68 19.76
C SER A 474 69.10 -1.13 18.31
N TYR A 475 68.06 -0.89 17.56
CA TYR A 475 68.02 -1.26 16.15
C TYR A 475 68.97 -0.40 15.30
N TYR A 476 69.14 0.84 15.70
CA TYR A 476 70.02 1.76 15.00
C TYR A 476 71.44 1.24 14.99
N TYR A 477 72.00 1.06 16.18
CA TYR A 477 73.36 0.58 16.34
C TYR A 477 73.53 -0.85 15.86
N PHE A 478 72.42 -1.61 15.82
CA PHE A 478 72.46 -2.96 15.31
C PHE A 478 72.89 -3.03 13.84
N LEU A 479 72.25 -2.22 13.01
CA LEU A 479 72.62 -2.14 11.60
C LEU A 479 74.01 -1.56 11.36
N ARG A 480 74.56 -0.89 12.37
CA ARG A 480 75.84 -0.23 12.22
C ARG A 480 76.96 -1.19 12.56
N PHE A 481 76.76 -1.96 13.62
CA PHE A 481 77.84 -2.73 14.18
C PHE A 481 77.53 -4.23 14.25
N GLY A 482 76.25 -4.59 14.19
CA GLY A 482 75.84 -5.99 14.29
C GLY A 482 75.82 -6.50 15.72
N ASP A 483 75.66 -7.81 15.87
CA ASP A 483 75.53 -8.41 17.20
C ASP A 483 76.62 -9.41 17.56
N ASP A 484 76.35 -10.22 18.59
CA ASP A 484 77.31 -11.22 19.04
C ASP A 484 76.80 -12.65 18.90
N TYR A 485 75.56 -12.79 18.44
CA TYR A 485 74.98 -14.09 18.19
C TYR A 485 75.49 -14.65 16.85
N ARG A 486 75.50 -13.79 15.85
CA ARG A 486 76.08 -14.10 14.54
C ARG A 486 76.91 -12.92 14.09
N PRO A 487 78.17 -12.86 14.56
CA PRO A 487 79.06 -11.73 14.35
C PRO A 487 79.72 -11.79 12.99
N GLY A 488 79.33 -12.78 12.19
CA GLY A 488 79.91 -12.96 10.87
C GLY A 488 79.21 -12.17 9.79
N LEU A 489 77.94 -11.89 10.01
CA LEU A 489 77.14 -11.20 9.01
C LEU A 489 77.51 -9.74 8.95
N ARG A 490 77.66 -9.25 7.74
CA ARG A 490 77.90 -7.83 7.53
C ARG A 490 76.53 -7.15 7.39
N ARG A 491 76.22 -6.27 8.34
CA ARG A 491 74.89 -5.67 8.39
C ARG A 491 74.70 -4.58 7.35
N ARG A 492 73.45 -4.20 7.09
CA ARG A 492 73.11 -3.39 5.92
C ARG A 492 73.69 -2.00 5.88
N LYS A 493 73.66 -1.30 7.01
CA LYS A 493 74.18 0.06 7.06
C LYS A 493 75.50 0.13 7.80
N GLN A 494 76.24 -0.97 7.77
CA GLN A 494 77.55 -1.05 8.37
C GLN A 494 78.49 -0.12 7.61
N GLY A 495 79.33 0.61 8.32
CA GLY A 495 80.18 1.58 7.67
C GLY A 495 79.54 2.95 7.71
N ASP A 496 78.65 3.14 8.68
CA ASP A 496 78.09 4.45 8.99
C ASP A 496 78.54 4.90 10.38
N LYS A 497 79.31 5.98 10.42
CA LYS A 497 79.97 6.40 11.64
C LYS A 497 79.09 7.17 12.61
N LYS A 498 78.14 7.95 12.09
CA LYS A 498 77.32 8.84 12.92
C LYS A 498 76.62 8.12 14.04
N THR A 499 76.70 8.68 15.25
CA THR A 499 76.04 8.09 16.41
C THR A 499 74.59 8.50 16.40
N PHE A 500 73.77 7.79 17.17
CA PHE A 500 72.35 8.05 17.18
C PHE A 500 72.07 9.49 17.57
N ASP A 501 72.70 9.94 18.65
CA ASP A 501 72.49 11.29 19.15
C ASP A 501 72.84 12.33 18.12
N GLU A 502 73.98 12.14 17.45
CA GLU A 502 74.43 13.05 16.40
C GLU A 502 73.43 13.06 15.25
N CYS A 503 72.85 11.89 14.98
CA CYS A 503 71.94 11.74 13.86
C CYS A 503 70.67 12.52 14.11
N VAL A 504 70.15 12.40 15.33
CA VAL A 504 68.91 13.07 15.70
C VAL A 504 69.09 14.58 15.60
N ALA A 505 70.22 15.05 16.11
CA ALA A 505 70.51 16.48 16.08
C ALA A 505 70.66 16.97 14.65
N ALA A 506 71.14 16.11 13.76
CA ALA A 506 71.34 16.48 12.36
C ALA A 506 70.11 16.18 11.52
N GLY A 507 69.04 15.71 12.16
CA GLY A 507 67.81 15.38 11.47
C GLY A 507 68.00 14.28 10.46
N GLY A 508 68.68 13.22 10.87
CA GLY A 508 68.95 12.10 9.99
C GLY A 508 67.70 11.29 9.68
N SER A 509 67.82 10.40 8.69
CA SER A 509 66.68 9.60 8.26
C SER A 509 66.46 8.40 9.17
N ASP A 510 67.54 7.76 9.60
CA ASP A 510 67.44 6.55 10.40
C ASP A 510 66.95 6.80 11.83
N CYS A 511 66.97 8.06 12.24
CA CYS A 511 66.55 8.41 13.59
C CYS A 511 65.43 9.46 13.57
N ALA A 512 64.67 9.48 12.49
CA ALA A 512 63.51 10.34 12.38
C ALA A 512 62.40 9.71 13.21
N PRO A 513 61.47 10.55 13.74
CA PRO A 513 60.39 10.06 14.61
C PRO A 513 59.49 9.06 13.88
N GLU A 514 59.41 9.18 12.57
CA GLU A 514 58.64 8.26 11.76
C GLU A 514 59.16 6.85 11.89
N LYS A 515 60.41 6.72 12.34
CA LYS A 515 61.04 5.42 12.45
C LYS A 515 60.64 4.73 13.74
N LEU A 516 59.96 5.47 14.62
CA LEU A 516 59.43 4.92 15.86
C LEU A 516 58.20 4.06 15.61
N TRP A 517 57.52 4.35 14.50
CA TRP A 517 56.31 3.65 14.12
C TRP A 517 56.65 2.26 13.60
N LEU A 518 56.51 1.26 14.46
CA LEU A 518 56.71 -0.14 14.05
C LEU A 518 55.89 -1.12 14.90
N GLN A 519 55.97 -0.97 16.22
CA GLN A 519 55.25 -1.86 17.10
C GLN A 519 53.74 -1.74 16.96
N ILE A 520 53.25 -0.55 16.63
CA ILE A 520 51.83 -0.38 16.41
C ILE A 520 51.34 -1.15 15.18
N PRO A 521 51.99 -0.98 14.02
CA PRO A 521 51.50 -1.72 12.85
C PRO A 521 51.63 -3.22 12.98
N PHE A 522 52.64 -3.67 13.72
CA PHE A 522 52.86 -5.09 13.95
C PHE A 522 51.67 -5.74 14.67
N PHE A 523 50.90 -4.93 15.40
CA PHE A 523 49.70 -5.42 16.07
C PHE A 523 48.45 -5.05 15.29
N CYS A 524 48.48 -3.88 14.66
CA CYS A 524 47.38 -3.41 13.82
C CYS A 524 47.12 -4.36 12.66
N GLY A 525 48.19 -4.79 11.99
CA GLY A 525 48.10 -5.85 11.01
C GLY A 525 48.37 -5.47 9.57
N HIS A 526 47.76 -6.21 8.65
CA HIS A 526 47.91 -6.02 7.22
C HIS A 526 46.84 -5.09 6.61
N SER A 527 46.32 -4.18 7.41
CA SER A 527 45.36 -3.21 6.92
C SER A 527 46.13 -1.97 6.50
N SER A 528 45.60 -1.23 5.54
CA SER A 528 46.29 -0.04 5.03
C SER A 528 46.54 1.01 6.09
N GLU A 529 45.54 1.26 6.93
CA GLU A 529 45.60 2.35 7.90
C GLU A 529 46.66 2.08 8.98
N CYS A 530 47.07 0.83 9.14
CA CYS A 530 48.05 0.48 10.15
C CYS A 530 49.38 1.13 9.85
N TRP A 531 49.74 1.12 8.57
CA TRP A 531 51.05 1.58 8.14
C TRP A 531 51.02 3.04 7.75
N ASN A 532 49.86 3.65 7.95
CA ASN A 532 49.74 5.07 7.79
C ASN A 532 50.32 5.68 9.05
N VAL A 533 51.57 6.11 8.98
CA VAL A 533 52.31 6.60 10.15
C VAL A 533 51.63 7.73 10.94
N GLY A 534 51.40 7.49 12.22
CA GLY A 534 50.76 8.47 13.08
C GLY A 534 49.24 8.37 13.11
N SER A 535 48.71 7.30 12.53
CA SER A 535 47.26 7.12 12.44
C SER A 535 46.67 6.86 13.82
N ARG A 536 45.65 7.62 14.18
CA ARG A 536 44.97 7.40 15.45
C ARG A 536 44.15 6.11 15.38
N TRP A 537 43.62 5.80 14.20
CA TRP A 537 42.83 4.59 14.01
C TRP A 537 43.71 3.39 14.18
N ALA A 538 44.92 3.49 13.64
CA ALA A 538 45.90 2.40 13.69
C ALA A 538 46.27 2.07 15.12
N LEU A 539 46.40 3.10 15.94
CA LEU A 539 46.70 2.94 17.36
C LEU A 539 45.57 2.17 18.03
N GLU A 540 44.34 2.63 17.82
CA GLU A 540 43.20 2.03 18.48
C GLU A 540 43.00 0.58 18.10
N GLN A 541 43.13 0.30 16.80
CA GLN A 541 43.03 -1.06 16.31
C GLN A 541 44.12 -1.94 16.89
N ALA A 542 45.32 -1.39 17.06
CA ALA A 542 46.44 -2.15 17.58
C ALA A 542 46.19 -2.57 19.01
N LYS A 543 45.57 -1.68 19.78
CA LYS A 543 45.20 -1.99 21.15
C LYS A 543 44.13 -3.07 21.19
N TYR A 544 43.12 -2.93 20.33
CA TYR A 544 42.02 -3.90 20.28
C TYR A 544 42.49 -5.29 19.89
N ASN A 545 43.50 -5.37 19.03
CA ASN A 545 44.03 -6.65 18.62
C ASN A 545 44.81 -7.32 19.75
N LEU A 546 45.52 -6.50 20.51
CA LEU A 546 46.36 -7.00 21.58
C LEU A 546 45.52 -7.60 22.69
N ILE A 547 44.33 -7.05 22.86
CA ILE A 547 43.43 -7.48 23.91
C ILE A 547 42.58 -8.66 23.45
N ASN A 548 42.15 -8.62 22.20
CA ASN A 548 41.18 -9.59 21.70
C ASN A 548 41.80 -10.80 21.05
N GLU A 549 43.03 -10.69 20.60
CA GLU A 549 43.61 -11.77 19.81
C GLU A 549 44.89 -12.37 20.40
N TYR A 550 45.65 -11.56 21.11
CA TYR A 550 46.91 -12.03 21.68
C TYR A 550 46.72 -12.70 23.03
N PHE A 551 47.17 -13.95 23.10
CA PHE A 551 47.07 -14.76 24.31
C PHE A 551 47.83 -14.13 25.45
N LEU A 552 49.03 -13.64 25.16
CA LEU A 552 49.83 -12.91 26.12
C LEU A 552 50.92 -12.11 25.41
N VAL A 553 51.03 -10.83 25.76
CA VAL A 553 52.10 -9.99 25.24
C VAL A 553 52.83 -9.40 26.42
N GLY A 554 54.12 -9.74 26.55
CA GLY A 554 54.93 -9.26 27.64
C GLY A 554 55.88 -8.18 27.17
N VAL A 555 56.69 -7.64 28.07
CA VAL A 555 57.64 -6.61 27.68
C VAL A 555 59.07 -7.09 27.89
N THR A 556 59.98 -6.62 27.02
CA THR A 556 61.38 -7.07 27.04
C THR A 556 61.98 -6.97 28.42
N GLU A 557 61.79 -5.81 29.05
CA GLU A 557 62.51 -5.53 30.29
C GLU A 557 61.96 -6.34 31.45
N GLU A 558 60.88 -7.08 31.21
CA GLU A 558 60.38 -8.03 32.17
C GLU A 558 60.11 -9.34 31.46
N LEU A 559 61.15 -9.90 30.84
CA LEU A 559 61.01 -11.10 30.04
C LEU A 559 60.93 -12.34 30.90
N GLU A 560 61.52 -12.28 32.08
CA GLU A 560 61.56 -13.45 32.94
C GLU A 560 60.16 -13.79 33.39
N ASP A 561 59.40 -12.77 33.77
CA ASP A 561 58.05 -12.98 34.26
C ASP A 561 57.11 -13.43 33.15
N PHE A 562 57.38 -12.95 31.94
CA PHE A 562 56.61 -13.33 30.77
C PHE A 562 56.75 -14.82 30.55
N ILE A 563 57.97 -15.32 30.73
CA ILE A 563 58.25 -16.72 30.53
C ILE A 563 57.61 -17.56 31.62
N MET A 564 57.64 -17.04 32.85
CA MET A 564 57.06 -17.72 33.99
C MET A 564 55.57 -17.97 33.84
N LEU A 565 54.88 -16.98 33.28
CA LEU A 565 53.44 -17.08 33.05
C LEU A 565 53.11 -18.05 31.92
N LEU A 566 53.94 -18.09 30.89
CA LEU A 566 53.70 -19.01 29.78
C LEU A 566 53.90 -20.45 30.19
N GLU A 567 54.82 -20.68 31.12
CA GLU A 567 55.07 -22.03 31.63
C GLU A 567 53.85 -22.52 32.39
N ALA A 568 53.19 -21.58 33.06
CA ALA A 568 52.01 -21.91 33.83
C ALA A 568 50.77 -22.07 32.96
N ALA A 569 50.66 -21.27 31.92
CA ALA A 569 49.48 -21.29 31.07
C ALA A 569 49.59 -22.31 29.94
N LEU A 570 50.71 -22.31 29.24
CA LEU A 570 50.94 -23.25 28.15
C LEU A 570 52.13 -24.13 28.46
N PRO A 571 51.97 -25.08 29.39
CA PRO A 571 53.09 -25.90 29.83
C PRO A 571 53.52 -26.90 28.77
N ARG A 572 52.66 -27.19 27.80
CA ARG A 572 53.03 -28.11 26.72
C ARG A 572 54.24 -27.58 25.99
N PHE A 573 54.25 -26.27 25.78
CA PHE A 573 55.34 -25.63 25.05
C PHE A 573 56.48 -25.22 25.96
N PHE A 574 56.15 -24.76 27.18
CA PHE A 574 57.13 -24.10 28.02
C PHE A 574 57.38 -24.74 29.37
N ARG A 575 57.21 -26.06 29.45
CA ARG A 575 57.54 -26.78 30.66
C ARG A 575 59.05 -26.74 30.83
N GLY A 576 59.51 -26.08 31.88
CA GLY A 576 60.94 -26.00 32.15
C GLY A 576 61.61 -24.81 31.51
N ALA A 577 60.80 -23.90 30.98
CA ALA A 577 61.31 -22.70 30.31
C ALA A 577 61.94 -21.72 31.28
N THR A 578 61.36 -21.61 32.48
CA THR A 578 61.87 -20.68 33.48
C THR A 578 63.19 -21.17 34.04
N GLU A 579 63.27 -22.47 34.32
CA GLU A 579 64.50 -23.03 34.82
C GLU A 579 65.61 -22.87 33.80
N LEU A 580 65.26 -23.10 32.55
CA LEU A 580 66.21 -22.97 31.45
C LEU A 580 66.71 -21.53 31.34
N TYR A 581 65.81 -20.59 31.58
CA TYR A 581 66.15 -19.19 31.46
C TYR A 581 67.11 -18.77 32.56
N ARG A 582 66.78 -19.14 33.80
CA ARG A 582 67.55 -18.70 34.96
C ARG A 582 68.95 -19.33 35.02
N THR A 583 69.06 -20.54 34.51
CA THR A 583 70.32 -21.28 34.56
C THR A 583 70.66 -21.82 33.17
N GLY A 584 71.00 -20.94 32.24
CA GLY A 584 71.19 -21.37 30.86
C GLY A 584 72.34 -20.75 30.10
N LYS A 585 72.70 -19.52 30.47
CA LYS A 585 73.75 -18.77 29.77
C LYS A 585 73.38 -18.52 28.31
N LYS A 586 72.12 -18.76 27.98
CA LYS A 586 71.63 -18.56 26.63
C LYS A 586 70.40 -17.69 26.76
N SER A 587 70.40 -16.85 27.78
CA SER A 587 69.24 -16.05 28.14
C SER A 587 69.35 -14.63 27.62
N HIS A 588 70.57 -14.16 27.38
CA HIS A 588 70.75 -12.83 26.82
C HIS A 588 71.47 -12.88 25.48
N LEU A 589 70.75 -13.33 24.44
CA LEU A 589 71.31 -13.52 23.11
C LEU A 589 71.17 -12.29 22.21
N ARG A 590 72.13 -12.13 21.31
CA ARG A 590 72.12 -11.07 20.31
C ARG A 590 72.22 -9.66 20.86
N LYS A 591 73.16 -9.45 21.78
CA LYS A 591 73.48 -8.13 22.27
C LYS A 591 74.13 -7.33 21.15
N THR A 592 73.63 -6.13 20.90
CA THR A 592 74.22 -5.25 19.90
C THR A 592 75.60 -4.79 20.36
N THR A 593 76.59 -5.06 19.53
CA THR A 593 77.99 -4.99 19.91
C THR A 593 78.41 -3.66 20.51
N GLU A 594 78.25 -2.59 19.74
CA GLU A 594 78.61 -1.27 20.22
C GLU A 594 77.37 -0.37 20.30
N LYS A 595 76.88 -0.14 21.51
CA LYS A 595 75.75 0.76 21.71
C LYS A 595 76.12 2.01 22.49
N LYS A 596 75.50 3.12 22.12
CA LYS A 596 75.66 4.36 22.86
C LYS A 596 74.28 4.86 23.27
N LEU A 597 73.97 4.74 24.56
CA LEU A 597 72.71 5.22 25.12
C LEU A 597 72.53 6.72 24.83
N PRO A 598 71.29 7.12 24.56
CA PRO A 598 70.98 8.48 24.11
C PRO A 598 71.06 9.52 25.22
N THR A 599 71.46 10.74 24.87
CA THR A 599 71.49 11.84 25.81
C THR A 599 70.09 12.16 26.30
N LYS A 600 70.01 12.77 27.48
CA LYS A 600 68.74 13.26 27.99
C LYS A 600 68.17 14.26 26.99
N GLU A 601 69.06 14.97 26.31
CA GLU A 601 68.69 15.96 25.31
C GLU A 601 68.09 15.31 24.07
N THR A 602 68.64 14.16 23.68
CA THR A 602 68.21 13.46 22.48
C THR A 602 66.86 12.82 22.68
N ILE A 603 66.71 12.15 23.82
CA ILE A 603 65.44 11.56 24.19
C ILE A 603 64.36 12.62 24.29
N ALA A 604 64.71 13.78 24.83
CA ALA A 604 63.74 14.86 25.03
C ALA A 604 63.17 15.37 23.72
N LYS A 605 63.99 15.42 22.67
CA LYS A 605 63.51 15.89 21.37
C LYS A 605 62.61 14.87 20.68
N LEU A 606 62.91 13.59 20.86
CA LEU A 606 62.10 12.54 20.28
C LEU A 606 60.71 12.54 20.91
N GLN A 607 60.64 12.92 22.17
CA GLN A 607 59.38 12.85 22.89
C GLN A 607 58.45 13.99 22.53
N GLN A 608 58.91 14.89 21.66
CA GLN A 608 58.06 15.99 21.22
C GLN A 608 57.19 15.55 20.05
N SER A 609 57.53 14.42 19.45
CA SER A 609 56.83 13.94 18.28
C SER A 609 55.57 13.17 18.64
N GLU A 610 54.49 13.48 17.93
CA GLU A 610 53.23 12.76 18.10
C GLU A 610 53.41 11.28 17.80
N ILE A 611 54.29 10.95 16.86
CA ILE A 611 54.55 9.56 16.51
C ILE A 611 55.10 8.84 17.73
N TRP A 612 55.88 9.55 18.53
CA TRP A 612 56.39 8.94 19.75
C TRP A 612 55.29 8.82 20.81
N LYS A 613 54.56 9.90 21.02
CA LYS A 613 53.50 9.92 22.02
C LYS A 613 52.52 8.76 21.84
N MET A 614 52.23 8.42 20.59
CA MET A 614 51.34 7.32 20.26
C MET A 614 52.00 5.98 20.48
N GLU A 615 53.21 5.82 19.94
CA GLU A 615 53.93 4.55 20.04
C GLU A 615 54.23 4.22 21.49
N ASN A 616 54.37 5.27 22.30
CA ASN A 616 54.55 5.11 23.72
C ASN A 616 53.26 4.73 24.43
N GLU A 617 52.17 5.43 24.08
CA GLU A 617 50.85 5.17 24.65
C GLU A 617 50.47 3.71 24.47
N PHE A 618 50.81 3.15 23.32
CA PHE A 618 50.54 1.75 23.06
C PHE A 618 51.38 0.87 23.96
N TYR A 619 52.64 1.25 24.16
CA TYR A 619 53.54 0.46 24.98
C TYR A 619 53.05 0.39 26.41
N GLU A 620 52.77 1.55 27.00
CA GLU A 620 52.29 1.59 28.37
C GLU A 620 50.95 0.87 28.52
N PHE A 621 50.16 0.85 27.45
CA PHE A 621 48.91 0.12 27.45
C PHE A 621 49.15 -1.36 27.59
N ALA A 622 50.06 -1.86 26.76
CA ALA A 622 50.40 -3.29 26.72
C ALA A 622 51.11 -3.70 27.99
N LEU A 623 51.93 -2.79 28.49
CA LEU A 623 52.66 -2.99 29.73
C LEU A 623 51.71 -3.07 30.92
N GLU A 624 50.84 -2.07 31.05
CA GLU A 624 49.84 -2.02 32.13
C GLU A 624 49.01 -3.28 32.12
N GLN A 625 48.76 -3.81 30.93
CA GLN A 625 48.00 -5.04 30.78
C GLN A 625 48.77 -6.23 31.32
N PHE A 626 50.01 -6.38 30.88
CA PHE A 626 50.83 -7.49 31.34
C PHE A 626 50.95 -7.47 32.86
N GLN A 627 51.18 -6.28 33.40
CA GLN A 627 51.33 -6.13 34.83
C GLN A 627 50.05 -6.59 35.54
N PHE A 628 48.92 -6.29 34.93
CA PHE A 628 47.62 -6.70 35.45
C PHE A 628 47.51 -8.22 35.41
N VAL A 629 47.85 -8.81 34.27
CA VAL A 629 47.76 -10.24 34.08
C VAL A 629 48.58 -10.97 35.14
N ARG A 630 49.80 -10.50 35.35
CA ARG A 630 50.73 -11.13 36.29
C ARG A 630 50.19 -10.97 37.69
N ALA A 631 49.72 -9.77 38.00
CA ALA A 631 49.22 -9.44 39.32
C ALA A 631 48.12 -10.40 39.75
N HIS A 632 47.39 -10.92 38.79
CA HIS A 632 46.26 -11.80 39.06
C HIS A 632 46.60 -13.28 38.95
N ALA A 633 47.81 -13.59 38.50
CA ALA A 633 48.23 -14.98 38.37
C ALA A 633 49.21 -15.44 39.45
N VAL A 634 49.85 -14.50 40.13
CA VAL A 634 50.89 -14.87 41.09
C VAL A 634 50.65 -14.37 42.49
N ARG A 635 51.45 -14.88 43.42
CA ARG A 635 51.43 -14.49 44.82
C ARG A 635 52.86 -14.15 45.25
N GLU A 636 53.04 -13.00 45.89
CA GLU A 636 54.36 -12.54 46.30
C GLU A 636 54.62 -12.95 47.74
N LYS A 637 55.21 -14.12 47.93
CA LYS A 637 55.46 -14.61 49.28
C LYS A 637 56.94 -14.68 49.64
N ASP A 638 57.44 -13.69 50.37
CA ASP A 638 58.78 -13.73 50.95
C ASP A 638 59.85 -14.25 50.00
N GLY A 639 60.28 -13.43 49.05
CA GLY A 639 61.35 -13.83 48.16
C GLY A 639 60.97 -13.93 46.69
N GLU A 640 60.28 -15.01 46.33
CA GLU A 640 59.92 -15.22 44.92
C GLU A 640 58.41 -15.23 44.69
N LEU A 641 58.00 -14.89 43.47
CA LEU A 641 56.59 -14.99 43.06
C LEU A 641 56.21 -16.44 42.90
N TYR A 642 55.05 -16.82 43.41
CA TYR A 642 54.57 -18.19 43.27
C TYR A 642 53.26 -18.18 42.48
N ILE A 643 53.13 -19.08 41.50
CA ILE A 643 51.90 -19.15 40.70
C ILE A 643 50.70 -19.56 41.55
N LEU A 644 49.59 -18.87 41.36
CA LEU A 644 48.39 -19.12 42.14
C LEU A 644 47.75 -20.45 41.80
N ALA A 645 47.15 -21.09 42.81
CA ALA A 645 46.45 -22.35 42.62
C ALA A 645 45.17 -22.12 41.85
N GLN A 646 44.36 -23.18 41.71
CA GLN A 646 43.07 -23.02 41.06
C GLN A 646 42.09 -22.37 42.02
N ASN A 647 41.40 -21.34 41.55
CA ASN A 647 40.51 -20.57 42.40
C ASN A 647 39.05 -20.55 41.94
N PHE A 648 38.67 -21.58 41.18
CA PHE A 648 37.27 -21.76 40.83
C PHE A 648 36.88 -23.23 40.84
N PHE A 649 35.58 -23.48 40.87
CA PHE A 649 35.08 -24.85 40.84
C PHE A 649 33.62 -24.86 40.41
N TYR A 650 33.12 -26.03 40.04
CA TYR A 650 31.74 -26.18 39.61
C TYR A 650 30.89 -26.80 40.71
N GLU A 651 29.69 -26.26 40.89
CA GLU A 651 28.78 -26.75 41.92
C GLU A 651 27.34 -26.60 41.44
N LYS A 652 26.41 -27.19 42.17
CA LYS A 652 24.99 -27.21 41.79
C LYS A 652 24.81 -27.75 40.39
N ILE A 653 25.50 -28.85 40.09
CA ILE A 653 25.43 -29.46 38.79
C ILE A 653 24.25 -30.42 38.68
N TYR A 654 23.20 -29.98 38.00
CA TYR A 654 22.05 -30.85 37.75
C TYR A 654 22.08 -31.21 36.25
N PRO A 655 21.31 -32.23 35.83
CA PRO A 655 20.59 -33.28 36.54
C PRO A 655 21.61 -34.22 37.17
N LYS A 656 21.21 -34.94 38.22
CA LYS A 656 22.16 -35.81 38.92
C LYS A 656 22.00 -37.28 38.52
N SER A 657 23.00 -38.08 38.85
CA SER A 657 23.00 -39.51 38.55
N LYS B 1 58.05 -15.10 -20.22
CA LYS B 1 59.39 -15.65 -20.18
C LYS B 1 59.59 -16.74 -21.24
N ILE B 2 58.50 -17.29 -21.75
CA ILE B 2 58.57 -18.26 -22.84
C ILE B 2 58.87 -17.56 -24.15
N GLU B 3 59.98 -17.91 -24.77
CA GLU B 3 60.42 -17.25 -26.00
C GLU B 3 59.47 -17.53 -27.17
N GLU B 4 59.08 -16.46 -27.86
CA GLU B 4 58.22 -16.56 -29.02
C GLU B 4 59.05 -16.77 -30.28
N GLY B 5 58.56 -17.62 -31.17
CA GLY B 5 59.27 -17.90 -32.42
C GLY B 5 60.06 -19.19 -32.37
N LYS B 6 59.88 -19.94 -31.29
CA LYS B 6 60.51 -21.25 -31.16
C LYS B 6 59.67 -22.17 -30.29
N LEU B 7 59.87 -23.48 -30.43
CA LEU B 7 59.16 -24.47 -29.63
C LEU B 7 60.09 -25.21 -28.67
N VAL B 8 59.69 -25.26 -27.40
CA VAL B 8 60.42 -26.03 -26.40
C VAL B 8 59.52 -27.14 -25.91
N ILE B 9 60.03 -28.37 -25.94
CA ILE B 9 59.21 -29.52 -25.62
C ILE B 9 59.79 -30.36 -24.48
N TRP B 10 58.95 -30.69 -23.50
CA TRP B 10 59.37 -31.54 -22.39
C TRP B 10 58.73 -32.92 -22.47
N ILE B 11 59.55 -33.96 -22.53
CA ILE B 11 59.09 -35.34 -22.57
C ILE B 11 59.86 -36.18 -21.55
N ASN B 12 59.24 -37.22 -21.02
CA ASN B 12 59.83 -38.03 -19.96
C ASN B 12 61.16 -38.65 -20.38
N GLY B 13 62.04 -38.86 -19.39
CA GLY B 13 63.39 -39.33 -19.64
C GLY B 13 63.49 -40.70 -20.26
N ASP B 14 62.63 -41.62 -19.85
CA ASP B 14 62.70 -42.99 -20.34
C ASP B 14 62.07 -43.19 -21.72
N LYS B 15 61.47 -42.14 -22.27
CA LYS B 15 60.84 -42.23 -23.59
C LYS B 15 61.84 -41.92 -24.70
N GLY B 16 61.34 -41.84 -25.93
CA GLY B 16 62.20 -41.59 -27.07
C GLY B 16 62.36 -40.12 -27.41
N TYR B 17 63.13 -39.41 -26.59
CA TYR B 17 63.34 -37.97 -26.77
C TYR B 17 64.26 -37.64 -27.94
N ASN B 18 65.20 -38.54 -28.23
CA ASN B 18 66.08 -38.37 -29.38
C ASN B 18 65.33 -38.55 -30.69
N GLY B 19 64.31 -39.40 -30.67
CA GLY B 19 63.48 -39.63 -31.84
C GLY B 19 62.56 -38.46 -32.10
N LEU B 20 62.04 -37.87 -31.03
CA LEU B 20 61.17 -36.71 -31.15
C LEU B 20 61.96 -35.52 -31.66
N ALA B 21 63.23 -35.44 -31.25
CA ALA B 21 64.11 -34.36 -31.68
C ALA B 21 64.39 -34.44 -33.18
N GLU B 22 64.29 -35.64 -33.75
CA GLU B 22 64.42 -35.82 -35.19
C GLU B 22 63.27 -35.13 -35.91
N VAL B 23 62.07 -35.24 -35.34
CA VAL B 23 60.88 -34.58 -35.87
C VAL B 23 60.98 -33.07 -35.66
N GLY B 24 61.75 -32.68 -34.64
CA GLY B 24 61.98 -31.27 -34.37
C GLY B 24 62.85 -30.61 -35.42
N LYS B 25 63.83 -31.35 -35.93
CA LYS B 25 64.71 -30.83 -36.98
C LYS B 25 64.02 -30.77 -38.33
N LYS B 26 63.01 -31.62 -38.54
CA LYS B 26 62.22 -31.60 -39.76
C LYS B 26 61.20 -30.44 -39.76
N PHE B 27 60.83 -30.00 -38.56
CA PHE B 27 59.91 -28.86 -38.42
C PHE B 27 60.69 -27.55 -38.55
N GLU B 28 61.92 -27.57 -38.08
CA GLU B 28 62.81 -26.41 -38.14
C GLU B 28 63.26 -26.15 -39.57
N LYS B 29 63.56 -27.22 -40.30
CA LYS B 29 64.01 -27.13 -41.69
C LYS B 29 62.89 -26.64 -42.60
N ASP B 30 61.65 -26.87 -42.18
CA ASP B 30 60.49 -26.54 -43.01
C ASP B 30 59.86 -25.18 -42.69
N THR B 31 59.85 -24.82 -41.42
CA THR B 31 59.16 -23.59 -40.99
C THR B 31 60.12 -22.53 -40.44
N GLY B 32 61.34 -22.94 -40.10
CA GLY B 32 62.34 -22.02 -39.58
C GLY B 32 62.26 -21.86 -38.08
N ILE B 33 61.35 -22.60 -37.46
CA ILE B 33 61.15 -22.52 -36.01
C ILE B 33 62.02 -23.54 -35.28
N LYS B 34 62.91 -23.05 -34.44
CA LYS B 34 63.82 -23.88 -33.66
C LYS B 34 63.07 -24.74 -32.64
N VAL B 35 63.26 -26.06 -32.70
CA VAL B 35 62.62 -26.96 -31.75
C VAL B 35 63.63 -27.60 -30.80
N THR B 36 63.46 -27.38 -29.51
CA THR B 36 64.35 -27.92 -28.49
C THR B 36 63.63 -28.94 -27.60
N VAL B 37 64.11 -30.18 -27.61
CA VAL B 37 63.51 -31.25 -26.82
C VAL B 37 64.35 -31.60 -25.60
N GLU B 38 63.75 -31.50 -24.41
CA GLU B 38 64.46 -31.74 -23.16
C GLU B 38 63.72 -32.74 -22.28
N HIS B 39 64.46 -33.39 -21.39
CA HIS B 39 63.89 -34.39 -20.49
C HIS B 39 64.24 -34.18 -19.02
N PRO B 40 63.60 -33.18 -18.39
CA PRO B 40 63.91 -32.81 -17.00
C PRO B 40 63.55 -33.90 -15.99
N ASP B 41 64.24 -33.92 -14.87
CA ASP B 41 63.97 -34.89 -13.81
C ASP B 41 62.69 -34.56 -13.07
N LYS B 42 61.99 -35.60 -12.63
CA LYS B 42 60.75 -35.47 -11.85
C LYS B 42 59.81 -34.42 -12.41
N LEU B 43 59.13 -34.75 -13.50
CA LEU B 43 58.19 -33.83 -14.12
C LEU B 43 56.76 -34.31 -13.88
N GLU B 44 56.62 -35.38 -13.10
CA GLU B 44 55.31 -35.91 -12.75
C GLU B 44 54.54 -34.95 -11.87
N GLU B 45 55.26 -34.31 -10.94
CA GLU B 45 54.65 -33.39 -9.99
C GLU B 45 55.33 -32.02 -9.97
N LYS B 46 56.48 -31.90 -10.63
CA LYS B 46 57.23 -30.66 -10.66
C LYS B 46 57.23 -29.98 -12.03
N PHE B 47 56.05 -29.86 -12.62
CA PHE B 47 55.86 -29.08 -13.84
C PHE B 47 55.41 -27.65 -13.52
N PRO B 48 54.44 -27.49 -12.58
CA PRO B 48 54.16 -26.11 -12.16
C PRO B 48 54.98 -25.65 -10.94
N GLN B 49 55.75 -26.57 -10.35
CA GLN B 49 56.58 -26.25 -9.18
C GLN B 49 57.65 -25.21 -9.51
N VAL B 50 58.60 -25.60 -10.36
CA VAL B 50 59.71 -24.73 -10.76
C VAL B 50 59.24 -23.70 -11.79
N ALA B 51 57.97 -23.79 -12.18
CA ALA B 51 57.37 -22.84 -13.11
C ALA B 51 56.72 -21.67 -12.36
N ALA B 52 56.88 -21.65 -11.05
CA ALA B 52 56.42 -20.53 -10.23
C ALA B 52 57.51 -19.47 -10.14
N THR B 53 58.64 -19.75 -10.79
CA THR B 53 59.77 -18.83 -10.83
C THR B 53 60.25 -18.59 -12.25
N GLY B 54 59.82 -19.45 -13.17
CA GLY B 54 60.22 -19.34 -14.57
C GLY B 54 59.28 -20.06 -15.53
N ASP B 55 58.74 -19.32 -16.48
CA ASP B 55 57.84 -19.89 -17.48
C ASP B 55 58.65 -20.52 -18.62
N GLY B 56 58.31 -21.76 -18.97
CA GLY B 56 59.16 -22.53 -19.87
C GLY B 56 58.54 -23.10 -21.14
N PRO B 57 58.31 -24.41 -21.16
CA PRO B 57 57.95 -25.18 -22.36
C PRO B 57 56.63 -24.80 -23.03
N ASP B 58 56.49 -25.18 -24.29
CA ASP B 58 55.26 -24.94 -25.05
C ASP B 58 54.42 -26.20 -25.10
N ILE B 59 55.08 -27.35 -25.20
CA ILE B 59 54.41 -28.64 -25.27
C ILE B 59 54.91 -29.58 -24.17
N ILE B 60 53.97 -30.27 -23.51
CA ILE B 60 54.32 -31.17 -22.42
C ILE B 60 53.81 -32.59 -22.69
N PHE B 61 54.70 -33.57 -22.51
CA PHE B 61 54.38 -34.97 -22.78
C PHE B 61 54.34 -35.81 -21.52
N TRP B 62 53.16 -36.36 -21.22
CA TRP B 62 52.98 -37.25 -20.07
C TRP B 62 51.74 -38.11 -20.27
N ALA B 63 51.53 -39.07 -19.37
CA ALA B 63 50.30 -39.85 -19.37
C ALA B 63 49.12 -38.94 -19.00
N HIS B 64 47.95 -39.26 -19.52
CA HIS B 64 46.78 -38.39 -19.42
C HIS B 64 46.25 -38.18 -18.00
N ASP B 65 46.72 -38.97 -17.05
CA ASP B 65 46.17 -38.92 -15.70
C ASP B 65 46.51 -37.63 -14.96
N ARG B 66 47.62 -37.00 -15.34
CA ARG B 66 48.03 -35.75 -14.72
C ARG B 66 47.32 -34.55 -15.35
N PHE B 67 46.96 -34.69 -16.62
CA PHE B 67 46.50 -33.57 -17.43
C PHE B 67 45.20 -32.89 -16.97
N GLY B 68 44.50 -33.51 -16.03
CA GLY B 68 43.30 -32.90 -15.48
C GLY B 68 43.63 -31.84 -14.44
N GLY B 69 44.57 -32.15 -13.57
CA GLY B 69 45.02 -31.19 -12.56
C GLY B 69 45.65 -29.98 -13.20
N TYR B 70 46.36 -30.21 -14.31
CA TYR B 70 46.97 -29.13 -15.06
C TYR B 70 45.88 -28.25 -15.65
N ALA B 71 44.82 -28.87 -16.16
CA ALA B 71 43.73 -28.16 -16.80
C ALA B 71 42.95 -27.30 -15.81
N GLN B 72 42.65 -27.88 -14.65
CA GLN B 72 41.89 -27.17 -13.61
C GLN B 72 42.69 -25.98 -13.09
N SER B 73 44.01 -26.12 -13.06
CA SER B 73 44.89 -25.03 -12.65
C SER B 73 45.04 -24.02 -13.78
N GLY B 74 44.49 -24.34 -14.94
CA GLY B 74 44.52 -23.46 -16.10
C GLY B 74 45.88 -23.41 -16.76
N LEU B 75 46.59 -24.53 -16.70
CA LEU B 75 47.95 -24.58 -17.24
C LEU B 75 47.96 -25.09 -18.67
N LEU B 76 46.79 -25.47 -19.17
CA LEU B 76 46.70 -26.00 -20.53
C LEU B 76 45.78 -25.15 -21.38
N ALA B 77 46.03 -25.14 -22.68
CA ALA B 77 45.16 -24.47 -23.62
C ALA B 77 44.27 -25.51 -24.29
N GLU B 78 42.98 -25.19 -24.43
CA GLU B 78 42.04 -26.09 -25.06
C GLU B 78 42.39 -26.25 -26.54
N ILE B 79 42.84 -27.44 -26.92
CA ILE B 79 43.23 -27.70 -28.30
C ILE B 79 41.99 -27.79 -29.19
N THR B 80 42.14 -27.45 -30.46
CA THR B 80 41.02 -27.44 -31.39
C THR B 80 41.34 -28.12 -32.72
N PRO B 81 41.46 -29.46 -32.70
CA PRO B 81 41.66 -30.18 -33.96
C PRO B 81 40.32 -30.33 -34.69
N ASP B 82 40.34 -30.14 -36.00
CA ASP B 82 39.12 -30.29 -36.79
C ASP B 82 38.68 -31.74 -36.79
N LYS B 83 37.41 -31.97 -37.16
CA LYS B 83 36.86 -33.32 -37.14
C LYS B 83 37.56 -34.24 -38.15
N ALA B 84 38.17 -33.64 -39.17
CA ALA B 84 38.93 -34.40 -40.16
C ALA B 84 40.16 -35.05 -39.51
N PHE B 85 40.66 -34.41 -38.45
CA PHE B 85 41.83 -34.93 -37.74
C PHE B 85 41.41 -35.90 -36.64
N GLN B 86 40.31 -35.60 -35.95
CA GLN B 86 39.83 -36.44 -34.87
C GLN B 86 39.40 -37.82 -35.35
N ASP B 87 39.12 -37.93 -36.65
CA ASP B 87 38.66 -39.19 -37.23
C ASP B 87 39.79 -40.10 -37.67
N LYS B 88 41.03 -39.66 -37.52
CA LYS B 88 42.18 -40.50 -37.84
C LYS B 88 42.85 -41.01 -36.56
N LEU B 89 42.25 -40.68 -35.43
CA LEU B 89 42.69 -41.19 -34.13
C LEU B 89 41.58 -41.95 -33.42
N TYR B 90 41.95 -42.98 -32.68
CA TYR B 90 40.98 -43.81 -31.95
C TYR B 90 40.14 -42.99 -30.99
N PRO B 91 38.81 -43.01 -31.17
CA PRO B 91 37.85 -42.21 -30.40
C PRO B 91 37.97 -42.40 -28.89
N PHE B 92 38.50 -43.54 -28.44
CA PHE B 92 38.62 -43.80 -27.01
C PHE B 92 39.82 -43.08 -26.39
N THR B 93 40.81 -42.76 -27.22
CA THR B 93 41.99 -42.02 -26.76
C THR B 93 41.65 -40.54 -26.60
N TRP B 94 40.67 -40.07 -27.37
CA TRP B 94 40.18 -38.70 -27.26
C TRP B 94 39.42 -38.52 -25.95
N ASP B 95 38.81 -39.60 -25.47
CA ASP B 95 38.08 -39.58 -24.22
C ASP B 95 39.05 -39.55 -23.05
N ALA B 96 40.24 -40.08 -23.26
CA ALA B 96 41.27 -40.11 -22.24
C ALA B 96 41.79 -38.69 -21.95
N VAL B 97 41.65 -37.82 -22.93
CA VAL B 97 42.13 -36.43 -22.80
C VAL B 97 40.99 -35.42 -22.85
N ARG B 98 39.78 -35.88 -22.54
CA ARG B 98 38.63 -34.98 -22.46
C ARG B 98 38.31 -34.65 -21.01
N TYR B 99 38.61 -33.42 -20.61
CA TYR B 99 38.32 -32.96 -19.26
C TYR B 99 37.37 -31.78 -19.30
N ASN B 100 36.27 -31.88 -18.54
CA ASN B 100 35.22 -30.86 -18.53
C ASN B 100 34.62 -30.57 -19.90
N GLY B 101 34.49 -31.62 -20.71
CA GLY B 101 33.81 -31.51 -21.99
C GLY B 101 34.70 -31.17 -23.16
N LYS B 102 35.80 -30.48 -22.90
CA LYS B 102 36.70 -30.07 -23.97
C LYS B 102 38.02 -30.84 -23.96
N LEU B 103 38.66 -30.89 -25.13
CA LEU B 103 39.94 -31.58 -25.27
C LEU B 103 41.06 -30.70 -24.75
N ILE B 104 42.06 -31.33 -24.13
CA ILE B 104 43.17 -30.58 -23.54
C ILE B 104 44.54 -31.11 -23.95
N ALA B 105 44.56 -32.24 -24.64
CA ALA B 105 45.82 -32.84 -25.07
C ALA B 105 45.67 -33.69 -26.33
N TYR B 106 46.76 -33.84 -27.08
CA TYR B 106 46.77 -34.71 -28.26
C TYR B 106 47.29 -36.09 -27.88
N PRO B 107 46.40 -37.08 -27.85
CA PRO B 107 46.79 -38.44 -27.47
C PRO B 107 47.78 -39.06 -28.45
N ILE B 108 48.91 -39.51 -27.94
CA ILE B 108 49.95 -40.09 -28.78
C ILE B 108 49.85 -41.62 -28.82
N ALA B 109 50.20 -42.26 -27.72
CA ALA B 109 50.22 -43.71 -27.66
C ALA B 109 49.60 -44.26 -26.38
N VAL B 110 49.18 -45.52 -26.44
CA VAL B 110 48.59 -46.20 -25.28
C VAL B 110 49.59 -47.19 -24.69
N GLU B 111 50.08 -46.89 -23.49
CA GLU B 111 51.08 -47.73 -22.84
C GLU B 111 50.46 -48.55 -21.71
N ALA B 112 51.04 -49.73 -21.46
CA ALA B 112 50.56 -50.60 -20.40
C ALA B 112 51.67 -51.55 -19.98
N LEU B 113 51.69 -51.92 -18.70
CA LEU B 113 52.71 -52.82 -18.20
C LEU B 113 52.49 -54.26 -18.65
N SER B 114 53.57 -54.92 -19.07
CA SER B 114 53.54 -56.33 -19.46
C SER B 114 54.64 -57.10 -18.75
N LEU B 115 54.53 -58.42 -18.72
CA LEU B 115 55.56 -59.25 -18.11
C LEU B 115 56.63 -59.60 -19.13
N ILE B 116 57.87 -59.26 -18.81
CA ILE B 116 59.00 -59.57 -19.69
C ILE B 116 59.88 -60.64 -19.05
N TYR B 117 60.06 -61.75 -19.77
CA TYR B 117 60.85 -62.86 -19.23
C TYR B 117 62.02 -63.21 -20.14
N ASN B 118 63.07 -63.78 -19.54
CA ASN B 118 64.23 -64.23 -20.28
C ASN B 118 63.95 -65.59 -20.91
N LYS B 119 63.93 -65.63 -22.24
CA LYS B 119 63.65 -66.86 -22.98
C LYS B 119 64.65 -67.98 -22.65
N ASP B 120 65.91 -67.60 -22.50
CA ASP B 120 66.96 -68.56 -22.20
C ASP B 120 66.86 -69.08 -20.77
N LEU B 121 66.80 -68.16 -19.81
CA LEU B 121 66.74 -68.54 -18.40
C LEU B 121 65.41 -69.17 -18.02
N LEU B 122 64.35 -68.81 -18.75
CA LEU B 122 63.01 -69.31 -18.44
C LEU B 122 62.16 -69.47 -19.70
N PRO B 123 62.12 -70.68 -20.27
CA PRO B 123 61.34 -70.99 -21.47
C PRO B 123 59.84 -70.79 -21.25
N ASN B 124 59.32 -71.29 -20.14
CA ASN B 124 57.90 -71.18 -19.83
C ASN B 124 57.63 -70.29 -18.61
N PRO B 125 57.21 -69.05 -18.85
CA PRO B 125 56.95 -68.08 -17.78
C PRO B 125 55.77 -68.51 -16.92
N PRO B 126 55.79 -68.15 -15.62
CA PRO B 126 54.70 -68.48 -14.70
C PRO B 126 53.41 -67.75 -15.03
N LYS B 127 52.29 -68.46 -14.90
CA LYS B 127 50.97 -67.94 -15.18
C LYS B 127 50.41 -67.20 -13.97
N THR B 128 50.84 -67.62 -12.80
CA THR B 128 50.33 -67.06 -11.55
C THR B 128 51.44 -66.39 -10.73
N TRP B 129 51.05 -65.54 -9.79
CA TRP B 129 52.00 -64.86 -8.92
C TRP B 129 52.52 -65.79 -7.83
N GLU B 130 51.72 -66.79 -7.47
CA GLU B 130 52.03 -67.66 -6.34
C GLU B 130 53.18 -68.63 -6.62
N GLU B 131 53.37 -69.00 -7.89
CA GLU B 131 54.43 -69.91 -8.25
C GLU B 131 55.75 -69.19 -8.55
N ILE B 132 55.96 -68.07 -7.86
CA ILE B 132 57.21 -67.32 -7.96
C ILE B 132 58.15 -67.54 -6.77
N PRO B 133 57.62 -67.57 -5.52
CA PRO B 133 58.49 -67.96 -4.41
C PRO B 133 59.10 -69.35 -4.59
N ALA B 134 58.39 -70.24 -5.27
CA ALA B 134 58.88 -71.59 -5.54
C ALA B 134 59.87 -71.57 -6.71
N LEU B 135 59.69 -70.62 -7.62
CA LEU B 135 60.55 -70.51 -8.80
C LEU B 135 61.87 -69.81 -8.45
N ASP B 136 61.82 -68.93 -7.46
CA ASP B 136 63.00 -68.19 -7.03
C ASP B 136 63.99 -69.09 -6.31
N LYS B 137 63.51 -70.20 -5.77
CA LYS B 137 64.34 -71.14 -5.04
C LYS B 137 65.44 -71.73 -5.90
N GLU B 138 65.06 -72.33 -7.04
CA GLU B 138 66.01 -72.98 -7.92
C GLU B 138 66.96 -71.98 -8.59
N LEU B 139 66.47 -70.78 -8.83
CA LEU B 139 67.27 -69.75 -9.49
C LEU B 139 68.25 -69.10 -8.52
N LYS B 140 67.92 -69.13 -7.24
CA LYS B 140 68.79 -68.59 -6.20
C LYS B 140 70.03 -69.47 -6.04
N ALA B 141 69.85 -70.77 -6.21
CA ALA B 141 70.94 -71.73 -6.09
C ALA B 141 71.91 -71.63 -7.27
N LYS B 142 71.38 -71.23 -8.42
CA LYS B 142 72.19 -71.05 -9.62
C LYS B 142 72.94 -69.71 -9.56
N GLY B 143 72.34 -68.74 -8.88
CA GLY B 143 72.93 -67.42 -8.76
C GLY B 143 72.11 -66.38 -9.50
N LYS B 144 70.82 -66.64 -9.64
CA LYS B 144 69.92 -65.74 -10.36
C LYS B 144 68.80 -65.23 -9.47
N SER B 145 67.78 -64.65 -10.09
CA SER B 145 66.61 -64.16 -9.38
C SER B 145 65.37 -64.40 -10.23
N ALA B 146 64.22 -64.57 -9.58
CA ALA B 146 62.98 -64.85 -10.28
C ALA B 146 62.35 -63.58 -10.86
N LEU B 147 62.46 -62.48 -10.13
CA LEU B 147 61.80 -61.24 -10.54
C LEU B 147 62.55 -60.00 -10.04
N MET B 148 62.57 -58.96 -10.87
CA MET B 148 63.21 -57.69 -10.52
C MET B 148 62.49 -56.52 -11.19
N PHE B 149 61.85 -55.66 -10.41
CA PHE B 149 61.21 -54.48 -10.97
C PHE B 149 61.15 -53.29 -10.01
N ASN B 150 60.73 -52.14 -10.53
CA ASN B 150 60.66 -50.90 -9.77
C ASN B 150 59.63 -50.97 -8.64
N LEU B 151 60.11 -50.85 -7.40
CA LEU B 151 59.23 -50.87 -6.24
C LEU B 151 59.06 -49.46 -5.65
N GLN B 152 59.81 -48.51 -6.21
CA GLN B 152 59.79 -47.13 -5.73
C GLN B 152 58.62 -46.35 -6.34
N GLU B 153 58.09 -46.84 -7.45
CA GLU B 153 56.93 -46.23 -8.09
C GLU B 153 55.72 -47.14 -7.98
N PRO B 154 54.58 -46.59 -7.54
CA PRO B 154 53.33 -47.35 -7.39
C PRO B 154 52.72 -47.78 -8.73
N TYR B 155 53.32 -47.34 -9.84
CA TYR B 155 52.82 -47.69 -11.16
C TYR B 155 53.04 -49.16 -11.45
N PHE B 156 54.19 -49.68 -11.04
CA PHE B 156 54.55 -51.08 -11.28
C PHE B 156 53.93 -52.00 -10.23
N THR B 157 53.64 -51.44 -9.07
CA THR B 157 53.11 -52.20 -7.94
C THR B 157 51.59 -52.39 -8.06
N TRP B 158 50.92 -51.41 -8.66
CA TRP B 158 49.47 -51.41 -8.77
C TRP B 158 48.79 -52.62 -9.44
N PRO B 159 49.42 -53.21 -10.48
CA PRO B 159 48.78 -54.40 -11.09
C PRO B 159 48.49 -55.52 -10.10
N LEU B 160 49.37 -55.68 -9.11
CA LEU B 160 49.21 -56.73 -8.12
C LEU B 160 48.18 -56.33 -7.07
N ILE B 161 48.07 -55.04 -6.82
CA ILE B 161 47.13 -54.52 -5.83
C ILE B 161 45.70 -54.57 -6.35
N ALA B 162 45.51 -54.12 -7.58
CA ALA B 162 44.18 -54.07 -8.21
C ALA B 162 43.76 -55.44 -8.70
N ALA B 163 44.61 -56.44 -8.48
CA ALA B 163 44.35 -57.79 -8.97
C ALA B 163 43.13 -58.42 -8.29
N ASP B 164 43.17 -58.52 -6.96
CA ASP B 164 42.13 -59.23 -6.23
C ASP B 164 40.88 -58.39 -5.97
N GLY B 165 41.00 -57.07 -6.10
CA GLY B 165 39.84 -56.21 -5.95
C GLY B 165 40.12 -54.80 -5.50
N GLY B 166 41.38 -54.38 -5.60
CA GLY B 166 41.76 -53.03 -5.26
C GLY B 166 41.34 -52.05 -6.35
N TYR B 167 40.98 -50.84 -5.96
CA TYR B 167 40.55 -49.83 -6.93
C TYR B 167 40.71 -48.41 -6.40
N ALA B 168 40.58 -47.43 -7.30
CA ALA B 168 40.67 -46.04 -6.92
C ALA B 168 39.54 -45.28 -7.60
N PHE B 169 38.58 -44.80 -6.79
CA PHE B 169 37.42 -44.07 -7.30
C PHE B 169 36.57 -44.91 -8.25
N LYS B 170 35.49 -45.50 -7.75
CA LYS B 170 34.61 -46.31 -8.58
C LYS B 170 33.95 -45.50 -9.70
N TYR B 171 33.98 -46.03 -10.92
CA TYR B 171 33.42 -45.34 -12.08
C TYR B 171 31.93 -45.65 -12.29
N GLU B 172 31.07 -44.78 -11.75
CA GLU B 172 29.64 -44.96 -11.83
C GLU B 172 29.08 -44.43 -13.15
N TYR B 176 29.76 -40.77 -13.24
CA TYR B 176 30.95 -40.04 -12.82
C TYR B 176 31.67 -40.75 -11.67
N ASP B 177 32.92 -40.37 -11.45
CA ASP B 177 33.70 -40.91 -10.34
C ASP B 177 33.39 -40.16 -9.05
N ILE B 178 33.43 -40.86 -7.93
CA ILE B 178 33.09 -40.27 -6.64
C ILE B 178 34.31 -40.26 -5.73
N LYS B 179 34.13 -39.82 -4.49
CA LYS B 179 35.19 -39.91 -3.48
C LYS B 179 35.05 -41.22 -2.71
N ASP B 180 35.01 -42.33 -3.46
CA ASP B 180 34.89 -43.66 -2.89
C ASP B 180 36.16 -44.45 -3.19
N VAL B 181 37.21 -44.21 -2.41
CA VAL B 181 38.50 -44.84 -2.66
C VAL B 181 38.58 -46.24 -2.05
N GLY B 182 39.11 -47.18 -2.82
CA GLY B 182 39.26 -48.55 -2.33
C GLY B 182 40.68 -49.05 -2.36
N VAL B 183 41.57 -48.39 -1.62
CA VAL B 183 42.95 -48.85 -1.52
C VAL B 183 43.20 -49.56 -0.20
N ASP B 184 42.13 -49.87 0.52
CA ASP B 184 42.28 -50.60 1.78
C ASP B 184 41.23 -51.70 1.94
N ASN B 185 40.64 -52.14 0.83
CA ASN B 185 39.69 -53.25 0.89
C ASN B 185 40.42 -54.59 0.86
N ALA B 186 39.65 -55.66 0.67
CA ALA B 186 40.21 -57.02 0.67
C ALA B 186 41.28 -57.19 -0.40
N GLY B 187 40.92 -56.89 -1.64
CA GLY B 187 41.83 -57.07 -2.76
C GLY B 187 43.11 -56.26 -2.65
N ALA B 188 42.99 -55.03 -2.17
CA ALA B 188 44.15 -54.15 -2.03
C ALA B 188 45.11 -54.63 -0.96
N LYS B 189 44.57 -55.03 0.19
CA LYS B 189 45.39 -55.53 1.29
C LYS B 189 46.03 -56.89 0.94
N ALA B 190 45.25 -57.76 0.32
CA ALA B 190 45.73 -59.09 -0.05
C ALA B 190 46.84 -59.01 -1.10
N GLY B 191 46.68 -58.10 -2.06
CA GLY B 191 47.66 -57.91 -3.10
C GLY B 191 48.98 -57.37 -2.58
N LEU B 192 48.90 -56.34 -1.75
CA LEU B 192 50.10 -55.71 -1.21
C LEU B 192 50.81 -56.60 -0.19
N THR B 193 50.04 -57.34 0.60
CA THR B 193 50.61 -58.23 1.62
C THR B 193 51.48 -59.31 0.99
N PHE B 194 51.04 -59.83 -0.16
CA PHE B 194 51.82 -60.82 -0.88
C PHE B 194 53.12 -60.24 -1.41
N LEU B 195 53.08 -58.97 -1.81
CA LEU B 195 54.28 -58.29 -2.30
C LEU B 195 55.29 -58.10 -1.18
N VAL B 196 54.81 -57.80 0.01
CA VAL B 196 55.68 -57.62 1.17
C VAL B 196 56.29 -58.96 1.58
N ASP B 197 55.52 -60.03 1.45
CA ASP B 197 56.01 -61.37 1.79
C ASP B 197 57.08 -61.86 0.81
N LEU B 198 57.14 -61.25 -0.37
CA LEU B 198 58.16 -61.58 -1.35
C LEU B 198 59.49 -60.95 -0.96
N ILE B 199 59.43 -59.87 -0.19
CA ILE B 199 60.63 -59.20 0.30
C ILE B 199 61.04 -59.77 1.65
N LYS B 200 60.05 -60.17 2.45
CA LYS B 200 60.31 -60.81 3.73
C LYS B 200 61.06 -62.12 3.53
N ASN B 201 60.61 -62.91 2.54
CA ASN B 201 61.26 -64.17 2.21
C ASN B 201 62.51 -63.97 1.35
N LYS B 202 62.93 -62.72 1.22
CA LYS B 202 64.15 -62.36 0.48
C LYS B 202 64.15 -62.86 -0.97
N HIS B 203 62.98 -62.87 -1.59
CA HIS B 203 62.87 -63.21 -3.01
C HIS B 203 63.11 -61.95 -3.83
N MET B 204 63.10 -60.81 -3.15
CA MET B 204 63.30 -59.52 -3.80
C MET B 204 63.81 -58.50 -2.78
N ASN B 205 64.52 -57.49 -3.28
CA ASN B 205 65.02 -56.43 -2.41
C ASN B 205 64.08 -55.23 -2.41
N ALA B 206 63.90 -54.61 -1.25
CA ALA B 206 62.96 -53.50 -1.10
C ALA B 206 63.49 -52.18 -1.64
N ASP B 207 64.78 -52.14 -1.96
CA ASP B 207 65.41 -50.93 -2.46
C ASP B 207 65.49 -50.91 -3.98
N THR B 208 64.96 -51.95 -4.62
CA THR B 208 65.02 -52.09 -6.06
C THR B 208 64.26 -50.98 -6.79
N ASP B 209 64.99 -50.12 -7.49
CA ASP B 209 64.38 -49.06 -8.27
C ASP B 209 64.32 -49.44 -9.76
N TYR B 210 64.31 -48.43 -10.63
CA TYR B 210 64.20 -48.66 -12.07
C TYR B 210 65.54 -49.09 -12.68
N SER B 211 66.60 -48.35 -12.35
CA SER B 211 67.93 -48.61 -12.88
C SER B 211 68.46 -49.97 -12.44
N ILE B 212 68.22 -50.31 -11.18
CA ILE B 212 68.62 -51.60 -10.63
C ILE B 212 67.87 -52.73 -11.33
N ALA B 213 66.58 -52.52 -11.57
CA ALA B 213 65.74 -53.51 -12.24
C ALA B 213 66.18 -53.74 -13.68
N GLU B 214 66.41 -52.64 -14.41
CA GLU B 214 66.77 -52.72 -15.82
C GLU B 214 68.14 -53.35 -16.02
N ALA B 215 69.08 -53.00 -15.14
CA ALA B 215 70.44 -53.51 -15.24
C ALA B 215 70.50 -55.01 -14.91
N ALA B 216 69.71 -55.42 -13.92
CA ALA B 216 69.69 -56.81 -13.49
C ALA B 216 69.12 -57.74 -14.57
N PHE B 217 68.27 -57.20 -15.44
CA PHE B 217 67.65 -58.01 -16.48
C PHE B 217 68.45 -58.02 -17.77
N ASN B 218 68.90 -56.85 -18.20
CA ASN B 218 69.67 -56.72 -19.44
C ASN B 218 71.02 -57.42 -19.35
N LYS B 219 71.51 -57.61 -18.14
CA LYS B 219 72.76 -58.33 -17.92
C LYS B 219 72.49 -59.81 -17.66
N GLY B 220 71.21 -60.18 -17.67
CA GLY B 220 70.80 -61.55 -17.47
C GLY B 220 71.07 -62.10 -16.08
N GLU B 221 70.75 -61.31 -15.07
CA GLU B 221 70.93 -61.72 -13.68
C GLU B 221 69.59 -62.12 -13.07
N THR B 222 68.51 -61.73 -13.73
CA THR B 222 67.16 -62.08 -13.29
C THR B 222 66.32 -62.61 -14.44
N ALA B 223 65.41 -63.54 -14.13
CA ALA B 223 64.62 -64.21 -15.15
C ALA B 223 63.49 -63.35 -15.69
N MET B 224 62.81 -62.63 -14.80
CA MET B 224 61.68 -61.81 -15.20
C MET B 224 61.80 -60.36 -14.74
N THR B 225 60.92 -59.53 -15.27
CA THR B 225 60.85 -58.11 -14.92
C THR B 225 59.52 -57.53 -15.37
N ILE B 226 59.12 -56.41 -14.76
CA ILE B 226 57.88 -55.73 -15.15
C ILE B 226 58.19 -54.33 -15.67
N ASN B 227 57.72 -54.03 -16.88
CA ASN B 227 57.97 -52.73 -17.50
C ASN B 227 57.00 -52.46 -18.64
N GLY B 228 57.19 -51.34 -19.32
CA GLY B 228 56.36 -50.98 -20.45
C GLY B 228 57.13 -51.07 -21.76
N PRO B 229 56.47 -50.72 -22.87
CA PRO B 229 57.06 -50.75 -24.21
C PRO B 229 58.36 -49.97 -24.34
N TRP B 230 58.50 -48.89 -23.57
CA TRP B 230 59.65 -48.00 -23.67
C TRP B 230 60.98 -48.64 -23.26
N ALA B 231 60.91 -49.80 -22.61
CA ALA B 231 62.12 -50.46 -22.14
C ALA B 231 62.55 -51.59 -23.07
N TRP B 232 61.84 -51.75 -24.18
CA TRP B 232 62.14 -52.82 -25.13
C TRP B 232 63.42 -52.55 -25.90
N SER B 233 63.66 -51.27 -26.21
CA SER B 233 64.81 -50.87 -27.02
C SER B 233 66.13 -51.11 -26.30
N ASN B 234 66.11 -51.06 -24.97
CA ASN B 234 67.31 -51.21 -24.17
C ASN B 234 67.69 -52.68 -23.95
N ILE B 235 66.77 -53.58 -24.21
CA ILE B 235 67.03 -55.01 -24.07
C ILE B 235 67.62 -55.56 -25.37
N ASP B 236 67.24 -54.94 -26.48
CA ASP B 236 67.74 -55.33 -27.80
C ASP B 236 69.24 -55.10 -27.90
N THR B 237 69.74 -54.11 -27.15
CA THR B 237 71.16 -53.76 -27.18
C THR B 237 71.95 -54.65 -26.20
N SER B 238 71.27 -55.63 -25.64
CA SER B 238 71.91 -56.55 -24.69
C SER B 238 72.00 -57.97 -25.25
N LYS B 239 71.40 -58.18 -26.42
CA LYS B 239 71.36 -59.49 -27.08
C LYS B 239 70.74 -60.57 -26.20
N VAL B 240 69.97 -60.15 -25.20
CA VAL B 240 69.31 -61.07 -24.30
C VAL B 240 67.96 -61.47 -24.87
N ASN B 241 67.81 -62.75 -25.20
CA ASN B 241 66.57 -63.26 -25.75
C ASN B 241 65.42 -63.13 -24.75
N TYR B 242 64.44 -62.29 -25.07
CA TYR B 242 63.32 -62.05 -24.17
C TYR B 242 61.97 -62.30 -24.83
N GLY B 243 60.91 -62.15 -24.05
CA GLY B 243 59.55 -62.31 -24.54
C GLY B 243 58.59 -61.46 -23.73
N VAL B 244 57.67 -60.79 -24.44
CA VAL B 244 56.69 -59.93 -23.79
C VAL B 244 55.35 -60.66 -23.69
N THR B 245 54.95 -61.01 -22.48
CA THR B 245 53.73 -61.79 -22.28
C THR B 245 52.74 -61.10 -21.35
N VAL B 246 51.66 -61.80 -21.02
CA VAL B 246 50.61 -61.27 -20.15
C VAL B 246 51.02 -61.37 -18.68
N LEU B 247 50.66 -60.36 -17.90
CA LEU B 247 50.97 -60.33 -16.48
C LEU B 247 50.37 -61.52 -15.74
N PRO B 248 51.11 -62.07 -14.76
CA PRO B 248 50.66 -63.21 -13.95
C PRO B 248 49.35 -62.93 -13.23
N THR B 249 48.74 -63.98 -12.69
CA THR B 249 47.46 -63.83 -11.99
C THR B 249 47.60 -64.07 -10.49
N PHE B 250 47.10 -63.12 -9.70
CA PHE B 250 47.11 -63.24 -8.25
C PHE B 250 45.74 -63.69 -7.75
N LYS B 251 45.72 -64.77 -6.96
CA LYS B 251 44.48 -65.37 -6.46
C LYS B 251 43.51 -65.71 -7.59
N GLY B 252 44.06 -66.17 -8.72
CA GLY B 252 43.25 -66.56 -9.86
C GLY B 252 42.63 -65.39 -10.59
N GLN B 253 43.04 -64.18 -10.21
CA GLN B 253 42.52 -62.97 -10.83
C GLN B 253 43.58 -62.35 -11.74
N PRO B 254 43.20 -61.99 -12.97
CA PRO B 254 44.12 -61.33 -13.90
C PRO B 254 44.58 -59.99 -13.34
N SER B 255 45.89 -59.73 -13.41
CA SER B 255 46.43 -58.46 -12.93
C SER B 255 45.81 -57.29 -13.70
N LYS B 256 45.51 -56.21 -12.99
CA LYS B 256 44.86 -55.06 -13.59
C LYS B 256 45.76 -53.83 -13.55
N PRO B 257 46.72 -53.75 -14.48
CA PRO B 257 47.63 -52.59 -14.51
C PRO B 257 46.88 -51.34 -14.91
N PHE B 258 47.32 -50.19 -14.43
CA PHE B 258 46.73 -48.93 -14.84
C PHE B 258 47.25 -48.56 -16.23
N VAL B 259 46.33 -48.25 -17.13
CA VAL B 259 46.68 -47.96 -18.52
C VAL B 259 46.82 -46.47 -18.78
N GLY B 260 48.04 -46.04 -19.09
CA GLY B 260 48.30 -44.64 -19.36
C GLY B 260 48.29 -44.33 -20.85
N VAL B 261 47.81 -43.14 -21.19
CA VAL B 261 47.83 -42.69 -22.57
C VAL B 261 48.77 -41.50 -22.69
N LEU B 262 49.93 -41.73 -23.32
CA LEU B 262 50.90 -40.66 -23.54
C LEU B 262 50.27 -39.52 -24.34
N SER B 263 50.20 -38.33 -23.73
CA SER B 263 49.53 -37.20 -24.36
C SER B 263 50.42 -35.96 -24.44
N ALA B 264 50.14 -35.11 -25.43
CA ALA B 264 50.86 -33.86 -25.59
C ALA B 264 49.90 -32.68 -25.42
N GLY B 265 50.13 -31.88 -24.40
CA GLY B 265 49.29 -30.73 -24.14
C GLY B 265 50.03 -29.44 -24.43
N ILE B 266 49.27 -28.39 -24.74
CA ILE B 266 49.87 -27.09 -25.05
C ILE B 266 49.79 -26.13 -23.86
N ASN B 267 50.94 -25.57 -23.50
CA ASN B 267 51.04 -24.64 -22.38
C ASN B 267 50.14 -23.43 -22.60
N ALA B 268 49.32 -23.10 -21.60
CA ALA B 268 48.39 -21.99 -21.69
C ALA B 268 49.12 -20.66 -21.78
N ALA B 269 50.36 -20.63 -21.32
CA ALA B 269 51.16 -19.41 -21.33
C ALA B 269 51.97 -19.27 -22.62
N SER B 270 52.10 -20.37 -23.36
CA SER B 270 52.87 -20.38 -24.60
C SER B 270 52.28 -19.44 -25.63
N PRO B 271 53.11 -18.56 -26.21
CA PRO B 271 52.70 -17.66 -27.29
C PRO B 271 52.65 -18.40 -28.63
N ASN B 272 53.31 -19.55 -28.69
CA ASN B 272 53.40 -20.32 -29.92
C ASN B 272 52.37 -21.43 -29.99
N LYS B 273 51.12 -21.11 -29.67
CA LYS B 273 50.05 -22.10 -29.66
C LYS B 273 49.69 -22.54 -31.07
N GLU B 274 49.98 -21.71 -32.06
CA GLU B 274 49.72 -22.04 -33.44
C GLU B 274 50.83 -22.89 -34.04
N LEU B 275 52.06 -22.65 -33.60
CA LEU B 275 53.20 -23.45 -34.02
C LEU B 275 53.15 -24.83 -33.38
N ALA B 276 52.66 -24.89 -32.15
CA ALA B 276 52.54 -26.15 -31.43
C ALA B 276 51.45 -27.02 -32.03
N LYS B 277 50.33 -26.38 -32.38
CA LYS B 277 49.22 -27.10 -33.00
C LYS B 277 49.63 -27.70 -34.34
N GLU B 278 50.41 -26.95 -35.12
CA GLU B 278 50.86 -27.42 -36.42
C GLU B 278 51.89 -28.54 -36.28
N PHE B 279 52.75 -28.43 -35.28
CA PHE B 279 53.78 -29.44 -35.06
C PHE B 279 53.18 -30.78 -34.68
N LEU B 280 52.23 -30.75 -33.76
CA LEU B 280 51.60 -31.97 -33.27
C LEU B 280 50.73 -32.62 -34.34
N GLU B 281 49.91 -31.82 -35.00
CA GLU B 281 48.96 -32.34 -35.99
C GLU B 281 49.63 -32.79 -37.29
N ASN B 282 50.61 -32.03 -37.75
CA ASN B 282 51.16 -32.25 -39.08
C ASN B 282 52.54 -32.91 -39.15
N TYR B 283 53.31 -32.82 -38.07
CA TYR B 283 54.67 -33.36 -38.08
C TYR B 283 54.87 -34.56 -37.16
N LEU B 284 54.14 -34.60 -36.05
CA LEU B 284 54.26 -35.69 -35.09
C LEU B 284 53.19 -36.76 -35.28
N LEU B 285 51.92 -36.39 -35.11
CA LEU B 285 50.82 -37.32 -35.25
C LEU B 285 50.59 -37.73 -36.70
N THR B 286 51.67 -38.16 -37.35
CA THR B 286 51.61 -38.71 -38.70
C THR B 286 52.52 -39.92 -38.73
N ASP B 287 52.35 -40.77 -39.75
CA ASP B 287 53.11 -42.01 -39.85
C ASP B 287 54.61 -41.78 -39.87
N GLU B 288 55.03 -40.67 -40.45
CA GLU B 288 56.45 -40.31 -40.49
C GLU B 288 56.98 -40.00 -39.10
N GLY B 289 56.24 -39.18 -38.37
CA GLY B 289 56.65 -38.72 -37.05
C GLY B 289 56.69 -39.81 -36.01
N LEU B 290 55.60 -40.58 -35.91
CA LEU B 290 55.49 -41.63 -34.90
C LEU B 290 56.51 -42.74 -35.11
N GLU B 291 56.79 -43.08 -36.38
CA GLU B 291 57.78 -44.10 -36.68
C GLU B 291 59.18 -43.60 -36.31
N ALA B 292 59.41 -42.30 -36.45
CA ALA B 292 60.70 -41.70 -36.14
C ALA B 292 61.01 -41.76 -34.64
N VAL B 293 59.96 -41.66 -33.84
CA VAL B 293 60.10 -41.75 -32.38
C VAL B 293 60.16 -43.21 -31.95
N ASN B 294 59.37 -44.05 -32.64
CA ASN B 294 59.29 -45.47 -32.34
C ASN B 294 60.63 -46.18 -32.50
N LYS B 295 61.48 -45.63 -33.37
CA LYS B 295 62.81 -46.17 -33.64
C LYS B 295 63.75 -46.02 -32.44
N ASP B 296 63.50 -45.00 -31.63
CA ASP B 296 64.32 -44.72 -30.46
C ASP B 296 63.84 -45.53 -29.25
N LYS B 297 62.59 -45.27 -28.85
CA LYS B 297 61.94 -46.04 -27.80
C LYS B 297 60.51 -46.33 -28.23
N PRO B 298 60.09 -47.59 -28.14
CA PRO B 298 58.73 -47.99 -28.54
C PRO B 298 57.66 -47.22 -27.75
N LEU B 299 56.60 -46.83 -28.44
CA LEU B 299 55.53 -46.06 -27.82
C LEU B 299 54.40 -46.97 -27.34
N GLY B 300 54.36 -48.19 -27.87
CA GLY B 300 53.28 -49.11 -27.58
C GLY B 300 52.24 -49.07 -28.69
N ALA B 301 50.97 -48.98 -28.32
CA ALA B 301 49.90 -48.89 -29.30
C ALA B 301 49.51 -47.44 -29.54
N VAL B 302 49.94 -46.89 -30.67
CA VAL B 302 49.69 -45.49 -30.99
C VAL B 302 48.20 -45.19 -31.19
N ALA B 303 47.82 -43.93 -31.01
CA ALA B 303 46.43 -43.52 -31.14
C ALA B 303 46.07 -43.25 -32.59
N LEU B 304 47.08 -43.10 -33.43
CA LEU B 304 46.87 -42.86 -34.86
C LEU B 304 46.44 -44.15 -35.54
N LYS B 305 45.23 -44.15 -36.11
CA LYS B 305 44.68 -45.32 -36.78
C LYS B 305 45.63 -45.89 -37.84
N SER B 306 46.23 -44.99 -38.60
CA SER B 306 47.08 -45.35 -39.73
C SER B 306 48.29 -46.22 -39.32
N TYR B 307 49.07 -45.72 -38.37
CA TYR B 307 50.32 -46.37 -37.98
C TYR B 307 50.10 -47.55 -37.03
N GLU B 308 48.93 -47.61 -36.41
CA GLU B 308 48.62 -48.67 -35.46
C GLU B 308 48.28 -49.99 -36.16
N GLU B 309 47.71 -49.90 -37.36
CA GLU B 309 47.39 -51.08 -38.14
C GLU B 309 48.64 -51.88 -38.48
N GLU B 310 49.78 -51.20 -38.50
CA GLU B 310 51.05 -51.83 -38.84
C GLU B 310 51.79 -52.30 -37.59
N LEU B 311 51.55 -51.62 -36.47
CA LEU B 311 52.18 -52.00 -35.21
C LEU B 311 51.44 -53.13 -34.51
N ALA B 312 50.18 -53.31 -34.85
CA ALA B 312 49.35 -54.36 -34.25
C ALA B 312 49.79 -55.75 -34.71
N LYS B 313 50.60 -55.78 -35.75
CA LYS B 313 51.12 -57.04 -36.29
C LYS B 313 52.39 -57.45 -35.56
N ASP B 314 52.51 -57.03 -34.29
CA ASP B 314 53.68 -57.30 -33.49
C ASP B 314 53.34 -58.18 -32.29
N PRO B 315 54.14 -59.23 -32.06
CA PRO B 315 53.95 -60.18 -30.95
C PRO B 315 54.00 -59.48 -29.59
N ARG B 316 54.77 -58.41 -29.49
CA ARG B 316 54.94 -57.69 -28.23
C ARG B 316 53.80 -56.70 -27.98
N ILE B 317 53.38 -56.01 -29.05
CA ILE B 317 52.28 -55.07 -28.97
C ILE B 317 50.96 -55.80 -28.66
N ALA B 318 50.87 -57.03 -29.12
CA ALA B 318 49.70 -57.87 -28.85
C ALA B 318 49.55 -58.16 -27.36
N ALA B 319 50.68 -58.29 -26.67
CA ALA B 319 50.67 -58.56 -25.23
C ALA B 319 50.37 -57.31 -24.42
N THR B 320 50.79 -56.17 -24.92
CA THR B 320 50.54 -54.89 -24.25
C THR B 320 49.06 -54.54 -24.27
N MET B 321 48.42 -54.70 -25.44
CA MET B 321 46.99 -54.44 -25.56
C MET B 321 46.15 -55.50 -24.84
N GLU B 322 46.77 -56.63 -24.54
CA GLU B 322 46.09 -57.67 -23.77
C GLU B 322 45.97 -57.23 -22.31
N ASN B 323 47.12 -56.88 -21.72
CA ASN B 323 47.16 -56.39 -20.35
C ASN B 323 46.43 -55.07 -20.19
N ALA B 324 46.33 -54.32 -21.28
CA ALA B 324 45.63 -53.04 -21.28
C ALA B 324 44.13 -53.25 -21.08
N GLN B 325 43.60 -54.30 -21.67
CA GLN B 325 42.17 -54.60 -21.58
C GLN B 325 41.84 -55.26 -20.23
N LYS B 326 42.81 -55.97 -19.67
CA LYS B 326 42.67 -56.57 -18.34
C LYS B 326 42.61 -55.46 -17.30
N GLY B 327 43.44 -54.44 -17.49
CA GLY B 327 43.51 -53.30 -16.58
C GLY B 327 42.49 -52.23 -16.91
N GLU B 328 42.70 -51.04 -16.37
CA GLU B 328 41.77 -49.94 -16.59
C GLU B 328 42.50 -48.65 -16.95
N ILE B 329 41.87 -47.85 -17.81
CA ILE B 329 42.42 -46.54 -18.17
C ILE B 329 42.31 -45.62 -16.97
N MET B 330 43.40 -44.94 -16.64
CA MET B 330 43.40 -44.03 -15.49
C MET B 330 42.45 -42.87 -15.71
N PRO B 331 41.81 -42.41 -14.63
CA PRO B 331 41.00 -41.19 -14.71
C PRO B 331 41.93 -39.99 -14.84
N ASN B 332 41.45 -38.91 -15.44
CA ASN B 332 42.25 -37.70 -15.52
C ASN B 332 41.87 -36.69 -14.45
N ILE B 333 41.04 -37.09 -13.50
CA ILE B 333 40.62 -36.22 -12.40
C ILE B 333 41.82 -35.64 -11.65
N PRO B 334 41.67 -34.42 -11.12
CA PRO B 334 42.77 -33.76 -10.40
C PRO B 334 43.20 -34.48 -9.12
N GLN B 335 42.36 -35.40 -8.62
CA GLN B 335 42.68 -36.15 -7.42
C GLN B 335 43.73 -37.24 -7.64
N MET B 336 44.01 -37.54 -8.91
CA MET B 336 44.99 -38.58 -9.26
C MET B 336 46.40 -38.23 -8.80
N SER B 337 46.69 -36.93 -8.69
CA SER B 337 48.00 -36.47 -8.23
C SER B 337 48.19 -36.77 -6.75
N ALA B 338 47.10 -36.63 -5.99
CA ALA B 338 47.12 -36.93 -4.56
C ALA B 338 46.96 -38.42 -4.31
N PHE B 339 46.39 -39.12 -5.30
CA PHE B 339 46.23 -40.56 -5.22
C PHE B 339 47.56 -41.30 -5.34
N TRP B 340 48.32 -40.97 -6.38
CA TRP B 340 49.62 -41.61 -6.61
C TRP B 340 50.60 -41.33 -5.48
N TYR B 341 50.54 -40.13 -4.93
CA TYR B 341 51.37 -39.74 -3.80
C TYR B 341 51.03 -40.60 -2.60
N ALA B 342 49.74 -40.76 -2.33
CA ALA B 342 49.26 -41.54 -1.20
C ALA B 342 49.67 -43.01 -1.29
N VAL B 343 49.58 -43.58 -2.48
CA VAL B 343 49.94 -44.98 -2.71
C VAL B 343 51.45 -45.20 -2.71
N ARG B 344 52.18 -44.24 -3.29
CA ARG B 344 53.64 -44.29 -3.30
C ARG B 344 54.16 -44.37 -1.88
N THR B 345 53.52 -43.63 -0.98
CA THR B 345 53.90 -43.63 0.43
C THR B 345 53.57 -44.95 1.11
N ALA B 346 52.37 -45.47 0.85
CA ALA B 346 51.92 -46.71 1.47
C ALA B 346 52.76 -47.90 1.04
N VAL B 347 53.15 -47.92 -0.24
CA VAL B 347 53.94 -49.03 -0.78
C VAL B 347 55.36 -49.05 -0.24
N ILE B 348 56.03 -47.90 -0.26
CA ILE B 348 57.40 -47.80 0.23
C ILE B 348 57.50 -48.12 1.73
N ASN B 349 56.53 -47.64 2.50
CA ASN B 349 56.51 -47.91 3.95
C ASN B 349 56.29 -49.37 4.27
N ALA B 350 55.37 -50.01 3.55
CA ALA B 350 55.06 -51.42 3.78
C ALA B 350 56.21 -52.32 3.36
N ALA B 351 57.00 -51.86 2.39
CA ALA B 351 58.08 -52.66 1.84
C ALA B 351 59.36 -52.59 2.68
N SER B 352 59.55 -51.48 3.38
CA SER B 352 60.75 -51.30 4.20
C SER B 352 60.49 -51.65 5.66
N GLY B 353 59.30 -52.16 5.94
CA GLY B 353 58.93 -52.55 7.29
C GLY B 353 58.64 -51.36 8.20
N ARG B 354 58.69 -50.16 7.63
CA ARG B 354 58.45 -48.94 8.40
C ARG B 354 56.98 -48.78 8.78
N GLN B 355 56.13 -49.63 8.21
CA GLN B 355 54.71 -49.63 8.52
C GLN B 355 54.06 -50.93 8.04
N THR B 356 53.03 -51.37 8.74
CA THR B 356 52.34 -52.62 8.39
C THR B 356 51.37 -52.39 7.24
N VAL B 357 51.14 -53.43 6.44
CA VAL B 357 50.26 -53.36 5.27
C VAL B 357 48.88 -52.84 5.63
N ASP B 358 48.32 -53.37 6.71
CA ASP B 358 46.99 -52.99 7.16
C ASP B 358 46.93 -51.51 7.52
N ALA B 359 48.01 -51.02 8.13
CA ALA B 359 48.05 -49.62 8.59
C ALA B 359 48.46 -48.65 7.50
N ALA B 360 49.36 -49.08 6.62
CA ALA B 360 49.86 -48.23 5.54
C ALA B 360 48.77 -47.90 4.53
N LEU B 361 47.95 -48.89 4.21
CA LEU B 361 46.85 -48.70 3.27
C LEU B 361 45.69 -47.94 3.92
N ALA B 362 45.55 -48.09 5.24
CA ALA B 362 44.52 -47.37 5.99
C ALA B 362 44.84 -45.87 6.02
N ALA B 363 46.13 -45.55 6.06
CA ALA B 363 46.57 -44.17 6.04
C ALA B 363 46.44 -43.57 4.64
N ALA B 364 46.81 -44.34 3.63
CA ALA B 364 46.71 -43.91 2.25
C ALA B 364 45.26 -43.86 1.79
N GLN B 365 44.39 -44.55 2.53
CA GLN B 365 42.95 -44.56 2.23
C GLN B 365 42.35 -43.15 2.32
N THR B 366 42.80 -42.39 3.32
CA THR B 366 42.24 -41.09 3.58
C THR B 366 43.09 -39.95 3.01
N ASN B 367 44.27 -40.28 2.51
CA ASN B 367 45.10 -39.30 1.82
C ASN B 367 44.71 -39.15 0.36
N ALA B 368 43.86 -40.05 -0.12
CA ALA B 368 43.47 -40.08 -1.53
C ALA B 368 42.46 -39.01 -1.92
N ALA B 369 41.49 -38.76 -1.03
CA ALA B 369 40.47 -37.74 -1.28
C ALA B 369 39.89 -37.19 0.02
N ALA B 370 38.87 -36.35 -0.12
CA ALA B 370 38.18 -35.74 1.02
C ALA B 370 39.13 -35.03 1.98
N ASP B 371 39.80 -33.99 1.50
CA ASP B 371 40.79 -33.28 2.30
C ASP B 371 40.24 -31.97 2.88
N GLU B 372 38.91 -31.89 2.99
CA GLU B 372 38.22 -30.71 3.53
C GLU B 372 38.56 -29.40 2.80
N GLU B 373 39.02 -29.53 1.56
CA GLU B 373 39.23 -28.38 0.70
C GLU B 373 37.89 -27.97 0.08
N ASP B 374 36.90 -28.86 0.22
CA ASP B 374 35.55 -28.66 -0.30
C ASP B 374 34.65 -27.95 0.69
N ASP B 375 35.08 -27.86 1.94
CA ASP B 375 34.31 -27.22 3.00
C ASP B 375 34.60 -25.73 3.07
N VAL B 376 34.20 -24.99 2.04
CA VAL B 376 34.38 -23.55 2.04
C VAL B 376 33.05 -22.91 1.73
N VAL B 377 32.77 -21.75 2.33
CA VAL B 377 31.57 -21.00 1.98
C VAL B 377 31.84 -19.52 1.90
N ILE B 378 31.54 -18.93 0.75
CA ILE B 378 31.66 -17.50 0.58
C ILE B 378 30.29 -16.84 0.70
N ILE B 379 30.23 -15.73 1.43
CA ILE B 379 29.03 -14.94 1.45
C ILE B 379 29.33 -13.59 0.82
N TYR B 380 28.62 -13.27 -0.25
CA TYR B 380 28.69 -11.96 -0.86
C TYR B 380 27.36 -11.30 -0.53
N ASN B 381 27.34 -10.47 0.51
CA ASN B 381 26.12 -9.74 0.83
C ASN B 381 26.03 -8.47 -0.01
N ARG B 382 25.65 -8.65 -1.26
CA ARG B 382 25.72 -7.60 -2.29
C ARG B 382 24.95 -6.33 -1.97
N VAL B 383 25.61 -5.19 -2.17
CA VAL B 383 24.97 -3.88 -2.04
C VAL B 383 24.36 -3.48 -3.37
N PRO B 384 23.09 -3.05 -3.36
CA PRO B 384 22.31 -2.66 -4.53
C PRO B 384 22.99 -1.63 -5.42
N LYS B 385 22.98 -1.90 -6.73
CA LYS B 385 23.48 -0.97 -7.74
C LYS B 385 24.96 -0.68 -7.58
N THR B 386 25.75 -1.74 -7.41
CA THR B 386 27.21 -1.61 -7.30
C THR B 386 27.92 -2.56 -8.24
N ALA B 387 27.25 -2.93 -9.32
CA ALA B 387 27.75 -3.89 -10.31
C ALA B 387 27.76 -5.32 -9.78
N SER B 388 26.89 -5.58 -8.80
CA SER B 388 26.82 -6.90 -8.18
C SER B 388 26.33 -7.97 -9.15
N THR B 389 25.39 -7.60 -10.02
CA THR B 389 24.81 -8.55 -10.97
C THR B 389 25.88 -9.08 -11.90
N SER B 390 26.75 -8.19 -12.34
CA SER B 390 27.80 -8.57 -13.28
C SER B 390 28.78 -9.52 -12.64
N PHE B 391 29.13 -9.24 -11.38
CA PHE B 391 30.07 -10.06 -10.64
C PHE B 391 29.48 -11.43 -10.30
N THR B 392 28.23 -11.42 -9.85
CA THR B 392 27.58 -12.64 -9.41
C THR B 392 27.43 -13.60 -10.56
N ASN B 393 27.22 -13.07 -11.75
CA ASN B 393 27.07 -13.91 -12.93
C ASN B 393 28.36 -14.59 -13.36
N ILE B 394 29.50 -14.09 -12.86
CA ILE B 394 30.76 -14.79 -13.05
C ILE B 394 30.77 -16.04 -12.17
N ALA B 395 30.32 -15.88 -10.93
CA ALA B 395 30.17 -17.00 -10.03
C ALA B 395 29.25 -18.05 -10.62
N TYR B 396 28.21 -17.61 -11.32
CA TYR B 396 27.26 -18.55 -11.90
C TYR B 396 27.83 -19.28 -13.09
N ASP B 397 28.69 -18.59 -13.85
CA ASP B 397 29.26 -19.19 -15.05
C ASP B 397 30.41 -20.14 -14.74
N LEU B 398 31.03 -19.95 -13.58
CA LEU B 398 32.17 -20.76 -13.21
C LEU B 398 31.80 -21.91 -12.30
N CYS B 399 30.68 -21.78 -11.61
CA CYS B 399 30.32 -22.74 -10.57
C CYS B 399 30.20 -24.16 -11.09
N ALA B 400 29.65 -24.31 -12.29
CA ALA B 400 29.50 -25.61 -12.90
C ALA B 400 30.87 -26.22 -13.17
N LYS B 401 31.74 -25.43 -13.77
CA LYS B 401 33.06 -25.89 -14.19
C LYS B 401 34.02 -26.07 -13.02
N ASN B 402 34.02 -25.13 -12.07
CA ASN B 402 34.92 -25.17 -10.93
C ASN B 402 34.38 -25.99 -9.77
N ARG B 403 33.25 -26.64 -10.02
CA ARG B 403 32.62 -27.55 -9.06
C ARG B 403 32.25 -26.90 -7.73
N TYR B 404 31.33 -25.95 -7.76
CA TYR B 404 30.72 -25.43 -6.53
C TYR B 404 29.28 -24.98 -6.77
N HIS B 405 28.62 -24.50 -5.72
CA HIS B 405 27.20 -24.16 -5.79
C HIS B 405 26.99 -22.69 -5.54
N VAL B 406 26.03 -22.09 -6.24
CA VAL B 406 25.69 -20.69 -6.04
C VAL B 406 24.21 -20.52 -5.70
N LEU B 407 23.94 -19.91 -4.55
CA LEU B 407 22.58 -19.74 -4.08
C LEU B 407 22.30 -18.26 -3.86
N HIS B 408 21.09 -17.81 -4.18
CA HIS B 408 20.70 -16.43 -3.91
C HIS B 408 19.80 -16.39 -2.68
N ILE B 409 20.05 -15.44 -1.80
CA ILE B 409 19.25 -15.25 -0.60
C ILE B 409 18.19 -14.19 -0.84
N ASN B 410 16.92 -14.54 -0.65
CA ASN B 410 15.85 -13.60 -0.83
C ASN B 410 15.19 -13.28 0.50
N THR B 411 15.01 -11.99 0.79
CA THR B 411 14.36 -11.55 2.02
C THR B 411 13.06 -10.81 1.76
N THR B 412 12.07 -11.05 2.62
CA THR B 412 10.75 -10.44 2.52
C THR B 412 10.88 -8.93 2.45
N LYS B 413 10.24 -8.33 1.44
CA LYS B 413 10.30 -6.89 1.14
C LYS B 413 11.71 -6.33 1.08
N ASN B 414 12.64 -7.21 0.73
CA ASN B 414 14.05 -6.86 0.59
C ASN B 414 14.71 -6.27 1.82
N ASN B 415 14.06 -6.42 2.98
CA ASN B 415 14.61 -5.95 4.24
C ASN B 415 15.92 -6.64 4.54
N PRO B 416 16.98 -5.85 4.74
CA PRO B 416 18.36 -6.35 4.89
C PRO B 416 18.68 -6.85 6.30
N VAL B 417 17.76 -6.69 7.24
CA VAL B 417 17.97 -7.17 8.60
C VAL B 417 17.11 -8.39 8.90
N MET B 418 17.74 -9.46 9.39
CA MET B 418 17.02 -10.69 9.71
C MET B 418 16.58 -10.70 11.17
N SER B 419 15.52 -11.44 11.45
CA SER B 419 15.06 -11.60 12.82
C SER B 419 15.99 -12.57 13.49
N LEU B 420 16.11 -12.47 14.81
CA LEU B 420 17.06 -13.32 15.54
C LEU B 420 16.87 -14.78 15.18
N GLN B 421 15.61 -15.21 15.06
CA GLN B 421 15.32 -16.60 14.74
C GLN B 421 15.69 -16.94 13.30
N ASP B 422 15.66 -15.96 12.42
CA ASP B 422 16.02 -16.16 11.03
C ASP B 422 17.53 -16.13 10.89
N GLN B 423 18.19 -15.35 11.73
CA GLN B 423 19.64 -15.32 11.74
C GLN B 423 20.14 -16.71 12.10
N VAL B 424 19.60 -17.27 13.18
CA VAL B 424 19.98 -18.60 13.64
C VAL B 424 19.82 -19.64 12.55
N ARG B 425 18.68 -19.63 11.85
CA ARG B 425 18.45 -20.60 10.79
C ARG B 425 19.39 -20.42 9.62
N PHE B 426 19.67 -19.18 9.25
CA PHE B 426 20.55 -18.88 8.14
C PHE B 426 21.93 -19.42 8.44
N VAL B 427 22.44 -19.07 9.62
CA VAL B 427 23.73 -19.55 10.07
C VAL B 427 23.78 -21.07 10.08
N LYS B 428 22.75 -21.74 10.62
CA LYS B 428 22.69 -23.20 10.62
C LYS B 428 22.83 -23.69 9.20
N ASN B 429 22.01 -23.15 8.31
CA ASN B 429 22.01 -23.57 6.91
C ASN B 429 23.37 -23.46 6.26
N VAL B 430 23.89 -22.25 6.20
CA VAL B 430 25.19 -21.98 5.58
C VAL B 430 26.25 -22.99 6.00
N THR B 431 26.32 -23.25 7.30
CA THR B 431 27.37 -24.07 7.87
C THR B 431 27.10 -25.58 7.84
N SER B 432 25.86 -26.00 7.99
CA SER B 432 25.61 -27.42 8.05
C SER B 432 24.91 -28.00 6.82
N TRP B 433 24.74 -27.19 5.78
CA TRP B 433 24.14 -27.68 4.55
C TRP B 433 25.23 -28.22 3.66
N LYS B 434 25.65 -29.44 3.95
CA LYS B 434 26.82 -30.05 3.35
C LYS B 434 26.73 -30.15 1.84
N GLU B 435 25.52 -30.34 1.32
CA GLU B 435 25.35 -30.62 -0.09
C GLU B 435 25.48 -29.37 -0.95
N MET B 436 25.73 -28.24 -0.30
CA MET B 436 25.95 -26.97 -1.01
C MET B 436 27.35 -26.44 -0.79
N LYS B 437 28.26 -27.31 -0.38
CA LYS B 437 29.64 -26.91 -0.16
C LYS B 437 30.55 -27.52 -1.22
N PRO B 438 31.48 -26.73 -1.75
CA PRO B 438 31.63 -25.31 -1.41
C PRO B 438 30.52 -24.44 -1.99
N GLY B 439 30.19 -23.35 -1.33
CA GLY B 439 29.06 -22.56 -1.75
C GLY B 439 29.30 -21.07 -1.80
N PHE B 440 28.49 -20.40 -2.60
CA PHE B 440 28.59 -18.96 -2.81
C PHE B 440 27.21 -18.38 -2.61
N TYR B 441 26.89 -18.02 -1.37
CA TYR B 441 25.61 -17.40 -1.07
C TYR B 441 25.70 -15.91 -1.34
N HIS B 442 24.67 -15.35 -1.97
CA HIS B 442 24.67 -13.92 -2.23
C HIS B 442 23.27 -13.33 -2.06
N GLY B 443 23.21 -12.06 -1.68
CA GLY B 443 21.91 -11.42 -1.49
C GLY B 443 22.07 -10.12 -0.74
N HIS B 444 21.07 -9.25 -0.84
CA HIS B 444 21.10 -7.96 -0.17
C HIS B 444 20.76 -8.07 1.31
N VAL B 445 21.67 -8.69 2.07
CA VAL B 445 21.53 -8.86 3.50
C VAL B 445 22.63 -8.07 4.21
N SER B 446 22.30 -7.44 5.33
CA SER B 446 23.28 -6.72 6.13
C SER B 446 24.32 -7.70 6.67
N TYR B 447 25.49 -7.23 7.06
CA TYR B 447 26.54 -8.13 7.54
C TYR B 447 26.17 -8.90 8.80
N LEU B 448 26.24 -10.23 8.73
CA LEU B 448 25.86 -11.08 9.86
C LEU B 448 27.06 -11.83 10.46
N ASP B 449 27.25 -11.67 11.77
CA ASP B 449 28.43 -12.21 12.45
C ASP B 449 28.24 -13.63 12.93
N PHE B 450 28.92 -14.57 12.30
CA PHE B 450 28.73 -15.98 12.59
C PHE B 450 29.37 -16.42 13.89
N ALA B 451 30.30 -15.62 14.40
CA ALA B 451 31.04 -15.96 15.62
C ALA B 451 30.12 -16.13 16.82
N LYS B 452 29.13 -15.24 16.93
CA LYS B 452 28.18 -15.20 18.04
C LYS B 452 27.46 -16.51 18.26
N PHE B 453 27.25 -17.24 17.17
CA PHE B 453 26.41 -18.43 17.19
C PHE B 453 27.21 -19.68 17.46
N GLY B 454 28.52 -19.52 17.66
CA GLY B 454 29.37 -20.64 17.98
C GLY B 454 29.39 -21.70 16.90
N VAL B 455 29.88 -21.33 15.73
CA VAL B 455 30.02 -22.26 14.62
C VAL B 455 31.44 -22.80 14.65
N LYS B 456 31.69 -23.88 13.93
CA LYS B 456 33.05 -24.42 13.83
C LYS B 456 33.90 -23.57 12.90
N LYS B 457 33.39 -23.35 11.70
CA LYS B 457 34.10 -22.65 10.64
C LYS B 457 33.27 -21.45 10.16
N LYS B 458 33.88 -20.25 10.17
CA LYS B 458 33.20 -19.06 9.69
C LYS B 458 33.18 -19.04 8.16
N PRO B 459 32.20 -18.34 7.56
CA PRO B 459 32.23 -18.21 6.10
C PRO B 459 33.17 -17.08 5.68
N ILE B 460 33.48 -17.02 4.40
CA ILE B 460 34.33 -15.97 3.87
C ILE B 460 33.44 -14.87 3.32
N TYR B 461 33.64 -13.65 3.81
CA TYR B 461 32.84 -12.53 3.37
C TYR B 461 33.60 -11.68 2.36
N ILE B 462 32.94 -11.34 1.26
CA ILE B 462 33.49 -10.42 0.30
C ILE B 462 32.38 -9.45 -0.06
N ASN B 463 32.75 -8.32 -0.67
CA ASN B 463 31.78 -7.34 -1.12
C ASN B 463 32.37 -6.35 -2.12
N VAL B 464 31.52 -5.55 -2.73
CA VAL B 464 31.94 -4.48 -3.63
C VAL B 464 31.07 -3.27 -3.34
N ILE B 465 31.70 -2.13 -3.09
CA ILE B 465 30.96 -0.89 -2.82
C ILE B 465 31.21 0.17 -3.89
N ARG B 466 30.39 1.22 -3.89
CA ARG B 466 30.44 2.23 -4.94
C ARG B 466 30.43 3.59 -4.29
N ASP B 467 30.76 4.64 -5.04
CA ASP B 467 30.70 5.98 -4.48
C ASP B 467 29.28 6.28 -4.07
N PRO B 468 29.10 6.73 -2.82
CA PRO B 468 27.78 6.96 -2.21
C PRO B 468 26.82 7.71 -3.10
N ILE B 469 27.24 8.82 -3.69
CA ILE B 469 26.35 9.64 -4.48
C ILE B 469 26.05 8.97 -5.80
N GLU B 470 27.06 8.40 -6.44
CA GLU B 470 26.85 7.79 -7.75
C GLU B 470 25.97 6.57 -7.63
N ARG B 471 26.02 5.91 -6.47
CA ARG B 471 25.19 4.74 -6.21
C ARG B 471 23.73 5.15 -6.03
N LEU B 472 23.51 6.20 -5.24
CA LEU B 472 22.16 6.69 -4.98
C LEU B 472 21.50 7.14 -6.27
N VAL B 473 22.22 7.90 -7.07
CA VAL B 473 21.73 8.37 -8.36
C VAL B 473 21.38 7.21 -9.28
N SER B 474 22.25 6.22 -9.32
CA SER B 474 21.99 5.00 -10.10
C SER B 474 20.76 4.27 -9.59
N TYR B 475 20.61 4.21 -8.28
CA TYR B 475 19.47 3.56 -7.67
C TYR B 475 18.19 4.38 -7.90
N TYR B 476 18.34 5.70 -7.86
CA TYR B 476 17.21 6.59 -8.10
C TYR B 476 16.56 6.28 -9.43
N TYR B 477 17.31 6.45 -10.51
CA TYR B 477 16.79 6.25 -11.85
C TYR B 477 16.46 4.81 -12.14
N PHE B 478 16.98 3.89 -11.31
CA PHE B 478 16.68 2.47 -11.49
C PHE B 478 15.22 2.17 -11.19
N LEU B 479 14.74 2.69 -10.07
CA LEU B 479 13.33 2.53 -9.68
C LEU B 479 12.39 3.24 -10.64
N ARG B 480 12.90 4.22 -11.37
CA ARG B 480 12.07 5.01 -12.26
C ARG B 480 11.92 4.33 -13.60
N PHE B 481 13.01 3.80 -14.12
CA PHE B 481 13.04 3.36 -15.51
C PHE B 481 13.41 1.89 -15.68
N GLY B 482 14.00 1.27 -14.67
CA GLY B 482 14.39 -0.12 -14.74
C GLY B 482 15.73 -0.32 -15.43
N ASP B 483 16.08 -1.57 -15.68
CA ASP B 483 17.38 -1.89 -16.27
C ASP B 483 17.28 -2.60 -17.61
N ASP B 484 18.37 -3.22 -18.05
CA ASP B 484 18.37 -3.93 -19.33
C ASP B 484 18.66 -5.42 -19.19
N TYR B 485 18.88 -5.86 -17.95
CA TYR B 485 19.07 -7.27 -17.64
C TYR B 485 17.74 -7.99 -17.57
N ARG B 486 16.77 -7.36 -16.92
CA ARG B 486 15.39 -7.83 -16.93
C ARG B 486 14.46 -6.63 -17.18
N PRO B 487 14.23 -6.31 -18.47
CA PRO B 487 13.49 -5.11 -18.86
C PRO B 487 11.98 -5.33 -18.80
N GLY B 488 11.56 -6.49 -18.30
CA GLY B 488 10.15 -6.82 -18.26
C GLY B 488 9.51 -6.41 -16.95
N LEU B 489 10.31 -6.29 -15.92
CA LEU B 489 9.80 -5.97 -14.61
C LEU B 489 9.44 -4.50 -14.54
N ARG B 490 8.25 -4.20 -14.03
CA ARG B 490 7.91 -2.81 -13.80
C ARG B 490 8.35 -2.44 -12.39
N ARG B 491 9.22 -1.46 -12.29
CA ARG B 491 9.84 -1.12 -11.02
C ARG B 491 8.90 -0.35 -10.11
N ARG B 492 9.26 -0.26 -8.84
CA ARG B 492 8.33 0.18 -7.81
C ARG B 492 7.83 1.61 -7.99
N LYS B 493 8.75 2.53 -8.25
CA LYS B 493 8.37 3.94 -8.39
C LYS B 493 8.33 4.38 -9.85
N GLN B 494 8.04 3.44 -10.74
CA GLN B 494 7.93 3.74 -12.16
C GLN B 494 6.73 4.65 -12.38
N GLY B 495 6.85 5.59 -13.31
CA GLY B 495 5.81 6.58 -13.47
C GLY B 495 6.06 7.81 -12.61
N ASP B 496 7.32 8.03 -12.28
CA ASP B 496 7.74 9.25 -11.60
C ASP B 496 8.66 10.03 -12.53
N LYS B 497 8.20 11.20 -12.95
CA LYS B 497 8.91 11.97 -13.97
C LYS B 497 10.13 12.75 -13.46
N LYS B 498 10.05 13.26 -12.23
CA LYS B 498 11.06 14.16 -11.69
C LYS B 498 12.45 13.57 -11.79
N THR B 499 13.41 14.38 -12.25
CA THR B 499 14.79 13.93 -12.34
C THR B 499 15.46 14.12 -11.00
N PHE B 500 16.59 13.46 -10.82
CA PHE B 500 17.30 13.48 -9.56
C PHE B 500 17.66 14.90 -9.13
N ASP B 501 18.20 15.66 -10.06
CA ASP B 501 18.62 17.02 -9.78
C ASP B 501 17.42 17.87 -9.36
N GLU B 502 16.30 17.68 -10.07
CA GLU B 502 15.06 18.40 -9.77
C GLU B 502 14.52 18.02 -8.40
N CYS B 503 14.72 16.77 -8.04
CA CYS B 503 14.23 16.26 -6.76
C CYS B 503 15.02 16.83 -5.58
N VAL B 504 16.33 16.86 -5.71
CA VAL B 504 17.18 17.36 -4.64
C VAL B 504 16.86 18.82 -4.37
N ALA B 505 16.76 19.61 -5.43
CA ALA B 505 16.45 21.04 -5.31
C ALA B 505 15.07 21.25 -4.68
N ALA B 506 14.16 20.32 -4.93
CA ALA B 506 12.81 20.41 -4.39
C ALA B 506 12.71 19.77 -3.01
N GLY B 507 13.84 19.28 -2.51
CA GLY B 507 13.87 18.63 -1.21
C GLY B 507 13.04 17.36 -1.17
N GLY B 508 13.14 16.56 -2.23
CA GLY B 508 12.35 15.34 -2.33
C GLY B 508 12.78 14.31 -1.31
N SER B 509 11.99 13.25 -1.17
CA SER B 509 12.28 12.23 -0.17
C SER B 509 13.20 11.14 -0.69
N ASP B 510 13.14 10.84 -1.98
CA ASP B 510 13.99 9.80 -2.56
C ASP B 510 15.43 10.25 -2.74
N CYS B 511 15.65 11.56 -2.68
CA CYS B 511 16.99 12.10 -2.84
C CYS B 511 17.40 12.95 -1.65
N ALA B 512 16.84 12.63 -0.48
CA ALA B 512 17.27 13.25 0.76
C ALA B 512 18.59 12.61 1.19
N PRO B 513 19.44 13.35 1.92
CA PRO B 513 20.75 12.87 2.34
C PRO B 513 20.68 11.59 3.17
N GLU B 514 19.58 11.42 3.89
CA GLU B 514 19.37 10.23 4.70
C GLU B 514 19.36 8.98 3.84
N LYS B 515 19.12 9.16 2.55
CA LYS B 515 19.06 8.03 1.63
C LYS B 515 20.44 7.58 1.20
N LEU B 516 21.47 8.35 1.59
CA LEU B 516 22.85 7.99 1.30
C LEU B 516 23.35 6.92 2.26
N TRP B 517 22.74 6.88 3.44
CA TRP B 517 23.07 5.93 4.50
C TRP B 517 22.59 4.52 4.14
N LEU B 518 23.49 3.71 3.59
CA LEU B 518 23.15 2.33 3.27
C LEU B 518 24.37 1.42 3.33
N GLN B 519 25.46 1.87 2.70
CA GLN B 519 26.66 1.07 2.66
C GLN B 519 27.28 0.90 4.04
N ILE B 520 27.13 1.90 4.90
CA ILE B 520 27.62 1.78 6.28
C ILE B 520 26.87 0.73 7.10
N PRO B 521 25.53 0.75 7.10
CA PRO B 521 24.83 -0.30 7.86
C PRO B 521 25.04 -1.68 7.27
N PHE B 522 25.30 -1.76 5.98
CA PHE B 522 25.49 -3.05 5.33
C PHE B 522 26.75 -3.75 5.84
N PHE B 523 27.67 -2.97 6.39
CA PHE B 523 28.87 -3.51 6.99
C PHE B 523 28.79 -3.53 8.51
N CYS B 524 28.13 -2.52 9.08
CA CYS B 524 27.90 -2.46 10.51
C CYS B 524 27.09 -3.66 11.02
N GLY B 525 26.08 -4.07 10.28
CA GLY B 525 25.36 -5.29 10.60
C GLY B 525 23.95 -5.15 11.17
N HIS B 526 23.53 -6.19 11.89
CA HIS B 526 22.20 -6.27 12.47
C HIS B 526 22.11 -5.66 13.86
N SER B 527 22.95 -4.68 14.16
CA SER B 527 22.91 -4.02 15.46
C SER B 527 22.06 -2.78 15.30
N SER B 528 21.46 -2.31 16.39
CA SER B 528 20.54 -1.17 16.31
C SER B 528 21.22 0.10 15.87
N GLU B 529 22.39 0.38 16.42
CA GLU B 529 23.09 1.63 16.16
C GLU B 529 23.54 1.77 14.71
N CYS B 530 23.54 0.67 13.98
CA CYS B 530 24.00 0.69 12.59
C CYS B 530 23.00 1.46 11.76
N TRP B 531 21.72 1.26 12.07
CA TRP B 531 20.64 1.81 11.27
C TRP B 531 20.16 3.13 11.84
N ASN B 532 20.85 3.59 12.87
CA ASN B 532 20.67 4.93 13.38
C ASN B 532 21.41 5.88 12.46
N VAL B 533 20.68 6.51 11.54
CA VAL B 533 21.30 7.31 10.46
C VAL B 533 22.21 8.42 10.97
N GLY B 534 23.45 8.43 10.49
CA GLY B 534 24.40 9.45 10.87
C GLY B 534 25.17 9.11 12.13
N SER B 535 25.07 7.86 12.56
CA SER B 535 25.71 7.44 13.80
C SER B 535 27.20 7.35 13.62
N ARG B 536 27.94 8.02 14.49
CA ARG B 536 29.39 7.94 14.47
C ARG B 536 29.86 6.54 14.87
N TRP B 537 29.16 5.92 15.81
CA TRP B 537 29.50 4.57 16.26
C TRP B 537 29.35 3.60 15.14
N ALA B 538 28.29 3.78 14.36
CA ALA B 538 27.95 2.89 13.27
C ALA B 538 29.03 2.92 12.21
N LEU B 539 29.57 4.11 12.00
CA LEU B 539 30.64 4.28 11.02
C LEU B 539 31.84 3.49 11.47
N GLU B 540 32.26 3.73 12.70
CA GLU B 540 33.46 3.09 13.25
C GLU B 540 33.34 1.59 13.23
N GLN B 541 32.19 1.07 13.64
CA GLN B 541 31.95 -0.36 13.62
C GLN B 541 31.95 -0.93 12.21
N ALA B 542 31.44 -0.17 11.25
CA ALA B 542 31.43 -0.62 9.86
C ALA B 542 32.83 -0.77 9.32
N LYS B 543 33.73 0.12 9.75
CA LYS B 543 35.14 0.06 9.35
C LYS B 543 35.83 -1.14 9.98
N TYR B 544 35.58 -1.37 11.27
CA TYR B 544 36.18 -2.50 11.97
C TYR B 544 35.75 -3.84 11.39
N ASN B 545 34.51 -3.94 10.94
CA ASN B 545 34.01 -5.16 10.32
C ASN B 545 34.62 -5.43 8.96
N LEU B 546 34.83 -4.37 8.20
CA LEU B 546 35.41 -4.48 6.88
C LEU B 546 36.87 -4.94 6.94
N ILE B 547 37.53 -4.58 8.03
CA ILE B 547 38.94 -4.91 8.23
C ILE B 547 39.06 -6.29 8.87
N ASN B 548 38.20 -6.57 9.84
CA ASN B 548 38.33 -7.77 10.64
C ASN B 548 37.63 -8.99 10.10
N GLU B 549 36.63 -8.78 9.26
CA GLU B 549 35.74 -9.89 8.90
C GLU B 549 35.61 -10.15 7.41
N TYR B 550 35.76 -9.09 6.62
CA TYR B 550 35.70 -9.21 5.18
C TYR B 550 37.04 -9.60 4.57
N PHE B 551 37.03 -10.72 3.86
CA PHE B 551 38.20 -11.25 3.17
C PHE B 551 38.74 -10.28 2.14
N LEU B 552 37.85 -9.72 1.33
CA LEU B 552 38.23 -8.65 0.42
C LEU B 552 36.99 -7.84 0.01
N VAL B 553 37.10 -6.52 0.06
CA VAL B 553 36.05 -5.64 -0.42
C VAL B 553 36.65 -4.70 -1.43
N GLY B 554 36.19 -4.79 -2.67
CA GLY B 554 36.67 -3.93 -3.73
C GLY B 554 35.67 -2.85 -4.06
N VAL B 555 35.99 -2.02 -5.05
CA VAL B 555 35.09 -0.93 -5.43
C VAL B 555 34.60 -1.13 -6.86
N THR B 556 33.37 -0.70 -7.13
CA THR B 556 32.72 -0.92 -8.43
C THR B 556 33.59 -0.44 -9.58
N GLU B 557 34.13 0.75 -9.43
CA GLU B 557 34.81 1.37 -10.55
C GLU B 557 36.16 0.74 -10.83
N GLU B 558 36.56 -0.20 -9.97
CA GLU B 558 37.76 -0.99 -10.20
C GLU B 558 37.44 -2.46 -9.99
N LEU B 559 36.41 -2.93 -10.68
CA LEU B 559 35.92 -4.30 -10.47
C LEU B 559 36.82 -5.32 -11.12
N GLU B 560 37.52 -4.92 -12.16
CA GLU B 560 38.38 -5.85 -12.88
C GLU B 560 39.51 -6.32 -11.98
N ASP B 561 40.10 -5.38 -11.25
CA ASP B 561 41.22 -5.70 -10.38
C ASP B 561 40.74 -6.50 -9.19
N PHE B 562 39.52 -6.22 -8.73
CA PHE B 562 38.91 -6.96 -7.64
C PHE B 562 38.79 -8.43 -8.02
N ILE B 563 38.39 -8.69 -9.26
CA ILE B 563 38.19 -10.05 -9.73
C ILE B 563 39.53 -10.75 -9.92
N MET B 564 40.53 -9.97 -10.35
CA MET B 564 41.88 -10.48 -10.58
C MET B 564 42.52 -10.98 -9.29
N LEU B 565 42.27 -10.26 -8.20
CA LEU B 565 42.80 -10.63 -6.90
C LEU B 565 42.12 -11.85 -6.33
N LEU B 566 40.82 -11.99 -6.58
CA LEU B 566 40.07 -13.14 -6.07
C LEU B 566 40.47 -14.42 -6.80
N GLU B 567 40.82 -14.30 -8.07
CA GLU B 567 41.24 -15.46 -8.84
C GLU B 567 42.56 -15.98 -8.30
N ALA B 568 43.37 -15.08 -7.78
CA ALA B 568 44.68 -15.44 -7.23
C ALA B 568 44.58 -15.97 -5.80
N ALA B 569 43.65 -15.43 -5.03
CA ALA B 569 43.49 -15.79 -3.61
C ALA B 569 42.56 -16.99 -3.41
N LEU B 570 41.39 -16.95 -4.05
CA LEU B 570 40.41 -18.04 -3.97
C LEU B 570 40.18 -18.65 -5.33
N PRO B 571 41.16 -19.39 -5.83
CA PRO B 571 41.06 -19.87 -7.21
C PRO B 571 40.02 -20.97 -7.34
N ARG B 572 39.67 -21.64 -6.25
CA ARG B 572 38.66 -22.69 -6.31
C ARG B 572 37.38 -22.12 -6.89
N PHE B 573 37.03 -20.90 -6.46
CA PHE B 573 35.81 -20.25 -6.89
C PHE B 573 35.99 -19.46 -8.17
N PHE B 574 37.16 -18.87 -8.33
CA PHE B 574 37.35 -17.89 -9.41
C PHE B 574 38.44 -18.20 -10.42
N ARG B 575 38.79 -19.47 -10.60
CA ARG B 575 39.75 -19.79 -11.64
C ARG B 575 39.08 -19.48 -12.97
N GLY B 576 39.68 -18.58 -13.72
CA GLY B 576 39.18 -18.24 -15.04
C GLY B 576 38.19 -17.09 -15.03
N ALA B 577 38.04 -16.46 -13.88
CA ALA B 577 37.10 -15.36 -13.72
C ALA B 577 37.57 -14.13 -14.48
N THR B 578 38.87 -13.89 -14.47
CA THR B 578 39.40 -12.70 -15.13
C THR B 578 39.27 -12.80 -16.63
N GLU B 579 39.61 -13.97 -17.17
CA GLU B 579 39.49 -14.19 -18.61
C GLU B 579 38.03 -14.06 -19.04
N LEU B 580 37.14 -14.61 -18.24
CA LEU B 580 35.71 -14.57 -18.52
C LEU B 580 35.21 -13.12 -18.53
N TYR B 581 35.75 -12.31 -17.64
CA TYR B 581 35.34 -10.93 -17.53
C TYR B 581 35.80 -10.12 -18.73
N ARG B 582 37.05 -10.28 -19.12
CA ARG B 582 37.64 -9.49 -20.20
C ARG B 582 37.09 -9.85 -21.57
N THR B 583 36.70 -11.11 -21.74
CA THR B 583 36.17 -11.60 -23.01
C THR B 583 34.85 -12.34 -22.80
N GLY B 584 33.79 -11.63 -22.43
CA GLY B 584 32.57 -12.30 -22.04
C GLY B 584 31.28 -11.69 -22.53
N LYS B 585 31.28 -10.37 -22.73
CA LYS B 585 30.08 -9.64 -23.13
C LYS B 585 28.97 -9.73 -22.09
N LYS B 586 29.33 -10.20 -20.90
CA LYS B 586 28.40 -10.37 -19.81
C LYS B 586 29.05 -9.71 -18.60
N SER B 587 29.82 -8.67 -18.87
CA SER B 587 30.63 -8.03 -17.85
C SER B 587 30.01 -6.74 -17.35
N HIS B 588 29.14 -6.14 -18.15
CA HIS B 588 28.43 -4.93 -17.73
C HIS B 588 26.92 -5.16 -17.77
N LEU B 589 26.43 -5.93 -16.81
CA LEU B 589 25.03 -6.31 -16.73
C LEU B 589 24.21 -5.31 -15.90
N ARG B 590 22.94 -5.15 -16.27
CA ARG B 590 21.98 -4.36 -15.51
C ARG B 590 22.27 -2.86 -15.51
N LYS B 591 22.62 -2.34 -16.68
CA LYS B 591 22.74 -0.89 -16.83
C LYS B 591 21.37 -0.27 -16.65
N THR B 592 21.29 0.76 -15.82
CA THR B 592 20.06 1.51 -15.66
C THR B 592 19.73 2.26 -16.95
N THR B 593 18.55 1.99 -17.48
CA THR B 593 18.16 2.39 -18.84
C THR B 593 18.34 3.86 -19.14
N GLU B 594 17.66 4.72 -18.40
CA GLU B 594 17.78 6.14 -18.61
C GLU B 594 18.35 6.80 -17.37
N LYS B 595 19.60 7.25 -17.45
CA LYS B 595 20.22 7.95 -16.34
C LYS B 595 20.59 9.37 -16.73
N LYS B 596 20.48 10.27 -15.76
CA LYS B 596 20.90 11.65 -15.93
C LYS B 596 21.89 12.01 -14.82
N LEU B 597 23.17 12.08 -15.18
CA LEU B 597 24.23 12.44 -14.24
C LEU B 597 23.94 13.80 -13.59
N PRO B 598 24.23 13.90 -12.28
CA PRO B 598 23.87 15.08 -11.48
C PRO B 598 24.70 16.33 -11.80
N THR B 599 24.09 17.49 -11.66
CA THR B 599 24.77 18.77 -11.87
C THR B 599 25.86 18.94 -10.82
N LYS B 600 26.86 19.76 -11.14
CA LYS B 600 27.88 20.11 -10.17
C LYS B 600 27.21 20.79 -8.99
N GLU B 601 26.07 21.42 -9.25
CA GLU B 601 25.32 22.15 -8.24
C GLU B 601 24.59 21.19 -7.32
N THR B 602 24.10 20.09 -7.90
CA THR B 602 23.36 19.07 -7.14
C THR B 602 24.29 18.31 -6.22
N ILE B 603 25.40 17.85 -6.78
CA ILE B 603 26.42 17.13 -6.01
C ILE B 603 26.93 18.00 -4.88
N ALA B 604 27.13 19.29 -5.15
CA ALA B 604 27.64 20.21 -4.16
C ALA B 604 26.75 20.33 -2.93
N LYS B 605 25.44 20.26 -3.14
CA LYS B 605 24.50 20.39 -2.02
C LYS B 605 24.43 19.13 -1.17
N LEU B 606 24.56 17.98 -1.81
CA LEU B 606 24.57 16.72 -1.08
C LEU B 606 25.82 16.64 -0.21
N GLN B 607 26.90 17.24 -0.66
CA GLN B 607 28.17 17.15 0.05
C GLN B 607 28.21 18.02 1.29
N GLN B 608 27.15 18.77 1.54
CA GLN B 608 27.08 19.58 2.74
C GLN B 608 26.59 18.75 3.91
N SER B 609 25.98 17.62 3.59
CA SER B 609 25.36 16.78 4.61
C SER B 609 26.36 15.91 5.34
N GLU B 610 26.27 15.89 6.66
CA GLU B 610 27.11 15.01 7.48
C GLU B 610 26.91 13.54 7.11
N ILE B 611 25.68 13.16 6.77
CA ILE B 611 25.40 11.80 6.34
C ILE B 611 26.22 11.46 5.11
N TRP B 612 26.49 12.45 4.27
CA TRP B 612 27.34 12.21 3.11
C TRP B 612 28.80 12.12 3.52
N LYS B 613 29.24 13.07 4.33
CA LYS B 613 30.63 13.13 4.77
C LYS B 613 31.09 11.80 5.38
N MET B 614 30.19 11.16 6.11
CA MET B 614 30.47 9.88 6.75
C MET B 614 30.45 8.75 5.73
N GLU B 615 29.39 8.66 4.95
CA GLU B 615 29.25 7.59 3.96
C GLU B 615 30.38 7.63 2.96
N ASN B 616 30.92 8.82 2.76
CA ASN B 616 32.05 9.02 1.88
C ASN B 616 33.35 8.60 2.56
N GLU B 617 33.50 8.99 3.82
CA GLU B 617 34.68 8.64 4.59
C GLU B 617 34.84 7.13 4.65
N PHE B 618 33.73 6.42 4.75
CA PHE B 618 33.78 4.97 4.78
C PHE B 618 34.25 4.46 3.45
N TYR B 619 33.72 5.05 2.38
CA TYR B 619 34.07 4.62 1.04
C TYR B 619 35.57 4.75 0.78
N GLU B 620 36.10 5.95 0.99
CA GLU B 620 37.52 6.20 0.80
C GLU B 620 38.37 5.35 1.72
N PHE B 621 37.82 4.95 2.86
CA PHE B 621 38.51 4.06 3.76
C PHE B 621 38.64 2.66 3.14
N ALA B 622 37.51 2.17 2.62
CA ALA B 622 37.46 0.86 2.01
C ALA B 622 38.24 0.84 0.71
N LEU B 623 38.21 1.96 0.00
CA LEU B 623 38.97 2.15 -1.24
C LEU B 623 40.47 2.15 -0.99
N GLU B 624 40.91 2.99 -0.06
CA GLU B 624 42.33 3.07 0.28
C GLU B 624 42.83 1.70 0.67
N GLN B 625 41.97 0.95 1.35
CA GLN B 625 42.33 -0.41 1.76
C GLN B 625 42.52 -1.33 0.58
N PHE B 626 41.58 -1.31 -0.36
CA PHE B 626 41.68 -2.15 -1.54
C PHE B 626 42.92 -1.81 -2.33
N GLN B 627 43.20 -0.52 -2.46
CA GLN B 627 44.32 -0.08 -3.23
C GLN B 627 45.63 -0.55 -2.61
N PHE B 628 45.65 -0.62 -1.28
CA PHE B 628 46.79 -1.15 -0.53
C PHE B 628 46.95 -2.64 -0.74
N VAL B 629 45.83 -3.38 -0.71
CA VAL B 629 45.85 -4.82 -0.92
C VAL B 629 46.37 -5.18 -2.29
N ARG B 630 45.89 -4.47 -3.30
CA ARG B 630 46.33 -4.69 -4.66
C ARG B 630 47.79 -4.38 -4.80
N ALA B 631 48.20 -3.22 -4.28
CA ALA B 631 49.58 -2.74 -4.36
C ALA B 631 50.56 -3.76 -3.84
N HIS B 632 50.15 -4.51 -2.83
CA HIS B 632 51.01 -5.52 -2.22
C HIS B 632 50.90 -6.91 -2.83
N ALA B 633 49.95 -7.08 -3.73
CA ALA B 633 49.73 -8.38 -4.35
C ALA B 633 50.22 -8.44 -5.80
N VAL B 634 50.43 -7.30 -6.43
CA VAL B 634 50.80 -7.28 -7.83
C VAL B 634 52.08 -6.51 -8.12
N ARG B 635 52.57 -6.66 -9.35
CA ARG B 635 53.72 -5.92 -9.85
C ARG B 635 53.34 -5.37 -11.23
N GLU B 636 53.63 -4.10 -11.47
CA GLU B 636 53.27 -3.51 -12.75
C GLU B 636 54.44 -3.49 -13.73
N LYS B 637 54.49 -4.52 -14.56
CA LYS B 637 55.57 -4.69 -15.52
C LYS B 637 55.13 -4.21 -16.89
N ASP B 638 55.32 -2.91 -17.13
CA ASP B 638 54.97 -2.23 -18.38
C ASP B 638 53.64 -2.68 -18.98
N GLY B 639 52.56 -2.04 -18.57
CA GLY B 639 51.25 -2.42 -19.06
C GLY B 639 50.45 -3.14 -18.00
N GLU B 640 50.10 -4.39 -18.26
CA GLU B 640 49.25 -5.14 -17.36
C GLU B 640 49.95 -5.46 -16.02
N LEU B 641 49.13 -5.62 -14.98
CA LEU B 641 49.60 -6.06 -13.67
C LEU B 641 49.84 -7.56 -13.69
N TYR B 642 50.84 -8.00 -12.95
CA TYR B 642 51.11 -9.43 -12.82
C TYR B 642 51.18 -9.82 -11.35
N ILE B 643 50.46 -10.87 -10.98
CA ILE B 643 50.38 -11.31 -9.59
C ILE B 643 51.76 -11.74 -9.08
N LEU B 644 52.08 -11.32 -7.86
CA LEU B 644 53.40 -11.59 -7.27
C LEU B 644 53.56 -13.05 -6.89
N ALA B 645 54.79 -13.52 -6.96
CA ALA B 645 55.12 -14.90 -6.61
C ALA B 645 55.06 -15.07 -5.10
N GLN B 646 55.39 -16.27 -4.62
CA GLN B 646 55.40 -16.48 -3.18
C GLN B 646 56.63 -15.81 -2.62
N ASN B 647 56.45 -15.01 -1.58
CA ASN B 647 57.55 -14.25 -1.03
C ASN B 647 57.90 -14.59 0.41
N PHE B 648 57.52 -15.78 0.85
CA PHE B 648 57.96 -16.24 2.16
C PHE B 648 58.30 -17.72 2.13
N PHE B 649 58.97 -18.20 3.16
CA PHE B 649 59.35 -19.61 3.27
C PHE B 649 59.71 -19.95 4.70
N TYR B 650 59.78 -21.25 5.01
CA TYR B 650 60.10 -21.69 6.36
C TYR B 650 61.53 -22.20 6.46
N GLU B 651 62.21 -21.83 7.53
CA GLU B 651 63.58 -22.24 7.73
C GLU B 651 63.87 -22.44 9.21
N LYS B 652 65.04 -22.96 9.51
CA LYS B 652 65.41 -23.31 10.88
C LYS B 652 64.31 -24.14 11.54
N ILE B 653 63.86 -25.17 10.83
CA ILE B 653 62.82 -26.06 11.34
C ILE B 653 63.43 -27.18 12.17
N TYR B 654 63.31 -27.07 13.48
CA TYR B 654 63.77 -28.13 14.38
C TYR B 654 62.53 -28.78 14.98
N PRO B 655 62.66 -29.98 15.56
CA PRO B 655 63.74 -30.98 15.55
C PRO B 655 63.85 -31.60 14.17
N LYS B 656 65.00 -32.15 13.85
CA LYS B 656 65.20 -32.67 12.50
C LYS B 656 65.05 -34.18 12.45
N SER B 657 64.88 -34.71 11.24
CA SER B 657 64.75 -36.16 11.04
N LYS C 1 9.08 -20.47 0.60
CA LYS C 1 9.32 -21.04 -0.72
C LYS C 1 8.34 -22.17 -1.01
N ILE C 2 7.69 -22.68 0.03
CA ILE C 2 6.67 -23.70 -0.15
C ILE C 2 5.37 -23.04 -0.62
N GLU C 3 4.92 -23.43 -1.81
CA GLU C 3 3.77 -22.77 -2.43
C GLU C 3 2.51 -23.05 -1.62
N GLU C 4 1.73 -21.99 -1.39
CA GLU C 4 0.48 -22.09 -0.65
C GLU C 4 -0.68 -22.39 -1.59
N GLY C 5 -1.59 -23.26 -1.17
CA GLY C 5 -2.73 -23.60 -2.00
C GLY C 5 -2.54 -24.88 -2.79
N LYS C 6 -1.48 -25.61 -2.47
CA LYS C 6 -1.27 -26.93 -3.06
C LYS C 6 -0.50 -27.81 -2.10
N LEU C 7 -0.60 -29.12 -2.29
CA LEU C 7 0.13 -30.07 -1.45
C LEU C 7 1.21 -30.80 -2.24
N VAL C 8 2.42 -30.81 -1.68
CA VAL C 8 3.52 -31.56 -2.23
C VAL C 8 3.91 -32.66 -1.25
N ILE C 9 4.01 -33.89 -1.75
CA ILE C 9 4.22 -35.04 -0.89
C ILE C 9 5.43 -35.88 -1.33
N TRP C 10 6.32 -36.14 -0.39
CA TRP C 10 7.49 -36.98 -0.65
C TRP C 10 7.33 -38.33 0.02
N ILE C 11 7.44 -39.39 -0.78
CA ILE C 11 7.40 -40.76 -0.27
C ILE C 11 8.51 -41.59 -0.91
N ASN C 12 8.98 -42.60 -0.18
CA ASN C 12 10.14 -43.40 -0.60
C ASN C 12 9.94 -44.08 -1.95
N GLY C 13 11.03 -44.27 -2.68
CA GLY C 13 10.97 -44.78 -4.04
C GLY C 13 10.39 -46.17 -4.20
N ASP C 14 10.68 -47.05 -3.25
CA ASP C 14 10.24 -48.44 -3.36
C ASP C 14 8.79 -48.66 -2.91
N LYS C 15 8.16 -47.62 -2.39
CA LYS C 15 6.77 -47.71 -1.94
C LYS C 15 5.81 -47.46 -3.09
N GLY C 16 4.52 -47.47 -2.78
CA GLY C 16 3.47 -47.26 -3.78
C GLY C 16 3.11 -45.81 -4.01
N TYR C 17 4.00 -45.07 -4.67
CA TYR C 17 3.82 -43.65 -4.92
C TYR C 17 2.77 -43.35 -6.00
N ASN C 18 2.63 -44.28 -6.94
CA ASN C 18 1.59 -44.14 -7.97
C ASN C 18 0.21 -44.34 -7.39
N GLY C 19 0.12 -45.13 -6.33
CA GLY C 19 -1.16 -45.38 -5.69
C GLY C 19 -1.55 -44.21 -4.83
N LEU C 20 -0.57 -43.58 -4.20
CA LEU C 20 -0.82 -42.43 -3.36
C LEU C 20 -1.27 -41.25 -4.23
N ALA C 21 -0.69 -41.16 -5.43
CA ALA C 21 -1.03 -40.12 -6.38
C ALA C 21 -2.48 -40.23 -6.84
N GLU C 22 -3.02 -41.44 -6.79
CA GLU C 22 -4.42 -41.66 -7.09
C GLU C 22 -5.27 -40.97 -6.03
N VAL C 23 -4.84 -41.06 -4.78
CA VAL C 23 -5.54 -40.40 -3.69
C VAL C 23 -5.36 -38.90 -3.78
N GLY C 24 -4.27 -38.48 -4.43
CA GLY C 24 -4.03 -37.06 -4.66
C GLY C 24 -5.02 -36.47 -5.65
N LYS C 25 -5.35 -37.24 -6.68
CA LYS C 25 -6.28 -36.78 -7.70
C LYS C 25 -7.72 -36.71 -7.17
N LYS C 26 -8.01 -37.54 -6.18
CA LYS C 26 -9.33 -37.54 -5.55
C LYS C 26 -9.47 -36.39 -4.57
N PHE C 27 -8.34 -35.88 -4.09
CA PHE C 27 -8.35 -34.74 -3.18
C PHE C 27 -8.43 -33.45 -3.99
N GLU C 28 -7.80 -33.47 -5.16
CA GLU C 28 -7.78 -32.34 -6.05
C GLU C 28 -9.16 -32.16 -6.70
N LYS C 29 -9.77 -33.27 -7.10
CA LYS C 29 -11.10 -33.23 -7.69
C LYS C 29 -12.14 -32.69 -6.71
N ASP C 30 -11.92 -32.93 -5.42
CA ASP C 30 -12.90 -32.58 -4.40
C ASP C 30 -12.71 -31.20 -3.79
N THR C 31 -11.46 -30.77 -3.65
CA THR C 31 -11.15 -29.53 -2.92
C THR C 31 -10.54 -28.47 -3.83
N GLY C 32 -10.00 -28.90 -4.96
CA GLY C 32 -9.40 -27.98 -5.91
C GLY C 32 -7.92 -27.76 -5.62
N ILE C 33 -7.38 -28.46 -4.63
CA ILE C 33 -5.98 -28.32 -4.26
C ILE C 33 -5.12 -29.33 -5.01
N LYS C 34 -4.17 -28.83 -5.78
CA LYS C 34 -3.31 -29.68 -6.60
C LYS C 34 -2.36 -30.51 -5.74
N VAL C 35 -2.36 -31.83 -5.91
CA VAL C 35 -1.47 -32.68 -5.12
C VAL C 35 -0.40 -33.31 -6.00
N THR C 36 0.86 -33.08 -5.63
CA THR C 36 1.99 -33.63 -6.37
C THR C 36 2.81 -34.60 -5.52
N VAL C 37 2.90 -35.84 -5.96
CA VAL C 37 3.63 -36.86 -5.20
C VAL C 37 4.96 -37.21 -5.86
N GLU C 38 6.06 -37.03 -5.14
CA GLU C 38 7.38 -37.29 -5.70
C GLU C 38 8.19 -38.26 -4.83
N HIS C 39 9.20 -38.89 -5.44
CA HIS C 39 10.02 -39.88 -4.74
C HIS C 39 11.52 -39.64 -4.91
N PRO C 40 12.05 -38.61 -4.23
CA PRO C 40 13.46 -38.21 -4.37
C PRO C 40 14.44 -39.27 -3.87
N ASP C 41 15.64 -39.28 -4.43
CA ASP C 41 16.69 -40.21 -4.00
C ASP C 41 17.23 -39.77 -2.65
N LYS C 42 17.64 -40.74 -1.83
CA LYS C 42 18.15 -40.46 -0.47
C LYS C 42 17.18 -39.60 0.34
N LEU C 43 15.90 -39.90 0.18
CA LEU C 43 14.82 -39.11 0.78
C LEU C 43 15.03 -38.81 2.26
N GLU C 44 15.50 -39.79 3.02
CA GLU C 44 15.66 -39.63 4.46
C GLU C 44 16.69 -38.58 4.82
N GLU C 45 17.65 -38.35 3.92
CA GLU C 45 18.70 -37.38 4.16
C GLU C 45 18.33 -36.07 3.50
N LYS C 46 17.56 -36.14 2.43
CA LYS C 46 17.20 -34.96 1.66
C LYS C 46 16.22 -34.07 2.42
N PHE C 47 15.22 -34.68 3.04
CA PHE C 47 14.22 -33.91 3.78
C PHE C 47 14.77 -32.94 4.82
N PRO C 48 15.64 -33.40 5.74
CA PRO C 48 16.10 -32.45 6.76
C PRO C 48 17.00 -31.36 6.18
N GLN C 49 17.71 -31.68 5.09
CA GLN C 49 18.51 -30.69 4.38
C GLN C 49 17.63 -29.57 3.90
N VAL C 50 16.60 -29.96 3.14
CA VAL C 50 15.72 -29.02 2.48
C VAL C 50 14.80 -28.33 3.48
N ALA C 51 14.19 -29.10 4.37
CA ALA C 51 13.24 -28.54 5.33
C ALA C 51 13.87 -27.54 6.30
N ALA C 52 15.19 -27.62 6.46
CA ALA C 52 15.90 -26.67 7.30
C ALA C 52 15.93 -25.30 6.66
N THR C 53 15.96 -25.26 5.33
CA THR C 53 16.02 -24.00 4.60
C THR C 53 14.64 -23.36 4.52
N GLY C 54 13.64 -24.08 5.03
CA GLY C 54 12.26 -23.62 5.06
C GLY C 54 11.54 -24.01 3.79
N ASP C 55 12.00 -25.09 3.20
CA ASP C 55 11.48 -25.56 1.92
C ASP C 55 11.04 -27.00 2.09
N GLY C 56 10.97 -27.74 1.00
CA GLY C 56 10.57 -29.13 1.07
C GLY C 56 9.10 -29.38 0.77
N PRO C 57 8.63 -30.60 1.08
CA PRO C 57 7.25 -31.04 0.85
C PRO C 57 6.39 -30.63 2.03
N ASP C 58 5.08 -30.68 1.85
CA ASP C 58 4.18 -30.40 2.95
C ASP C 58 4.06 -31.63 3.81
N ILE C 59 4.10 -32.80 3.16
CA ILE C 59 3.98 -34.07 3.86
C ILE C 59 5.16 -34.99 3.54
N ILE C 60 5.71 -35.61 4.57
CA ILE C 60 6.86 -36.50 4.40
C ILE C 60 6.56 -37.92 4.90
N PHE C 61 6.85 -38.91 4.07
CA PHE C 61 6.59 -40.31 4.39
C PHE C 61 7.87 -41.12 4.62
N TRP C 62 8.04 -41.60 5.86
CA TRP C 62 9.16 -42.49 6.19
C TRP C 62 8.81 -43.32 7.42
N ALA C 63 9.68 -44.28 7.75
CA ALA C 63 9.54 -45.02 8.99
C ALA C 63 9.73 -44.06 10.16
N HIS C 64 9.07 -44.36 11.27
CA HIS C 64 9.03 -43.47 12.43
C HIS C 64 10.37 -43.23 13.13
N ASP C 65 11.40 -44.01 12.82
CA ASP C 65 12.67 -43.93 13.52
C ASP C 65 13.42 -42.62 13.25
N ARG C 66 13.19 -42.02 12.10
CA ARG C 66 13.83 -40.76 11.74
C ARG C 66 13.09 -39.58 12.34
N PHE C 67 11.78 -39.75 12.55
CA PHE C 67 10.89 -38.63 12.87
C PHE C 67 11.18 -37.91 14.19
N GLY C 68 12.05 -38.45 15.01
CA GLY C 68 12.40 -37.80 16.25
C GLY C 68 13.46 -36.74 16.05
N GLY C 69 14.44 -37.04 15.21
CA GLY C 69 15.47 -36.08 14.87
C GLY C 69 14.87 -34.89 14.15
N TYR C 70 13.86 -35.18 13.34
CA TYR C 70 13.14 -34.16 12.58
C TYR C 70 12.41 -33.26 13.56
N ALA C 71 11.80 -33.88 14.55
CA ALA C 71 11.03 -33.16 15.54
C ALA C 71 11.91 -32.25 16.38
N GLN C 72 13.04 -32.78 16.83
CA GLN C 72 13.96 -32.03 17.68
C GLN C 72 14.56 -30.84 16.93
N SER C 73 14.78 -31.01 15.64
CA SER C 73 15.25 -29.93 14.79
C SER C 73 14.13 -28.95 14.47
N GLY C 74 12.92 -29.30 14.90
CA GLY C 74 11.76 -28.44 14.71
C GLY C 74 11.31 -28.41 13.26
N LEU C 75 11.41 -29.54 12.60
CA LEU C 75 11.03 -29.65 11.19
C LEU C 75 9.62 -30.23 11.02
N LEU C 76 8.99 -30.58 12.14
CA LEU C 76 7.65 -31.14 12.06
C LEU C 76 6.67 -30.32 12.87
N ALA C 77 5.42 -30.33 12.44
CA ALA C 77 4.35 -29.67 13.18
C ALA C 77 3.62 -30.71 14.01
N GLU C 78 3.31 -30.35 15.25
CA GLU C 78 2.56 -31.22 16.15
C GLU C 78 1.16 -31.43 15.61
N ILE C 79 0.88 -32.66 15.18
CA ILE C 79 -0.43 -32.98 14.63
C ILE C 79 -1.48 -33.06 15.74
N THR C 80 -2.73 -32.76 15.40
CA THR C 80 -3.80 -32.72 16.39
C THR C 80 -5.05 -33.46 15.95
N PRO C 81 -4.98 -34.80 15.85
CA PRO C 81 -6.19 -35.54 15.50
C PRO C 81 -7.06 -35.67 16.74
N ASP C 82 -8.38 -35.57 16.56
CA ASP C 82 -9.30 -35.71 17.68
C ASP C 82 -9.34 -37.16 18.17
N LYS C 83 -9.82 -37.37 19.39
CA LYS C 83 -9.86 -38.70 19.97
C LYS C 83 -10.69 -39.65 19.12
N ALA C 84 -11.68 -39.10 18.41
CA ALA C 84 -12.54 -39.88 17.54
C ALA C 84 -11.74 -40.53 16.41
N PHE C 85 -10.64 -39.89 16.05
CA PHE C 85 -9.77 -40.41 15.00
C PHE C 85 -8.73 -41.36 15.57
N GLN C 86 -8.20 -41.00 16.74
CA GLN C 86 -7.17 -41.80 17.37
C GLN C 86 -7.68 -43.18 17.75
N ASP C 87 -8.99 -43.31 17.87
CA ASP C 87 -9.59 -44.57 18.28
C ASP C 87 -9.86 -45.52 17.12
N LYS C 88 -9.56 -45.08 15.90
CA LYS C 88 -9.70 -45.96 14.75
C LYS C 88 -8.34 -46.44 14.25
N LEU C 89 -7.29 -46.08 14.99
CA LEU C 89 -5.95 -46.56 14.72
C LEU C 89 -5.37 -47.29 15.94
N TYR C 90 -4.58 -48.32 15.68
CA TYR C 90 -3.97 -49.10 16.74
C TYR C 90 -3.14 -48.24 17.68
N PRO C 91 -3.48 -48.24 18.97
CA PRO C 91 -2.85 -47.41 20.00
C PRO C 91 -1.33 -47.55 20.09
N PHE C 92 -0.80 -48.69 19.66
CA PHE C 92 0.64 -48.91 19.72
C PHE C 92 1.37 -48.20 18.58
N THR C 93 0.66 -47.93 17.49
CA THR C 93 1.25 -47.21 16.37
C THR C 93 1.32 -45.72 16.69
N TRP C 94 0.44 -45.27 17.57
CA TRP C 94 0.47 -43.89 18.02
C TRP C 94 1.64 -43.64 18.94
N ASP C 95 2.08 -44.70 19.62
CA ASP C 95 3.23 -44.62 20.49
C ASP C 95 4.51 -44.56 19.68
N ALA C 96 4.45 -45.13 18.48
CA ALA C 96 5.59 -45.14 17.57
C ALA C 96 5.92 -43.75 17.04
N VAL C 97 4.93 -42.86 17.08
CA VAL C 97 5.10 -41.52 16.58
C VAL C 97 4.85 -40.50 17.69
N ARG C 98 5.06 -40.91 18.92
CA ARG C 98 4.96 -39.97 20.04
C ARG C 98 6.35 -39.60 20.51
N TYR C 99 6.74 -38.36 20.25
CA TYR C 99 8.05 -37.86 20.68
C TYR C 99 7.85 -36.66 21.62
N ASN C 100 8.48 -36.73 22.79
CA ASN C 100 8.33 -35.69 23.79
C ASN C 100 6.89 -35.42 24.22
N GLY C 101 6.10 -36.49 24.29
CA GLY C 101 4.74 -36.41 24.80
C GLY C 101 3.70 -36.09 23.75
N LYS C 102 4.12 -35.45 22.66
CA LYS C 102 3.19 -35.02 21.62
C LYS C 102 3.31 -35.91 20.39
N LEU C 103 2.25 -35.95 19.58
CA LEU C 103 2.25 -36.71 18.33
C LEU C 103 2.88 -35.85 17.25
N ILE C 104 3.64 -36.48 16.35
CA ILE C 104 4.34 -35.74 15.32
C ILE C 104 4.13 -36.30 13.92
N ALA C 105 3.47 -37.46 13.83
CA ALA C 105 3.19 -38.06 12.54
C ALA C 105 1.94 -38.93 12.56
N TYR C 106 1.34 -39.13 11.39
CA TYR C 106 0.20 -40.04 11.26
C TYR C 106 0.69 -41.42 10.83
N PRO C 107 0.64 -42.38 11.75
CA PRO C 107 1.11 -43.74 11.44
C PRO C 107 0.28 -44.40 10.35
N ILE C 108 0.94 -44.88 9.30
CA ILE C 108 0.24 -45.51 8.18
C ILE C 108 0.20 -47.03 8.30
N ALA C 109 1.35 -47.67 8.12
CA ALA C 109 1.42 -49.12 8.13
C ALA C 109 2.63 -49.61 8.91
N VAL C 110 2.58 -50.87 9.34
CA VAL C 110 3.67 -51.49 10.08
C VAL C 110 4.40 -52.49 9.21
N GLU C 111 5.65 -52.17 8.86
CA GLU C 111 6.45 -52.99 7.97
C GLU C 111 7.51 -53.79 8.74
N ALA C 112 7.81 -54.99 8.26
CA ALA C 112 8.82 -55.84 8.88
C ALA C 112 9.40 -56.78 7.83
N LEU C 113 10.69 -57.09 7.95
CA LEU C 113 11.35 -57.98 7.00
C LEU C 113 10.93 -59.43 7.22
N SER C 114 10.70 -60.14 6.12
CA SER C 114 10.37 -61.55 6.18
C SER C 114 11.22 -62.33 5.18
N LEU C 115 11.25 -63.64 5.32
CA LEU C 115 12.00 -64.46 4.38
C LEU C 115 11.12 -64.84 3.19
N ILE C 116 11.60 -64.54 1.99
CA ILE C 116 10.88 -64.89 0.77
C ILE C 116 11.64 -65.98 0.01
N TYR C 117 10.99 -67.10 -0.24
CA TYR C 117 11.63 -68.22 -0.92
C TYR C 117 10.89 -68.64 -2.18
N ASN C 118 11.63 -69.21 -3.13
CA ASN C 118 11.05 -69.71 -4.37
C ASN C 118 10.42 -71.07 -4.15
N LYS C 119 9.10 -71.15 -4.28
CA LYS C 119 8.35 -72.39 -4.07
C LYS C 119 8.84 -73.50 -4.97
N ASP C 120 9.13 -73.16 -6.23
CA ASP C 120 9.58 -74.12 -7.22
C ASP C 120 11.00 -74.59 -6.93
N LEU C 121 11.91 -73.63 -6.77
CA LEU C 121 13.31 -73.93 -6.55
C LEU C 121 13.55 -74.52 -5.15
N LEU C 122 12.67 -74.20 -4.21
CA LEU C 122 12.81 -74.66 -2.84
C LEU C 122 11.46 -74.84 -2.15
N PRO C 123 10.95 -76.07 -2.13
CA PRO C 123 9.66 -76.41 -1.50
C PRO C 123 9.68 -76.17 0.00
N ASN C 124 10.73 -76.64 0.67
CA ASN C 124 10.86 -76.48 2.11
C ASN C 124 12.02 -75.56 2.48
N PRO C 125 11.70 -74.31 2.88
CA PRO C 125 12.71 -73.31 3.25
C PRO C 125 13.42 -73.68 4.53
N PRO C 126 14.71 -73.31 4.67
CA PRO C 126 15.49 -73.59 5.87
C PRO C 126 14.98 -72.81 7.07
N LYS C 127 14.96 -73.45 8.24
CA LYS C 127 14.49 -72.81 9.45
C LYS C 127 15.63 -72.15 10.22
N THR C 128 16.86 -72.56 9.91
CA THR C 128 18.03 -71.98 10.55
C THR C 128 18.97 -71.32 9.54
N TRP C 129 19.83 -70.43 10.02
CA TRP C 129 20.78 -69.74 9.17
C TRP C 129 21.95 -70.65 8.80
N GLU C 130 22.24 -71.62 9.66
CA GLU C 130 23.44 -72.45 9.49
C GLU C 130 23.33 -73.45 8.34
N GLU C 131 22.11 -73.87 8.03
CA GLU C 131 21.90 -74.84 6.95
C GLU C 131 21.75 -74.16 5.60
N ILE C 132 22.43 -73.03 5.43
CA ILE C 132 22.47 -72.30 4.17
C ILE C 132 23.77 -72.50 3.38
N PRO C 133 24.94 -72.50 4.06
CA PRO C 133 26.17 -72.87 3.34
C PRO C 133 26.09 -74.27 2.74
N ALA C 134 25.35 -75.17 3.40
CA ALA C 134 25.17 -76.53 2.90
C ALA C 134 24.15 -76.56 1.76
N LEU C 135 23.18 -75.64 1.81
CA LEU C 135 22.13 -75.58 0.81
C LEU C 135 22.61 -74.88 -0.46
N ASP C 136 23.57 -73.98 -0.30
CA ASP C 136 24.12 -73.24 -1.44
C ASP C 136 24.96 -74.15 -2.31
N LYS C 137 25.48 -75.23 -1.73
CA LYS C 137 26.33 -76.16 -2.44
C LYS C 137 25.63 -76.79 -3.64
N GLU C 138 24.48 -77.42 -3.38
CA GLU C 138 23.74 -78.11 -4.43
C GLU C 138 23.17 -77.15 -5.46
N LEU C 139 22.83 -75.95 -5.04
CA LEU C 139 22.26 -74.95 -5.94
C LEU C 139 23.32 -74.29 -6.81
N LYS C 140 24.55 -74.29 -6.31
CA LYS C 140 25.67 -73.73 -7.07
C LYS C 140 25.99 -74.64 -8.26
N ALA C 141 25.86 -75.94 -8.05
CA ALA C 141 26.13 -76.92 -9.10
C ALA C 141 25.08 -76.87 -10.20
N LYS C 142 23.86 -76.49 -9.83
CA LYS C 142 22.77 -76.35 -10.79
C LYS C 142 22.89 -75.04 -11.56
N GLY C 143 23.50 -74.05 -10.90
CA GLY C 143 23.65 -72.73 -11.50
C GLY C 143 22.78 -71.71 -10.80
N LYS C 144 22.48 -71.95 -9.53
CA LYS C 144 21.63 -71.05 -8.76
C LYS C 144 22.37 -70.50 -7.54
N SER C 145 21.61 -69.91 -6.62
CA SER C 145 22.17 -69.37 -5.39
C SER C 145 21.17 -69.60 -4.26
N ALA C 146 21.69 -69.72 -3.03
CA ALA C 146 20.83 -69.99 -1.88
C ALA C 146 20.13 -68.73 -1.37
N LEU C 147 20.84 -67.61 -1.40
CA LEU C 147 20.31 -66.37 -0.84
C LEU C 147 20.88 -65.14 -1.54
N MET C 148 20.04 -64.12 -1.68
CA MET C 148 20.43 -62.86 -2.30
C MET C 148 19.65 -61.70 -1.70
N PHE C 149 20.33 -60.79 -0.99
CA PHE C 149 19.66 -59.61 -0.45
C PHE C 149 20.58 -58.40 -0.30
N ASN C 150 19.98 -57.26 0.01
CA ASN C 150 20.70 -55.99 0.13
C ASN C 150 21.69 -55.99 1.29
N LEU C 151 22.97 -55.87 0.96
CA LEU C 151 24.02 -55.83 1.98
C LEU C 151 24.53 -54.41 2.20
N GLN C 152 24.04 -53.48 1.37
CA GLN C 152 24.47 -52.09 1.43
C GLN C 152 23.71 -51.29 2.49
N GLU C 153 22.55 -51.81 2.88
CA GLU C 153 21.76 -51.20 3.94
C GLU C 153 21.73 -52.09 5.17
N PRO C 154 22.01 -51.51 6.35
CA PRO C 154 22.03 -52.25 7.62
C PRO C 154 20.64 -52.69 8.07
N TYR C 155 19.62 -52.29 7.33
CA TYR C 155 18.25 -52.67 7.66
C TYR C 155 18.06 -54.17 7.47
N PHE C 156 18.62 -54.69 6.39
CA PHE C 156 18.48 -56.09 6.01
C PHE C 156 19.46 -56.97 6.78
N THR C 157 20.54 -56.35 7.23
CA THR C 157 21.61 -57.07 7.92
C THR C 157 21.31 -57.23 9.41
N TRP C 158 20.60 -56.25 9.97
CA TRP C 158 20.31 -56.24 11.41
C TRP C 158 19.55 -57.45 12.00
N PRO C 159 18.64 -58.09 11.25
CA PRO C 159 17.99 -59.27 11.85
C PRO C 159 18.98 -60.36 12.27
N LEU C 160 20.06 -60.51 11.52
CA LEU C 160 21.07 -61.51 11.82
C LEU C 160 21.97 -61.06 12.95
N ILE C 161 22.13 -59.75 13.10
CA ILE C 161 22.98 -59.19 14.15
C ILE C 161 22.28 -59.21 15.50
N ALA C 162 21.01 -58.83 15.52
CA ALA C 162 20.25 -58.77 16.76
C ALA C 162 19.75 -60.15 17.18
N ALA C 163 20.06 -61.15 16.36
CA ALA C 163 19.58 -62.51 16.61
C ALA C 163 20.13 -63.08 17.92
N ASP C 164 21.45 -63.17 18.02
CA ASP C 164 22.08 -63.84 19.17
C ASP C 164 22.15 -62.97 20.42
N GLY C 165 22.00 -61.65 20.25
CA GLY C 165 21.97 -60.77 21.40
C GLY C 165 22.44 -59.36 21.14
N GLY C 166 22.49 -58.98 19.87
CA GLY C 166 22.86 -57.62 19.49
C GLY C 166 21.70 -56.67 19.74
N TYR C 167 22.01 -55.44 20.13
CA TYR C 167 20.97 -54.45 20.42
C TYR C 167 21.48 -53.02 20.29
N ALA C 168 20.55 -52.08 20.28
CA ALA C 168 20.91 -50.67 20.20
C ALA C 168 20.07 -49.88 21.20
N PHE C 169 20.73 -49.33 22.22
CA PHE C 169 20.07 -48.55 23.26
C PHE C 169 19.08 -49.40 24.08
N LYS C 170 19.52 -49.88 25.24
CA LYS C 170 18.66 -50.71 26.08
C LYS C 170 17.47 -49.93 26.61
N TYR C 171 16.30 -50.56 26.60
CA TYR C 171 15.07 -49.93 27.07
C TYR C 171 14.90 -50.07 28.59
N GLU C 172 15.05 -48.95 29.29
CA GLU C 172 14.87 -48.93 30.74
C GLU C 172 13.46 -48.51 31.12
N TYR C 176 12.06 -45.94 29.08
CA TYR C 176 12.98 -44.93 28.56
C TYR C 176 14.24 -45.57 28.00
N ASP C 177 14.69 -45.08 26.84
CA ASP C 177 15.89 -45.62 26.20
C ASP C 177 17.16 -45.07 26.86
N ILE C 178 18.14 -45.94 27.09
CA ILE C 178 19.44 -45.52 27.61
C ILE C 178 20.37 -45.31 26.41
N LYS C 179 21.49 -44.64 26.62
CA LYS C 179 22.52 -44.58 25.59
C LYS C 179 23.69 -45.52 25.95
N ASP C 180 23.34 -46.78 26.19
CA ASP C 180 24.26 -47.90 26.35
C ASP C 180 24.09 -48.82 25.14
N VAL C 181 24.94 -48.61 24.14
CA VAL C 181 24.82 -49.28 22.85
C VAL C 181 25.46 -50.66 22.88
N GLY C 182 24.78 -51.64 22.27
CA GLY C 182 25.29 -53.00 22.23
C GLY C 182 25.47 -53.54 20.82
N VAL C 183 26.29 -52.87 20.03
CA VAL C 183 26.60 -53.33 18.68
C VAL C 183 27.97 -54.00 18.61
N ASP C 184 28.53 -54.31 19.77
CA ASP C 184 29.84 -54.94 19.83
C ASP C 184 29.89 -56.05 20.89
N ASN C 185 28.73 -56.51 21.34
CA ASN C 185 28.69 -57.59 22.30
C ASN C 185 28.78 -58.96 21.62
N ALA C 186 28.56 -60.02 22.40
CA ALA C 186 28.66 -61.39 21.90
C ALA C 186 27.75 -61.63 20.70
N GLY C 187 26.45 -61.38 20.88
CA GLY C 187 25.47 -61.61 19.83
C GLY C 187 25.73 -60.83 18.55
N ALA C 188 26.14 -59.58 18.70
CA ALA C 188 26.39 -58.71 17.56
C ALA C 188 27.59 -59.17 16.74
N LYS C 189 28.67 -59.53 17.43
CA LYS C 189 29.87 -60.01 16.76
C LYS C 189 29.64 -61.37 16.12
N ALA C 190 28.94 -62.24 16.83
CA ALA C 190 28.65 -63.59 16.35
C ALA C 190 27.76 -63.57 15.12
N GLY C 191 26.76 -62.69 15.15
CA GLY C 191 25.84 -62.56 14.03
C GLY C 191 26.52 -62.04 12.78
N LEU C 192 27.32 -60.99 12.92
CA LEU C 192 27.97 -60.36 11.79
C LEU C 192 29.09 -61.24 11.22
N THR C 193 29.82 -61.92 12.10
CA THR C 193 30.91 -62.78 11.68
C THR C 193 30.41 -63.88 10.75
N PHE C 194 29.23 -64.43 11.07
CA PHE C 194 28.63 -65.47 10.24
C PHE C 194 28.26 -64.92 8.87
N LEU C 195 27.86 -63.65 8.82
CA LEU C 195 27.50 -63.03 7.56
C LEU C 195 28.73 -62.84 6.69
N VAL C 196 29.84 -62.47 7.32
CA VAL C 196 31.08 -62.29 6.58
C VAL C 196 31.61 -63.63 6.07
N ASP C 197 31.39 -64.69 6.84
CA ASP C 197 31.82 -66.03 6.43
C ASP C 197 31.00 -66.58 5.27
N LEU C 198 29.82 -66.00 5.05
CA LEU C 198 28.99 -66.39 3.91
C LEU C 198 29.51 -65.78 2.63
N ILE C 199 30.25 -64.68 2.77
CA ILE C 199 30.87 -64.01 1.62
C ILE C 199 32.29 -64.56 1.39
N LYS C 200 32.96 -64.89 2.48
CA LYS C 200 34.28 -65.50 2.41
C LYS C 200 34.20 -66.83 1.67
N ASN C 201 33.20 -67.63 2.01
CA ASN C 201 32.97 -68.92 1.36
C ASN C 201 32.25 -68.77 0.01
N LYS C 202 32.17 -67.53 -0.46
CA LYS C 202 31.56 -67.22 -1.76
C LYS C 202 30.15 -67.78 -1.94
N HIS C 203 29.38 -67.78 -0.85
CA HIS C 203 27.97 -68.15 -0.92
C HIS C 203 27.15 -66.92 -1.30
N MET C 204 27.81 -65.76 -1.24
CA MET C 204 27.14 -64.50 -1.52
C MET C 204 28.16 -63.46 -1.93
N ASN C 205 27.74 -62.47 -2.71
CA ASN C 205 28.62 -61.39 -3.13
C ASN C 205 28.48 -60.16 -2.24
N ALA C 206 29.61 -59.52 -1.93
CA ALA C 206 29.62 -58.40 -0.99
C ALA C 206 29.13 -57.09 -1.60
N ASP C 207 28.98 -57.09 -2.92
CA ASP C 207 28.52 -55.91 -3.65
C ASP C 207 27.02 -55.94 -3.91
N THR C 208 26.36 -56.99 -3.44
CA THR C 208 24.93 -57.17 -3.68
C THR C 208 24.10 -56.06 -3.03
N ASP C 209 23.45 -55.26 -3.86
CA ASP C 209 22.57 -54.20 -3.38
C ASP C 209 21.11 -54.61 -3.51
N TYR C 210 20.22 -53.62 -3.65
CA TYR C 210 18.79 -53.90 -3.71
C TYR C 210 18.37 -54.38 -5.10
N SER C 211 18.79 -53.64 -6.12
CA SER C 211 18.43 -53.94 -7.50
C SER C 211 18.98 -55.30 -7.94
N ILE C 212 20.19 -55.60 -7.51
CA ILE C 212 20.82 -56.88 -7.82
C ILE C 212 20.07 -58.02 -7.14
N ALA C 213 19.65 -57.78 -5.90
CA ALA C 213 18.92 -58.78 -5.12
C ALA C 213 17.55 -59.06 -5.74
N GLU C 214 16.83 -58.00 -6.07
CA GLU C 214 15.48 -58.12 -6.60
C GLU C 214 15.47 -58.80 -7.96
N ALA C 215 16.43 -58.43 -8.81
CA ALA C 215 16.51 -58.98 -10.16
C ALA C 215 16.90 -60.45 -10.14
N ALA C 216 17.80 -60.82 -9.23
CA ALA C 216 18.26 -62.19 -9.14
C ALA C 216 17.15 -63.13 -8.69
N PHE C 217 16.18 -62.59 -7.96
CA PHE C 217 15.09 -63.42 -7.44
C PHE C 217 13.90 -63.48 -8.40
N ASN C 218 13.52 -62.33 -8.93
CA ASN C 218 12.39 -62.25 -9.85
C ASN C 218 12.65 -62.98 -11.16
N LYS C 219 13.93 -63.17 -11.49
CA LYS C 219 14.31 -63.90 -12.69
C LYS C 219 14.57 -65.36 -12.35
N GLY C 220 14.41 -65.71 -11.09
CA GLY C 220 14.58 -67.08 -10.62
C GLY C 220 16.00 -67.58 -10.71
N GLU C 221 16.94 -66.76 -10.27
CA GLU C 221 18.36 -67.15 -10.28
C GLU C 221 18.82 -67.48 -8.86
N THR C 222 18.01 -67.09 -7.88
CA THR C 222 18.30 -67.40 -6.48
C THR C 222 17.04 -67.93 -5.78
N ALA C 223 17.26 -68.82 -4.81
CA ALA C 223 16.16 -69.51 -4.14
C ALA C 223 15.46 -68.63 -3.11
N MET C 224 16.24 -67.89 -2.32
CA MET C 224 15.68 -67.07 -1.27
C MET C 224 16.12 -65.61 -1.35
N THR C 225 15.47 -64.77 -0.57
CA THR C 225 15.79 -63.36 -0.50
C THR C 225 15.15 -62.76 0.75
N ILE C 226 15.69 -61.63 1.21
CA ILE C 226 15.13 -60.93 2.35
C ILE C 226 14.61 -59.55 1.95
N ASN C 227 13.35 -59.28 2.26
CA ASN C 227 12.72 -58.01 1.90
C ASN C 227 11.47 -57.73 2.73
N GLY C 228 10.77 -56.66 2.38
CA GLY C 228 9.54 -56.30 3.07
C GLY C 228 8.35 -56.37 2.14
N PRO C 229 7.16 -56.07 2.65
CA PRO C 229 5.90 -56.17 1.91
C PRO C 229 5.91 -55.43 0.59
N TRP C 230 6.68 -54.34 0.53
CA TRP C 230 6.69 -53.47 -0.65
C TRP C 230 7.28 -54.14 -1.90
N ALA C 231 7.91 -55.29 -1.72
CA ALA C 231 8.57 -55.96 -2.83
C ALA C 231 7.73 -57.11 -3.37
N TRP C 232 6.55 -57.31 -2.79
CA TRP C 232 5.66 -58.39 -3.19
C TRP C 232 5.03 -58.15 -4.56
N SER C 233 4.76 -56.89 -4.86
CA SER C 233 4.08 -56.52 -6.10
C SER C 233 4.97 -56.79 -7.32
N ASN C 234 6.28 -56.68 -7.14
CA ASN C 234 7.22 -56.85 -8.23
C ASN C 234 7.53 -58.31 -8.55
N ILE C 235 7.18 -59.21 -7.64
CA ILE C 235 7.39 -60.64 -7.85
C ILE C 235 6.19 -61.23 -8.57
N ASP C 236 5.02 -60.63 -8.34
CA ASP C 236 3.80 -61.07 -8.99
C ASP C 236 3.87 -60.86 -10.50
N THR C 237 4.66 -59.88 -10.92
CA THR C 237 4.80 -59.56 -12.34
C THR C 237 5.86 -60.43 -12.99
N SER C 238 6.41 -61.38 -12.22
CA SER C 238 7.43 -62.28 -12.73
C SER C 238 6.92 -63.72 -12.85
N LYS C 239 5.69 -63.94 -12.38
CA LYS C 239 5.05 -65.27 -12.40
C LYS C 239 5.87 -66.32 -11.65
N VAL C 240 6.77 -65.86 -10.79
CA VAL C 240 7.61 -66.74 -9.99
C VAL C 240 6.90 -67.13 -8.70
N ASN C 241 6.59 -68.42 -8.57
CA ASN C 241 5.89 -68.92 -7.41
C ASN C 241 6.72 -68.75 -6.14
N TYR C 242 6.25 -67.90 -5.23
CA TYR C 242 7.00 -67.61 -4.01
C TYR C 242 6.19 -67.86 -2.75
N GLY C 243 6.84 -67.70 -1.60
CA GLY C 243 6.19 -67.84 -0.31
C GLY C 243 6.85 -66.94 0.73
N VAL C 244 6.02 -66.27 1.53
CA VAL C 244 6.52 -65.37 2.56
C VAL C 244 6.45 -66.06 3.91
N THR C 245 7.61 -66.34 4.49
CA THR C 245 7.68 -67.08 5.73
C THR C 245 8.47 -66.34 6.80
N VAL C 246 8.66 -67.00 7.95
CA VAL C 246 9.38 -66.42 9.07
C VAL C 246 10.89 -66.49 8.82
N LEU C 247 11.61 -65.46 9.27
CA LEU C 247 13.06 -65.41 9.13
C LEU C 247 13.74 -66.56 9.86
N PRO C 248 14.82 -67.11 9.27
CA PRO C 248 15.58 -68.22 9.84
C PRO C 248 16.14 -67.90 11.23
N THR C 249 16.63 -68.92 11.92
CA THR C 249 17.17 -68.73 13.26
C THR C 249 18.68 -68.92 13.31
N PHE C 250 19.37 -67.94 13.88
CA PHE C 250 20.82 -68.03 14.06
C PHE C 250 21.15 -68.44 15.49
N LYS C 251 21.96 -69.49 15.63
CA LYS C 251 22.30 -70.05 16.94
C LYS C 251 21.06 -70.40 17.76
N GLY C 252 20.03 -70.90 17.08
CA GLY C 252 18.80 -71.30 17.72
C GLY C 252 17.98 -70.13 18.24
N GLN C 253 18.39 -68.92 17.88
CA GLN C 253 17.68 -67.70 18.30
C GLN C 253 16.90 -67.14 17.12
N PRO C 254 15.61 -66.83 17.34
CA PRO C 254 14.81 -66.21 16.29
C PRO C 254 15.40 -64.88 15.87
N SER C 255 15.46 -64.62 14.57
CA SER C 255 15.97 -63.35 14.07
C SER C 255 15.10 -62.20 14.55
N LYS C 256 15.74 -61.08 14.91
CA LYS C 256 15.03 -59.92 15.44
C LYS C 256 15.16 -58.71 14.53
N PRO C 257 14.36 -58.68 13.45
CA PRO C 257 14.41 -57.57 12.51
C PRO C 257 13.88 -56.30 13.18
N PHE C 258 14.37 -55.15 12.75
CA PHE C 258 13.86 -53.90 13.26
C PHE C 258 12.53 -53.61 12.57
N VAL C 259 11.53 -53.24 13.36
CA VAL C 259 10.19 -53.02 12.84
C VAL C 259 9.92 -51.54 12.65
N GLY C 260 9.74 -51.13 11.39
CA GLY C 260 9.46 -49.74 11.08
C GLY C 260 7.98 -49.50 10.90
N VAL C 261 7.52 -48.31 11.30
CA VAL C 261 6.14 -47.90 11.10
C VAL C 261 6.11 -46.73 10.11
N LEU C 262 5.63 -46.99 8.90
CA LEU C 262 5.52 -45.96 7.88
C LEU C 262 4.63 -44.82 8.39
N SER C 263 5.21 -43.63 8.50
CA SER C 263 4.48 -42.48 9.05
C SER C 263 4.48 -41.26 8.13
N ALA C 264 3.47 -40.44 8.28
CA ALA C 264 3.37 -39.20 7.52
C ALA C 264 3.38 -38.02 8.49
N GLY C 265 4.35 -37.14 8.34
CA GLY C 265 4.46 -35.98 9.22
C GLY C 265 4.28 -34.72 8.43
N ILE C 266 3.88 -33.65 9.09
CA ILE C 266 3.61 -32.39 8.39
C ILE C 266 4.75 -31.39 8.59
N ASN C 267 5.27 -30.89 7.48
CA ASN C 267 6.37 -29.93 7.49
C ASN C 267 6.01 -28.72 8.33
N ALA C 268 6.90 -28.35 9.25
CA ALA C 268 6.64 -27.22 10.13
C ALA C 268 6.62 -25.89 9.39
N ALA C 269 7.22 -25.89 8.19
CA ALA C 269 7.27 -24.68 7.36
C ALA C 269 6.07 -24.57 6.40
N SER C 270 5.39 -25.69 6.19
CA SER C 270 4.25 -25.74 5.30
C SER C 270 3.15 -24.80 5.77
N PRO C 271 2.65 -23.96 4.84
CA PRO C 271 1.50 -23.10 5.10
C PRO C 271 0.18 -23.86 4.98
N ASN C 272 0.23 -25.02 4.32
CA ASN C 272 -0.95 -25.83 4.10
C ASN C 272 -1.12 -26.92 5.15
N LYS C 273 -1.01 -26.55 6.42
CA LYS C 273 -1.08 -27.53 7.49
C LYS C 273 -2.50 -28.01 7.71
N GLU C 274 -3.46 -27.21 7.27
CA GLU C 274 -4.87 -27.58 7.38
C GLU C 274 -5.30 -28.48 6.23
N LEU C 275 -4.71 -28.24 5.07
CA LEU C 275 -4.98 -29.07 3.90
C LEU C 275 -4.32 -30.43 4.08
N ALA C 276 -3.14 -30.44 4.69
CA ALA C 276 -2.41 -31.67 4.93
C ALA C 276 -3.15 -32.53 5.96
N LYS C 277 -3.64 -31.89 7.01
CA LYS C 277 -4.38 -32.59 8.06
C LYS C 277 -5.64 -33.24 7.50
N GLU C 278 -6.31 -32.52 6.61
CA GLU C 278 -7.54 -33.04 6.02
C GLU C 278 -7.23 -34.18 5.04
N PHE C 279 -6.13 -34.05 4.31
CA PHE C 279 -5.77 -35.08 3.33
C PHE C 279 -5.45 -36.39 4.00
N LEU C 280 -4.65 -36.33 5.05
CA LEU C 280 -4.23 -37.52 5.76
C LEU C 280 -5.39 -38.18 6.50
N GLU C 281 -6.14 -37.38 7.25
CA GLU C 281 -7.24 -37.91 8.07
C GLU C 281 -8.42 -38.39 7.24
N ASN C 282 -8.75 -37.66 6.19
CA ASN C 282 -9.99 -37.90 5.48
C ASN C 282 -9.85 -38.60 4.13
N TYR C 283 -8.69 -38.49 3.51
CA TYR C 283 -8.52 -39.06 2.17
C TYR C 283 -7.56 -40.25 2.12
N LEU C 284 -6.55 -40.25 2.98
CA LEU C 284 -5.58 -41.34 3.00
C LEU C 284 -5.88 -42.40 4.06
N LEU C 285 -5.86 -41.98 5.33
CA LEU C 285 -6.16 -42.90 6.43
C LEU C 285 -7.62 -43.32 6.47
N THR C 286 -8.11 -43.83 5.34
CA THR C 286 -9.43 -44.41 5.25
C THR C 286 -9.32 -45.64 4.36
N ASP C 287 -10.31 -46.51 4.42
CA ASP C 287 -10.28 -47.78 3.70
C ASP C 287 -10.12 -47.60 2.20
N GLU C 288 -10.70 -46.51 1.67
CA GLU C 288 -10.59 -46.19 0.26
C GLU C 288 -9.14 -45.87 -0.09
N GLY C 289 -8.53 -45.00 0.71
CA GLY C 289 -7.18 -44.51 0.47
C GLY C 289 -6.12 -45.58 0.57
N LEU C 290 -6.10 -46.30 1.69
CA LEU C 290 -5.10 -47.32 1.93
C LEU C 290 -5.16 -48.45 0.91
N GLU C 291 -6.37 -48.81 0.51
CA GLU C 291 -6.58 -49.84 -0.51
C GLU C 291 -6.03 -49.40 -1.86
N ALA C 292 -6.14 -48.10 -2.13
CA ALA C 292 -5.69 -47.54 -3.40
C ALA C 292 -4.17 -47.57 -3.50
N VAL C 293 -3.50 -47.41 -2.36
CA VAL C 293 -2.04 -47.47 -2.32
C VAL C 293 -1.57 -48.91 -2.30
N ASN C 294 -2.28 -49.73 -1.53
CA ASN C 294 -1.95 -51.14 -1.37
C ASN C 294 -1.93 -51.91 -2.69
N LYS C 295 -2.68 -51.42 -3.67
CA LYS C 295 -2.76 -52.09 -4.97
C LYS C 295 -1.56 -51.78 -5.86
N ASP C 296 -0.79 -50.74 -5.51
CA ASP C 296 0.46 -50.44 -6.20
C ASP C 296 1.60 -51.22 -5.56
N LYS C 297 1.85 -50.96 -4.28
CA LYS C 297 2.82 -51.70 -3.49
C LYS C 297 2.22 -51.96 -2.11
N PRO C 298 2.31 -53.22 -1.65
CA PRO C 298 1.75 -53.60 -0.33
C PRO C 298 2.36 -52.81 0.82
N LEU C 299 1.53 -52.40 1.76
CA LEU C 299 1.97 -51.58 2.88
C LEU C 299 2.37 -52.42 4.08
N GLY C 300 1.91 -53.66 4.11
CA GLY C 300 2.10 -54.54 5.26
C GLY C 300 0.86 -54.51 6.13
N ALA C 301 1.05 -54.37 7.43
CA ALA C 301 -0.07 -54.31 8.36
C ALA C 301 -0.42 -52.88 8.69
N VAL C 302 -1.51 -52.37 8.13
CA VAL C 302 -1.89 -50.97 8.29
C VAL C 302 -2.30 -50.66 9.72
N ALA C 303 -2.23 -49.38 10.08
CA ALA C 303 -2.50 -48.95 11.45
C ALA C 303 -3.98 -48.70 11.63
N LEU C 304 -4.70 -48.61 10.51
CA LEU C 304 -6.13 -48.39 10.54
C LEU C 304 -6.84 -49.68 10.91
N LYS C 305 -7.56 -49.66 12.03
CA LYS C 305 -8.26 -50.84 12.53
C LYS C 305 -9.15 -51.46 11.47
N SER C 306 -9.86 -50.59 10.75
CA SER C 306 -10.86 -51.01 9.77
C SER C 306 -10.29 -51.88 8.65
N TYR C 307 -9.27 -51.37 7.98
CA TYR C 307 -8.73 -52.05 6.81
C TYR C 307 -7.78 -53.19 7.17
N GLU C 308 -7.31 -53.20 8.42
CA GLU C 308 -6.37 -54.23 8.87
C GLU C 308 -7.07 -55.56 9.14
N GLU C 309 -8.33 -55.48 9.56
CA GLU C 309 -9.11 -56.68 9.81
C GLU C 309 -9.26 -57.52 8.54
N GLU C 310 -9.16 -56.86 7.39
CA GLU C 310 -9.32 -57.52 6.11
C GLU C 310 -7.99 -57.99 5.54
N LEU C 311 -6.92 -57.30 5.90
CA LEU C 311 -5.58 -57.64 5.43
C LEU C 311 -4.94 -58.75 6.28
N ALA C 312 -5.43 -58.90 7.51
CA ALA C 312 -4.89 -59.90 8.42
C ALA C 312 -5.26 -61.30 7.96
N LYS C 313 -6.21 -61.39 7.04
CA LYS C 313 -6.66 -62.66 6.47
C LYS C 313 -5.76 -63.08 5.32
N ASP C 314 -4.52 -62.63 5.35
CA ASP C 314 -3.55 -62.89 4.27
C ASP C 314 -2.38 -63.72 4.79
N PRO C 315 -2.02 -64.79 4.04
CA PRO C 315 -0.93 -65.70 4.41
C PRO C 315 0.41 -64.98 4.51
N ARG C 316 0.59 -63.92 3.73
CA ARG C 316 1.84 -63.18 3.71
C ARG C 316 1.92 -62.15 4.84
N ILE C 317 0.79 -61.50 5.12
CA ILE C 317 0.73 -60.50 6.19
C ILE C 317 0.88 -61.20 7.54
N ALA C 318 0.41 -62.44 7.61
CA ALA C 318 0.55 -63.24 8.81
C ALA C 318 2.02 -63.46 9.16
N ALA C 319 2.84 -63.66 8.14
CA ALA C 319 4.27 -63.89 8.34
C ALA C 319 5.00 -62.60 8.73
N THR C 320 4.53 -61.48 8.21
CA THR C 320 5.14 -60.18 8.49
C THR C 320 4.92 -59.79 9.95
N MET C 321 3.70 -60.00 10.44
CA MET C 321 3.37 -59.69 11.83
C MET C 321 4.00 -60.71 12.77
N GLU C 322 4.42 -61.84 12.23
CA GLU C 322 5.14 -62.84 13.02
C GLU C 322 6.55 -62.38 13.31
N ASN C 323 7.29 -62.04 12.25
CA ASN C 323 8.64 -61.52 12.37
C ASN C 323 8.66 -60.18 13.10
N ALA C 324 7.54 -59.46 13.04
CA ALA C 324 7.42 -58.17 13.71
C ALA C 324 7.43 -58.33 15.22
N GLN C 325 6.81 -59.40 15.69
CA GLN C 325 6.76 -59.65 17.12
C GLN C 325 8.06 -60.25 17.62
N LYS C 326 8.76 -60.97 16.74
CA LYS C 326 10.08 -61.52 17.06
C LYS C 326 11.09 -60.39 17.24
N GLY C 327 10.99 -59.38 16.37
CA GLY C 327 11.89 -58.24 16.40
C GLY C 327 11.37 -57.15 17.33
N GLU C 328 11.92 -55.94 17.17
CA GLU C 328 11.54 -54.82 18.02
C GLU C 328 11.24 -53.57 17.22
N ILE C 329 10.27 -52.79 17.70
CA ILE C 329 9.94 -51.51 17.08
C ILE C 329 11.10 -50.54 17.32
N MET C 330 11.54 -49.86 16.26
CA MET C 330 12.65 -48.92 16.37
C MET C 330 12.30 -47.75 17.27
N PRO C 331 13.30 -47.24 18.00
CA PRO C 331 13.10 -46.00 18.76
C PRO C 331 13.03 -44.83 17.79
N ASN C 332 12.39 -43.74 18.20
CA ASN C 332 12.37 -42.55 17.36
C ASN C 332 13.35 -41.51 17.86
N ILE C 333 14.16 -41.87 18.84
CA ILE C 333 15.19 -40.97 19.36
C ILE C 333 16.06 -40.40 18.23
N PRO C 334 16.55 -39.17 18.40
CA PRO C 334 17.37 -38.51 17.39
C PRO C 334 18.69 -39.23 17.11
N GLN C 335 19.09 -40.11 18.03
CA GLN C 335 20.36 -40.81 17.92
C GLN C 335 20.32 -41.90 16.87
N MET C 336 19.12 -42.25 16.43
CA MET C 336 18.93 -43.32 15.46
C MET C 336 19.56 -42.99 14.11
N SER C 337 19.67 -41.71 13.82
CA SER C 337 20.28 -41.26 12.56
C SER C 337 21.76 -41.54 12.56
N ALA C 338 22.37 -41.35 13.73
CA ALA C 338 23.80 -41.61 13.91
C ALA C 338 24.05 -43.10 14.10
N PHE C 339 23.04 -43.80 14.58
CA PHE C 339 23.12 -45.24 14.78
C PHE C 339 23.18 -45.99 13.46
N TRP C 340 22.25 -45.71 12.57
CA TRP C 340 22.21 -46.38 11.27
C TRP C 340 23.44 -46.08 10.44
N TYR C 341 23.96 -44.86 10.55
CA TYR C 341 25.18 -44.48 9.85
C TYR C 341 26.34 -45.33 10.33
N ALA C 342 26.47 -45.41 11.65
CA ALA C 342 27.55 -46.16 12.28
C ALA C 342 27.53 -47.65 11.90
N VAL C 343 26.34 -48.24 11.86
CA VAL C 343 26.18 -49.65 11.53
C VAL C 343 26.35 -49.89 10.02
N ARG C 344 25.87 -48.95 9.23
CA ARG C 344 26.05 -49.02 7.78
C ARG C 344 27.52 -49.11 7.43
N THR C 345 28.34 -48.33 8.16
CA THR C 345 29.78 -48.31 7.94
C THR C 345 30.44 -49.61 8.37
N ALA C 346 30.09 -50.09 9.56
CA ALA C 346 30.65 -51.31 10.11
C ALA C 346 30.36 -52.52 9.24
N VAL C 347 29.14 -52.59 8.70
CA VAL C 347 28.72 -53.71 7.89
C VAL C 347 29.44 -53.76 6.55
N ILE C 348 29.48 -52.62 5.87
CA ILE C 348 30.13 -52.53 4.55
C ILE C 348 31.63 -52.83 4.64
N ASN C 349 32.28 -52.30 5.67
CA ASN C 349 33.70 -52.53 5.88
C ASN C 349 34.01 -53.99 6.16
N ALA C 350 33.22 -54.60 7.02
CA ALA C 350 33.42 -55.99 7.40
C ALA C 350 33.19 -56.92 6.21
N ALA C 351 32.31 -56.50 5.30
CA ALA C 351 31.91 -57.34 4.18
C ALA C 351 32.88 -57.27 3.01
N SER C 352 33.62 -56.16 2.93
CA SER C 352 34.55 -55.98 1.83
C SER C 352 35.97 -56.26 2.27
N GLY C 353 36.12 -56.75 3.50
CA GLY C 353 37.42 -57.09 4.04
C GLY C 353 38.23 -55.87 4.40
N ARG C 354 37.61 -54.69 4.25
CA ARG C 354 38.25 -53.42 4.55
C ARG C 354 38.51 -53.25 6.05
N GLN C 355 37.87 -54.11 6.83
CA GLN C 355 38.02 -54.08 8.29
C GLN C 355 37.51 -55.39 8.90
N THR C 356 38.08 -55.78 10.04
CA THR C 356 37.68 -57.00 10.72
C THR C 356 36.41 -56.79 11.53
N VAL C 357 35.60 -57.83 11.64
CA VAL C 357 34.33 -57.79 12.38
C VAL C 357 34.52 -57.24 13.79
N ASP C 358 35.53 -57.74 14.48
CA ASP C 358 35.82 -57.33 15.85
C ASP C 358 36.11 -55.84 15.89
N ALA C 359 36.86 -55.36 14.90
CA ALA C 359 37.31 -53.98 14.86
C ALA C 359 36.25 -53.04 14.33
N ALA C 360 35.48 -53.51 13.35
CA ALA C 360 34.46 -52.68 12.71
C ALA C 360 33.32 -52.33 13.65
N LEU C 361 32.89 -53.31 14.44
CA LEU C 361 31.82 -53.10 15.40
C LEU C 361 32.31 -52.31 16.61
N ALA C 362 33.59 -52.45 16.92
CA ALA C 362 34.19 -51.70 18.02
C ALA C 362 34.23 -50.22 17.68
N ALA C 363 34.42 -49.91 16.40
CA ALA C 363 34.44 -48.53 15.92
C ALA C 363 33.03 -47.96 15.89
N ALA C 364 32.09 -48.76 15.38
CA ALA C 364 30.69 -48.35 15.32
C ALA C 364 30.05 -48.28 16.70
N GLN C 365 30.67 -48.96 17.67
CA GLN C 365 30.20 -48.96 19.05
C GLN C 365 30.19 -47.54 19.63
N THR C 366 31.20 -46.76 19.28
CA THR C 366 31.37 -45.43 19.86
C THR C 366 30.88 -44.32 18.91
N ASN C 367 30.50 -44.71 17.70
CA ASN C 367 29.93 -43.77 16.74
C ASN C 367 28.42 -43.61 16.91
N ALA C 368 27.78 -44.53 17.63
CA ALA C 368 26.34 -44.47 17.81
C ALA C 368 25.93 -43.39 18.83
N ALA C 369 26.85 -43.09 19.75
CA ALA C 369 26.66 -42.00 20.70
C ALA C 369 27.28 -40.73 20.16
N ALA C 370 26.94 -40.38 18.92
CA ALA C 370 27.52 -39.24 18.23
C ALA C 370 26.88 -37.93 18.65
N ASP C 371 27.60 -37.15 19.45
CA ASP C 371 27.11 -35.86 19.92
C ASP C 371 27.17 -34.79 18.83
N GLU C 372 26.31 -34.93 17.82
CA GLU C 372 26.31 -34.02 16.68
C GLU C 372 25.78 -32.63 17.05
N GLU C 373 24.46 -32.50 17.06
CA GLU C 373 23.75 -31.25 17.37
C GLU C 373 23.73 -30.99 18.87
N ASP C 374 24.29 -31.93 19.62
CA ASP C 374 24.35 -31.89 21.07
C ASP C 374 25.57 -31.10 21.54
N ASP C 375 26.42 -30.68 20.60
CA ASP C 375 27.62 -29.95 20.95
C ASP C 375 27.36 -28.46 21.04
N VAL C 376 26.60 -28.04 22.04
CA VAL C 376 26.34 -26.62 22.25
C VAL C 376 26.65 -26.26 23.68
N VAL C 377 27.15 -25.05 23.92
CA VAL C 377 27.38 -24.61 25.29
C VAL C 377 27.01 -23.15 25.45
N ILE C 378 26.13 -22.88 26.40
CA ILE C 378 25.75 -21.51 26.70
C ILE C 378 26.49 -21.07 27.95
N ILE C 379 26.96 -19.83 27.95
CA ILE C 379 27.51 -19.24 29.16
C ILE C 379 26.71 -18.01 29.52
N TYR C 380 26.09 -18.07 30.69
CA TYR C 380 25.38 -16.93 31.24
C TYR C 380 26.24 -16.43 32.37
N ASN C 381 27.08 -15.43 32.12
CA ASN C 381 27.89 -14.87 33.19
C ASN C 381 27.09 -13.85 34.01
N ARG C 382 26.26 -14.36 34.91
CA ARG C 382 25.20 -13.56 35.52
C ARG C 382 25.68 -12.36 36.32
N VAL C 383 25.01 -11.24 36.13
CA VAL C 383 25.29 -10.03 36.90
C VAL C 383 24.39 -10.04 38.14
N PRO C 384 24.97 -9.79 39.32
CA PRO C 384 24.31 -9.77 40.63
C PRO C 384 23.08 -8.86 40.71
N LYS C 385 22.00 -9.40 41.26
CA LYS C 385 20.75 -8.65 41.50
C LYS C 385 20.11 -8.11 40.23
N THR C 386 19.99 -8.98 39.22
CA THR C 386 19.39 -8.60 37.94
C THR C 386 18.35 -9.62 37.54
N ALA C 387 17.76 -10.29 38.53
CA ALA C 387 16.77 -11.34 38.32
C ALA C 387 17.38 -12.61 37.77
N SER C 388 18.67 -12.80 38.01
CA SER C 388 19.39 -13.92 37.45
C SER C 388 18.90 -15.23 38.03
N THR C 389 18.58 -15.23 39.31
CA THR C 389 18.15 -16.44 40.00
C THR C 389 16.89 -16.97 39.37
N SER C 390 15.97 -16.06 39.05
CA SER C 390 14.70 -16.42 38.46
C SER C 390 14.91 -17.06 37.09
N PHE C 391 15.77 -16.43 36.28
CA PHE C 391 16.03 -16.91 34.93
C PHE C 391 16.71 -18.26 34.97
N THR C 392 17.72 -18.38 35.82
CA THR C 392 18.55 -19.57 35.87
C THR C 392 17.73 -20.78 36.28
N ASN C 393 16.77 -20.57 37.16
CA ASN C 393 15.93 -21.66 37.63
C ASN C 393 15.03 -22.22 36.55
N ILE C 394 14.83 -21.45 35.49
CA ILE C 394 14.12 -21.94 34.32
C ILE C 394 15.01 -22.96 33.63
N ALA C 395 16.29 -22.64 33.52
CA ALA C 395 17.26 -23.54 32.92
C ALA C 395 17.32 -24.83 33.72
N TYR C 396 17.21 -24.72 35.03
CA TYR C 396 17.26 -25.89 35.90
C TYR C 396 16.02 -26.74 35.75
N ASP C 397 14.88 -26.10 35.54
CA ASP C 397 13.63 -26.82 35.46
C ASP C 397 13.44 -27.50 34.11
N LEU C 398 14.10 -26.98 33.09
CA LEU C 398 13.93 -27.50 31.74
C LEU C 398 15.04 -28.47 31.34
N CYS C 399 16.17 -28.42 32.04
CA CYS C 399 17.35 -29.16 31.62
C CYS C 399 17.13 -30.65 31.61
N ALA C 400 16.42 -31.14 32.61
CA ALA C 400 16.07 -32.54 32.67
C ALA C 400 15.23 -32.93 31.46
N LYS C 401 14.17 -32.17 31.23
CA LYS C 401 13.21 -32.48 30.17
C LYS C 401 13.76 -32.26 28.76
N ASN C 402 14.49 -31.17 28.57
CA ASN C 402 15.06 -30.82 27.26
C ASN C 402 16.43 -31.44 27.00
N ARG C 403 16.87 -32.28 27.92
CA ARG C 403 18.10 -33.08 27.78
C ARG C 403 19.37 -32.26 27.66
N TYR C 404 19.70 -31.49 28.70
CA TYR C 404 20.99 -30.82 28.79
C TYR C 404 21.43 -30.66 30.24
N HIS C 405 22.60 -30.06 30.45
CA HIS C 405 23.17 -29.98 31.80
C HIS C 405 23.33 -28.54 32.23
N VAL C 406 23.13 -28.27 33.50
CA VAL C 406 23.31 -26.93 34.03
C VAL C 406 24.35 -26.96 35.15
N LEU C 407 25.41 -26.17 35.01
CA LEU C 407 26.48 -26.11 36.00
C LEU C 407 26.66 -24.69 36.50
N HIS C 408 26.91 -24.53 37.80
CA HIS C 408 27.17 -23.20 38.35
C HIS C 408 28.66 -23.04 38.59
N ILE C 409 29.20 -21.89 38.23
CA ILE C 409 30.62 -21.63 38.39
C ILE C 409 30.85 -20.82 39.66
N ASN C 410 31.67 -21.35 40.56
CA ASN C 410 31.96 -20.64 41.80
C ASN C 410 33.40 -20.16 41.82
N THR C 411 33.60 -18.90 42.18
CA THR C 411 34.94 -18.33 42.28
C THR C 411 35.26 -17.89 43.69
N THR C 412 36.52 -18.03 44.06
CA THR C 412 37.01 -17.65 45.38
C THR C 412 36.71 -16.18 45.69
N LYS C 413 36.05 -15.93 46.82
CA LYS C 413 35.70 -14.58 47.25
C LYS C 413 34.87 -13.87 46.19
N ASN C 414 34.16 -14.67 45.41
CA ASN C 414 33.37 -14.23 44.26
C ASN C 414 34.00 -13.15 43.37
N ASN C 415 35.33 -13.16 43.31
CA ASN C 415 36.09 -12.32 42.39
C ASN C 415 35.77 -12.73 40.97
N PRO C 416 35.32 -11.77 40.15
CA PRO C 416 34.82 -11.98 38.79
C PRO C 416 35.92 -12.13 37.74
N VAL C 417 37.17 -11.95 38.15
CA VAL C 417 38.29 -12.07 37.24
C VAL C 417 39.12 -13.31 37.54
N MET C 418 39.29 -14.16 36.52
CA MET C 418 40.08 -15.39 36.65
C MET C 418 41.56 -15.19 36.33
N SER C 419 42.41 -15.95 36.99
CA SER C 419 43.86 -15.89 36.73
C SER C 419 44.10 -16.55 35.39
N LEU C 420 45.19 -16.18 34.73
CA LEU C 420 45.43 -16.69 33.38
C LEU C 420 45.38 -18.21 33.35
N GLN C 421 45.97 -18.85 34.35
CA GLN C 421 45.97 -20.29 34.39
C GLN C 421 44.57 -20.87 34.61
N ASP C 422 43.73 -20.14 35.35
CA ASP C 422 42.37 -20.58 35.58
C ASP C 422 41.54 -20.37 34.34
N GLN C 423 41.82 -19.30 33.61
CA GLN C 423 41.12 -19.01 32.37
C GLN C 423 41.32 -20.15 31.42
N VAL C 424 42.56 -20.60 31.29
CA VAL C 424 42.90 -21.71 30.41
C VAL C 424 42.17 -22.99 30.82
N ARG C 425 42.10 -23.24 32.12
CA ARG C 425 41.46 -24.45 32.61
C ARG C 425 39.96 -24.39 32.35
N PHE C 426 39.34 -23.26 32.65
CA PHE C 426 37.91 -23.07 32.44
C PHE C 426 37.54 -23.28 30.98
N VAL C 427 38.28 -22.64 30.09
CA VAL C 427 38.06 -22.76 28.66
C VAL C 427 38.21 -24.21 28.22
N LYS C 428 39.23 -24.88 28.74
CA LYS C 428 39.46 -26.28 28.40
C LYS C 428 38.26 -27.11 28.83
N ASN C 429 37.83 -26.92 30.07
CA ASN C 429 36.67 -27.63 30.60
C ASN C 429 35.44 -27.43 29.74
N VAL C 430 34.99 -26.20 29.63
CA VAL C 430 33.80 -25.85 28.87
C VAL C 430 33.75 -26.56 27.52
N THR C 431 34.87 -26.54 26.79
CA THR C 431 34.91 -27.03 25.42
C THR C 431 35.18 -28.52 25.27
N SER C 432 35.91 -29.11 26.21
CA SER C 432 36.28 -30.51 26.05
C SER C 432 35.64 -31.42 27.09
N TRP C 433 34.74 -30.90 27.90
CA TRP C 433 34.03 -31.72 28.88
C TRP C 433 32.78 -32.28 28.21
N LYS C 434 32.96 -33.38 27.49
CA LYS C 434 31.95 -33.88 26.58
C LYS C 434 30.68 -34.36 27.28
N GLU C 435 30.82 -34.84 28.52
CA GLU C 435 29.66 -35.37 29.22
C GLU C 435 28.77 -34.28 29.82
N MET C 436 29.09 -33.03 29.55
CA MET C 436 28.24 -31.92 30.00
C MET C 436 27.64 -31.16 28.83
N LYS C 437 27.69 -31.77 27.65
CA LYS C 437 27.16 -31.12 26.45
C LYS C 437 25.85 -31.76 25.98
N PRO C 438 24.87 -30.92 25.63
CA PRO C 438 24.94 -29.45 25.71
C PRO C 438 24.87 -28.95 27.15
N GLY C 439 25.48 -27.79 27.42
CA GLY C 439 25.58 -27.31 28.77
C GLY C 439 25.28 -25.83 28.97
N PHE C 440 24.87 -25.50 30.19
CA PHE C 440 24.51 -24.15 30.55
C PHE C 440 25.32 -23.76 31.78
N TYR C 441 26.49 -23.20 31.57
CA TYR C 441 27.33 -22.75 32.69
C TYR C 441 26.93 -21.35 33.07
N HIS C 442 26.80 -21.10 34.36
CA HIS C 442 26.42 -19.77 34.82
C HIS C 442 27.18 -19.41 36.09
N GLY C 443 27.46 -18.13 36.27
CA GLY C 443 28.21 -17.69 37.43
C GLY C 443 28.60 -16.24 37.33
N HIS C 444 28.99 -15.65 38.45
CA HIS C 444 29.36 -14.24 38.46
C HIS C 444 30.82 -14.07 38.03
N VAL C 445 31.06 -14.34 36.75
CA VAL C 445 32.39 -14.21 36.16
C VAL C 445 32.39 -13.16 35.05
N SER C 446 33.46 -12.36 34.98
CA SER C 446 33.57 -11.34 33.95
C SER C 446 33.63 -12.00 32.57
N TYR C 447 33.33 -11.25 31.52
CA TYR C 447 33.30 -11.84 30.18
C TYR C 447 34.66 -12.38 29.75
N LEU C 448 34.71 -13.65 29.35
CA LEU C 448 35.95 -14.29 28.95
C LEU C 448 35.94 -14.69 27.47
N ASP C 449 36.95 -14.24 26.73
CA ASP C 449 37.01 -14.43 25.28
C ASP C 449 37.68 -15.73 24.91
N PHE C 450 36.90 -16.65 24.35
CA PHE C 450 37.38 -17.99 24.06
C PHE C 450 38.24 -18.04 22.80
N ALA C 451 38.16 -16.99 21.99
CA ALA C 451 38.87 -16.94 20.72
C ALA C 451 40.38 -16.99 20.88
N LYS C 452 40.89 -16.22 21.84
CA LYS C 452 42.33 -16.12 22.15
C LYS C 452 43.00 -17.47 22.37
N PHE C 453 42.23 -18.41 22.90
CA PHE C 453 42.77 -19.67 23.37
C PHE C 453 42.76 -20.73 22.27
N GLY C 454 42.28 -20.35 21.11
CA GLY C 454 42.27 -21.23 19.96
C GLY C 454 41.43 -22.47 20.17
N VAL C 455 40.14 -22.29 20.42
CA VAL C 455 39.21 -23.39 20.53
C VAL C 455 38.60 -23.65 19.15
N LYS C 456 37.91 -24.78 19.01
CA LYS C 456 37.27 -25.12 17.75
C LYS C 456 35.97 -24.35 17.64
N LYS C 457 35.16 -24.45 18.69
CA LYS C 457 33.82 -23.90 18.71
C LYS C 457 33.67 -22.98 19.93
N LYS C 458 33.24 -21.75 19.70
CA LYS C 458 33.01 -20.81 20.79
C LYS C 458 31.69 -21.11 21.51
N PRO C 459 31.61 -20.77 22.82
CA PRO C 459 30.32 -20.95 23.49
C PRO C 459 29.40 -19.81 23.12
N ILE C 460 28.13 -19.94 23.50
CA ILE C 460 27.14 -18.90 23.25
C ILE C 460 26.95 -18.08 24.51
N TYR C 461 27.16 -16.78 24.41
CA TYR C 461 27.06 -15.92 25.57
C TYR C 461 25.75 -15.17 25.60
N ILE C 462 25.07 -15.20 26.75
CA ILE C 462 23.84 -14.46 26.96
C ILE C 462 23.94 -13.79 28.32
N ASN C 463 23.11 -12.79 28.54
CA ASN C 463 23.13 -12.09 29.81
C ASN C 463 21.91 -11.22 30.02
N VAL C 464 21.72 -10.75 31.25
CA VAL C 464 20.63 -9.84 31.56
C VAL C 464 21.16 -8.74 32.48
N ILE C 465 20.96 -7.49 32.09
CA ILE C 465 21.40 -6.36 32.90
C ILE C 465 20.23 -5.53 33.41
N ARG C 466 20.51 -4.63 34.35
CA ARG C 466 19.46 -3.86 35.02
C ARG C 466 19.89 -2.41 35.05
N ASP C 467 18.96 -1.51 35.35
CA ASP C 467 19.33 -0.10 35.47
C ASP C 467 20.33 0.04 36.59
N PRO C 468 21.47 0.69 36.30
CA PRO C 468 22.62 0.87 37.19
C PRO C 468 22.24 1.25 38.62
N ILE C 469 21.38 2.25 38.76
CA ILE C 469 21.00 2.73 40.09
C ILE C 469 20.08 1.75 40.80
N GLU C 470 19.04 1.28 40.11
CA GLU C 470 18.12 0.33 40.70
C GLU C 470 18.81 -0.96 41.10
N ARG C 471 19.86 -1.34 40.37
CA ARG C 471 20.62 -2.53 40.69
C ARG C 471 21.45 -2.30 41.93
N LEU C 472 22.06 -1.12 42.03
CA LEU C 472 22.91 -0.80 43.17
C LEU C 472 22.10 -0.77 44.45
N VAL C 473 20.94 -0.14 44.38
CA VAL C 473 20.03 -0.05 45.51
C VAL C 473 19.57 -1.43 45.96
N SER C 474 19.16 -2.25 45.00
CA SER C 474 18.78 -3.62 45.27
C SER C 474 19.92 -4.38 45.94
N TYR C 475 21.12 -4.22 45.42
CA TYR C 475 22.30 -4.89 45.98
C TYR C 475 22.67 -4.32 47.34
N TYR C 476 22.35 -3.05 47.55
CA TYR C 476 22.59 -2.39 48.83
C TYR C 476 21.81 -3.08 49.94
N TYR C 477 20.49 -3.06 49.80
CA TYR C 477 19.60 -3.63 50.80
C TYR C 477 19.70 -5.15 50.87
N PHE C 478 20.27 -5.78 49.85
CA PHE C 478 20.43 -7.23 49.85
C PHE C 478 21.47 -7.66 50.88
N LEU C 479 22.58 -6.93 50.92
CA LEU C 479 23.63 -7.21 51.89
C LEU C 479 23.17 -6.93 53.32
N ARG C 480 22.19 -6.04 53.45
CA ARG C 480 21.72 -5.60 54.76
C ARG C 480 20.69 -6.55 55.36
N PHE C 481 19.77 -7.02 54.52
CA PHE C 481 18.60 -7.75 55.00
C PHE C 481 18.41 -9.15 54.40
N GLY C 482 19.11 -9.43 53.30
CA GLY C 482 19.00 -10.73 52.67
C GLY C 482 17.74 -10.87 51.85
N ASP C 483 17.51 -12.06 51.31
CA ASP C 483 16.41 -12.29 50.38
C ASP C 483 15.40 -13.28 50.92
N ASP C 484 14.56 -13.81 50.04
CA ASP C 484 13.56 -14.79 50.45
C ASP C 484 13.74 -16.16 49.79
N TYR C 485 14.73 -16.27 48.92
CA TYR C 485 15.05 -17.53 48.28
C TYR C 485 15.80 -18.43 49.24
N ARG C 486 16.81 -17.86 49.91
CA ARG C 486 17.54 -18.53 50.97
C ARG C 486 17.66 -17.59 52.16
N PRO C 487 16.61 -17.54 53.01
CA PRO C 487 16.50 -16.61 54.14
C PRO C 487 17.34 -17.03 55.34
N GLY C 488 18.06 -18.14 55.22
CA GLY C 488 18.84 -18.67 56.32
C GLY C 488 20.24 -18.08 56.38
N LEU C 489 20.73 -17.65 55.23
CA LEU C 489 22.08 -17.10 55.14
C LEU C 489 22.16 -15.72 55.80
N ARG C 490 23.15 -15.55 56.67
CA ARG C 490 23.44 -14.24 57.25
C ARG C 490 24.37 -13.50 56.29
N ARG C 491 23.89 -12.40 55.74
CA ARG C 491 24.64 -11.69 54.70
C ARG C 491 25.81 -10.90 55.24
N ARG C 492 26.73 -10.53 54.33
CA ARG C 492 28.01 -9.93 54.67
C ARG C 492 27.92 -8.71 55.59
N LYS C 493 27.20 -7.68 55.13
CA LYS C 493 27.11 -6.44 55.89
C LYS C 493 25.82 -6.34 56.70
N GLN C 494 25.30 -7.49 57.11
CA GLN C 494 24.09 -7.52 57.92
C GLN C 494 24.38 -6.91 59.28
N GLY C 495 23.44 -6.13 59.80
CA GLY C 495 23.66 -5.41 61.05
C GLY C 495 24.09 -3.99 60.79
N ASP C 496 23.77 -3.49 59.60
CA ASP C 496 24.02 -2.09 59.23
C ASP C 496 22.68 -1.38 59.05
N LYS C 497 22.43 -0.39 59.90
CA LYS C 497 21.11 0.23 59.98
C LYS C 497 20.85 1.32 58.95
N LYS C 498 21.90 2.04 58.55
CA LYS C 498 21.76 3.18 57.64
C LYS C 498 21.07 2.81 56.33
N THR C 499 20.09 3.60 55.93
CA THR C 499 19.41 3.38 54.66
C THR C 499 20.23 3.92 53.51
N PHE C 500 19.86 3.54 52.29
CA PHE C 500 20.61 3.92 51.10
C PHE C 500 20.67 5.43 50.93
N ASP C 501 19.52 6.08 51.11
CA ASP C 501 19.43 7.53 50.93
C ASP C 501 20.26 8.28 51.97
N GLU C 502 20.25 7.79 53.20
CA GLU C 502 21.04 8.40 54.26
C GLU C 502 22.52 8.17 54.03
N CYS C 503 22.86 7.04 53.43
CA CYS C 503 24.24 6.70 53.12
C CYS C 503 24.82 7.64 52.05
N VAL C 504 24.07 7.83 50.98
CA VAL C 504 24.48 8.71 49.90
C VAL C 504 24.72 10.13 50.40
N ALA C 505 23.79 10.62 51.20
CA ALA C 505 23.90 11.97 51.75
C ALA C 505 25.10 12.08 52.67
N ALA C 506 25.45 10.99 53.33
CA ALA C 506 26.58 10.99 54.26
C ALA C 506 27.89 10.63 53.57
N GLY C 507 27.83 10.46 52.24
CA GLY C 507 28.99 10.10 51.46
C GLY C 507 29.55 8.75 51.87
N GLY C 508 28.68 7.77 52.04
CA GLY C 508 29.07 6.45 52.48
C GLY C 508 29.84 5.70 51.42
N SER C 509 30.45 4.57 51.81
CA SER C 509 31.31 3.81 50.91
C SER C 509 30.52 2.85 50.02
N ASP C 510 29.45 2.29 50.57
CA ASP C 510 28.63 1.31 49.86
C ASP C 510 27.72 1.93 48.81
N CYS C 511 27.56 3.24 48.87
CA CYS C 511 26.70 3.95 47.91
C CYS C 511 27.44 5.07 47.21
N ALA C 512 28.76 4.90 47.10
CA ALA C 512 29.60 5.81 46.33
C ALA C 512 29.40 5.52 44.85
N PRO C 513 29.55 6.54 44.00
CA PRO C 513 29.33 6.39 42.56
C PRO C 513 30.22 5.32 41.94
N GLU C 514 31.38 5.12 42.55
CA GLU C 514 32.34 4.13 42.09
C GLU C 514 31.74 2.74 42.15
N LYS C 515 30.75 2.55 43.01
CA LYS C 515 30.14 1.24 43.15
C LYS C 515 29.12 0.96 42.05
N LEU C 516 28.85 1.97 41.21
CA LEU C 516 27.94 1.81 40.08
C LEU C 516 28.62 1.06 38.97
N TRP C 517 29.95 1.11 38.98
CA TRP C 517 30.78 0.50 37.95
C TRP C 517 30.84 -1.00 38.19
N LEU C 518 30.04 -1.75 37.45
CA LEU C 518 30.05 -3.20 37.57
C LEU C 518 29.62 -3.86 36.28
N GLN C 519 28.53 -3.38 35.70
CA GLN C 519 27.99 -3.97 34.49
C GLN C 519 28.88 -3.73 33.28
N ILE C 520 29.64 -2.64 33.29
CA ILE C 520 30.60 -2.40 32.22
C ILE C 520 31.78 -3.37 32.21
N PRO C 521 32.47 -3.54 33.35
CA PRO C 521 33.58 -4.50 33.37
C PRO C 521 33.14 -5.93 33.09
N PHE C 522 31.95 -6.29 33.53
CA PHE C 522 31.43 -7.63 33.29
C PHE C 522 31.32 -7.96 31.80
N PHE C 523 31.22 -6.93 30.97
CA PHE C 523 31.17 -7.14 29.53
C PHE C 523 32.51 -6.84 28.89
N CYS C 524 33.22 -5.87 29.47
CA CYS C 524 34.56 -5.49 29.01
C CYS C 524 35.53 -6.65 29.14
N GLY C 525 35.51 -7.32 30.28
CA GLY C 525 36.24 -8.58 30.43
C GLY C 525 37.40 -8.59 31.40
N HIS C 526 38.31 -9.53 31.17
CA HIS C 526 39.47 -9.71 32.01
C HIS C 526 40.68 -8.86 31.61
N SER C 527 40.44 -7.72 30.98
CA SER C 527 41.52 -6.81 30.66
C SER C 527 41.62 -5.71 31.71
N SER C 528 42.81 -5.13 31.85
CA SER C 528 43.07 -4.20 32.94
C SER C 528 42.20 -2.98 32.88
N GLU C 529 42.06 -2.41 31.69
CA GLU C 529 41.36 -1.14 31.52
C GLU C 529 39.87 -1.26 31.86
N CYS C 530 39.36 -2.49 31.90
CA CYS C 530 37.94 -2.71 32.19
C CYS C 530 37.66 -2.35 33.63
N TRP C 531 38.60 -2.64 34.51
CA TRP C 531 38.39 -2.44 35.93
C TRP C 531 38.97 -1.10 36.40
N ASN C 532 39.45 -0.32 35.45
CA ASN C 532 39.81 1.07 35.69
C ASN C 532 38.53 1.90 35.71
N VAL C 533 38.01 2.17 36.90
CA VAL C 533 36.70 2.81 37.06
C VAL C 533 36.58 4.15 36.33
N GLY C 534 35.56 4.26 35.50
CA GLY C 534 35.32 5.49 34.76
C GLY C 534 36.06 5.55 33.44
N SER C 535 36.64 4.42 33.03
CA SER C 535 37.40 4.38 31.78
C SER C 535 36.52 4.51 30.55
N ARG C 536 36.85 5.46 29.68
CA ARG C 536 36.12 5.62 28.44
C ARG C 536 36.39 4.42 27.54
N TRP C 537 37.61 3.90 27.60
CA TRP C 537 37.99 2.76 26.76
C TRP C 537 37.20 1.53 27.17
N ALA C 538 37.06 1.38 28.48
CA ALA C 538 36.34 0.23 29.04
C ALA C 538 34.89 0.24 28.61
N LEU C 539 34.32 1.43 28.50
CA LEU C 539 32.93 1.57 28.07
C LEU C 539 32.83 1.08 26.65
N GLU C 540 33.65 1.65 25.78
CA GLU C 540 33.59 1.33 24.36
C GLU C 540 33.78 -0.16 24.10
N GLN C 541 34.76 -0.75 24.77
CA GLN C 541 35.02 -2.17 24.61
C GLN C 541 33.84 -3.01 25.09
N ALA C 542 33.21 -2.57 26.18
CA ALA C 542 32.07 -3.28 26.74
C ALA C 542 30.93 -3.30 25.73
N LYS C 543 30.77 -2.21 24.99
CA LYS C 543 29.75 -2.14 23.95
C LYS C 543 30.09 -3.07 22.79
N TYR C 544 31.35 -3.07 22.37
CA TYR C 544 31.78 -3.90 21.26
C TYR C 544 31.62 -5.38 21.57
N ASN C 545 31.86 -5.76 22.82
CA ASN C 545 31.71 -7.16 23.23
C ASN C 545 30.26 -7.63 23.23
N LEU C 546 29.36 -6.73 23.60
CA LEU C 546 27.95 -7.05 23.71
C LEU C 546 27.34 -7.26 22.33
N ILE C 547 27.91 -6.57 21.35
CA ILE C 547 27.41 -6.62 19.99
C ILE C 547 28.06 -7.78 19.23
N ASN C 548 29.34 -7.98 19.49
CA ASN C 548 30.14 -8.94 18.74
C ASN C 548 30.16 -10.34 19.32
N GLU C 549 29.88 -10.46 20.60
CA GLU C 549 30.12 -11.74 21.25
C GLU C 549 28.89 -12.34 21.94
N TYR C 550 28.02 -11.46 22.44
CA TYR C 550 26.81 -11.91 23.12
C TYR C 550 25.65 -12.20 22.18
N PHE C 551 25.16 -13.44 22.25
CA PHE C 551 24.08 -13.91 21.42
C PHE C 551 22.81 -13.10 21.64
N LEU C 552 22.54 -12.82 22.91
CA LEU C 552 21.41 -11.95 23.27
C LEU C 552 21.58 -11.46 24.70
N VAL C 553 21.48 -10.15 24.90
CA VAL C 553 21.48 -9.58 26.23
C VAL C 553 20.20 -8.81 26.44
N GLY C 554 19.41 -9.24 27.42
CA GLY C 554 18.14 -8.62 27.72
C GLY C 554 18.22 -7.80 28.98
N VAL C 555 17.14 -7.14 29.34
CA VAL C 555 17.12 -6.29 30.53
C VAL C 555 16.17 -6.87 31.55
N THR C 556 16.46 -6.64 32.82
CA THR C 556 15.68 -7.25 33.90
C THR C 556 14.20 -6.91 33.77
N GLU C 557 13.92 -5.62 33.56
CA GLU C 557 12.54 -5.15 33.61
C GLU C 557 11.72 -5.57 32.40
N GLU C 558 12.36 -6.25 31.46
CA GLU C 558 11.65 -6.89 30.36
C GLU C 558 12.16 -8.31 30.19
N LEU C 559 12.13 -9.08 31.29
CA LEU C 559 12.69 -10.43 31.29
C LEU C 559 11.79 -11.42 30.56
N GLU C 560 10.49 -11.14 30.53
CA GLU C 560 9.57 -12.06 29.88
C GLU C 560 9.83 -12.14 28.37
N ASP C 561 10.05 -11.00 27.75
CA ASP C 561 10.32 -10.95 26.32
C ASP C 561 11.68 -11.55 25.99
N PHE C 562 12.64 -11.37 26.89
CA PHE C 562 13.97 -11.94 26.73
C PHE C 562 13.84 -13.45 26.64
N ILE C 563 13.02 -14.03 27.51
CA ILE C 563 12.82 -15.47 27.56
C ILE C 563 12.07 -15.97 26.33
N MET C 564 11.12 -15.17 25.86
CA MET C 564 10.33 -15.50 24.69
C MET C 564 11.21 -15.61 23.45
N LEU C 565 12.20 -14.72 23.35
CA LEU C 565 13.09 -14.70 22.19
C LEU C 565 14.05 -15.86 22.24
N LEU C 566 14.45 -16.26 23.44
CA LEU C 566 15.39 -17.36 23.60
C LEU C 566 14.73 -18.68 23.28
N GLU C 567 13.44 -18.79 23.57
CA GLU C 567 12.69 -20.00 23.25
C GLU C 567 12.57 -20.17 21.74
N ALA C 568 12.50 -19.05 21.03
CA ALA C 568 12.41 -19.08 19.58
C ALA C 568 13.76 -19.31 18.90
N ALA C 569 14.83 -18.78 19.51
CA ALA C 569 16.16 -18.85 18.93
C ALA C 569 16.91 -20.11 19.31
N LEU C 570 16.94 -20.42 20.60
CA LEU C 570 17.60 -21.62 21.10
C LEU C 570 16.58 -22.52 21.77
N PRO C 571 15.76 -23.20 20.97
CA PRO C 571 14.66 -23.98 21.56
C PRO C 571 15.17 -25.22 22.26
N ARG C 572 16.39 -25.65 21.94
CA ARG C 572 16.96 -26.83 22.58
C ARG C 572 17.03 -26.61 24.09
N PHE C 573 17.40 -25.41 24.47
CA PHE C 573 17.55 -25.08 25.88
C PHE C 573 16.25 -24.56 26.48
N PHE C 574 15.49 -23.81 25.69
CA PHE C 574 14.36 -23.09 26.26
C PHE C 574 12.99 -23.41 25.66
N ARG C 575 12.79 -24.62 25.14
CA ARG C 575 11.44 -24.99 24.74
C ARG C 575 10.59 -25.13 26.00
N GLY C 576 9.56 -24.31 26.08
CA GLY C 576 8.64 -24.34 27.20
C GLY C 576 9.03 -23.40 28.31
N ALA C 577 10.04 -22.57 28.07
CA ALA C 577 10.48 -21.61 29.06
C ALA C 577 9.46 -20.51 29.29
N THR C 578 8.80 -20.05 28.23
CA THR C 578 7.85 -18.97 28.35
C THR C 578 6.62 -19.41 29.13
N GLU C 579 6.12 -20.60 28.81
CA GLU C 579 4.97 -21.16 29.51
C GLU C 579 5.31 -21.35 30.98
N LEU C 580 6.49 -21.87 31.25
CA LEU C 580 6.96 -22.09 32.61
C LEU C 580 7.03 -20.79 33.39
N TYR C 581 7.42 -19.72 32.72
CA TYR C 581 7.59 -18.42 33.37
C TYR C 581 6.24 -17.84 33.74
N ARG C 582 5.30 -17.86 32.79
CA ARG C 582 4.00 -17.25 32.98
C ARG C 582 3.14 -17.98 34.01
N THR C 583 3.31 -19.29 34.10
CA THR C 583 2.51 -20.10 35.01
C THR C 583 3.40 -21.01 35.84
N GLY C 584 4.20 -20.42 36.72
CA GLY C 584 5.18 -21.19 37.47
C GLY C 584 5.33 -20.87 38.94
N LYS C 585 5.00 -19.64 39.32
CA LYS C 585 5.17 -19.16 40.70
C LYS C 585 6.62 -19.21 41.16
N LYS C 586 7.52 -19.40 40.21
CA LYS C 586 8.94 -19.48 40.48
C LYS C 586 9.62 -18.48 39.54
N SER C 587 8.88 -17.43 39.22
CA SER C 587 9.30 -16.45 38.23
C SER C 587 9.89 -15.19 38.86
N HIS C 588 9.55 -14.93 40.12
CA HIS C 588 10.14 -13.79 40.83
C HIS C 588 10.87 -14.26 42.09
N LEU C 589 12.01 -14.90 41.89
CA LEU C 589 12.80 -15.45 42.98
C LEU C 589 13.78 -14.43 43.55
N ARG C 590 14.09 -14.59 44.84
CA ARG C 590 15.12 -13.81 45.51
C ARG C 590 14.81 -12.32 45.60
N LYS C 591 13.59 -12.00 46.01
CA LYS C 591 13.23 -10.61 46.30
C LYS C 591 13.95 -10.15 47.54
N THR C 592 14.59 -9.00 47.46
CA THR C 592 15.27 -8.44 48.62
C THR C 592 14.23 -8.08 49.66
N THR C 593 14.38 -8.68 50.85
CA THR C 593 13.38 -8.61 51.92
C THR C 593 12.86 -7.21 52.23
N GLU C 594 13.73 -6.33 52.72
CA GLU C 594 13.34 -4.97 53.05
C GLU C 594 14.06 -3.98 52.15
N LYS C 595 13.32 -3.38 51.22
CA LYS C 595 13.89 -2.36 50.33
C LYS C 595 13.21 -1.01 50.55
N LYS C 596 14.00 0.05 50.43
CA LYS C 596 13.48 1.41 50.49
C LYS C 596 13.92 2.17 49.25
N LEU C 597 12.98 2.41 48.34
CA LEU C 597 13.26 3.09 47.08
C LEU C 597 13.84 4.49 47.30
N PRO C 598 14.80 4.89 46.46
CA PRO C 598 15.58 6.11 46.67
C PRO C 598 14.77 7.38 46.43
N THR C 599 15.09 8.44 47.17
CA THR C 599 14.46 9.74 46.99
C THR C 599 14.79 10.29 45.61
N LYS C 600 13.95 11.19 45.11
CA LYS C 600 14.25 11.90 43.87
C LYS C 600 15.51 12.73 44.07
N GLU C 601 15.77 13.09 45.31
CA GLU C 601 16.95 13.87 45.65
C GLU C 601 18.20 13.00 45.62
N THR C 602 18.05 11.77 46.10
CA THR C 602 19.17 10.83 46.16
C THR C 602 19.59 10.41 44.76
N ILE C 603 18.62 10.04 43.95
CA ILE C 603 18.86 9.67 42.55
C ILE C 603 19.50 10.82 41.77
N ALA C 604 19.06 12.04 42.05
CA ALA C 604 19.57 13.21 41.36
C ALA C 604 21.05 13.45 41.60
N LYS C 605 21.52 13.14 42.81
CA LYS C 605 22.93 13.35 43.14
C LYS C 605 23.84 12.29 42.50
N LEU C 606 23.35 11.06 42.43
CA LEU C 606 24.10 9.99 41.78
C LEU C 606 24.27 10.26 40.30
N GLN C 607 23.28 10.90 39.69
CA GLN C 607 23.31 11.14 38.27
C GLN C 607 24.27 12.24 37.86
N GLN C 608 24.86 12.92 38.84
CA GLN C 608 25.84 13.96 38.56
C GLN C 608 27.20 13.34 38.27
N SER C 609 27.37 12.10 38.70
CA SER C 609 28.65 11.41 38.57
C SER C 609 28.91 10.89 37.17
N GLU C 610 30.12 11.09 36.67
CA GLU C 610 30.51 10.57 35.37
C GLU C 610 30.44 9.05 35.32
N ILE C 611 30.75 8.40 36.44
CA ILE C 611 30.67 6.95 36.53
C ILE C 611 29.24 6.49 36.24
N TRP C 612 28.27 7.28 36.69
CA TRP C 612 26.89 6.94 36.42
C TRP C 612 26.54 7.18 34.97
N LYS C 613 26.92 8.36 34.46
CA LYS C 613 26.60 8.74 33.09
C LYS C 613 27.06 7.67 32.10
N MET C 614 28.22 7.09 32.35
CA MET C 614 28.77 6.01 31.53
C MET C 614 28.04 4.70 31.71
N GLU C 615 27.88 4.27 32.96
CA GLU C 615 27.20 3.02 33.27
C GLU C 615 25.76 3.03 32.79
N ASN C 616 25.18 4.23 32.71
CA ASN C 616 23.84 4.41 32.19
C ASN C 616 23.83 4.37 30.67
N GLU C 617 24.82 5.03 30.06
CA GLU C 617 24.97 5.03 28.61
C GLU C 617 25.10 3.62 28.07
N PHE C 618 25.79 2.76 28.82
CA PHE C 618 25.94 1.38 28.41
C PHE C 618 24.61 0.70 28.49
N TYR C 619 23.88 0.94 29.58
CA TYR C 619 22.58 0.30 29.77
C TYR C 619 21.65 0.63 28.63
N GLU C 620 21.45 1.92 28.37
CA GLU C 620 20.54 2.34 27.32
C GLU C 620 20.99 1.82 25.97
N PHE C 621 22.29 1.62 25.80
CA PHE C 621 22.82 1.05 24.58
C PHE C 621 22.37 -0.40 24.43
N ALA C 622 22.53 -1.16 25.50
CA ALA C 622 22.19 -2.58 25.50
C ALA C 622 20.69 -2.75 25.38
N LEU C 623 19.95 -1.81 25.99
CA LEU C 623 18.49 -1.80 25.98
C LEU C 623 17.96 -1.50 24.59
N GLU C 624 18.39 -0.39 24.02
CA GLU C 624 17.98 0.00 22.67
C GLU C 624 18.28 -1.11 21.67
N GLN C 625 19.31 -1.91 21.95
CA GLN C 625 19.65 -3.05 21.12
C GLN C 625 18.65 -4.17 21.28
N PHE C 626 18.30 -4.50 22.52
CA PHE C 626 17.34 -5.55 22.77
C PHE C 626 15.99 -5.21 22.16
N GLN C 627 15.57 -3.97 22.33
CA GLN C 627 14.31 -3.51 21.78
C GLN C 627 14.30 -3.66 20.26
N PHE C 628 15.44 -3.38 19.64
CA PHE C 628 15.61 -3.54 18.20
C PHE C 628 15.52 -5.00 17.79
N VAL C 629 16.16 -5.87 18.56
CA VAL C 629 16.16 -7.30 18.28
C VAL C 629 14.75 -7.86 18.34
N ARG C 630 14.02 -7.46 19.37
CA ARG C 630 12.66 -7.91 19.58
C ARG C 630 11.78 -7.38 18.46
N ALA C 631 11.91 -6.10 18.19
CA ALA C 631 11.11 -5.43 17.17
C ALA C 631 11.15 -6.15 15.84
N HIS C 632 12.30 -6.73 15.52
CA HIS C 632 12.47 -7.40 14.25
C HIS C 632 12.13 -8.87 14.27
N ALA C 633 11.87 -9.41 15.46
CA ALA C 633 11.60 -10.84 15.62
C ALA C 633 10.14 -11.15 15.87
N VAL C 634 9.36 -10.14 16.26
CA VAL C 634 7.96 -10.36 16.59
C VAL C 634 6.98 -9.49 15.80
N ARG C 635 5.70 -9.85 15.92
CA ARG C 635 4.61 -9.09 15.34
C ARG C 635 3.61 -8.85 16.46
N GLU C 636 3.14 -7.62 16.60
CA GLU C 636 2.16 -7.31 17.63
C GLU C 636 0.74 -7.34 17.07
N LYS C 637 0.11 -8.52 17.14
CA LYS C 637 -1.25 -8.68 16.66
C LYS C 637 -2.22 -8.62 17.84
N ASP C 638 -2.56 -7.39 18.23
CA ASP C 638 -3.51 -7.11 19.31
C ASP C 638 -3.07 -7.61 20.68
N GLY C 639 -2.55 -6.69 21.50
CA GLY C 639 -2.18 -7.00 22.87
C GLY C 639 -0.83 -7.66 23.04
N GLU C 640 -0.76 -8.94 22.70
CA GLU C 640 0.46 -9.71 22.88
C GLU C 640 1.41 -9.62 21.68
N LEU C 641 2.40 -10.53 21.68
CA LEU C 641 3.40 -10.58 20.62
C LEU C 641 3.49 -12.00 20.09
N TYR C 642 3.74 -12.13 18.79
CA TYR C 642 3.80 -13.46 18.18
C TYR C 642 5.03 -13.53 17.29
N ILE C 643 5.82 -14.59 17.45
CA ILE C 643 7.10 -14.70 16.75
C ILE C 643 6.90 -14.77 15.24
N LEU C 644 7.72 -14.02 14.50
CA LEU C 644 7.63 -13.98 13.05
C LEU C 644 8.03 -15.29 12.39
N ALA C 645 7.40 -15.57 11.26
CA ALA C 645 7.71 -16.77 10.48
C ALA C 645 9.02 -16.57 9.76
N GLN C 646 9.43 -17.58 8.99
CA GLN C 646 10.68 -17.46 8.25
C GLN C 646 10.48 -16.47 7.12
N ASN C 647 11.40 -15.54 6.96
CA ASN C 647 11.27 -14.52 5.94
C ASN C 647 12.40 -14.47 4.92
N PHE C 648 13.07 -15.60 4.71
CA PHE C 648 14.07 -15.69 3.66
C PHE C 648 14.00 -17.04 2.98
N PHE C 649 14.61 -17.16 1.82
CA PHE C 649 14.68 -18.44 1.15
C PHE C 649 15.74 -18.39 0.08
N TYR C 650 16.16 -19.56 -0.40
CA TYR C 650 17.23 -19.63 -1.37
C TYR C 650 16.65 -19.88 -2.75
N GLU C 651 17.20 -19.21 -3.75
CA GLU C 651 16.74 -19.41 -5.10
C GLU C 651 17.89 -19.26 -6.07
N LYS C 652 17.64 -19.54 -7.33
CA LYS C 652 18.67 -19.51 -8.37
C LYS C 652 19.86 -20.37 -7.98
N ILE C 653 19.57 -21.57 -7.48
CA ILE C 653 20.61 -22.48 -7.04
C ILE C 653 21.17 -23.28 -8.20
N TYR C 654 22.39 -22.94 -8.64
CA TYR C 654 23.07 -23.68 -9.71
C TYR C 654 24.26 -24.37 -9.08
N PRO C 655 24.82 -25.40 -9.74
CA PRO C 655 24.40 -26.16 -10.91
C PRO C 655 23.22 -27.03 -10.53
N LYS C 656 22.43 -27.45 -11.51
CA LYS C 656 21.23 -28.23 -11.22
C LYS C 656 21.41 -29.74 -11.45
N SER C 657 20.49 -30.53 -10.91
CA SER C 657 20.56 -31.99 -10.99
C SER C 657 19.75 -32.57 -12.15
N ASN C 658 18.49 -32.91 -11.87
CA ASN C 658 17.60 -33.48 -12.89
N LYS D 1 8.90 21.83 11.62
CA LYS D 1 9.04 23.16 12.20
C LYS D 1 8.88 23.14 13.72
N ILE D 2 8.28 22.07 14.24
CA ILE D 2 8.13 21.89 15.68
C ILE D 2 9.47 21.46 16.27
N GLU D 3 10.01 22.29 17.16
CA GLU D 3 11.32 22.04 17.75
C GLU D 3 11.33 20.77 18.61
N GLU D 4 12.32 19.91 18.38
CA GLU D 4 12.47 18.69 19.17
C GLU D 4 13.34 18.94 20.39
N GLY D 5 12.96 18.32 21.51
CA GLY D 5 13.69 18.49 22.75
C GLY D 5 13.05 19.49 23.70
N LYS D 6 11.84 19.94 23.36
CA LYS D 6 11.07 20.83 24.22
C LYS D 6 9.58 20.63 24.00
N LEU D 7 8.78 21.05 24.97
CA LEU D 7 7.33 20.95 24.86
C LEU D 7 6.67 22.31 24.77
N VAL D 8 5.80 22.48 23.77
CA VAL D 8 5.00 23.69 23.63
C VAL D 8 3.54 23.33 23.83
N ILE D 9 2.86 24.06 24.68
CA ILE D 9 1.50 23.70 25.05
C ILE D 9 0.54 24.87 24.85
N TRP D 10 -0.57 24.61 24.19
CA TRP D 10 -1.61 25.61 23.98
C TRP D 10 -2.84 25.29 24.79
N ILE D 11 -3.25 26.23 25.63
CA ILE D 11 -4.46 26.08 26.43
C ILE D 11 -5.29 27.37 26.34
N ASN D 12 -6.60 27.24 26.48
CA ASN D 12 -7.50 28.38 26.33
C ASN D 12 -7.19 29.51 27.30
N GLY D 13 -7.46 30.73 26.87
CA GLY D 13 -7.12 31.92 27.66
C GLY D 13 -7.79 32.03 29.03
N ASP D 14 -9.04 31.60 29.14
CA ASP D 14 -9.79 31.77 30.38
C ASP D 14 -9.48 30.69 31.42
N LYS D 15 -8.67 29.71 31.03
CA LYS D 15 -8.29 28.64 31.94
C LYS D 15 -7.05 29.02 32.78
N GLY D 16 -6.58 28.07 33.58
CA GLY D 16 -5.43 28.30 34.44
C GLY D 16 -4.10 28.00 33.78
N TYR D 17 -3.66 28.87 32.87
CA TYR D 17 -2.43 28.67 32.12
C TYR D 17 -1.18 28.94 32.97
N ASN D 18 -1.30 29.85 33.93
CA ASN D 18 -0.20 30.13 34.84
C ASN D 18 0.05 28.95 35.77
N GLY D 19 -1.03 28.24 36.11
CA GLY D 19 -0.94 27.08 36.98
C GLY D 19 -0.31 25.90 36.24
N LEU D 20 -0.66 25.75 34.98
CA LEU D 20 -0.10 24.68 34.16
C LEU D 20 1.38 24.94 33.93
N ALA D 21 1.75 26.21 33.82
CA ALA D 21 3.14 26.60 33.61
C ALA D 21 4.01 26.25 34.82
N GLU D 22 3.39 26.15 35.99
CA GLU D 22 4.10 25.72 37.18
C GLU D 22 4.48 24.25 37.07
N VAL D 23 3.58 23.45 36.50
CA VAL D 23 3.84 22.04 36.26
C VAL D 23 4.90 21.89 35.16
N GLY D 24 5.00 22.88 34.30
CA GLY D 24 5.98 22.88 33.24
C GLY D 24 7.38 23.09 33.78
N LYS D 25 7.48 23.91 34.82
CA LYS D 25 8.77 24.19 35.44
C LYS D 25 9.26 22.99 36.25
N LYS D 26 8.32 22.18 36.74
CA LYS D 26 8.66 20.98 37.51
C LYS D 26 9.07 19.86 36.56
N PHE D 27 8.61 19.92 35.32
CA PHE D 27 8.99 18.94 34.32
C PHE D 27 10.37 19.29 33.76
N GLU D 28 10.63 20.59 33.64
CA GLU D 28 11.90 21.07 33.12
C GLU D 28 13.03 20.84 34.11
N LYS D 29 12.72 21.04 35.39
CA LYS D 29 13.73 20.87 36.44
C LYS D 29 14.09 19.39 36.63
N ASP D 30 13.19 18.51 36.23
CA ASP D 30 13.38 17.07 36.40
C ASP D 30 13.95 16.36 35.18
N THR D 31 13.54 16.80 33.98
CA THR D 31 13.94 16.11 32.76
C THR D 31 14.84 16.96 31.86
N GLY D 32 14.85 18.27 32.10
CA GLY D 32 15.69 19.17 31.33
C GLY D 32 15.00 19.67 30.08
N ILE D 33 13.75 19.28 29.90
CA ILE D 33 12.96 19.68 28.73
C ILE D 33 12.18 20.96 29.03
N LYS D 34 12.48 22.02 28.29
CA LYS D 34 11.81 23.30 28.50
C LYS D 34 10.34 23.25 28.06
N VAL D 35 9.45 23.65 28.96
CA VAL D 35 8.02 23.65 28.68
C VAL D 35 7.48 25.08 28.56
N THR D 36 6.92 25.41 27.41
CA THR D 36 6.35 26.74 27.17
C THR D 36 4.83 26.67 27.01
N VAL D 37 4.11 27.35 27.89
CA VAL D 37 2.65 27.34 27.86
C VAL D 37 2.08 28.66 27.32
N GLU D 38 1.30 28.57 26.25
CA GLU D 38 0.75 29.77 25.60
C GLU D 38 -0.76 29.71 25.44
N HIS D 39 -1.40 30.88 25.35
CA HIS D 39 -2.85 30.96 25.22
C HIS D 39 -3.28 31.86 24.06
N PRO D 40 -3.16 31.36 22.83
CA PRO D 40 -3.46 32.13 21.62
C PRO D 40 -4.95 32.43 21.48
N ASP D 41 -5.27 33.51 20.79
CA ASP D 41 -6.66 33.88 20.54
C ASP D 41 -7.25 32.96 19.48
N LYS D 42 -8.56 32.70 19.57
CA LYS D 42 -9.24 31.79 18.65
C LYS D 42 -8.53 30.45 18.61
N LEU D 43 -8.11 29.97 19.76
CA LEU D 43 -7.31 28.74 19.86
C LEU D 43 -7.94 27.57 19.12
N GLU D 44 -9.26 27.42 19.23
CA GLU D 44 -9.95 26.29 18.66
C GLU D 44 -9.83 26.27 17.14
N GLU D 45 -9.77 27.46 16.54
CA GLU D 45 -9.71 27.58 15.08
C GLU D 45 -8.29 27.64 14.60
N LYS D 46 -7.39 28.14 15.44
CA LYS D 46 -6.01 28.34 15.01
C LYS D 46 -5.22 27.05 15.00
N PHE D 47 -5.51 26.13 15.92
CA PHE D 47 -4.81 24.84 15.94
C PHE D 47 -4.90 24.04 14.65
N PRO D 48 -6.12 23.78 14.13
CA PRO D 48 -6.19 22.94 12.92
C PRO D 48 -5.53 23.62 11.74
N GLN D 49 -5.56 24.95 11.73
CA GLN D 49 -4.92 25.74 10.68
C GLN D 49 -3.42 25.53 10.72
N VAL D 50 -2.84 25.68 11.91
CA VAL D 50 -1.39 25.60 12.10
C VAL D 50 -0.89 24.16 12.06
N ALA D 51 -1.62 23.27 12.71
CA ALA D 51 -1.22 21.86 12.80
C ALA D 51 -1.26 21.17 11.44
N ALA D 52 -2.06 21.71 10.52
CA ALA D 52 -2.16 21.17 9.17
C ALA D 52 -0.84 21.38 8.41
N THR D 53 -0.19 22.51 8.69
CA THR D 53 1.05 22.89 8.02
C THR D 53 2.23 22.06 8.56
N GLY D 54 1.96 21.24 9.57
CA GLY D 54 2.99 20.47 10.23
C GLY D 54 3.66 21.24 11.36
N ASP D 55 2.95 22.21 11.90
CA ASP D 55 3.49 23.07 12.95
C ASP D 55 2.58 23.00 14.16
N GLY D 56 2.65 23.99 15.04
CA GLY D 56 1.77 24.06 16.19
C GLY D 56 2.40 23.59 17.48
N PRO D 57 1.57 23.42 18.53
CA PRO D 57 2.05 22.99 19.83
C PRO D 57 2.22 21.48 19.83
N ASP D 58 2.87 20.94 20.85
CA ASP D 58 2.97 19.49 21.00
C ASP D 58 1.70 18.98 21.65
N ILE D 59 1.16 19.78 22.58
CA ILE D 59 -0.04 19.41 23.30
C ILE D 59 -1.11 20.48 23.17
N ILE D 60 -2.34 20.07 22.96
CA ILE D 60 -3.45 21.01 22.78
C ILE D 60 -4.58 20.75 23.78
N PHE D 61 -5.02 21.80 24.46
CA PHE D 61 -6.05 21.71 25.48
C PHE D 61 -7.36 22.35 25.05
N TRP D 62 -8.40 21.54 24.91
CA TRP D 62 -9.73 22.06 24.61
C TRP D 62 -10.78 21.07 25.07
N ALA D 63 -12.05 21.44 24.95
CA ALA D 63 -13.14 20.53 25.22
C ALA D 63 -13.18 19.45 24.14
N HIS D 64 -13.61 18.25 24.53
CA HIS D 64 -13.50 17.06 23.68
C HIS D 64 -14.30 17.15 22.37
N ASP D 65 -15.17 18.14 22.26
CA ASP D 65 -16.08 18.20 21.11
C ASP D 65 -15.36 18.53 19.80
N ARG D 66 -14.25 19.25 19.90
CA ARG D 66 -13.47 19.60 18.72
C ARG D 66 -12.57 18.45 18.29
N PHE D 67 -12.17 17.64 19.26
CA PHE D 67 -11.12 16.64 19.05
C PHE D 67 -11.42 15.54 18.04
N GLY D 68 -12.67 15.44 17.59
CA GLY D 68 -13.01 14.46 16.59
C GLY D 68 -12.63 14.95 15.20
N GLY D 69 -12.93 16.20 14.91
CA GLY D 69 -12.55 16.80 13.66
C GLY D 69 -11.04 16.88 13.50
N TYR D 70 -10.33 17.08 14.60
CA TYR D 70 -8.87 17.09 14.58
C TYR D 70 -8.35 15.69 14.25
N ALA D 71 -9.02 14.68 14.80
CA ALA D 71 -8.61 13.30 14.61
C ALA D 71 -8.80 12.83 13.17
N GLN D 72 -9.96 13.14 12.61
CA GLN D 72 -10.29 12.73 11.25
C GLN D 72 -9.34 13.39 10.25
N SER D 73 -8.92 14.62 10.56
CA SER D 73 -7.98 15.34 9.73
C SER D 73 -6.58 14.79 9.93
N GLY D 74 -6.44 13.89 10.91
CA GLY D 74 -5.17 13.26 11.21
C GLY D 74 -4.20 14.17 11.94
N LEU D 75 -4.73 15.08 12.76
CA LEU D 75 -3.91 16.07 13.43
C LEU D 75 -3.53 15.62 14.83
N LEU D 76 -4.06 14.48 15.25
CA LEU D 76 -3.78 13.96 16.59
C LEU D 76 -3.11 12.60 16.51
N ALA D 77 -2.33 12.29 17.54
CA ALA D 77 -1.71 10.98 17.66
C ALA D 77 -2.51 10.14 18.65
N GLU D 78 -2.79 8.90 18.28
CA GLU D 78 -3.50 7.98 19.17
C GLU D 78 -2.67 7.71 20.41
N ILE D 79 -3.15 8.20 21.55
CA ILE D 79 -2.45 8.02 22.82
C ILE D 79 -2.59 6.58 23.30
N THR D 80 -1.59 6.13 24.05
CA THR D 80 -1.55 4.74 24.50
C THR D 80 -1.25 4.61 25.99
N PRO D 81 -2.20 5.02 26.85
CA PRO D 81 -1.99 4.83 28.28
C PRO D 81 -2.28 3.39 28.66
N ASP D 82 -1.45 2.82 29.54
CA ASP D 82 -1.66 1.46 29.99
C ASP D 82 -2.93 1.35 30.84
N LYS D 83 -3.43 0.14 31.01
CA LYS D 83 -4.66 -0.08 31.77
C LYS D 83 -4.51 0.34 33.22
N ALA D 84 -3.28 0.32 33.73
CA ALA D 84 -3.00 0.77 35.08
C ALA D 84 -3.30 2.26 35.23
N PHE D 85 -3.17 3.00 34.15
CA PHE D 85 -3.43 4.44 34.17
C PHE D 85 -4.91 4.72 33.91
N GLN D 86 -5.50 3.96 32.99
CA GLN D 86 -6.90 4.16 32.62
C GLN D 86 -7.83 3.88 33.79
N ASP D 87 -7.36 3.11 34.76
CA ASP D 87 -8.20 2.72 35.88
C ASP D 87 -8.18 3.75 36.99
N LYS D 88 -7.38 4.81 36.83
CA LYS D 88 -7.36 5.88 37.82
C LYS D 88 -8.13 7.09 37.32
N LEU D 89 -8.73 6.97 36.15
CA LEU D 89 -9.58 8.00 35.59
C LEU D 89 -10.99 7.47 35.33
N TYR D 90 -12.00 8.33 35.52
CA TYR D 90 -13.39 7.95 35.34
C TYR D 90 -13.65 7.43 33.94
N PRO D 91 -14.14 6.18 33.84
CA PRO D 91 -14.35 5.48 32.57
C PRO D 91 -15.22 6.24 31.58
N PHE D 92 -16.09 7.12 32.07
CA PHE D 92 -16.98 7.86 31.19
C PHE D 92 -16.26 9.03 30.51
N THR D 93 -15.18 9.50 31.13
CA THR D 93 -14.37 10.57 30.53
C THR D 93 -13.49 10.03 29.41
N TRP D 94 -13.16 8.75 29.50
CA TRP D 94 -12.41 8.09 28.45
C TRP D 94 -13.28 7.92 27.21
N ASP D 95 -14.58 7.79 27.43
CA ASP D 95 -15.53 7.65 26.34
C ASP D 95 -15.70 8.98 25.63
N ALA D 96 -15.48 10.07 26.36
CA ALA D 96 -15.59 11.42 25.82
C ALA D 96 -14.48 11.71 24.81
N VAL D 97 -13.38 10.98 24.94
CA VAL D 97 -12.23 11.16 24.06
C VAL D 97 -11.93 9.91 23.24
N ARG D 98 -12.95 9.07 23.06
CA ARG D 98 -12.80 7.91 22.20
C ARG D 98 -13.45 8.18 20.85
N TYR D 99 -12.63 8.33 19.83
CA TYR D 99 -13.12 8.54 18.47
C TYR D 99 -12.65 7.41 17.57
N ASN D 100 -13.60 6.78 16.88
CA ASN D 100 -13.30 5.63 16.01
C ASN D 100 -12.62 4.48 16.74
N GLY D 101 -13.03 4.24 17.98
CA GLY D 101 -12.55 3.11 18.75
C GLY D 101 -11.29 3.36 19.54
N LYS D 102 -10.48 4.33 19.08
CA LYS D 102 -9.20 4.61 19.71
C LYS D 102 -9.24 5.89 20.53
N LEU D 103 -8.38 5.98 21.54
CA LEU D 103 -8.29 7.17 22.37
C LEU D 103 -7.44 8.21 21.67
N ILE D 104 -7.81 9.49 21.80
CA ILE D 104 -7.10 10.55 21.09
C ILE D 104 -6.68 11.70 22.00
N ALA D 105 -7.16 11.68 23.25
CA ALA D 105 -6.83 12.75 24.18
C ALA D 105 -6.86 12.26 25.62
N TYR D 106 -6.13 12.96 26.48
CA TYR D 106 -6.15 12.68 27.92
C TYR D 106 -7.16 13.58 28.62
N PRO D 107 -8.29 13.01 29.06
CA PRO D 107 -9.36 13.79 29.70
C PRO D 107 -8.88 14.40 31.02
N ILE D 108 -9.00 15.72 31.15
CA ILE D 108 -8.56 16.41 32.35
C ILE D 108 -9.69 16.63 33.35
N ALA D 109 -10.63 17.52 33.01
CA ALA D 109 -11.73 17.87 33.90
C ALA D 109 -13.05 17.96 33.16
N VAL D 110 -14.14 17.84 33.91
CA VAL D 110 -15.48 17.93 33.34
C VAL D 110 -16.12 19.26 33.73
N GLU D 111 -16.31 20.12 32.74
CA GLU D 111 -16.85 21.45 32.98
C GLU D 111 -18.31 21.55 32.54
N ALA D 112 -19.07 22.40 33.22
CA ALA D 112 -20.48 22.60 32.91
C ALA D 112 -20.94 23.96 33.43
N LEU D 113 -21.88 24.59 32.73
CA LEU D 113 -22.38 25.90 33.13
C LEU D 113 -23.32 25.80 34.34
N SER D 114 -23.15 26.75 35.26
CA SER D 114 -24.02 26.83 36.42
C SER D 114 -24.49 28.27 36.60
N LEU D 115 -25.52 28.46 37.43
CA LEU D 115 -26.03 29.79 37.72
C LEU D 115 -25.29 30.40 38.92
N ILE D 116 -24.68 31.56 38.69
CA ILE D 116 -23.98 32.27 39.75
C ILE D 116 -24.75 33.53 40.12
N TYR D 117 -25.11 33.65 41.39
CA TYR D 117 -25.86 34.80 41.88
C TYR D 117 -25.16 35.54 43.01
N ASN D 118 -25.45 36.83 43.12
CA ASN D 118 -24.92 37.66 44.19
C ASN D 118 -25.71 37.44 45.48
N LYS D 119 -25.05 36.87 46.48
CA LYS D 119 -25.70 36.59 47.76
C LYS D 119 -26.29 37.84 48.40
N ASP D 120 -25.55 38.95 48.30
CA ASP D 120 -25.98 40.21 48.89
C ASP D 120 -27.15 40.81 48.14
N LEU D 121 -27.00 40.95 46.82
CA LEU D 121 -28.02 41.57 46.00
C LEU D 121 -29.26 40.68 45.86
N LEU D 122 -29.06 39.37 46.00
CA LEU D 122 -30.14 38.40 45.82
C LEU D 122 -29.96 37.17 46.68
N PRO D 123 -30.59 37.15 47.86
CA PRO D 123 -30.51 36.03 48.80
C PRO D 123 -31.09 34.75 48.22
N ASN D 124 -32.28 34.86 47.62
CA ASN D 124 -32.95 33.70 47.04
C ASN D 124 -33.05 33.78 45.52
N PRO D 125 -32.17 33.04 44.82
CA PRO D 125 -32.12 33.06 43.36
C PRO D 125 -33.39 32.45 42.76
N PRO D 126 -33.79 32.92 41.57
CA PRO D 126 -34.97 32.39 40.88
C PRO D 126 -34.76 30.96 40.41
N LYS D 127 -35.80 30.14 40.52
CA LYS D 127 -35.72 28.74 40.12
C LYS D 127 -36.19 28.57 38.68
N THR D 128 -36.94 29.55 38.17
CA THR D 128 -37.41 29.52 36.80
C THR D 128 -36.89 30.69 35.99
N TRP D 129 -36.92 30.56 34.67
CA TRP D 129 -36.49 31.62 33.76
C TRP D 129 -37.54 32.73 33.64
N GLU D 130 -38.80 32.37 33.86
CA GLU D 130 -39.90 33.31 33.62
C GLU D 130 -39.99 34.41 34.66
N GLU D 131 -39.52 34.13 35.88
CA GLU D 131 -39.56 35.12 36.96
C GLU D 131 -38.30 35.99 36.97
N ILE D 132 -37.78 36.26 35.78
CA ILE D 132 -36.63 37.16 35.62
C ILE D 132 -37.03 38.54 35.06
N PRO D 133 -37.93 38.59 34.05
CA PRO D 133 -38.42 39.91 33.63
C PRO D 133 -39.10 40.66 34.76
N ALA D 134 -39.68 39.92 35.70
CA ALA D 134 -40.33 40.53 36.86
C ALA D 134 -39.31 40.92 37.91
N LEU D 135 -38.20 40.19 37.96
CA LEU D 135 -37.14 40.44 38.93
C LEU D 135 -36.25 41.61 38.47
N ASP D 136 -36.13 41.78 37.16
CA ASP D 136 -35.31 42.85 36.60
C ASP D 136 -35.94 44.22 36.84
N LYS D 137 -37.26 44.23 37.05
CA LYS D 137 -38.00 45.47 37.26
C LYS D 137 -37.52 46.22 38.48
N GLU D 138 -37.52 45.54 39.63
CA GLU D 138 -37.13 46.17 40.89
C GLU D 138 -35.64 46.53 40.94
N LEU D 139 -34.82 45.75 40.26
CA LEU D 139 -33.38 45.96 40.25
C LEU D 139 -32.99 47.10 39.30
N LYS D 140 -33.83 47.33 38.29
CA LYS D 140 -33.60 48.42 37.35
C LYS D 140 -33.81 49.76 38.03
N ALA D 141 -34.78 49.80 38.96
CA ALA D 141 -35.10 51.01 39.70
C ALA D 141 -34.00 51.36 40.70
N LYS D 142 -33.31 50.34 41.20
CA LYS D 142 -32.21 50.54 42.12
C LYS D 142 -30.94 50.94 41.38
N GLY D 143 -30.84 50.50 40.14
CA GLY D 143 -29.67 50.78 39.31
C GLY D 143 -28.85 49.53 39.04
N LYS D 144 -29.53 48.38 39.07
CA LYS D 144 -28.86 47.10 38.87
C LYS D 144 -29.43 46.36 37.66
N SER D 145 -29.09 45.09 37.55
CA SER D 145 -29.58 44.24 36.47
C SER D 145 -29.83 42.84 37.01
N ALA D 146 -30.79 42.13 36.44
CA ALA D 146 -31.14 40.78 36.89
C ALA D 146 -30.17 39.72 36.39
N LEU D 147 -29.68 39.89 35.16
CA LEU D 147 -28.83 38.88 34.54
C LEU D 147 -27.87 39.49 33.52
N MET D 148 -26.66 38.94 33.46
CA MET D 148 -25.64 39.38 32.52
C MET D 148 -24.73 38.22 32.14
N PHE D 149 -24.78 37.78 30.88
CA PHE D 149 -23.87 36.74 30.43
C PHE D 149 -23.53 36.82 28.94
N ASN D 150 -22.57 36.00 28.52
CA ASN D 150 -22.05 36.01 27.15
C ASN D 150 -23.10 35.56 26.13
N LEU D 151 -23.49 36.48 25.25
CA LEU D 151 -24.48 36.20 24.22
C LEU D 151 -23.83 35.99 22.87
N GLN D 152 -22.52 36.23 22.81
CA GLN D 152 -21.76 36.09 21.56
C GLN D 152 -21.37 34.63 21.29
N GLU D 153 -21.36 33.82 22.34
CA GLU D 153 -21.05 32.41 22.21
C GLU D 153 -22.28 31.56 22.51
N PRO D 154 -22.60 30.64 21.59
CA PRO D 154 -23.77 29.76 21.71
C PRO D 154 -23.63 28.77 22.88
N TYR D 155 -22.46 28.72 23.50
CA TYR D 155 -22.22 27.81 24.62
C TYR D 155 -23.11 28.18 25.80
N PHE D 156 -23.22 29.48 26.04
CA PHE D 156 -23.97 30.02 27.18
C PHE D 156 -25.46 30.09 26.86
N THR D 157 -25.76 30.17 25.58
CA THR D 157 -27.13 30.32 25.12
C THR D 157 -27.85 28.97 25.04
N TRP D 158 -27.09 27.93 24.72
CA TRP D 158 -27.65 26.59 24.54
C TRP D 158 -28.46 25.98 25.70
N PRO D 159 -28.09 26.24 26.97
CA PRO D 159 -28.91 25.66 28.04
C PRO D 159 -30.38 26.07 27.98
N LEU D 160 -30.64 27.29 27.52
CA LEU D 160 -32.02 27.79 27.41
C LEU D 160 -32.72 27.23 26.17
N ILE D 161 -31.92 26.93 25.14
CA ILE D 161 -32.47 26.39 23.90
C ILE D 161 -32.82 24.92 24.06
N ALA D 162 -31.91 24.14 24.62
CA ALA D 162 -32.12 22.70 24.78
C ALA D 162 -33.06 22.39 25.95
N ALA D 163 -33.55 23.45 26.60
CA ALA D 163 -34.40 23.29 27.78
C ALA D 163 -35.73 22.63 27.45
N ASP D 164 -36.50 23.24 26.54
CA ASP D 164 -37.84 22.76 26.23
C ASP D 164 -37.87 21.58 25.26
N GLY D 165 -36.76 21.34 24.57
CA GLY D 165 -36.69 20.19 23.69
C GLY D 165 -35.77 20.34 22.49
N GLY D 166 -34.90 21.34 22.53
CA GLY D 166 -33.94 21.52 21.48
C GLY D 166 -32.84 20.48 21.60
N TYR D 167 -32.26 20.09 20.47
CA TYR D 167 -31.19 19.10 20.48
C TYR D 167 -30.34 19.17 19.19
N ALA D 168 -29.20 18.52 19.22
CA ALA D 168 -28.32 18.44 18.06
C ALA D 168 -27.88 17.01 17.84
N PHE D 169 -28.40 16.39 16.78
CA PHE D 169 -28.05 15.02 16.41
C PHE D 169 -28.51 13.99 17.45
N LYS D 170 -29.63 13.34 17.16
CA LYS D 170 -30.19 12.31 18.05
C LYS D 170 -29.21 11.15 18.24
N TYR D 171 -28.91 10.83 19.50
CA TYR D 171 -27.88 9.84 19.84
C TYR D 171 -28.31 8.39 19.61
N GLU D 172 -29.41 8.18 18.91
CA GLU D 172 -29.92 6.83 18.64
C GLU D 172 -29.05 6.11 17.60
N TYR D 176 -24.55 6.28 18.19
CA TYR D 176 -24.46 6.83 16.84
C TYR D 176 -25.43 8.00 16.64
N ASP D 177 -24.91 9.14 16.17
CA ASP D 177 -25.72 10.34 15.89
C ASP D 177 -26.02 10.39 14.39
N ILE D 178 -26.95 11.25 13.96
CA ILE D 178 -27.32 11.28 12.53
C ILE D 178 -27.19 12.63 11.78
N LYS D 179 -28.09 12.78 10.80
CA LYS D 179 -28.32 14.03 10.09
C LYS D 179 -29.66 14.52 10.60
N ASP D 180 -30.00 14.11 11.81
CA ASP D 180 -31.27 14.52 12.40
C ASP D 180 -31.02 15.63 13.40
N VAL D 181 -30.80 16.84 12.91
CA VAL D 181 -30.54 17.96 13.79
C VAL D 181 -31.85 18.65 14.20
N GLY D 182 -31.96 18.99 15.48
CA GLY D 182 -33.17 19.59 15.99
C GLY D 182 -32.93 20.95 16.60
N VAL D 183 -32.47 21.91 15.80
CA VAL D 183 -32.29 23.27 16.27
C VAL D 183 -33.42 24.17 15.78
N ASP D 184 -34.46 23.56 15.25
CA ASP D 184 -35.59 24.31 14.70
C ASP D 184 -36.94 23.75 15.16
N ASN D 185 -36.92 22.88 16.15
CA ASN D 185 -38.17 22.30 16.65
C ASN D 185 -38.86 23.21 17.65
N ALA D 186 -39.87 22.66 18.33
CA ALA D 186 -40.65 23.43 19.28
C ALA D 186 -39.77 23.99 20.39
N GLY D 187 -39.07 23.11 21.09
CA GLY D 187 -38.22 23.50 22.21
C GLY D 187 -37.17 24.52 21.86
N ALA D 188 -36.54 24.34 20.70
CA ALA D 188 -35.46 25.23 20.26
C ALA D 188 -35.98 26.63 19.94
N LYS D 189 -37.11 26.70 19.26
CA LYS D 189 -37.70 27.98 18.91
C LYS D 189 -38.26 28.68 20.13
N ALA D 190 -38.89 27.92 21.01
CA ALA D 190 -39.47 28.48 22.23
C ALA D 190 -38.39 29.01 23.18
N GLY D 191 -37.31 28.24 23.32
CA GLY D 191 -36.19 28.66 24.15
C GLY D 191 -35.55 29.94 23.66
N LEU D 192 -35.22 29.99 22.38
CA LEU D 192 -34.55 31.15 21.80
C LEU D 192 -35.45 32.38 21.74
N THR D 193 -36.74 32.18 21.49
CA THR D 193 -37.68 33.31 21.40
C THR D 193 -37.75 34.04 22.72
N PHE D 194 -37.74 33.29 23.82
CA PHE D 194 -37.76 33.88 25.15
C PHE D 194 -36.51 34.70 25.42
N LEU D 195 -35.38 34.24 24.90
CA LEU D 195 -34.12 34.97 25.06
C LEU D 195 -34.14 36.28 24.29
N VAL D 196 -34.80 36.28 23.14
CA VAL D 196 -34.89 37.48 22.32
C VAL D 196 -35.82 38.49 22.97
N ASP D 197 -36.86 37.99 23.63
CA ASP D 197 -37.82 38.85 24.32
C ASP D 197 -37.23 39.51 25.57
N LEU D 198 -36.14 38.93 26.09
CA LEU D 198 -35.45 39.52 27.23
C LEU D 198 -34.61 40.72 26.78
N ILE D 199 -34.26 40.75 25.51
CA ILE D 199 -33.50 41.87 24.95
C ILE D 199 -34.47 42.91 24.39
N LYS D 200 -35.60 42.44 23.85
CA LYS D 200 -36.63 43.33 23.34
C LYS D 200 -37.17 44.20 24.48
N ASN D 201 -37.43 43.57 25.61
CA ASN D 201 -37.92 44.27 26.80
C ASN D 201 -36.80 44.96 27.58
N LYS D 202 -35.62 45.03 26.95
CA LYS D 202 -34.47 45.72 27.51
C LYS D 202 -34.07 45.25 28.91
N HIS D 203 -34.24 43.95 29.16
CA HIS D 203 -33.78 43.34 30.41
C HIS D 203 -32.31 42.95 30.26
N MET D 204 -31.85 42.96 29.01
CA MET D 204 -30.49 42.59 28.70
C MET D 204 -30.04 43.23 27.38
N ASN D 205 -28.73 43.45 27.24
CA ASN D 205 -28.19 44.03 26.02
C ASN D 205 -27.69 42.95 25.08
N ALA D 206 -27.92 43.14 23.79
CA ALA D 206 -27.58 42.14 22.78
C ALA D 206 -26.09 42.10 22.45
N ASP D 207 -25.35 43.11 22.91
CA ASP D 207 -23.93 43.21 22.64
C ASP D 207 -23.08 42.62 23.77
N THR D 208 -23.75 42.14 24.81
CA THR D 208 -23.08 41.62 26.00
C THR D 208 -22.19 40.42 25.68
N ASP D 209 -20.88 40.60 25.81
CA ASP D 209 -19.93 39.50 25.61
C ASP D 209 -19.46 38.91 26.94
N TYR D 210 -18.24 38.37 26.96
CA TYR D 210 -17.71 37.73 28.16
C TYR D 210 -17.16 38.75 29.13
N SER D 211 -16.33 39.66 28.61
CA SER D 211 -15.69 40.68 29.43
C SER D 211 -16.70 41.63 30.06
N ILE D 212 -17.73 41.99 29.29
CA ILE D 212 -18.80 42.84 29.78
C ILE D 212 -19.58 42.13 30.88
N ALA D 213 -19.83 40.84 30.68
CA ALA D 213 -20.57 40.04 31.65
C ALA D 213 -19.80 39.87 32.96
N GLU D 214 -18.51 39.58 32.84
CA GLU D 214 -17.66 39.32 34.02
C GLU D 214 -17.45 40.59 34.84
N ALA D 215 -17.24 41.71 34.13
CA ALA D 215 -17.02 42.99 34.79
C ALA D 215 -18.27 43.48 35.51
N ALA D 216 -19.43 43.30 34.88
CA ALA D 216 -20.68 43.75 35.46
C ALA D 216 -21.04 42.99 36.75
N PHE D 217 -20.55 41.76 36.87
CA PHE D 217 -20.87 40.94 38.03
C PHE D 217 -19.86 41.13 39.16
N ASN D 218 -18.57 41.09 38.82
CA ASN D 218 -17.52 41.24 39.81
C ASN D 218 -17.52 42.62 40.47
N LYS D 219 -18.10 43.60 39.78
CA LYS D 219 -18.22 44.94 40.31
C LYS D 219 -19.57 45.12 40.98
N GLY D 220 -20.37 44.06 40.97
CA GLY D 220 -21.66 44.06 41.62
C GLY D 220 -22.67 44.99 40.99
N GLU D 221 -22.75 44.96 39.67
CA GLU D 221 -23.72 45.78 38.95
C GLU D 221 -24.88 44.94 38.47
N THR D 222 -24.71 43.62 38.51
CA THR D 222 -25.78 42.69 38.16
C THR D 222 -25.91 41.57 39.19
N ALA D 223 -27.13 41.07 39.37
CA ALA D 223 -27.42 40.11 40.43
C ALA D 223 -26.98 38.69 40.07
N MET D 224 -27.19 38.30 38.81
CA MET D 224 -26.86 36.95 38.38
C MET D 224 -25.98 36.94 37.14
N THR D 225 -25.43 35.77 36.83
CA THR D 225 -24.60 35.57 35.66
C THR D 225 -24.47 34.08 35.36
N ILE D 226 -24.16 33.74 34.12
CA ILE D 226 -23.96 32.34 33.73
C ILE D 226 -22.52 32.12 33.29
N ASN D 227 -21.86 31.15 33.91
CA ASN D 227 -20.47 30.84 33.61
C ASN D 227 -20.09 29.45 34.11
N GLY D 228 -18.83 29.10 33.92
CA GLY D 228 -18.33 27.81 34.37
C GLY D 228 -17.35 27.99 35.51
N PRO D 229 -16.79 26.87 36.00
CA PRO D 229 -15.86 26.85 37.14
C PRO D 229 -14.66 27.79 36.97
N TRP D 230 -14.24 28.00 35.73
CA TRP D 230 -13.03 28.79 35.46
C TRP D 230 -13.16 30.26 35.83
N ALA D 231 -14.39 30.72 36.09
CA ALA D 231 -14.63 32.13 36.39
C ALA D 231 -14.78 32.37 37.88
N TRP D 232 -14.64 31.31 38.68
CA TRP D 232 -14.78 31.41 40.13
C TRP D 232 -13.63 32.16 40.77
N SER D 233 -12.43 31.97 40.22
CA SER D 233 -11.23 32.57 40.77
C SER D 233 -11.24 34.10 40.66
N ASN D 234 -11.92 34.60 39.63
CA ASN D 234 -11.94 36.04 39.38
C ASN D 234 -12.98 36.79 40.21
N ILE D 235 -13.90 36.04 40.81
CA ILE D 235 -14.92 36.63 41.67
C ILE D 235 -14.41 36.74 43.10
N ASP D 236 -13.53 35.80 43.46
CA ASP D 236 -12.90 35.78 44.78
C ASP D 236 -12.06 37.03 45.01
N THR D 237 -11.51 37.57 43.93
CA THR D 237 -10.65 38.74 43.99
C THR D 237 -11.48 40.03 44.00
N SER D 238 -12.80 39.89 44.06
CA SER D 238 -13.69 41.03 44.06
C SER D 238 -14.42 41.17 45.40
N LYS D 239 -14.21 40.20 46.28
CA LYS D 239 -14.84 40.17 47.60
C LYS D 239 -16.37 40.22 47.53
N VAL D 240 -16.90 39.86 46.36
CA VAL D 240 -18.33 39.83 46.15
C VAL D 240 -18.90 38.48 46.57
N ASN D 241 -19.73 38.49 47.59
CA ASN D 241 -20.34 37.26 48.09
C ASN D 241 -21.25 36.64 47.05
N TYR D 242 -20.88 35.46 46.56
CA TYR D 242 -21.66 34.78 45.52
C TYR D 242 -22.05 33.36 45.91
N GLY D 243 -22.84 32.74 45.04
CA GLY D 243 -23.27 31.37 45.23
C GLY D 243 -23.45 30.66 43.91
N VAL D 244 -22.95 29.44 43.82
CA VAL D 244 -23.07 28.64 42.61
C VAL D 244 -24.20 27.64 42.74
N THR D 245 -25.27 27.86 41.96
CA THR D 245 -26.45 27.01 42.07
C THR D 245 -26.84 26.37 40.73
N VAL D 246 -27.98 25.68 40.74
CA VAL D 246 -28.48 25.00 39.55
C VAL D 246 -29.14 26.01 38.61
N LEU D 247 -28.98 25.80 37.31
CA LEU D 247 -29.57 26.67 36.30
C LEU D 247 -31.10 26.67 36.38
N PRO D 248 -31.71 27.84 36.14
CA PRO D 248 -33.17 28.01 36.19
C PRO D 248 -33.90 27.08 35.22
N THR D 249 -35.22 26.98 35.36
CA THR D 249 -36.00 26.11 34.50
C THR D 249 -36.91 26.89 33.56
N PHE D 250 -36.83 26.57 32.27
CA PHE D 250 -37.68 27.20 31.27
C PHE D 250 -38.85 26.28 30.95
N LYS D 251 -40.06 26.83 31.01
CA LYS D 251 -41.29 26.07 30.78
C LYS D 251 -41.34 24.81 31.65
N GLY D 252 -40.86 24.93 32.88
CA GLY D 252 -40.88 23.83 33.83
C GLY D 252 -39.90 22.73 33.49
N GLN D 253 -39.03 23.00 32.53
CA GLN D 253 -38.04 22.01 32.11
C GLN D 253 -36.68 22.45 32.60
N PRO D 254 -35.92 21.51 33.20
CA PRO D 254 -34.56 21.82 33.66
C PRO D 254 -33.66 22.18 32.48
N SER D 255 -32.86 23.23 32.64
CA SER D 255 -31.94 23.66 31.59
C SER D 255 -30.94 22.56 31.31
N LYS D 256 -30.64 22.35 30.03
CA LYS D 256 -29.73 21.30 29.61
C LYS D 256 -28.47 21.86 28.96
N PRO D 257 -27.52 22.33 29.78
CA PRO D 257 -26.27 22.87 29.24
C PRO D 257 -25.46 21.76 28.60
N PHE D 258 -24.65 22.13 27.61
CA PHE D 258 -23.75 21.17 26.99
C PHE D 258 -22.54 20.98 27.91
N VAL D 259 -22.21 19.71 28.18
CA VAL D 259 -21.14 19.37 29.09
C VAL D 259 -19.83 19.08 28.36
N GLY D 260 -18.85 19.96 28.53
CA GLY D 260 -17.55 19.80 27.91
C GLY D 260 -16.56 19.12 28.81
N VAL D 261 -15.69 18.30 28.21
CA VAL D 261 -14.62 17.65 28.96
C VAL D 261 -13.28 18.17 28.46
N LEU D 262 -12.64 19.00 29.26
CA LEU D 262 -11.32 19.53 28.94
C LEU D 262 -10.34 18.40 28.69
N SER D 263 -9.81 18.33 27.47
CA SER D 263 -8.92 17.23 27.10
C SER D 263 -7.60 17.71 26.54
N ALA D 264 -6.57 16.88 26.72
CA ALA D 264 -5.23 17.17 26.19
C ALA D 264 -4.85 16.15 25.14
N GLY D 265 -4.71 16.59 23.90
CA GLY D 265 -4.34 15.72 22.80
C GLY D 265 -2.94 16.00 22.30
N ILE D 266 -2.30 14.98 21.74
CA ILE D 266 -0.93 15.13 21.26
C ILE D 266 -0.86 15.34 19.76
N ASN D 267 -0.16 16.40 19.35
CA ASN D 267 0.01 16.74 17.95
C ASN D 267 0.64 15.59 17.18
N ALA D 268 0.01 15.20 16.08
CA ALA D 268 0.51 14.11 15.25
C ALA D 268 1.86 14.45 14.62
N ALA D 269 2.14 15.73 14.48
CA ALA D 269 3.38 16.18 13.86
C ALA D 269 4.51 16.29 14.87
N SER D 270 4.14 16.37 16.15
CA SER D 270 5.09 16.53 17.23
C SER D 270 6.09 15.38 17.28
N PRO D 271 7.40 15.71 17.34
CA PRO D 271 8.47 14.73 17.51
C PRO D 271 8.61 14.28 18.97
N ASN D 272 8.08 15.07 19.88
CA ASN D 272 8.19 14.81 21.32
C ASN D 272 6.98 14.09 21.88
N LYS D 273 6.53 13.06 21.17
CA LYS D 273 5.32 12.35 21.57
C LYS D 273 5.55 11.54 22.83
N GLU D 274 6.81 11.24 23.11
CA GLU D 274 7.18 10.49 24.30
C GLU D 274 7.34 11.40 25.50
N LEU D 275 7.79 12.63 25.26
CA LEU D 275 7.89 13.63 26.32
C LEU D 275 6.52 14.14 26.71
N ALA D 276 5.62 14.21 25.72
CA ALA D 276 4.26 14.67 25.97
C ALA D 276 3.48 13.64 26.78
N LYS D 277 3.65 12.37 26.42
CA LYS D 277 2.96 11.28 27.11
C LYS D 277 3.40 11.21 28.56
N GLU D 278 4.68 11.45 28.81
CA GLU D 278 5.21 11.41 30.16
C GLU D 278 4.75 12.62 30.97
N PHE D 279 4.66 13.77 30.32
CA PHE D 279 4.25 14.99 31.00
C PHE D 279 2.81 14.87 31.48
N LEU D 280 1.94 14.42 30.59
CA LEU D 280 0.52 14.33 30.89
C LEU D 280 0.22 13.26 31.93
N GLU D 281 0.81 12.09 31.75
CA GLU D 281 0.52 10.96 32.62
C GLU D 281 1.15 11.11 34.00
N ASN D 282 2.38 11.62 34.03
CA ASN D 282 3.15 11.61 35.27
C ASN D 282 3.27 12.95 36.00
N TYR D 283 3.11 14.06 35.29
CA TYR D 283 3.29 15.36 35.92
C TYR D 283 1.99 16.16 36.04
N LEU D 284 1.09 15.98 35.08
CA LEU D 284 -0.17 16.72 35.09
C LEU D 284 -1.31 15.93 35.71
N LEU D 285 -1.64 14.79 35.09
CA LEU D 285 -2.72 13.93 35.59
C LEU D 285 -2.36 13.22 36.90
N THR D 286 -1.91 14.01 37.86
CA THR D 286 -1.64 13.52 39.21
C THR D 286 -2.13 14.58 40.19
N ASP D 287 -2.32 14.19 41.44
CA ASP D 287 -2.86 15.08 42.46
C ASP D 287 -2.04 16.37 42.62
N GLU D 288 -0.74 16.26 42.41
CA GLU D 288 0.15 17.41 42.50
C GLU D 288 -0.13 18.40 41.37
N GLY D 289 -0.21 17.86 40.15
CA GLY D 289 -0.40 18.67 38.96
C GLY D 289 -1.75 19.38 38.90
N LEU D 290 -2.82 18.61 39.05
CA LEU D 290 -4.17 19.16 38.96
C LEU D 290 -4.44 20.21 40.02
N GLU D 291 -3.91 20.00 41.22
CA GLU D 291 -4.08 20.97 42.30
C GLU D 291 -3.31 22.26 42.01
N ALA D 292 -2.19 22.13 41.31
CA ALA D 292 -1.36 23.29 40.96
C ALA D 292 -2.08 24.18 39.94
N VAL D 293 -2.86 23.56 39.07
CA VAL D 293 -3.63 24.28 38.06
C VAL D 293 -4.91 24.84 38.71
N ASN D 294 -5.52 24.02 39.56
CA ASN D 294 -6.77 24.37 40.22
C ASN D 294 -6.66 25.63 41.06
N LYS D 295 -5.45 25.93 41.53
CA LYS D 295 -5.21 27.11 42.36
C LYS D 295 -5.23 28.40 41.54
N ASP D 296 -5.02 28.28 40.23
CA ASP D 296 -5.08 29.43 39.33
C ASP D 296 -6.51 29.67 38.87
N LYS D 297 -7.06 28.69 38.17
CA LYS D 297 -8.46 28.71 37.77
C LYS D 297 -9.04 27.32 37.98
N PRO D 298 -10.21 27.24 38.65
CA PRO D 298 -10.87 25.96 38.92
C PRO D 298 -11.18 25.17 37.64
N LEU D 299 -10.97 23.86 37.69
CA LEU D 299 -11.15 23.01 36.52
C LEU D 299 -12.54 22.39 36.50
N GLY D 300 -13.20 22.42 37.65
CA GLY D 300 -14.47 21.74 37.80
C GLY D 300 -14.28 20.37 38.41
N ALA D 301 -14.93 19.38 37.82
CA ALA D 301 -14.82 18.01 38.30
C ALA D 301 -13.77 17.26 37.50
N VAL D 302 -12.60 17.06 38.09
CA VAL D 302 -11.49 16.40 37.39
C VAL D 302 -11.82 14.94 37.08
N ALA D 303 -11.14 14.41 36.07
CA ALA D 303 -11.36 13.03 35.64
C ALA D 303 -10.53 12.06 36.45
N LEU D 304 -9.56 12.59 37.20
CA LEU D 304 -8.72 11.77 38.07
C LEU D 304 -9.50 11.38 39.32
N LYS D 305 -9.69 10.08 39.51
CA LYS D 305 -10.44 9.55 40.64
C LYS D 305 -9.90 10.07 41.96
N SER D 306 -8.58 10.12 42.07
CA SER D 306 -7.91 10.48 43.31
C SER D 306 -8.26 11.89 43.79
N TYR D 307 -8.05 12.87 42.93
CA TYR D 307 -8.22 14.27 43.31
C TYR D 307 -9.69 14.71 43.31
N GLU D 308 -10.54 13.95 42.63
CA GLU D 308 -11.95 14.28 42.55
C GLU D 308 -12.70 13.98 43.85
N GLU D 309 -12.23 12.97 44.57
CA GLU D 309 -12.84 12.60 45.84
C GLU D 309 -12.73 13.75 46.84
N GLU D 310 -11.74 14.61 46.65
CA GLU D 310 -11.51 15.72 47.55
C GLU D 310 -12.21 17.00 47.07
N LEU D 311 -12.41 17.11 45.76
CA LEU D 311 -13.08 18.27 45.18
C LEU D 311 -14.60 18.14 45.22
N ALA D 312 -15.09 16.90 45.34
CA ALA D 312 -16.52 16.65 45.40
C ALA D 312 -17.12 17.13 46.73
N LYS D 313 -16.25 17.43 47.69
CA LYS D 313 -16.68 17.93 48.99
C LYS D 313 -16.83 19.45 48.95
N ASP D 314 -17.14 19.97 47.76
CA ASP D 314 -17.27 21.41 47.56
C ASP D 314 -18.70 21.79 47.16
N PRO D 315 -19.26 22.82 47.83
CA PRO D 315 -20.62 23.29 47.55
C PRO D 315 -20.80 23.76 46.10
N ARG D 316 -19.73 24.26 45.50
CA ARG D 316 -19.80 24.76 44.13
C ARG D 316 -19.68 23.63 43.13
N ILE D 317 -18.77 22.70 43.37
CA ILE D 317 -18.58 21.54 42.49
C ILE D 317 -19.83 20.67 42.45
N ALA D 318 -20.55 20.66 43.58
CA ALA D 318 -21.79 19.90 43.69
C ALA D 318 -22.83 20.44 42.71
N ALA D 319 -22.85 21.76 42.54
CA ALA D 319 -23.80 22.40 41.64
C ALA D 319 -23.42 22.18 40.18
N THR D 320 -22.12 22.12 39.92
CA THR D 320 -21.62 21.91 38.56
C THR D 320 -21.97 20.52 38.05
N MET D 321 -21.77 19.51 38.89
CA MET D 321 -22.11 18.14 38.51
C MET D 321 -23.62 17.91 38.50
N GLU D 322 -24.36 18.82 39.12
CA GLU D 322 -25.82 18.75 39.08
C GLU D 322 -26.31 19.16 37.69
N ASN D 323 -25.90 20.35 37.26
CA ASN D 323 -26.24 20.84 35.93
C ASN D 323 -25.66 19.96 34.83
N ALA D 324 -24.57 19.28 35.15
CA ALA D 324 -23.92 18.40 34.18
C ALA D 324 -24.80 17.20 33.88
N GLN D 325 -25.49 16.71 34.91
CA GLN D 325 -26.35 15.53 34.74
C GLN D 325 -27.68 15.94 34.08
N LYS D 326 -28.08 17.18 34.32
CA LYS D 326 -29.28 17.72 33.68
C LYS D 326 -29.04 17.86 32.18
N GLY D 327 -27.83 18.31 31.83
CA GLY D 327 -27.47 18.50 30.44
C GLY D 327 -26.90 17.24 29.81
N GLU D 328 -26.23 17.40 28.68
CA GLU D 328 -25.67 16.26 27.96
C GLU D 328 -24.22 16.49 27.56
N ILE D 329 -23.44 15.40 27.55
CA ILE D 329 -22.06 15.47 27.10
C ILE D 329 -22.05 15.65 25.59
N MET D 330 -21.26 16.61 25.12
CA MET D 330 -21.16 16.90 23.69
C MET D 330 -20.59 15.73 22.91
N PRO D 331 -21.09 15.51 21.69
CA PRO D 331 -20.48 14.48 20.84
C PRO D 331 -19.14 14.99 20.37
N ASN D 332 -18.22 14.11 20.03
CA ASN D 332 -16.95 14.54 19.47
C ASN D 332 -16.91 14.45 17.95
N ILE D 333 -18.06 14.16 17.33
CA ILE D 333 -18.15 14.05 15.88
C ILE D 333 -17.64 15.32 15.19
N PRO D 334 -17.08 15.17 13.98
CA PRO D 334 -16.51 16.30 13.24
C PRO D 334 -17.54 17.34 12.84
N GLN D 335 -18.82 16.98 12.90
CA GLN D 335 -19.91 17.89 12.52
C GLN D 335 -20.14 18.98 13.57
N MET D 336 -19.59 18.77 14.77
CA MET D 336 -19.78 19.72 15.87
C MET D 336 -19.19 21.09 15.56
N SER D 337 -18.12 21.10 14.78
CA SER D 337 -17.49 22.35 14.38
C SER D 337 -18.45 23.20 13.55
N ALA D 338 -19.17 22.53 12.65
CA ALA D 338 -20.11 23.21 11.75
C ALA D 338 -21.43 23.45 12.47
N PHE D 339 -21.64 22.71 13.54
CA PHE D 339 -22.83 22.89 14.37
C PHE D 339 -22.75 24.18 15.18
N TRP D 340 -21.66 24.36 15.90
CA TRP D 340 -21.48 25.54 16.73
C TRP D 340 -21.46 26.81 15.91
N TYR D 341 -20.87 26.77 14.73
CA TYR D 341 -20.83 27.93 13.86
C TYR D 341 -22.25 28.29 13.39
N ALA D 342 -23.03 27.27 13.07
CA ALA D 342 -24.40 27.45 12.59
C ALA D 342 -25.29 28.08 13.66
N VAL D 343 -25.13 27.64 14.90
CA VAL D 343 -25.90 28.17 16.03
C VAL D 343 -25.41 29.55 16.47
N ARG D 344 -24.09 29.74 16.46
CA ARG D 344 -23.50 31.05 16.76
C ARG D 344 -24.11 32.10 15.87
N THR D 345 -24.28 31.77 14.59
CA THR D 345 -24.84 32.70 13.62
C THR D 345 -26.32 32.96 13.90
N ALA D 346 -27.07 31.90 14.19
CA ALA D 346 -28.50 32.03 14.42
C ALA D 346 -28.81 32.86 15.65
N VAL D 347 -28.05 32.65 16.70
CA VAL D 347 -28.25 33.36 17.96
C VAL D 347 -27.94 34.84 17.84
N ILE D 348 -26.78 35.17 17.29
CA ILE D 348 -26.37 36.56 17.10
C ILE D 348 -27.36 37.33 16.21
N ASN D 349 -27.81 36.68 15.14
CA ASN D 349 -28.76 37.30 14.23
C ASN D 349 -30.12 37.57 14.88
N ALA D 350 -30.59 36.59 15.64
CA ALA D 350 -31.90 36.69 16.29
C ALA D 350 -31.87 37.75 17.38
N ALA D 351 -30.70 37.95 17.99
CA ALA D 351 -30.55 38.87 19.12
C ALA D 351 -30.41 40.31 18.68
N SER D 352 -29.87 40.53 17.48
CA SER D 352 -29.65 41.89 16.98
C SER D 352 -30.80 42.34 16.08
N GLY D 353 -31.82 41.49 15.98
CA GLY D 353 -32.97 41.78 15.15
C GLY D 353 -32.65 41.65 13.66
N ARG D 354 -31.43 41.23 13.35
CA ARG D 354 -31.01 41.06 11.96
C ARG D 354 -31.77 39.93 11.28
N GLN D 355 -32.44 39.10 12.08
CA GLN D 355 -33.22 37.98 11.56
C GLN D 355 -34.20 37.50 12.63
N THR D 356 -35.33 36.94 12.18
CA THR D 356 -36.34 36.46 13.10
C THR D 356 -36.00 35.07 13.62
N VAL D 357 -36.47 34.75 14.82
CA VAL D 357 -36.15 33.49 15.48
C VAL D 357 -36.52 32.29 14.61
N ASP D 358 -37.73 32.33 14.08
CA ASP D 358 -38.24 31.27 13.22
C ASP D 358 -37.32 31.07 12.01
N ALA D 359 -36.84 32.16 11.45
CA ALA D 359 -36.04 32.11 10.23
C ALA D 359 -34.58 31.81 10.51
N ALA D 360 -34.08 32.34 11.62
CA ALA D 360 -32.67 32.17 11.98
C ALA D 360 -32.34 30.72 12.30
N LEU D 361 -33.26 30.06 13.01
CA LEU D 361 -33.09 28.66 13.36
C LEU D 361 -33.34 27.74 12.16
N ALA D 362 -34.18 28.20 11.25
CA ALA D 362 -34.46 27.45 10.04
C ALA D 362 -33.24 27.44 9.14
N ALA D 363 -32.49 28.53 9.15
CA ALA D 363 -31.27 28.61 8.37
C ALA D 363 -30.15 27.78 8.99
N ALA D 364 -30.03 27.86 10.31
CA ALA D 364 -29.02 27.10 11.05
C ALA D 364 -29.36 25.62 11.06
N GLN D 365 -30.63 25.29 10.83
CA GLN D 365 -31.08 23.92 10.77
C GLN D 365 -30.33 23.15 9.68
N THR D 366 -30.12 23.80 8.55
CA THR D 366 -29.55 23.13 7.39
C THR D 366 -28.05 23.39 7.23
N ASN D 367 -27.53 24.33 8.03
CA ASN D 367 -26.09 24.56 8.07
C ASN D 367 -25.45 23.53 9.00
N ALA D 368 -26.30 22.85 9.75
CA ALA D 368 -25.88 21.83 10.70
C ALA D 368 -26.41 20.44 10.30
N ALA D 369 -27.40 20.41 9.41
CA ALA D 369 -28.00 19.15 8.96
C ALA D 369 -26.98 18.32 8.22
N ALA D 370 -26.45 17.30 8.89
CA ALA D 370 -25.34 16.50 8.38
C ALA D 370 -25.52 16.01 6.94
N ASP D 371 -25.57 16.96 6.01
CA ASP D 371 -25.73 16.71 4.57
C ASP D 371 -26.78 15.66 4.22
N GLU D 372 -26.62 15.05 3.05
CA GLU D 372 -27.43 13.92 2.65
C GLU D 372 -26.80 12.65 3.23
N GLU D 373 -25.52 12.43 2.92
CA GLU D 373 -24.78 11.24 3.36
C GLU D 373 -25.49 9.96 2.93
N ASP D 374 -24.96 8.80 3.33
CA ASP D 374 -25.54 7.49 2.97
C ASP D 374 -25.83 7.28 1.47
N ASP D 375 -25.87 8.37 0.71
CA ASP D 375 -26.18 8.36 -0.70
C ASP D 375 -24.91 8.24 -1.51
N VAL D 376 -24.25 7.09 -1.41
CA VAL D 376 -23.04 6.83 -2.19
C VAL D 376 -23.22 5.50 -2.90
N VAL D 377 -22.68 5.37 -4.11
CA VAL D 377 -22.70 4.09 -4.79
C VAL D 377 -21.39 3.81 -5.47
N ILE D 378 -20.80 2.67 -5.17
CA ILE D 378 -19.59 2.26 -5.84
C ILE D 378 -19.91 1.20 -6.88
N ILE D 379 -19.31 1.32 -8.05
CA ILE D 379 -19.40 0.29 -9.06
C ILE D 379 -18.01 -0.25 -9.33
N TYR D 380 -17.81 -1.53 -9.04
CA TYR D 380 -16.58 -2.22 -9.36
C TYR D 380 -16.88 -3.15 -10.51
N ASN D 381 -16.61 -2.70 -11.74
CA ASN D 381 -16.88 -3.57 -12.90
C ASN D 381 -15.73 -4.52 -13.12
N ARG D 382 -15.72 -5.58 -12.32
CA ARG D 382 -14.57 -6.46 -12.19
C ARG D 382 -14.11 -7.14 -13.48
N VAL D 383 -12.81 -7.10 -13.73
CA VAL D 383 -12.21 -7.81 -14.85
C VAL D 383 -11.85 -9.22 -14.42
N PRO D 384 -12.23 -10.22 -15.22
CA PRO D 384 -12.01 -11.65 -14.98
C PRO D 384 -10.56 -12.01 -14.67
N LYS D 385 -10.37 -12.80 -13.62
CA LYS D 385 -9.07 -13.35 -13.27
C LYS D 385 -8.06 -12.27 -12.94
N THR D 386 -8.48 -11.32 -12.11
CA THR D 386 -7.60 -10.26 -11.66
C THR D 386 -7.61 -10.12 -10.14
N ALA D 387 -7.92 -11.21 -9.46
CA ALA D 387 -8.05 -11.24 -8.00
C ALA D 387 -9.29 -10.52 -7.52
N SER D 388 -10.29 -10.45 -8.38
CA SER D 388 -11.51 -9.71 -8.08
C SER D 388 -12.31 -10.39 -6.99
N THR D 389 -12.29 -11.72 -6.97
CA THR D 389 -13.05 -12.48 -5.98
C THR D 389 -12.55 -12.17 -4.58
N SER D 390 -11.23 -12.09 -4.44
CA SER D 390 -10.62 -11.82 -3.15
C SER D 390 -11.00 -10.45 -2.65
N PHE D 391 -10.92 -9.46 -3.53
CA PHE D 391 -11.25 -8.09 -3.17
C PHE D 391 -12.72 -7.92 -2.84
N THR D 392 -13.57 -8.55 -3.64
CA THR D 392 -15.01 -8.40 -3.48
C THR D 392 -15.47 -8.98 -2.15
N ASN D 393 -14.85 -10.08 -1.76
CA ASN D 393 -15.22 -10.70 -0.48
C ASN D 393 -14.87 -9.85 0.72
N ILE D 394 -13.99 -8.88 0.53
CA ILE D 394 -13.72 -7.90 1.57
C ILE D 394 -14.95 -7.01 1.71
N ALA D 395 -15.52 -6.62 0.58
CA ALA D 395 -16.73 -5.81 0.58
C ALA D 395 -17.87 -6.56 1.23
N TYR D 396 -17.92 -7.86 1.01
CA TYR D 396 -18.98 -8.67 1.59
C TYR D 396 -18.83 -8.85 3.09
N ASP D 397 -17.59 -8.90 3.55
CA ASP D 397 -17.33 -9.13 4.97
C ASP D 397 -17.50 -7.85 5.80
N LEU D 398 -17.34 -6.70 5.15
CA LEU D 398 -17.42 -5.43 5.86
C LEU D 398 -18.80 -4.79 5.78
N CYS D 399 -19.56 -5.16 4.75
CA CYS D 399 -20.79 -4.46 4.43
C CYS D 399 -21.78 -4.50 5.58
N ALA D 400 -21.84 -5.64 6.26
CA ALA D 400 -22.69 -5.79 7.41
C ALA D 400 -22.27 -4.79 8.47
N LYS D 401 -20.98 -4.83 8.81
CA LYS D 401 -20.45 -4.03 9.92
C LYS D 401 -20.39 -2.54 9.61
N ASN D 402 -20.01 -2.19 8.38
CA ASN D 402 -19.89 -0.79 7.97
C ASN D 402 -21.20 -0.23 7.41
N ARG D 403 -22.26 -1.02 7.53
CA ARG D 403 -23.60 -0.59 7.17
C ARG D 403 -23.75 -0.15 5.71
N TYR D 404 -23.58 -1.08 4.78
CA TYR D 404 -23.91 -0.84 3.39
C TYR D 404 -24.33 -2.13 2.70
N HIS D 405 -24.62 -2.06 1.41
CA HIS D 405 -25.11 -3.21 0.68
C HIS D 405 -24.21 -3.59 -0.47
N VAL D 406 -24.10 -4.88 -0.73
CA VAL D 406 -23.28 -5.38 -1.84
C VAL D 406 -24.12 -6.24 -2.77
N LEU D 407 -24.18 -5.84 -4.05
CA LEU D 407 -24.97 -6.55 -5.04
C LEU D 407 -24.10 -7.01 -6.19
N HIS D 408 -24.36 -8.22 -6.70
CA HIS D 408 -23.64 -8.72 -7.86
C HIS D 408 -24.49 -8.58 -9.12
N ILE D 409 -23.89 -8.07 -10.19
CA ILE D 409 -24.59 -7.90 -11.45
C ILE D 409 -24.33 -9.10 -12.33
N ASN D 410 -25.39 -9.78 -12.75
CA ASN D 410 -25.24 -10.92 -13.65
C ASN D 410 -25.77 -10.57 -15.03
N THR D 411 -25.01 -10.92 -16.06
CA THR D 411 -25.44 -10.69 -17.44
C THR D 411 -25.55 -11.99 -18.22
N THR D 412 -26.52 -12.03 -19.13
CA THR D 412 -26.77 -13.18 -19.97
C THR D 412 -25.55 -13.55 -20.81
N LYS D 413 -25.12 -14.81 -20.67
CA LYS D 413 -23.94 -15.36 -21.36
C LYS D 413 -22.68 -14.56 -21.02
N ASN D 414 -22.71 -13.94 -19.85
CA ASN D 414 -21.59 -13.12 -19.36
C ASN D 414 -21.16 -11.97 -20.28
N ASN D 415 -21.97 -11.65 -21.29
CA ASN D 415 -21.70 -10.55 -22.21
C ASN D 415 -21.55 -9.24 -21.45
N PRO D 416 -20.40 -8.56 -21.61
CA PRO D 416 -20.06 -7.34 -20.86
C PRO D 416 -20.68 -6.08 -21.42
N VAL D 417 -21.40 -6.17 -22.54
CA VAL D 417 -22.06 -5.00 -23.11
C VAL D 417 -23.57 -5.11 -22.93
N MET D 418 -24.17 -4.07 -22.37
CA MET D 418 -25.62 -4.04 -22.17
C MET D 418 -26.34 -3.37 -23.34
N SER D 419 -27.59 -3.75 -23.55
CA SER D 419 -28.40 -3.13 -24.59
C SER D 419 -28.81 -1.78 -24.08
N LEU D 420 -29.07 -0.85 -25.00
CA LEU D 420 -29.43 0.50 -24.62
C LEU D 420 -30.55 0.52 -23.58
N GLN D 421 -31.57 -0.28 -23.81
CA GLN D 421 -32.69 -0.34 -22.87
C GLN D 421 -32.25 -0.89 -21.52
N ASP D 422 -31.28 -1.79 -21.53
CA ASP D 422 -30.79 -2.37 -20.28
C ASP D 422 -29.88 -1.39 -19.59
N GLN D 423 -29.18 -0.59 -20.37
CA GLN D 423 -28.32 0.43 -19.80
C GLN D 423 -29.18 1.40 -19.01
N VAL D 424 -30.31 1.82 -19.59
CA VAL D 424 -31.18 2.81 -18.97
C VAL D 424 -31.73 2.28 -17.65
N ARG D 425 -32.11 1.01 -17.65
CA ARG D 425 -32.65 0.38 -16.45
C ARG D 425 -31.61 0.29 -15.37
N PHE D 426 -30.40 -0.12 -15.74
CA PHE D 426 -29.32 -0.31 -14.79
C PHE D 426 -28.99 1.02 -14.13
N VAL D 427 -28.86 2.05 -14.93
CA VAL D 427 -28.56 3.39 -14.43
C VAL D 427 -29.67 3.86 -13.51
N LYS D 428 -30.92 3.63 -13.92
CA LYS D 428 -32.06 4.01 -13.11
C LYS D 428 -32.01 3.28 -11.76
N ASN D 429 -31.80 1.97 -11.80
CA ASN D 429 -31.69 1.18 -10.57
C ASN D 429 -30.62 1.70 -9.64
N VAL D 430 -29.39 1.72 -10.13
CA VAL D 430 -28.25 2.15 -9.33
C VAL D 430 -28.56 3.44 -8.56
N THR D 431 -29.15 4.40 -9.25
CA THR D 431 -29.31 5.75 -8.73
C THR D 431 -30.60 5.96 -7.93
N SER D 432 -31.66 5.26 -8.28
CA SER D 432 -32.93 5.49 -7.59
C SER D 432 -33.38 4.34 -6.70
N TRP D 433 -32.55 3.31 -6.55
CA TRP D 433 -32.84 2.22 -5.63
C TRP D 433 -32.34 2.60 -4.25
N LYS D 434 -33.16 3.36 -3.55
CA LYS D 434 -32.77 3.98 -2.30
C LYS D 434 -32.42 2.97 -1.21
N GLU D 435 -33.09 1.83 -1.18
CA GLU D 435 -32.91 0.88 -0.09
C GLU D 435 -31.60 0.10 -0.21
N MET D 436 -30.83 0.38 -1.24
CA MET D 436 -29.53 -0.27 -1.42
C MET D 436 -28.40 0.73 -1.29
N LYS D 437 -28.68 1.90 -0.72
CA LYS D 437 -27.66 2.92 -0.56
C LYS D 437 -27.24 3.08 0.90
N PRO D 438 -25.92 3.18 1.14
CA PRO D 438 -24.86 3.13 0.12
C PRO D 438 -24.67 1.71 -0.41
N GLY D 439 -24.25 1.59 -1.66
CA GLY D 439 -24.18 0.29 -2.30
C GLY D 439 -22.90 0.01 -3.05
N PHE D 440 -22.58 -1.26 -3.18
CA PHE D 440 -21.38 -1.71 -3.87
C PHE D 440 -21.80 -2.71 -4.95
N TYR D 441 -22.07 -2.22 -6.15
CA TYR D 441 -22.44 -3.11 -7.23
C TYR D 441 -21.19 -3.61 -7.90
N HIS D 442 -21.15 -4.89 -8.22
CA HIS D 442 -19.99 -5.46 -8.89
C HIS D 442 -20.42 -6.47 -9.93
N GLY D 443 -19.58 -6.68 -10.94
CA GLY D 443 -19.89 -7.63 -11.99
C GLY D 443 -19.09 -7.38 -13.25
N HIS D 444 -19.01 -8.39 -14.10
CA HIS D 444 -18.21 -8.29 -15.32
C HIS D 444 -18.94 -7.51 -16.41
N VAL D 445 -19.11 -6.21 -16.16
CA VAL D 445 -19.74 -5.31 -17.11
C VAL D 445 -18.72 -4.28 -17.63
N SER D 446 -18.77 -3.98 -18.93
CA SER D 446 -17.93 -2.95 -19.51
C SER D 446 -18.27 -1.59 -18.87
N TYR D 447 -17.36 -0.62 -18.95
CA TYR D 447 -17.59 0.67 -18.32
C TYR D 447 -18.80 1.41 -18.90
N LEU D 448 -19.73 1.78 -18.03
CA LEU D 448 -20.94 2.50 -18.45
C LEU D 448 -20.96 3.94 -17.93
N ASP D 449 -21.12 4.88 -18.86
CA ASP D 449 -21.08 6.31 -18.54
C ASP D 449 -22.45 6.86 -18.11
N PHE D 450 -22.59 7.18 -16.83
CA PHE D 450 -23.86 7.60 -16.27
C PHE D 450 -24.25 9.03 -16.67
N ALA D 451 -23.26 9.81 -17.08
CA ALA D 451 -23.44 11.23 -17.43
C ALA D 451 -24.47 11.42 -18.54
N LYS D 452 -24.38 10.59 -19.58
CA LYS D 452 -25.26 10.62 -20.75
C LYS D 452 -26.74 10.57 -20.40
N PHE D 453 -27.06 9.91 -19.30
CA PHE D 453 -28.45 9.60 -18.97
C PHE D 453 -29.05 10.68 -18.10
N GLY D 454 -28.24 11.68 -17.74
CA GLY D 454 -28.70 12.81 -16.97
C GLY D 454 -29.16 12.44 -15.58
N VAL D 455 -28.23 11.93 -14.78
CA VAL D 455 -28.51 11.56 -13.40
C VAL D 455 -28.11 12.73 -12.52
N LYS D 456 -28.54 12.72 -11.26
CA LYS D 456 -28.16 13.78 -10.32
C LYS D 456 -26.73 13.57 -9.83
N LYS D 457 -26.46 12.35 -9.37
CA LYS D 457 -25.19 11.98 -8.77
C LYS D 457 -24.61 10.77 -9.51
N LYS D 458 -23.36 10.89 -9.95
CA LYS D 458 -22.67 9.76 -10.58
C LYS D 458 -22.18 8.75 -9.55
N PRO D 459 -22.09 7.47 -9.94
CA PRO D 459 -21.53 6.50 -9.00
C PRO D 459 -20.03 6.62 -8.99
N ILE D 460 -19.39 5.96 -8.03
CA ILE D 460 -17.94 5.95 -7.94
C ILE D 460 -17.42 4.67 -8.59
N TYR D 461 -16.53 4.80 -9.55
CA TYR D 461 -16.01 3.64 -10.25
C TYR D 461 -14.62 3.30 -9.75
N ILE D 462 -14.39 2.01 -9.47
CA ILE D 462 -13.07 1.52 -9.12
C ILE D 462 -12.82 0.24 -9.91
N ASN D 463 -11.57 -0.16 -10.03
CA ASN D 463 -11.24 -1.40 -10.70
C ASN D 463 -9.84 -1.90 -10.35
N VAL D 464 -9.56 -3.14 -10.72
CA VAL D 464 -8.24 -3.72 -10.57
C VAL D 464 -7.93 -4.48 -11.85
N ILE D 465 -6.80 -4.16 -12.47
CA ILE D 465 -6.37 -4.86 -13.68
C ILE D 465 -5.09 -5.69 -13.43
N ARG D 466 -4.75 -6.53 -14.41
CA ARG D 466 -3.62 -7.45 -14.27
C ARG D 466 -2.79 -7.38 -15.54
N ASP D 467 -1.56 -7.87 -15.49
CA ASP D 467 -0.74 -7.93 -16.70
C ASP D 467 -1.47 -8.75 -17.75
N PRO D 468 -1.62 -8.19 -18.96
CA PRO D 468 -2.37 -8.78 -20.07
C PRO D 468 -2.05 -10.24 -20.30
N ILE D 469 -0.77 -10.61 -20.34
CA ILE D 469 -0.39 -11.99 -20.62
C ILE D 469 -0.65 -12.91 -19.44
N GLU D 470 -0.24 -12.49 -18.26
CA GLU D 470 -0.48 -13.29 -17.06
C GLU D 470 -1.96 -13.50 -16.81
N ARG D 471 -2.78 -12.52 -17.19
CA ARG D 471 -4.22 -12.63 -17.02
C ARG D 471 -4.79 -13.67 -17.97
N LEU D 472 -4.35 -13.61 -19.23
CA LEU D 472 -4.85 -14.52 -20.26
C LEU D 472 -4.52 -15.96 -19.90
N VAL D 473 -3.27 -16.18 -19.51
CA VAL D 473 -2.80 -17.51 -19.11
C VAL D 473 -3.61 -18.03 -17.94
N SER D 474 -3.82 -17.18 -16.95
CA SER D 474 -4.62 -17.51 -15.80
C SER D 474 -6.01 -17.92 -16.24
N TYR D 475 -6.60 -17.12 -17.11
CA TYR D 475 -7.95 -17.39 -17.62
C TYR D 475 -7.99 -18.63 -18.48
N TYR D 476 -6.88 -18.90 -19.16
CA TYR D 476 -6.78 -20.06 -20.04
C TYR D 476 -6.95 -21.33 -19.23
N TYR D 477 -6.09 -21.51 -18.23
CA TYR D 477 -6.11 -22.70 -17.38
C TYR D 477 -7.33 -22.73 -16.46
N PHE D 478 -7.95 -21.59 -16.24
CA PHE D 478 -9.15 -21.55 -15.41
C PHE D 478 -10.29 -22.31 -16.07
N LEU D 479 -10.47 -22.08 -17.36
CA LEU D 479 -11.53 -22.74 -18.12
C LEU D 479 -11.26 -24.23 -18.26
N ARG D 480 -9.99 -24.61 -18.14
CA ARG D 480 -9.59 -25.99 -18.33
C ARG D 480 -9.76 -26.80 -17.05
N PHE D 481 -9.36 -26.23 -15.93
CA PHE D 481 -9.25 -26.99 -14.69
C PHE D 481 -10.10 -26.44 -13.55
N GLY D 482 -10.50 -25.18 -13.62
CA GLY D 482 -11.33 -24.60 -12.59
C GLY D 482 -10.51 -24.05 -11.44
N ASP D 483 -11.19 -23.66 -10.37
CA ASP D 483 -10.52 -23.02 -9.25
C ASP D 483 -10.71 -23.79 -7.96
N ASP D 484 -10.43 -23.14 -6.82
CA ASP D 484 -10.59 -23.77 -5.52
C ASP D 484 -11.61 -23.06 -4.63
N TYR D 485 -12.25 -22.02 -5.16
CA TYR D 485 -13.28 -21.29 -4.43
C TYR D 485 -14.58 -22.04 -4.58
N ARG D 486 -14.88 -22.44 -5.81
CA ARG D 486 -16.05 -23.27 -6.10
C ARG D 486 -15.59 -24.39 -7.03
N PRO D 487 -15.08 -25.48 -6.43
CA PRO D 487 -14.46 -26.59 -7.16
C PRO D 487 -15.51 -27.57 -7.68
N GLY D 488 -16.77 -27.23 -7.51
CA GLY D 488 -17.86 -28.09 -7.94
C GLY D 488 -18.30 -27.82 -9.36
N LEU D 489 -18.13 -26.60 -9.82
CA LEU D 489 -18.56 -26.24 -11.15
C LEU D 489 -17.65 -26.86 -12.20
N ARG D 490 -18.26 -27.50 -13.19
CA ARG D 490 -17.51 -27.95 -14.35
C ARG D 490 -17.41 -26.80 -15.34
N ARG D 491 -16.18 -26.38 -15.63
CA ARG D 491 -15.96 -25.19 -16.44
C ARG D 491 -16.19 -25.47 -17.92
N ARG D 492 -16.33 -24.39 -18.70
CA ARG D 492 -16.81 -24.48 -20.07
C ARG D 492 -15.94 -25.36 -20.98
N LYS D 493 -14.65 -25.07 -21.02
CA LYS D 493 -13.74 -25.81 -21.89
C LYS D 493 -12.99 -26.90 -21.15
N GLN D 494 -13.59 -27.42 -20.09
CA GLN D 494 -12.98 -28.49 -19.32
C GLN D 494 -12.93 -29.74 -20.19
N GLY D 495 -11.84 -30.48 -20.11
CA GLY D 495 -11.64 -31.64 -20.96
C GLY D 495 -10.80 -31.29 -22.18
N ASP D 496 -10.00 -30.23 -22.04
CA ASP D 496 -9.06 -29.82 -23.08
C ASP D 496 -7.66 -30.00 -22.52
N LYS D 497 -6.88 -30.86 -23.15
CA LYS D 497 -5.58 -31.27 -22.61
C LYS D 497 -4.43 -30.33 -22.96
N LYS D 498 -4.51 -29.67 -24.11
CA LYS D 498 -3.42 -28.82 -24.60
C LYS D 498 -3.06 -27.72 -23.60
N THR D 499 -1.77 -27.56 -23.35
CA THR D 499 -1.28 -26.51 -22.47
C THR D 499 -1.21 -25.20 -23.23
N PHE D 500 -1.08 -24.11 -22.49
CA PHE D 500 -1.07 -22.77 -23.09
C PHE D 500 0.07 -22.62 -24.07
N ASP D 501 1.26 -23.06 -23.65
CA ASP D 501 2.45 -22.96 -24.49
C ASP D 501 2.31 -23.77 -25.78
N GLU D 502 1.75 -24.97 -25.67
CA GLU D 502 1.52 -25.81 -26.84
C GLU D 502 0.46 -25.21 -27.75
N CYS D 503 -0.51 -24.52 -27.15
CA CYS D 503 -1.57 -23.92 -27.92
C CYS D 503 -1.06 -22.76 -28.77
N VAL D 504 -0.26 -21.89 -28.17
CA VAL D 504 0.29 -20.73 -28.87
C VAL D 504 1.13 -21.18 -30.06
N ALA D 505 1.99 -22.16 -29.83
CA ALA D 505 2.85 -22.68 -30.88
C ALA D 505 2.03 -23.28 -32.03
N ALA D 506 0.86 -23.82 -31.70
CA ALA D 506 0.01 -24.46 -32.69
C ALA D 506 -0.98 -23.47 -33.29
N GLY D 507 -0.88 -22.21 -32.88
CA GLY D 507 -1.78 -21.19 -33.37
C GLY D 507 -3.23 -21.44 -32.98
N GLY D 508 -3.46 -21.82 -31.72
CA GLY D 508 -4.79 -22.13 -31.25
C GLY D 508 -5.65 -20.89 -31.11
N SER D 509 -6.95 -21.11 -30.89
CA SER D 509 -7.92 -20.00 -30.84
C SER D 509 -7.97 -19.33 -29.49
N ASP D 510 -7.83 -20.12 -28.44
CA ASP D 510 -7.94 -19.62 -27.08
C ASP D 510 -6.72 -18.83 -26.63
N CYS D 511 -5.62 -18.97 -27.35
CA CYS D 511 -4.39 -18.27 -27.00
C CYS D 511 -3.91 -17.39 -28.15
N ALA D 512 -4.84 -16.95 -28.98
CA ALA D 512 -4.55 -16.02 -30.06
C ALA D 512 -4.38 -14.64 -29.46
N PRO D 513 -3.57 -13.79 -30.11
CA PRO D 513 -3.30 -12.44 -29.58
C PRO D 513 -4.57 -11.61 -29.43
N GLU D 514 -5.57 -11.90 -30.26
CA GLU D 514 -6.84 -11.19 -30.20
C GLU D 514 -7.54 -11.42 -28.86
N LYS D 515 -7.18 -12.48 -28.15
CA LYS D 515 -7.81 -12.77 -26.88
C LYS D 515 -7.19 -11.95 -25.75
N LEU D 516 -6.15 -11.18 -26.07
CA LEU D 516 -5.50 -10.32 -25.10
C LEU D 516 -6.32 -9.05 -24.92
N TRP D 517 -7.10 -8.74 -25.95
CA TRP D 517 -7.94 -7.54 -25.96
C TRP D 517 -9.14 -7.79 -25.08
N LEU D 518 -9.11 -7.25 -23.87
CA LEU D 518 -10.23 -7.35 -22.94
C LEU D 518 -10.23 -6.20 -21.96
N GLN D 519 -9.08 -5.93 -21.37
CA GLN D 519 -8.96 -4.86 -20.39
C GLN D 519 -9.17 -3.48 -21.01
N ILE D 520 -8.76 -3.30 -22.25
CA ILE D 520 -9.04 -2.03 -22.92
C ILE D 520 -10.53 -1.74 -23.11
N PRO D 521 -11.29 -2.66 -23.74
CA PRO D 521 -12.72 -2.39 -23.90
C PRO D 521 -13.46 -2.26 -22.59
N PHE D 522 -12.99 -2.94 -21.56
CA PHE D 522 -13.64 -2.88 -20.27
C PHE D 522 -13.61 -1.45 -19.71
N PHE D 523 -12.65 -0.65 -20.16
CA PHE D 523 -12.56 0.75 -19.76
C PHE D 523 -13.10 1.68 -20.83
N CYS D 524 -12.89 1.30 -22.08
CA CYS D 524 -13.39 2.06 -23.23
C CYS D 524 -14.90 2.17 -23.20
N GLY D 525 -15.58 1.06 -22.93
CA GLY D 525 -17.01 1.08 -22.67
C GLY D 525 -17.90 0.42 -23.70
N HIS D 526 -19.16 0.85 -23.73
CA HIS D 526 -20.17 0.30 -24.62
C HIS D 526 -20.23 0.98 -25.99
N SER D 527 -19.14 1.60 -26.43
CA SER D 527 -19.12 2.15 -27.77
C SER D 527 -18.50 1.13 -28.74
N SER D 528 -18.86 1.24 -30.01
CA SER D 528 -18.47 0.25 -31.00
C SER D 528 -16.97 0.11 -31.15
N GLU D 529 -16.27 1.24 -31.24
CA GLU D 529 -14.85 1.23 -31.53
C GLU D 529 -14.02 0.59 -30.42
N CYS D 530 -14.61 0.44 -29.24
CA CYS D 530 -13.93 -0.21 -28.13
C CYS D 530 -13.68 -1.68 -28.41
N TRP D 531 -14.67 -2.33 -29.01
CA TRP D 531 -14.58 -3.75 -29.21
C TRP D 531 -14.00 -4.08 -30.58
N ASN D 532 -13.59 -3.03 -31.29
CA ASN D 532 -12.84 -3.18 -32.52
C ASN D 532 -11.42 -3.53 -32.13
N VAL D 533 -11.07 -4.81 -32.17
CA VAL D 533 -9.79 -5.29 -31.66
C VAL D 533 -8.58 -4.65 -32.34
N GLY D 534 -7.73 -4.01 -31.53
CA GLY D 534 -6.54 -3.39 -32.04
C GLY D 534 -6.74 -1.94 -32.39
N SER D 535 -7.88 -1.39 -31.98
CA SER D 535 -8.21 0.00 -32.28
C SER D 535 -7.33 0.96 -31.50
N ARG D 536 -6.70 1.89 -32.19
CA ARG D 536 -5.91 2.91 -31.52
C ARG D 536 -6.82 3.88 -30.79
N TRP D 537 -8.00 4.15 -31.36
CA TRP D 537 -8.97 5.05 -30.74
C TRP D 537 -9.42 4.46 -29.42
N ALA D 538 -9.67 3.16 -29.44
CA ALA D 538 -10.22 2.45 -28.29
C ALA D 538 -9.26 2.53 -27.12
N LEU D 539 -7.96 2.47 -27.45
CA LEU D 539 -6.91 2.53 -26.44
C LEU D 539 -6.93 3.89 -25.79
N GLU D 540 -6.95 4.92 -26.62
CA GLU D 540 -6.88 6.29 -26.13
C GLU D 540 -8.08 6.62 -25.26
N GLN D 541 -9.26 6.26 -25.72
CA GLN D 541 -10.47 6.45 -24.94
C GLN D 541 -10.43 5.68 -23.63
N ALA D 542 -9.88 4.48 -23.64
CA ALA D 542 -9.82 3.69 -22.43
C ALA D 542 -8.97 4.40 -21.38
N LYS D 543 -7.89 5.03 -21.84
CA LYS D 543 -7.01 5.78 -20.96
C LYS D 543 -7.72 7.02 -20.40
N TYR D 544 -8.44 7.73 -21.27
CA TYR D 544 -9.17 8.91 -20.83
C TYR D 544 -10.26 8.57 -19.82
N ASN D 545 -10.88 7.41 -19.94
CA ASN D 545 -11.92 6.99 -18.99
C ASN D 545 -11.35 6.64 -17.65
N LEU D 546 -10.17 6.04 -17.65
CA LEU D 546 -9.52 5.63 -16.42
C LEU D 546 -9.11 6.84 -15.60
N ILE D 547 -8.80 7.92 -16.30
CA ILE D 547 -8.26 9.11 -15.65
C ILE D 547 -9.41 9.99 -15.21
N ASN D 548 -10.40 10.11 -16.07
CA ASN D 548 -11.52 11.03 -15.85
C ASN D 548 -12.66 10.48 -15.03
N GLU D 549 -12.82 9.16 -15.01
CA GLU D 549 -14.04 8.57 -14.46
C GLU D 549 -13.82 7.60 -13.32
N TYR D 550 -12.69 6.92 -13.34
CA TYR D 550 -12.36 5.95 -12.30
C TYR D 550 -11.70 6.59 -11.08
N PHE D 551 -12.36 6.43 -9.93
CA PHE D 551 -11.89 6.99 -8.67
C PHE D 551 -10.51 6.46 -8.31
N LEU D 552 -10.33 5.15 -8.49
CA LEU D 552 -9.02 4.52 -8.31
C LEU D 552 -9.00 3.17 -9.02
N VAL D 553 -7.99 2.95 -9.85
CA VAL D 553 -7.76 1.65 -10.46
C VAL D 553 -6.37 1.15 -10.07
N GLY D 554 -6.32 0.05 -9.33
CA GLY D 554 -5.08 -0.54 -8.87
C GLY D 554 -4.73 -1.78 -9.67
N VAL D 555 -3.61 -2.41 -9.37
CA VAL D 555 -3.22 -3.59 -10.12
C VAL D 555 -3.21 -4.82 -9.22
N THR D 556 -3.45 -5.99 -9.80
CA THR D 556 -3.55 -7.24 -9.05
C THR D 556 -2.32 -7.48 -8.18
N GLU D 557 -1.15 -7.33 -8.79
CA GLU D 557 0.08 -7.71 -8.11
C GLU D 557 0.48 -6.71 -7.04
N GLU D 558 -0.31 -5.66 -6.88
CA GLU D 558 -0.17 -4.75 -5.75
C GLU D 558 -1.54 -4.46 -5.16
N LEU D 559 -2.26 -5.52 -4.80
CA LEU D 559 -3.63 -5.40 -4.32
C LEU D 559 -3.69 -4.90 -2.88
N GLU D 560 -2.67 -5.20 -2.10
CA GLU D 560 -2.67 -4.78 -0.71
C GLU D 560 -2.68 -3.26 -0.62
N ASP D 561 -1.85 -2.61 -1.43
CA ASP D 561 -1.73 -1.16 -1.40
C ASP D 561 -2.99 -0.51 -1.92
N PHE D 562 -3.62 -1.16 -2.89
CA PHE D 562 -4.87 -0.69 -3.46
C PHE D 562 -5.93 -0.61 -2.37
N ILE D 563 -5.98 -1.65 -1.56
CA ILE D 563 -6.95 -1.72 -0.46
C ILE D 563 -6.64 -0.69 0.61
N MET D 564 -5.36 -0.51 0.90
CA MET D 564 -4.91 0.44 1.92
C MET D 564 -5.34 1.87 1.58
N LEU D 565 -5.27 2.21 0.30
CA LEU D 565 -5.65 3.53 -0.18
C LEU D 565 -7.15 3.73 -0.13
N LEU D 566 -7.90 2.67 -0.39
CA LEU D 566 -9.35 2.75 -0.39
C LEU D 566 -9.89 2.91 1.02
N GLU D 567 -9.22 2.31 1.98
CA GLU D 567 -9.60 2.47 3.37
C GLU D 567 -9.39 3.92 3.84
N ALA D 568 -8.38 4.57 3.27
CA ALA D 568 -8.06 5.94 3.62
C ALA D 568 -8.97 6.93 2.92
N ALA D 569 -9.36 6.61 1.69
CA ALA D 569 -10.17 7.50 0.87
C ALA D 569 -11.69 7.31 1.06
N LEU D 570 -12.14 6.06 1.02
CA LEU D 570 -13.54 5.73 1.18
C LEU D 570 -13.74 4.85 2.40
N PRO D 571 -13.57 5.42 3.60
CA PRO D 571 -13.55 4.60 4.81
C PRO D 571 -14.93 4.07 5.16
N ARG D 572 -15.98 4.68 4.61
CA ARG D 572 -17.34 4.20 4.84
C ARG D 572 -17.47 2.77 4.37
N PHE D 573 -16.86 2.48 3.23
CA PHE D 573 -16.92 1.15 2.65
C PHE D 573 -15.82 0.24 3.16
N PHE D 574 -14.63 0.80 3.37
CA PHE D 574 -13.45 -0.02 3.62
C PHE D 574 -12.75 0.22 4.95
N ARG D 575 -13.50 0.63 5.96
CA ARG D 575 -12.96 0.71 7.31
C ARG D 575 -12.62 -0.70 7.74
N GLY D 576 -11.33 -0.98 7.95
CA GLY D 576 -10.91 -2.26 8.45
C GLY D 576 -10.64 -3.28 7.37
N ALA D 577 -10.61 -2.81 6.12
CA ALA D 577 -10.34 -3.68 4.98
C ALA D 577 -8.91 -4.18 4.96
N THR D 578 -7.97 -3.33 5.36
CA THR D 578 -6.57 -3.69 5.32
C THR D 578 -6.25 -4.72 6.40
N GLU D 579 -6.78 -4.50 7.59
CA GLU D 579 -6.59 -5.45 8.67
C GLU D 579 -7.17 -6.79 8.28
N LEU D 580 -8.36 -6.76 7.69
CA LEU D 580 -9.04 -7.97 7.25
C LEU D 580 -8.23 -8.71 6.20
N TYR D 581 -7.56 -7.96 5.34
CA TYR D 581 -6.78 -8.56 4.26
C TYR D 581 -5.53 -9.25 4.80
N ARG D 582 -4.84 -8.59 5.72
CA ARG D 582 -3.56 -9.10 6.24
C ARG D 582 -3.72 -10.29 7.18
N THR D 583 -4.85 -10.31 7.90
CA THR D 583 -5.12 -11.39 8.86
C THR D 583 -6.51 -11.97 8.60
N GLY D 584 -6.68 -12.67 7.49
CA GLY D 584 -8.00 -13.12 7.10
C GLY D 584 -8.10 -14.51 6.52
N LYS D 585 -7.04 -14.98 5.87
CA LYS D 585 -7.01 -16.29 5.22
C LYS D 585 -8.07 -16.38 4.12
N LYS D 586 -8.59 -15.23 3.74
CA LYS D 586 -9.61 -15.14 2.71
C LYS D 586 -9.12 -14.07 1.74
N SER D 587 -7.79 -13.96 1.65
CA SER D 587 -7.17 -12.89 0.88
C SER D 587 -6.72 -13.38 -0.49
N HIS D 588 -6.51 -14.68 -0.63
CA HIS D 588 -6.14 -15.24 -1.91
C HIS D 588 -7.15 -16.27 -2.39
N LEU D 589 -8.32 -15.80 -2.80
CA LEU D 589 -9.42 -16.68 -3.22
C LEU D 589 -9.37 -17.01 -4.71
N ARG D 590 -9.87 -18.19 -5.04
CA ARG D 590 -10.06 -18.61 -6.43
C ARG D 590 -8.76 -18.81 -7.21
N LYS D 591 -7.81 -19.48 -6.58
CA LYS D 591 -6.57 -19.86 -7.27
C LYS D 591 -6.87 -20.89 -8.33
N THR D 592 -6.41 -20.66 -9.55
CA THR D 592 -6.60 -21.62 -10.61
C THR D 592 -5.84 -22.90 -10.29
N THR D 593 -6.56 -24.01 -10.22
CA THR D 593 -6.05 -25.29 -9.71
C THR D 593 -4.72 -25.73 -10.31
N GLU D 594 -4.70 -25.98 -11.61
CA GLU D 594 -3.46 -26.37 -12.28
C GLU D 594 -3.07 -25.32 -13.30
N LYS D 595 -1.98 -24.60 -13.00
CA LYS D 595 -1.44 -23.62 -13.93
C LYS D 595 -0.02 -24.00 -14.37
N LYS D 596 0.29 -23.72 -15.63
CA LYS D 596 1.64 -23.89 -16.14
C LYS D 596 2.13 -22.56 -16.72
N LEU D 597 3.04 -21.90 -16.01
CA LEU D 597 3.59 -20.62 -16.44
C LEU D 597 4.23 -20.74 -17.81
N PRO D 598 4.08 -19.71 -18.64
CA PRO D 598 4.49 -19.76 -20.05
C PRO D 598 6.01 -19.71 -20.22
N THR D 599 6.50 -20.37 -21.27
CA THR D 599 7.92 -20.35 -21.61
C THR D 599 8.33 -18.94 -22.01
N LYS D 600 9.62 -18.65 -21.84
CA LYS D 600 10.18 -17.39 -22.32
C LYS D 600 9.97 -17.28 -23.82
N GLU D 601 9.90 -18.44 -24.47
CA GLU D 601 9.68 -18.50 -25.91
C GLU D 601 8.23 -18.17 -26.25
N THR D 602 7.32 -18.64 -25.41
CA THR D 602 5.89 -18.42 -25.65
C THR D 602 5.52 -16.95 -25.44
N ILE D 603 5.99 -16.39 -24.33
CA ILE D 603 5.79 -14.99 -24.02
C ILE D 603 6.39 -14.10 -25.11
N ALA D 604 7.56 -14.49 -25.59
CA ALA D 604 8.25 -13.71 -26.63
C ALA D 604 7.44 -13.58 -27.92
N LYS D 605 6.71 -14.63 -28.29
CA LYS D 605 5.94 -14.60 -29.52
C LYS D 605 4.67 -13.73 -29.38
N LEU D 606 4.06 -13.76 -28.20
CA LEU D 606 2.88 -12.95 -27.95
C LEU D 606 3.21 -11.46 -27.98
N GLN D 607 4.42 -11.12 -27.56
CA GLN D 607 4.82 -9.72 -27.48
C GLN D 607 5.13 -9.12 -28.84
N GLN D 608 5.05 -9.92 -29.89
CA GLN D 608 5.26 -9.42 -31.23
C GLN D 608 3.98 -8.78 -31.75
N SER D 609 2.86 -9.14 -31.14
CA SER D 609 1.55 -8.72 -31.63
C SER D 609 1.23 -7.30 -31.23
N GLU D 610 0.73 -6.52 -32.17
CA GLU D 610 0.29 -5.16 -31.87
C GLU D 610 -0.81 -5.13 -30.83
N ILE D 611 -1.67 -6.15 -30.84
CA ILE D 611 -2.73 -6.26 -29.84
C ILE D 611 -2.11 -6.35 -28.45
N TRP D 612 -0.96 -6.98 -28.33
CA TRP D 612 -0.29 -7.06 -27.05
C TRP D 612 0.32 -5.75 -26.68
N LYS D 613 1.06 -5.16 -27.62
CA LYS D 613 1.77 -3.91 -27.38
C LYS D 613 0.83 -2.84 -26.83
N MET D 614 -0.40 -2.85 -27.33
CA MET D 614 -1.44 -1.90 -26.92
C MET D 614 -1.99 -2.23 -25.56
N GLU D 615 -2.42 -3.49 -25.40
CA GLU D 615 -3.00 -3.94 -24.14
C GLU D 615 -2.01 -3.80 -23.00
N ASN D 616 -0.72 -3.86 -23.35
CA ASN D 616 0.37 -3.67 -22.40
C ASN D 616 0.58 -2.19 -22.09
N GLU D 617 0.57 -1.38 -23.14
CA GLU D 617 0.70 0.07 -22.98
C GLU D 617 -0.36 0.62 -22.04
N PHE D 618 -1.58 0.11 -22.16
CA PHE D 618 -2.66 0.53 -21.28
C PHE D 618 -2.36 0.11 -19.85
N TYR D 619 -1.93 -1.13 -19.65
CA TYR D 619 -1.57 -1.63 -18.32
C TYR D 619 -0.54 -0.73 -17.64
N GLU D 620 0.61 -0.56 -18.28
CA GLU D 620 1.67 0.27 -17.74
C GLU D 620 1.23 1.70 -17.48
N PHE D 621 0.32 2.18 -18.31
CA PHE D 621 -0.27 3.50 -18.10
C PHE D 621 -1.04 3.54 -16.77
N ALA D 622 -1.90 2.55 -16.58
CA ALA D 622 -2.73 2.49 -15.39
C ALA D 622 -1.90 2.21 -14.16
N LEU D 623 -0.85 1.42 -14.35
CA LEU D 623 0.08 1.10 -13.29
C LEU D 623 0.84 2.35 -12.82
N GLU D 624 1.48 3.03 -13.76
CA GLU D 624 2.25 4.22 -13.41
C GLU D 624 1.38 5.24 -12.73
N GLN D 625 0.10 5.25 -13.09
CA GLN D 625 -0.87 6.12 -12.45
C GLN D 625 -1.06 5.74 -11.00
N PHE D 626 -1.30 4.45 -10.78
CA PHE D 626 -1.52 3.95 -9.42
C PHE D 626 -0.31 4.22 -8.55
N GLN D 627 0.87 3.99 -9.11
CA GLN D 627 2.10 4.20 -8.37
C GLN D 627 2.24 5.66 -7.99
N PHE D 628 1.83 6.54 -8.90
CA PHE D 628 1.84 7.98 -8.65
C PHE D 628 0.86 8.33 -7.53
N VAL D 629 -0.34 7.78 -7.60
CA VAL D 629 -1.37 8.03 -6.61
C VAL D 629 -0.90 7.63 -5.22
N ARG D 630 -0.25 6.47 -5.15
CA ARG D 630 0.21 5.94 -3.88
C ARG D 630 1.34 6.81 -3.38
N ALA D 631 2.26 7.13 -4.26
CA ALA D 631 3.43 7.91 -3.92
C ALA D 631 3.04 9.21 -3.23
N HIS D 632 1.92 9.79 -3.66
CA HIS D 632 1.49 11.07 -3.13
C HIS D 632 0.56 10.96 -1.92
N ALA D 633 0.18 9.73 -1.57
CA ALA D 633 -0.75 9.52 -0.47
C ALA D 633 -0.11 8.92 0.77
N VAL D 634 1.10 8.39 0.64
CA VAL D 634 1.77 7.73 1.77
C VAL D 634 3.17 8.25 2.05
N ARG D 635 3.72 7.76 3.15
CA ARG D 635 5.08 8.08 3.61
C ARG D 635 5.78 6.79 4.02
N GLU D 636 6.99 6.57 3.49
CA GLU D 636 7.73 5.35 3.80
C GLU D 636 8.57 5.60 5.03
N LYS D 637 8.03 5.30 6.21
CA LYS D 637 8.76 5.47 7.46
C LYS D 637 9.25 4.14 8.02
N ASP D 638 10.50 3.81 7.73
CA ASP D 638 11.13 2.62 8.30
C ASP D 638 10.41 1.32 7.96
N GLY D 639 10.41 0.96 6.68
CA GLY D 639 9.98 -0.36 6.25
C GLY D 639 8.48 -0.58 6.09
N GLU D 640 7.69 0.45 6.38
CA GLU D 640 6.25 0.35 6.23
C GLU D 640 5.64 1.65 5.73
N LEU D 641 4.49 1.56 5.06
CA LEU D 641 3.84 2.74 4.52
C LEU D 641 2.83 3.30 5.51
N TYR D 642 2.84 4.62 5.66
CA TYR D 642 1.89 5.29 6.53
C TYR D 642 1.15 6.37 5.75
N ILE D 643 -0.17 6.39 5.88
CA ILE D 643 -0.99 7.38 5.17
C ILE D 643 -0.69 8.81 5.63
N LEU D 644 -0.52 9.70 4.67
CA LEU D 644 -0.21 11.09 4.97
C LEU D 644 -1.37 11.80 5.66
N ALA D 645 -1.04 12.75 6.51
CA ALA D 645 -2.04 13.56 7.18
C ALA D 645 -2.63 14.57 6.20
N GLN D 646 -3.48 15.46 6.71
CA GLN D 646 -4.03 16.50 5.86
C GLN D 646 -2.97 17.56 5.59
N ASN D 647 -2.81 17.93 4.32
CA ASN D 647 -1.76 18.86 3.93
C ASN D 647 -2.27 20.13 3.27
N PHE D 648 -3.53 20.48 3.55
CA PHE D 648 -4.05 21.75 3.11
C PHE D 648 -4.93 22.39 4.17
N PHE D 649 -5.26 23.66 3.97
CA PHE D 649 -6.14 24.37 4.89
C PHE D 649 -6.62 25.66 4.26
N TYR D 650 -7.66 26.23 4.83
CA TYR D 650 -8.24 27.44 4.27
C TYR D 650 -7.85 28.65 5.11
N GLU D 651 -7.52 29.75 4.45
CA GLU D 651 -7.13 30.96 5.14
C GLU D 651 -7.58 32.19 4.35
N LYS D 652 -7.43 33.37 4.94
CA LYS D 652 -7.89 34.62 4.35
C LYS D 652 -9.35 34.51 3.93
N ILE D 653 -10.17 33.96 4.81
CA ILE D 653 -11.59 33.79 4.55
C ILE D 653 -12.38 35.05 4.88
N TYR D 654 -12.77 35.80 3.85
CA TYR D 654 -13.60 36.97 4.04
C TYR D 654 -14.99 36.62 3.52
N PRO D 655 -16.04 37.39 3.87
CA PRO D 655 -16.18 38.44 4.89
C PRO D 655 -16.15 37.81 6.27
N LYS D 656 -15.82 38.57 7.30
CA LYS D 656 -15.67 38.00 8.63
C LYS D 656 -16.89 38.25 9.51
N SER D 657 -17.01 37.49 10.59
CA SER D 657 -18.11 37.65 11.52
N LYS E 1 -35.18 -12.80 -12.81
CA LYS E 1 -34.86 -13.17 -11.44
C LYS E 1 -36.08 -13.71 -10.69
N ILE E 2 -37.28 -13.38 -11.17
CA ILE E 2 -38.50 -13.92 -10.57
C ILE E 2 -38.66 -15.37 -10.99
N GLU E 3 -38.73 -16.28 -10.02
CA GLU E 3 -38.77 -17.70 -10.36
C GLU E 3 -40.09 -18.11 -11.00
N GLU E 4 -40.00 -18.84 -12.10
CA GLU E 4 -41.16 -19.39 -12.78
C GLU E 4 -41.61 -20.71 -12.13
N GLY E 5 -42.93 -20.92 -12.06
CA GLY E 5 -43.45 -22.14 -11.47
C GLY E 5 -43.76 -22.00 -9.99
N LYS E 6 -43.74 -20.77 -9.50
CA LYS E 6 -44.17 -20.49 -8.13
C LYS E 6 -44.69 -19.06 -8.02
N LEU E 7 -45.54 -18.80 -7.03
CA LEU E 7 -46.09 -17.46 -6.78
C LEU E 7 -45.56 -16.84 -5.49
N VAL E 8 -45.06 -15.62 -5.61
CA VAL E 8 -44.59 -14.87 -4.45
C VAL E 8 -45.47 -13.63 -4.30
N ILE E 9 -46.03 -13.44 -3.11
CA ILE E 9 -47.03 -12.42 -2.87
C ILE E 9 -46.62 -11.49 -1.75
N TRP E 10 -46.69 -10.19 -2.01
CA TRP E 10 -46.40 -9.17 -0.99
C TRP E 10 -47.66 -8.45 -0.54
N ILE E 11 -47.94 -8.49 0.76
CA ILE E 11 -49.09 -7.80 1.31
C ILE E 11 -48.65 -7.04 2.57
N ASN E 12 -49.35 -5.95 2.87
CA ASN E 12 -48.96 -5.07 3.96
C ASN E 12 -48.94 -5.77 5.31
N GLY E 13 -48.03 -5.35 6.18
CA GLY E 13 -47.82 -6.01 7.45
C GLY E 13 -49.03 -6.05 8.37
N ASP E 14 -49.81 -4.98 8.40
CA ASP E 14 -50.91 -4.88 9.34
C ASP E 14 -52.15 -5.65 8.87
N LYS E 15 -52.08 -6.19 7.65
CA LYS E 15 -53.19 -6.96 7.09
C LYS E 15 -53.09 -8.44 7.46
N GLY E 16 -54.03 -9.23 6.94
CA GLY E 16 -54.11 -10.64 7.27
C GLY E 16 -53.27 -11.52 6.37
N TYR E 17 -51.95 -11.49 6.57
CA TYR E 17 -51.03 -12.24 5.73
C TYR E 17 -51.01 -13.72 6.05
N ASN E 18 -51.29 -14.08 7.30
CA ASN E 18 -51.37 -15.48 7.70
C ASN E 18 -52.61 -16.14 7.12
N GLY E 19 -53.66 -15.34 6.95
CA GLY E 19 -54.90 -15.82 6.37
C GLY E 19 -54.76 -16.02 4.89
N LEU E 20 -54.06 -15.11 4.24
CA LEU E 20 -53.82 -15.21 2.81
C LEU E 20 -52.96 -16.44 2.54
N ALA E 21 -52.03 -16.72 3.45
CA ALA E 21 -51.14 -17.86 3.31
C ALA E 21 -51.88 -19.19 3.40
N GLU E 22 -53.04 -19.18 4.06
CA GLU E 22 -53.93 -20.35 4.09
C GLU E 22 -54.42 -20.65 2.69
N VAL E 23 -54.82 -19.60 1.98
CA VAL E 23 -55.30 -19.73 0.62
C VAL E 23 -54.16 -20.13 -0.30
N GLY E 24 -52.93 -19.82 0.12
CA GLY E 24 -51.75 -20.19 -0.64
C GLY E 24 -51.51 -21.68 -0.58
N LYS E 25 -51.79 -22.28 0.59
CA LYS E 25 -51.59 -23.71 0.76
C LYS E 25 -52.66 -24.51 0.03
N LYS E 26 -53.82 -23.92 -0.18
CA LYS E 26 -54.89 -24.60 -0.90
C LYS E 26 -54.66 -24.52 -2.40
N PHE E 27 -53.84 -23.58 -2.83
CA PHE E 27 -53.55 -23.42 -4.24
C PHE E 27 -52.40 -24.34 -4.59
N GLU E 28 -51.50 -24.53 -3.63
CA GLU E 28 -50.34 -25.41 -3.83
C GLU E 28 -50.76 -26.87 -3.77
N LYS E 29 -51.68 -27.19 -2.88
CA LYS E 29 -52.18 -28.55 -2.77
C LYS E 29 -52.98 -28.95 -4.02
N ASP E 30 -53.52 -27.95 -4.72
CA ASP E 30 -54.38 -28.23 -5.86
C ASP E 30 -53.66 -28.15 -7.20
N THR E 31 -52.68 -27.27 -7.31
CA THR E 31 -52.01 -27.03 -8.58
C THR E 31 -50.52 -27.38 -8.56
N GLY E 32 -49.97 -27.51 -7.36
CA GLY E 32 -48.58 -27.87 -7.20
C GLY E 32 -47.65 -26.68 -7.21
N ILE E 33 -48.22 -25.49 -7.31
CA ILE E 33 -47.45 -24.26 -7.34
C ILE E 33 -47.26 -23.70 -5.94
N LYS E 34 -46.01 -23.60 -5.46
CA LYS E 34 -45.80 -23.11 -4.10
C LYS E 34 -46.07 -21.63 -4.00
N VAL E 35 -46.86 -21.25 -3.00
CA VAL E 35 -47.20 -19.86 -2.78
C VAL E 35 -46.57 -19.32 -1.50
N THR E 36 -45.76 -18.27 -1.66
CA THR E 36 -45.05 -17.67 -0.53
C THR E 36 -45.54 -16.25 -0.27
N VAL E 37 -46.11 -16.02 0.90
CA VAL E 37 -46.67 -14.71 1.26
C VAL E 37 -45.77 -13.96 2.23
N GLU E 38 -45.31 -12.78 1.84
CA GLU E 38 -44.39 -12.00 2.68
C GLU E 38 -44.90 -10.59 2.92
N HIS E 39 -44.46 -9.98 4.02
CA HIS E 39 -44.90 -8.64 4.39
C HIS E 39 -43.74 -7.69 4.66
N PRO E 40 -43.06 -7.24 3.60
CA PRO E 40 -41.87 -6.39 3.74
C PRO E 40 -42.20 -5.02 4.35
N ASP E 41 -41.21 -4.42 5.00
CA ASP E 41 -41.36 -3.08 5.55
C ASP E 41 -41.34 -2.05 4.43
N LYS E 42 -42.08 -0.97 4.61
CA LYS E 42 -42.18 0.10 3.61
C LYS E 42 -42.57 -0.45 2.24
N LEU E 43 -43.49 -1.40 2.26
CA LEU E 43 -43.92 -2.14 1.07
C LEU E 43 -44.26 -1.24 -0.12
N GLU E 44 -44.92 -0.12 0.15
CA GLU E 44 -45.39 0.75 -0.91
C GLU E 44 -44.24 1.41 -1.68
N GLU E 45 -43.09 1.56 -1.02
CA GLU E 45 -41.91 2.15 -1.64
C GLU E 45 -41.00 1.07 -2.17
N LYS E 46 -41.01 -0.08 -1.52
CA LYS E 46 -40.12 -1.18 -1.87
C LYS E 46 -40.47 -1.76 -3.22
N PHE E 47 -41.77 -1.95 -3.47
CA PHE E 47 -42.20 -2.59 -4.71
C PHE E 47 -41.70 -1.91 -5.98
N PRO E 48 -41.94 -0.60 -6.14
CA PRO E 48 -41.51 0.02 -7.40
C PRO E 48 -40.01 0.00 -7.58
N GLN E 49 -39.27 0.08 -6.48
CA GLN E 49 -37.81 0.01 -6.55
C GLN E 49 -37.38 -1.35 -7.07
N VAL E 50 -37.93 -2.40 -6.47
CA VAL E 50 -37.54 -3.76 -6.82
C VAL E 50 -38.11 -4.16 -8.19
N ALA E 51 -39.37 -3.83 -8.43
CA ALA E 51 -40.04 -4.24 -9.67
C ALA E 51 -39.45 -3.55 -10.89
N ALA E 52 -38.71 -2.48 -10.64
CA ALA E 52 -38.01 -1.76 -11.71
C ALA E 52 -36.81 -2.56 -12.21
N THR E 53 -36.25 -3.36 -11.31
CA THR E 53 -35.07 -4.16 -11.62
C THR E 53 -35.47 -5.45 -12.34
N GLY E 54 -36.77 -5.66 -12.46
CA GLY E 54 -37.30 -6.85 -13.11
C GLY E 54 -37.41 -7.97 -12.10
N ASP E 55 -37.59 -7.57 -10.84
CA ASP E 55 -37.67 -8.52 -9.75
C ASP E 55 -38.95 -8.22 -8.98
N GLY E 56 -39.01 -8.64 -7.72
CA GLY E 56 -40.19 -8.40 -6.91
C GLY E 56 -41.12 -9.60 -6.86
N PRO E 57 -42.33 -9.39 -6.33
CA PRO E 57 -43.33 -10.43 -6.17
C PRO E 57 -44.15 -10.57 -7.44
N ASP E 58 -44.87 -11.67 -7.60
CA ASP E 58 -45.75 -11.81 -8.74
C ASP E 58 -47.02 -10.98 -8.51
N ILE E 59 -47.51 -10.97 -7.27
CA ILE E 59 -48.71 -10.25 -6.91
C ILE E 59 -48.44 -9.24 -5.80
N ILE E 60 -48.97 -8.04 -5.96
CA ILE E 60 -48.75 -6.98 -4.98
C ILE E 60 -50.08 -6.47 -4.40
N PHE E 61 -50.16 -6.37 -3.08
CA PHE E 61 -51.39 -5.96 -2.40
C PHE E 61 -51.26 -4.59 -1.71
N TRP E 62 -51.98 -3.61 -2.22
CA TRP E 62 -52.01 -2.29 -1.60
C TRP E 62 -53.32 -1.57 -1.94
N ALA E 63 -53.54 -0.41 -1.34
CA ALA E 63 -54.66 0.44 -1.72
C ALA E 63 -54.46 0.93 -3.15
N HIS E 64 -55.56 1.15 -3.85
CA HIS E 64 -55.53 1.46 -5.28
C HIS E 64 -54.85 2.78 -5.65
N ASP E 65 -54.59 3.64 -4.67
CA ASP E 65 -54.06 4.98 -4.96
C ASP E 65 -52.63 4.96 -5.49
N ARG E 66 -51.89 3.91 -5.16
CA ARG E 66 -50.51 3.79 -5.62
C ARG E 66 -50.47 3.16 -7.01
N PHE E 67 -51.47 2.36 -7.33
CA PHE E 67 -51.43 1.50 -8.51
C PHE E 67 -51.39 2.22 -9.85
N GLY E 68 -51.59 3.53 -9.85
CA GLY E 68 -51.50 4.28 -11.08
C GLY E 68 -50.06 4.64 -11.44
N GLY E 69 -49.27 5.03 -10.46
CA GLY E 69 -47.86 5.31 -10.67
C GLY E 69 -47.13 4.05 -11.09
N TYR E 70 -47.54 2.91 -10.53
CA TYR E 70 -46.98 1.61 -10.89
C TYR E 70 -47.30 1.30 -12.34
N ALA E 71 -48.53 1.61 -12.74
CA ALA E 71 -48.99 1.34 -14.10
C ALA E 71 -48.25 2.18 -15.12
N GLN E 72 -48.12 3.47 -14.83
CA GLN E 72 -47.45 4.39 -15.74
C GLN E 72 -45.98 4.04 -15.91
N SER E 73 -45.37 3.51 -14.85
CA SER E 73 -43.99 3.07 -14.91
C SER E 73 -43.89 1.72 -15.61
N GLY E 74 -45.06 1.14 -15.89
CA GLY E 74 -45.15 -0.14 -16.59
C GLY E 74 -44.78 -1.32 -15.71
N LEU E 75 -45.12 -1.24 -14.43
CA LEU E 75 -44.77 -2.28 -13.47
C LEU E 75 -45.90 -3.28 -13.28
N LEU E 76 -47.05 -3.00 -13.89
CA LEU E 76 -48.20 -3.87 -13.76
C LEU E 76 -48.62 -4.45 -15.11
N ALA E 77 -49.24 -5.62 -15.08
CA ALA E 77 -49.80 -6.20 -16.29
C ALA E 77 -51.30 -5.96 -16.32
N GLU E 78 -51.81 -5.55 -17.47
CA GLU E 78 -53.24 -5.32 -17.64
C GLU E 78 -53.99 -6.63 -17.44
N ILE E 79 -54.78 -6.72 -16.36
CA ILE E 79 -55.51 -7.94 -16.07
C ILE E 79 -56.71 -8.07 -17.00
N THR E 80 -57.12 -9.31 -17.23
CA THR E 80 -58.20 -9.58 -18.18
C THR E 80 -59.25 -10.55 -17.64
N PRO E 81 -60.04 -10.10 -16.65
CA PRO E 81 -61.13 -10.95 -16.16
C PRO E 81 -62.32 -10.88 -17.11
N ASP E 82 -62.95 -12.02 -17.38
CA ASP E 82 -64.11 -12.06 -18.25
C ASP E 82 -65.29 -11.33 -17.60
N LYS E 83 -66.29 -10.97 -18.39
CA LYS E 83 -67.42 -10.21 -17.88
C LYS E 83 -68.20 -11.02 -16.86
N ALA E 84 -68.10 -12.34 -16.93
CA ALA E 84 -68.77 -13.22 -15.98
C ALA E 84 -68.21 -13.00 -14.58
N PHE E 85 -66.95 -12.62 -14.53
CA PHE E 85 -66.29 -12.38 -13.25
C PHE E 85 -66.51 -10.95 -12.78
N GLN E 86 -66.46 -10.00 -13.70
CA GLN E 86 -66.62 -8.60 -13.36
C GLN E 86 -68.00 -8.31 -12.79
N ASP E 87 -68.95 -9.19 -13.09
CA ASP E 87 -70.33 -9.00 -12.66
C ASP E 87 -70.60 -9.54 -11.26
N LYS E 88 -69.58 -10.15 -10.64
CA LYS E 88 -69.74 -10.63 -9.26
C LYS E 88 -68.99 -9.70 -8.29
N LEU E 89 -68.42 -8.62 -8.83
CA LEU E 89 -67.79 -7.59 -8.01
C LEU E 89 -68.44 -6.23 -8.25
N TYR E 90 -68.53 -5.44 -7.19
CA TYR E 90 -69.13 -4.10 -7.24
C TYR E 90 -68.46 -3.21 -8.28
N PRO E 91 -69.24 -2.76 -9.28
CA PRO E 91 -68.76 -2.00 -10.43
C PRO E 91 -67.96 -0.76 -10.06
N PHE E 92 -68.16 -0.23 -8.86
CA PHE E 92 -67.47 0.98 -8.43
C PHE E 92 -66.06 0.67 -7.96
N THR E 93 -65.82 -0.58 -7.54
CA THR E 93 -64.50 -1.00 -7.14
C THR E 93 -63.64 -1.24 -8.37
N TRP E 94 -64.27 -1.60 -9.48
CA TRP E 94 -63.55 -1.77 -10.73
C TRP E 94 -63.07 -0.43 -11.27
N ASP E 95 -63.81 0.63 -10.93
CA ASP E 95 -63.44 1.99 -11.34
C ASP E 95 -62.25 2.49 -10.52
N ALA E 96 -62.11 1.94 -9.31
CA ALA E 96 -61.01 2.32 -8.43
C ALA E 96 -59.68 1.82 -8.99
N VAL E 97 -59.75 0.77 -9.80
CA VAL E 97 -58.55 0.14 -10.35
C VAL E 97 -58.52 0.25 -11.88
N ARG E 98 -59.25 1.21 -12.43
CA ARG E 98 -59.20 1.48 -13.86
C ARG E 98 -58.32 2.68 -14.15
N TYR E 99 -57.16 2.43 -14.73
CA TYR E 99 -56.24 3.51 -15.09
C TYR E 99 -55.99 3.49 -16.59
N ASN E 100 -56.18 4.64 -17.23
CA ASN E 100 -56.04 4.78 -18.68
C ASN E 100 -56.94 3.82 -19.46
N GLY E 101 -58.16 3.62 -18.95
CA GLY E 101 -59.16 2.84 -19.65
C GLY E 101 -59.15 1.36 -19.36
N LYS E 102 -57.98 0.83 -18.99
CA LYS E 102 -57.86 -0.60 -18.73
C LYS E 102 -57.69 -0.91 -17.24
N LEU E 103 -58.08 -2.13 -16.86
CA LEU E 103 -57.95 -2.59 -15.49
C LEU E 103 -56.52 -3.01 -15.19
N ILE E 104 -56.05 -2.72 -13.98
CA ILE E 104 -54.67 -3.02 -13.62
C ILE E 104 -54.55 -3.78 -12.30
N ALA E 105 -55.67 -3.98 -11.60
CA ALA E 105 -55.64 -4.70 -10.34
C ALA E 105 -56.98 -5.35 -10.03
N TYR E 106 -56.96 -6.37 -9.18
CA TYR E 106 -58.19 -7.03 -8.75
C TYR E 106 -58.61 -6.49 -7.40
N PRO E 107 -59.66 -5.64 -7.37
CA PRO E 107 -60.10 -5.02 -6.12
C PRO E 107 -60.57 -6.05 -5.10
N ILE E 108 -60.02 -6.00 -3.89
CA ILE E 108 -60.38 -6.95 -2.85
C ILE E 108 -61.43 -6.39 -1.90
N ALA E 109 -61.04 -5.43 -1.07
CA ALA E 109 -61.95 -4.88 -0.09
C ALA E 109 -61.90 -3.35 -0.07
N VAL E 110 -62.93 -2.75 0.54
CA VAL E 110 -62.98 -1.30 0.67
C VAL E 110 -62.78 -0.91 2.12
N GLU E 111 -61.66 -0.26 2.40
CA GLU E 111 -61.31 0.11 3.77
C GLU E 111 -61.52 1.60 4.00
N ALA E 112 -61.85 1.96 5.25
CA ALA E 112 -62.06 3.34 5.62
C ALA E 112 -61.87 3.50 7.12
N LEU E 113 -61.32 4.64 7.53
CA LEU E 113 -61.08 4.91 8.96
C LEU E 113 -62.38 5.20 9.71
N SER E 114 -62.50 4.61 10.89
CA SER E 114 -63.64 4.86 11.76
C SER E 114 -63.18 5.18 13.17
N LEU E 115 -64.07 5.76 13.97
CA LEU E 115 -63.74 6.07 15.36
C LEU E 115 -63.99 4.86 16.26
N ILE E 116 -62.96 4.45 16.98
CA ILE E 116 -63.08 3.32 17.90
C ILE E 116 -62.96 3.81 19.35
N TYR E 117 -64.00 3.56 20.14
CA TYR E 117 -64.02 4.00 21.53
C TYR E 117 -64.18 2.87 22.52
N ASN E 118 -63.68 3.08 23.72
CA ASN E 118 -63.80 2.11 24.80
C ASN E 118 -65.18 2.21 25.43
N LYS E 119 -65.97 1.14 25.30
CA LYS E 119 -67.32 1.11 25.86
C LYS E 119 -67.34 1.35 27.37
N ASP E 120 -66.38 0.76 28.06
CA ASP E 120 -66.28 0.87 29.51
C ASP E 120 -65.84 2.26 29.93
N LEU E 121 -64.72 2.72 29.36
CA LEU E 121 -64.17 4.03 29.68
C LEU E 121 -65.06 5.18 29.20
N LEU E 122 -65.82 4.94 28.14
CA LEU E 122 -66.63 5.98 27.53
C LEU E 122 -67.89 5.42 26.87
N PRO E 123 -69.00 5.41 27.61
CA PRO E 123 -70.28 4.88 27.11
C PRO E 123 -70.79 5.67 25.91
N ASN E 124 -70.74 6.99 26.00
CA ASN E 124 -71.21 7.86 24.91
C ASN E 124 -70.08 8.66 24.28
N PRO E 125 -69.61 8.22 23.10
CA PRO E 125 -68.52 8.86 22.37
C PRO E 125 -68.91 10.25 21.88
N PRO E 126 -67.94 11.17 21.81
CA PRO E 126 -68.18 12.54 21.33
C PRO E 126 -68.54 12.58 19.86
N LYS E 127 -69.48 13.44 19.50
CA LYS E 127 -69.93 13.56 18.12
C LYS E 127 -69.13 14.62 17.37
N THR E 128 -68.50 15.53 18.13
CA THR E 128 -67.68 16.56 17.54
C THR E 128 -66.23 16.48 17.99
N TRP E 129 -65.33 17.11 17.24
CA TRP E 129 -63.92 17.15 17.58
C TRP E 129 -63.64 18.13 18.72
N GLU E 130 -64.49 19.14 18.83
CA GLU E 130 -64.22 20.23 19.77
C GLU E 130 -64.42 19.82 21.22
N GLU E 131 -65.28 18.83 21.45
CA GLU E 131 -65.56 18.39 22.82
C GLU E 131 -64.60 17.29 23.27
N ILE E 132 -63.37 17.36 22.76
CA ILE E 132 -62.31 16.44 23.15
C ILE E 132 -61.29 17.05 24.13
N PRO E 133 -60.86 18.31 23.90
CA PRO E 133 -60.02 18.95 24.92
C PRO E 133 -60.72 19.03 26.29
N ALA E 134 -62.05 19.14 26.27
CA ALA E 134 -62.83 19.18 27.50
C ALA E 134 -62.97 17.77 28.09
N LEU E 135 -62.96 16.77 27.22
CA LEU E 135 -63.12 15.38 27.62
C LEU E 135 -61.80 14.80 28.15
N ASP E 136 -60.70 15.33 27.64
CA ASP E 136 -59.38 14.87 28.04
C ASP E 136 -59.06 15.31 29.46
N LYS E 137 -59.72 16.38 29.89
CA LYS E 137 -59.49 16.94 31.22
C LYS E 137 -59.79 15.93 32.32
N GLU E 138 -61.02 15.41 32.33
CA GLU E 138 -61.45 14.50 33.37
C GLU E 138 -60.71 13.16 33.32
N LEU E 139 -60.31 12.75 32.11
CA LEU E 139 -59.63 11.48 31.94
C LEU E 139 -58.16 11.59 32.33
N LYS E 140 -57.61 12.80 32.24
CA LYS E 140 -56.24 13.04 32.63
C LYS E 140 -56.08 12.90 34.14
N ALA E 141 -57.11 13.33 34.88
CA ALA E 141 -57.09 13.27 36.34
C ALA E 141 -57.21 11.83 36.83
N LYS E 142 -57.88 10.99 36.04
CA LYS E 142 -58.02 9.58 36.38
C LYS E 142 -56.76 8.81 36.03
N GLY E 143 -56.04 9.30 35.03
CA GLY E 143 -54.82 8.65 34.57
C GLY E 143 -54.99 8.05 33.19
N LYS E 144 -55.91 8.61 32.41
CA LYS E 144 -56.20 8.09 31.07
C LYS E 144 -55.92 9.15 30.01
N SER E 145 -56.41 8.89 28.79
CA SER E 145 -56.29 9.82 27.68
C SER E 145 -57.55 9.80 26.83
N ALA E 146 -57.87 10.93 26.21
CA ALA E 146 -59.09 11.02 25.40
C ALA E 146 -58.94 10.36 24.04
N LEU E 147 -57.76 10.51 23.44
CA LEU E 147 -57.53 10.04 22.08
C LEU E 147 -56.08 9.68 21.84
N MET E 148 -55.86 8.62 21.07
CA MET E 148 -54.52 8.15 20.72
C MET E 148 -54.52 7.52 19.34
N PHE E 149 -53.84 8.14 18.38
CA PHE E 149 -53.74 7.55 17.05
C PHE E 149 -52.44 7.92 16.32
N ASN E 150 -52.19 7.25 15.19
CA ASN E 150 -50.98 7.46 14.40
C ASN E 150 -50.90 8.86 13.80
N LEU E 151 -49.89 9.63 14.23
CA LEU E 151 -49.70 10.98 13.72
C LEU E 151 -48.56 11.03 12.70
N GLN E 152 -47.87 9.91 12.53
CA GLN E 152 -46.74 9.82 11.64
C GLN E 152 -47.16 9.57 10.20
N GLU E 153 -48.39 9.09 10.01
CA GLU E 153 -48.95 8.88 8.68
C GLU E 153 -50.12 9.82 8.42
N PRO E 154 -50.09 10.51 7.26
CA PRO E 154 -51.13 11.48 6.89
C PRO E 154 -52.46 10.83 6.56
N TYR E 155 -52.51 9.50 6.63
CA TYR E 155 -53.74 8.78 6.35
C TYR E 155 -54.75 9.00 7.48
N PHE E 156 -54.26 8.98 8.70
CA PHE E 156 -55.09 9.13 9.89
C PHE E 156 -55.41 10.60 10.17
N THR E 157 -54.54 11.48 9.68
CA THR E 157 -54.65 12.91 9.93
C THR E 157 -55.60 13.59 8.95
N TRP E 158 -55.65 13.05 7.73
CA TRP E 158 -56.47 13.63 6.66
C TRP E 158 -57.99 13.78 6.89
N PRO E 159 -58.62 12.89 7.68
CA PRO E 159 -60.05 13.11 7.89
C PRO E 159 -60.34 14.45 8.56
N LEU E 160 -59.44 14.89 9.42
CA LEU E 160 -59.60 16.15 10.14
C LEU E 160 -59.29 17.34 9.23
N ILE E 161 -58.38 17.11 8.29
CA ILE E 161 -57.97 18.16 7.35
C ILE E 161 -59.01 18.38 6.26
N ALA E 162 -59.55 17.30 5.73
CA ALA E 162 -60.53 17.40 4.65
C ALA E 162 -61.91 17.73 5.19
N ALA E 163 -62.01 17.83 6.52
CA ALA E 163 -63.30 18.05 7.17
C ALA E 163 -63.93 19.39 6.78
N ASP E 164 -63.23 20.48 7.05
CA ASP E 164 -63.79 21.83 6.85
C ASP E 164 -63.74 22.29 5.40
N GLY E 165 -62.93 21.63 4.58
CA GLY E 165 -62.88 21.96 3.16
C GLY E 165 -61.54 21.70 2.50
N GLY E 166 -60.69 20.91 3.13
CA GLY E 166 -59.42 20.54 2.56
C GLY E 166 -59.61 19.49 1.47
N TYR E 167 -58.80 19.56 0.42
CA TYR E 167 -58.92 18.62 -0.69
C TYR E 167 -57.63 18.47 -1.49
N ALA E 168 -57.56 17.44 -2.33
CA ALA E 168 -56.42 17.22 -3.19
C ALA E 168 -56.89 16.91 -4.61
N PHE E 169 -56.59 17.81 -5.54
CA PHE E 169 -57.01 17.69 -6.93
C PHE E 169 -58.52 17.60 -7.09
N LYS E 170 -59.17 18.71 -7.42
CA LYS E 170 -60.62 18.74 -7.59
C LYS E 170 -61.11 17.85 -8.73
N TYR E 171 -62.42 17.65 -8.82
CA TYR E 171 -62.98 16.78 -9.84
C TYR E 171 -64.02 17.47 -10.72
N GLU E 172 -63.89 17.29 -12.04
CA GLU E 172 -64.81 17.87 -13.01
C GLU E 172 -65.71 16.80 -13.65
N TYR E 176 -62.91 13.07 -13.52
CA TYR E 176 -61.82 13.87 -14.07
C TYR E 176 -61.07 14.62 -12.97
N ASP E 177 -59.76 14.39 -12.88
CA ASP E 177 -58.91 15.02 -11.85
C ASP E 177 -58.07 16.16 -12.43
N ILE E 178 -58.19 17.34 -11.84
CA ILE E 178 -57.46 18.52 -12.31
C ILE E 178 -56.28 18.87 -11.39
N LYS E 179 -55.21 19.40 -11.98
CA LYS E 179 -54.06 19.86 -11.20
C LYS E 179 -54.36 21.20 -10.52
N ASP E 180 -55.00 21.11 -9.36
CA ASP E 180 -55.48 22.25 -8.60
C ASP E 180 -55.57 21.76 -7.16
N VAL E 181 -54.44 21.81 -6.44
CA VAL E 181 -54.36 21.21 -5.12
C VAL E 181 -54.83 22.16 -4.03
N GLY E 182 -55.61 21.64 -3.09
CA GLY E 182 -56.15 22.46 -2.01
C GLY E 182 -55.76 21.96 -0.63
N VAL E 183 -54.46 21.95 -0.35
CA VAL E 183 -53.97 21.55 0.97
C VAL E 183 -53.55 22.77 1.77
N ASP E 184 -53.91 23.96 1.29
CA ASP E 184 -53.56 25.18 1.98
C ASP E 184 -54.71 26.17 2.01
N ASN E 185 -55.92 25.67 1.77
CA ASN E 185 -57.10 26.54 1.85
C ASN E 185 -57.61 26.68 3.27
N ALA E 186 -58.78 27.29 3.41
CA ALA E 186 -59.37 27.53 4.72
C ALA E 186 -59.56 26.25 5.52
N GLY E 187 -60.27 25.30 4.95
CA GLY E 187 -60.56 24.04 5.61
C GLY E 187 -59.32 23.27 6.02
N ALA E 188 -58.32 23.26 5.14
CA ALA E 188 -57.09 22.52 5.39
C ALA E 188 -56.31 23.12 6.55
N LYS E 189 -56.17 24.44 6.53
CA LYS E 189 -55.43 25.12 7.59
C LYS E 189 -56.17 25.03 8.91
N ALA E 190 -57.49 25.19 8.87
CA ALA E 190 -58.31 25.17 10.08
C ALA E 190 -58.29 23.78 10.72
N GLY E 191 -58.37 22.75 9.88
CA GLY E 191 -58.34 21.38 10.36
C GLY E 191 -57.03 21.04 11.02
N LEU E 192 -55.92 21.36 10.36
CA LEU E 192 -54.60 21.02 10.87
C LEU E 192 -54.24 21.83 12.10
N THR E 193 -54.62 23.10 12.12
CA THR E 193 -54.32 23.97 13.26
C THR E 193 -54.93 23.42 14.53
N PHE E 194 -56.14 22.87 14.42
CA PHE E 194 -56.82 22.29 15.57
C PHE E 194 -56.09 21.06 16.08
N LEU E 195 -55.49 20.31 15.16
CA LEU E 195 -54.74 19.12 15.52
C LEU E 195 -53.46 19.50 16.28
N VAL E 196 -52.85 20.60 15.86
CA VAL E 196 -51.64 21.09 16.49
C VAL E 196 -51.94 21.61 17.89
N ASP E 197 -53.09 22.26 18.04
CA ASP E 197 -53.50 22.79 19.34
C ASP E 197 -53.83 21.69 20.33
N LEU E 198 -54.08 20.48 19.83
CA LEU E 198 -54.36 19.34 20.70
C LEU E 198 -53.05 18.82 21.28
N ILE E 199 -51.95 19.08 20.59
CA ILE E 199 -50.64 18.68 21.06
C ILE E 199 -50.02 19.79 21.91
N LYS E 200 -50.30 21.04 21.53
CA LYS E 200 -49.85 22.19 22.28
C LYS E 200 -50.43 22.14 23.69
N ASN E 201 -51.72 21.81 23.77
CA ASN E 201 -52.40 21.71 25.06
C ASN E 201 -52.15 20.36 25.74
N LYS E 202 -51.18 19.63 25.21
CA LYS E 202 -50.77 18.34 25.77
C LYS E 202 -51.92 17.36 25.98
N HIS E 203 -52.87 17.39 25.06
CA HIS E 203 -53.95 16.42 25.04
C HIS E 203 -53.50 15.17 24.28
N MET E 204 -52.38 15.31 23.57
CA MET E 204 -51.84 14.23 22.77
C MET E 204 -50.35 14.45 22.57
N ASN E 205 -49.61 13.36 22.34
CA ASN E 205 -48.19 13.46 22.08
C ASN E 205 -47.90 13.46 20.59
N ALA E 206 -46.93 14.27 20.17
CA ALA E 206 -46.62 14.44 18.76
C ALA E 206 -45.81 13.26 18.18
N ASP E 207 -45.29 12.41 19.07
CA ASP E 207 -44.46 11.28 18.67
C ASP E 207 -45.28 9.99 18.53
N THR E 208 -46.57 10.10 18.80
CA THR E 208 -47.46 8.93 18.76
C THR E 208 -47.51 8.30 17.38
N ASP E 209 -47.01 7.07 17.26
CA ASP E 209 -47.09 6.34 16.01
C ASP E 209 -48.20 5.29 16.04
N TYR E 210 -48.04 4.23 15.27
CA TYR E 210 -49.07 3.19 15.18
C TYR E 210 -49.01 2.25 16.38
N SER E 211 -47.82 1.74 16.68
CA SER E 211 -47.63 0.80 17.77
C SER E 211 -47.96 1.41 19.13
N ILE E 212 -47.62 2.68 19.30
CA ILE E 212 -47.91 3.40 20.53
C ILE E 212 -49.42 3.59 20.69
N ALA E 213 -50.09 3.91 19.59
CA ALA E 213 -51.54 4.12 19.59
C ALA E 213 -52.28 2.83 19.90
N GLU E 214 -51.89 1.74 19.24
CA GLU E 214 -52.56 0.46 19.39
C GLU E 214 -52.38 -0.14 20.80
N ALA E 215 -51.17 0.01 21.34
CA ALA E 215 -50.86 -0.50 22.68
C ALA E 215 -51.60 0.29 23.75
N ALA E 216 -51.69 1.60 23.57
CA ALA E 216 -52.35 2.47 24.54
C ALA E 216 -53.85 2.19 24.64
N PHE E 217 -54.42 1.68 23.55
CA PHE E 217 -55.86 1.42 23.52
C PHE E 217 -56.19 0.00 23.97
N ASN E 218 -55.43 -0.97 23.45
CA ASN E 218 -55.67 -2.37 23.79
C ASN E 218 -55.40 -2.67 25.25
N LYS E 219 -54.58 -1.84 25.89
CA LYS E 219 -54.30 -1.98 27.31
C LYS E 219 -55.23 -1.11 28.14
N GLY E 220 -56.13 -0.40 27.45
CA GLY E 220 -57.12 0.44 28.11
C GLY E 220 -56.53 1.63 28.83
N GLU E 221 -55.61 2.33 28.16
CA GLU E 221 -55.00 3.52 28.73
C GLU E 221 -55.54 4.78 28.07
N THR E 222 -56.24 4.60 26.95
CA THR E 222 -56.90 5.70 26.27
C THR E 222 -58.33 5.31 25.86
N ALA E 223 -59.22 6.30 25.86
CA ALA E 223 -60.65 6.05 25.65
C ALA E 223 -60.96 5.84 24.17
N MET E 224 -60.34 6.63 23.31
CA MET E 224 -60.62 6.54 21.88
C MET E 224 -59.37 6.33 21.04
N THR E 225 -59.58 5.98 19.78
CA THR E 225 -58.51 5.80 18.81
C THR E 225 -59.08 5.83 17.39
N ILE E 226 -58.23 6.11 16.42
CA ILE E 226 -58.64 6.11 15.01
C ILE E 226 -57.85 5.05 14.25
N ASN E 227 -58.59 4.19 13.53
CA ASN E 227 -57.97 3.11 12.77
C ASN E 227 -58.93 2.54 11.74
N GLY E 228 -58.51 1.45 11.09
CA GLY E 228 -59.34 0.78 10.12
C GLY E 228 -59.73 -0.62 10.58
N PRO E 229 -60.50 -1.35 9.75
CA PRO E 229 -60.99 -2.69 10.05
C PRO E 229 -59.90 -3.68 10.46
N TRP E 230 -58.70 -3.48 9.93
CA TRP E 230 -57.60 -4.41 10.14
C TRP E 230 -57.09 -4.46 11.57
N ALA E 231 -57.52 -3.50 12.39
CA ALA E 231 -57.06 -3.42 13.77
C ALA E 231 -58.08 -3.98 14.75
N TRP E 232 -59.20 -4.47 14.21
CA TRP E 232 -60.27 -4.99 15.05
C TRP E 232 -59.89 -6.31 15.70
N SER E 233 -59.09 -7.11 14.99
CA SER E 233 -58.70 -8.43 15.45
C SER E 233 -57.79 -8.37 16.66
N ASN E 234 -57.01 -7.31 16.77
CA ASN E 234 -56.05 -7.15 17.84
C ASN E 234 -56.66 -6.61 19.13
N ILE E 235 -57.86 -6.07 19.04
CA ILE E 235 -58.58 -5.56 20.20
C ILE E 235 -59.37 -6.69 20.86
N ASP E 236 -59.80 -7.64 20.03
CA ASP E 236 -60.56 -8.79 20.51
C ASP E 236 -59.71 -9.65 21.44
N THR E 237 -58.40 -9.62 21.23
CA THR E 237 -57.47 -10.42 22.03
C THR E 237 -57.09 -9.69 23.31
N SER E 238 -57.72 -8.54 23.55
CA SER E 238 -57.45 -7.76 24.74
C SER E 238 -58.64 -7.74 25.71
N LYS E 239 -59.75 -8.35 25.28
CA LYS E 239 -60.99 -8.40 26.05
C LYS E 239 -61.50 -7.00 26.43
N VAL E 240 -61.04 -5.99 25.70
CA VAL E 240 -61.46 -4.62 25.92
C VAL E 240 -62.74 -4.30 25.15
N ASN E 241 -63.82 -4.05 25.88
CA ASN E 241 -65.10 -3.75 25.25
C ASN E 241 -65.02 -2.47 24.44
N TYR E 242 -65.18 -2.58 23.12
CA TYR E 242 -65.08 -1.43 22.24
C TYR E 242 -66.30 -1.28 21.33
N GLY E 243 -66.32 -0.19 20.57
CA GLY E 243 -67.39 0.07 19.63
C GLY E 243 -66.87 0.87 18.45
N VAL E 244 -67.30 0.49 17.25
CA VAL E 244 -66.87 1.17 16.04
C VAL E 244 -67.97 2.11 15.56
N THR E 245 -67.70 3.42 15.63
CA THR E 245 -68.70 4.41 15.28
C THR E 245 -68.22 5.39 14.21
N VAL E 246 -69.05 6.37 13.91
CA VAL E 246 -68.73 7.38 12.89
C VAL E 246 -67.75 8.42 13.43
N LEU E 247 -66.84 8.86 12.57
CA LEU E 247 -65.84 9.86 12.94
C LEU E 247 -66.50 11.16 13.38
N PRO E 248 -65.91 11.82 14.39
CA PRO E 248 -66.41 13.10 14.92
C PRO E 248 -66.50 14.18 13.85
N THR E 249 -67.16 15.29 14.18
CA THR E 249 -67.31 16.38 13.23
C THR E 249 -66.54 17.62 13.66
N PHE E 250 -65.74 18.15 12.74
CA PHE E 250 -64.98 19.37 13.00
C PHE E 250 -65.70 20.57 12.38
N LYS E 251 -65.95 21.59 13.18
CA LYS E 251 -66.68 22.78 12.73
C LYS E 251 -68.02 22.43 12.12
N GLY E 252 -68.67 21.42 12.68
CA GLY E 252 -69.98 21.00 12.22
C GLY E 252 -69.97 20.27 10.90
N GLN E 253 -68.77 19.94 10.42
CA GLN E 253 -68.62 19.25 9.16
C GLN E 253 -68.20 17.81 9.42
N PRO E 254 -68.87 16.86 8.75
CA PRO E 254 -68.50 15.45 8.89
C PRO E 254 -67.07 15.23 8.40
N SER E 255 -66.29 14.44 9.14
CA SER E 255 -64.93 14.11 8.73
C SER E 255 -64.92 13.37 7.40
N LYS E 256 -63.98 13.70 6.55
CA LYS E 256 -63.90 13.09 5.22
C LYS E 256 -62.62 12.26 5.04
N PRO E 257 -62.61 11.04 5.60
CA PRO E 257 -61.44 10.18 5.48
C PRO E 257 -61.26 9.76 4.04
N PHE E 258 -60.01 9.49 3.65
CA PHE E 258 -59.73 9.01 2.33
C PHE E 258 -60.01 7.52 2.32
N VAL E 259 -60.75 7.08 1.30
CA VAL E 259 -61.21 5.70 1.22
C VAL E 259 -60.35 4.87 0.28
N GLY E 260 -59.62 3.93 0.84
CA GLY E 260 -58.74 3.07 0.06
C GLY E 260 -59.42 1.78 -0.34
N VAL E 261 -59.08 1.29 -1.53
CA VAL E 261 -59.54 -0.02 -1.97
C VAL E 261 -58.35 -0.96 -2.10
N LEU E 262 -58.26 -1.91 -1.18
CA LEU E 262 -57.21 -2.93 -1.20
C LEU E 262 -57.24 -3.71 -2.50
N SER E 263 -56.19 -3.58 -3.30
CA SER E 263 -56.15 -4.21 -4.62
C SER E 263 -54.95 -5.12 -4.82
N ALA E 264 -55.10 -6.11 -5.69
CA ALA E 264 -54.01 -7.02 -6.03
C ALA E 264 -53.67 -6.86 -7.50
N GLY E 265 -52.44 -6.45 -7.78
CA GLY E 265 -52.01 -6.25 -9.15
C GLY E 265 -50.94 -7.26 -9.52
N ILE E 266 -50.83 -7.54 -10.81
CA ILE E 266 -49.87 -8.53 -11.25
C ILE E 266 -48.62 -7.86 -11.81
N ASN E 267 -47.47 -8.26 -11.29
CA ASN E 267 -46.17 -7.75 -11.72
C ASN E 267 -45.95 -7.99 -13.21
N ALA E 268 -45.57 -6.93 -13.93
CA ALA E 268 -45.40 -7.01 -15.38
C ALA E 268 -44.24 -7.92 -15.77
N ALA E 269 -43.33 -8.12 -14.83
CA ALA E 269 -42.15 -8.93 -15.07
C ALA E 269 -42.40 -10.40 -14.73
N SER E 270 -43.44 -10.66 -13.94
CA SER E 270 -43.76 -12.01 -13.52
C SER E 270 -44.04 -12.90 -14.72
N PRO E 271 -43.38 -14.07 -14.75
CA PRO E 271 -43.65 -15.09 -15.78
C PRO E 271 -44.92 -15.88 -15.48
N ASN E 272 -45.34 -15.84 -14.22
CA ASN E 272 -46.51 -16.60 -13.78
C ASN E 272 -47.79 -15.76 -13.78
N LYS E 273 -48.05 -15.05 -14.86
CA LYS E 273 -49.22 -14.19 -14.94
C LYS E 273 -50.47 -15.02 -15.06
N GLU E 274 -50.34 -16.24 -15.56
CA GLU E 274 -51.49 -17.12 -15.71
C GLU E 274 -51.84 -17.81 -14.41
N LEU E 275 -50.81 -18.09 -13.61
CA LEU E 275 -51.00 -18.70 -12.29
C LEU E 275 -51.55 -17.67 -11.33
N ALA E 276 -51.15 -16.42 -11.52
CA ALA E 276 -51.58 -15.32 -10.66
C ALA E 276 -53.04 -14.99 -10.93
N LYS E 277 -53.39 -14.96 -12.21
CA LYS E 277 -54.77 -14.71 -12.60
C LYS E 277 -55.70 -15.78 -12.01
N GLU E 278 -55.26 -17.03 -12.06
CA GLU E 278 -56.08 -18.13 -11.57
C GLU E 278 -56.18 -18.10 -10.05
N PHE E 279 -55.11 -17.71 -9.39
CA PHE E 279 -55.10 -17.66 -7.93
C PHE E 279 -56.07 -16.61 -7.42
N LEU E 280 -55.98 -15.41 -8.00
CA LEU E 280 -56.84 -14.31 -7.60
C LEU E 280 -58.29 -14.58 -7.92
N GLU E 281 -58.58 -14.96 -9.17
CA GLU E 281 -59.96 -15.16 -9.61
C GLU E 281 -60.63 -16.35 -8.96
N ASN E 282 -59.89 -17.45 -8.81
CA ASN E 282 -60.52 -18.71 -8.41
C ASN E 282 -60.29 -19.14 -6.97
N TYR E 283 -59.20 -18.66 -6.36
CA TYR E 283 -58.87 -19.10 -5.01
C TYR E 283 -59.03 -18.02 -3.94
N LEU E 284 -58.79 -16.77 -4.32
CA LEU E 284 -58.91 -15.65 -3.38
C LEU E 284 -60.27 -14.95 -3.45
N LEU E 285 -60.56 -14.36 -4.60
CA LEU E 285 -61.81 -13.65 -4.82
C LEU E 285 -63.02 -14.58 -4.88
N THR E 286 -63.14 -15.42 -3.85
CA THR E 286 -64.28 -16.30 -3.67
C THR E 286 -64.61 -16.33 -2.18
N ASP E 287 -65.84 -16.74 -1.85
CA ASP E 287 -66.31 -16.71 -0.47
C ASP E 287 -65.41 -17.51 0.48
N GLU E 288 -64.80 -18.57 -0.05
CA GLU E 288 -63.88 -19.39 0.74
C GLU E 288 -62.62 -18.61 1.06
N GLY E 289 -62.06 -17.96 0.04
CA GLY E 289 -60.81 -17.24 0.19
C GLY E 289 -60.92 -16.04 1.12
N LEU E 290 -61.85 -15.15 0.81
CA LEU E 290 -62.00 -13.90 1.56
C LEU E 290 -62.31 -14.16 3.03
N GLU E 291 -63.09 -15.20 3.30
CA GLU E 291 -63.41 -15.58 4.66
C GLU E 291 -62.18 -16.06 5.41
N ALA E 292 -61.28 -16.73 4.68
CA ALA E 292 -60.08 -17.29 5.27
C ALA E 292 -59.10 -16.21 5.71
N VAL E 293 -59.11 -15.10 4.98
CA VAL E 293 -58.27 -13.94 5.29
C VAL E 293 -58.94 -13.10 6.35
N ASN E 294 -60.26 -12.96 6.25
CA ASN E 294 -61.06 -12.15 7.16
C ASN E 294 -60.96 -12.62 8.61
N LYS E 295 -60.69 -13.92 8.81
CA LYS E 295 -60.58 -14.48 10.15
C LYS E 295 -59.24 -14.12 10.81
N ASP E 296 -58.27 -13.70 10.01
CA ASP E 296 -56.98 -13.24 10.55
C ASP E 296 -57.09 -11.76 10.89
N LYS E 297 -57.31 -10.94 9.87
CA LYS E 297 -57.54 -9.52 10.05
C LYS E 297 -58.68 -9.11 9.13
N PRO E 298 -59.67 -8.39 9.67
CA PRO E 298 -60.85 -7.94 8.92
C PRO E 298 -60.47 -7.11 7.70
N LEU E 299 -61.16 -7.32 6.59
CA LEU E 299 -60.86 -6.63 5.35
C LEU E 299 -61.73 -5.39 5.20
N GLY E 300 -62.81 -5.35 5.95
CA GLY E 300 -63.79 -4.29 5.79
C GLY E 300 -64.89 -4.76 4.86
N ALA E 301 -65.29 -3.89 3.94
CA ALA E 301 -66.35 -4.21 2.99
C ALA E 301 -65.76 -4.73 1.69
N VAL E 302 -65.83 -6.05 1.50
CA VAL E 302 -65.22 -6.71 0.34
C VAL E 302 -65.90 -6.31 -0.97
N ALA E 303 -65.16 -6.42 -2.07
CA ALA E 303 -65.69 -6.03 -3.37
C ALA E 303 -66.50 -7.17 -3.99
N LEU E 304 -66.40 -8.35 -3.41
CA LEU E 304 -67.17 -9.49 -3.88
C LEU E 304 -68.61 -9.39 -3.39
N LYS E 305 -69.55 -9.27 -4.33
CA LYS E 305 -70.96 -9.14 -4.03
C LYS E 305 -71.42 -10.24 -3.07
N SER E 306 -71.00 -11.47 -3.34
CA SER E 306 -71.46 -12.64 -2.60
C SER E 306 -71.17 -12.56 -1.10
N TYR E 307 -69.92 -12.28 -0.75
CA TYR E 307 -69.48 -12.33 0.64
C TYR E 307 -69.82 -11.05 1.37
N GLU E 308 -70.09 -9.99 0.61
CA GLU E 308 -70.39 -8.68 1.21
C GLU E 308 -71.79 -8.64 1.78
N GLU E 309 -72.70 -9.37 1.17
CA GLU E 309 -74.07 -9.45 1.64
C GLU E 309 -74.12 -10.02 3.06
N GLU E 310 -73.12 -10.80 3.43
CA GLU E 310 -73.08 -11.43 4.75
C GLU E 310 -72.30 -10.59 5.74
N LEU E 311 -71.37 -9.78 5.23
CA LEU E 311 -70.56 -8.92 6.08
C LEU E 311 -71.25 -7.59 6.40
N ALA E 312 -72.20 -7.21 5.56
CA ALA E 312 -72.95 -5.97 5.74
C ALA E 312 -73.88 -6.04 6.94
N LYS E 313 -74.12 -7.26 7.42
CA LYS E 313 -74.97 -7.49 8.58
C LYS E 313 -74.16 -7.33 9.88
N ASP E 314 -73.13 -6.50 9.82
CA ASP E 314 -72.24 -6.31 10.96
C ASP E 314 -72.30 -4.86 11.43
N PRO E 315 -72.42 -4.66 12.76
CA PRO E 315 -72.47 -3.33 13.37
C PRO E 315 -71.22 -2.50 13.08
N ARG E 316 -70.08 -3.17 12.92
CA ARG E 316 -68.80 -2.48 12.70
C ARG E 316 -68.60 -2.12 11.23
N ILE E 317 -69.00 -3.03 10.34
CA ILE E 317 -68.90 -2.78 8.91
C ILE E 317 -69.85 -1.68 8.48
N ALA E 318 -70.98 -1.58 9.20
CA ALA E 318 -71.96 -0.53 8.94
C ALA E 318 -71.35 0.85 9.17
N ALA E 319 -70.51 0.95 10.18
CA ALA E 319 -69.86 2.22 10.53
C ALA E 319 -68.79 2.58 9.53
N THR E 320 -68.10 1.56 9.02
CA THR E 320 -67.01 1.75 8.06
C THR E 320 -67.54 2.28 6.74
N MET E 321 -68.64 1.72 6.27
CA MET E 321 -69.30 2.17 5.04
C MET E 321 -70.00 3.51 5.22
N GLU E 322 -70.24 3.88 6.47
CA GLU E 322 -70.78 5.19 6.77
C GLU E 322 -69.72 6.25 6.52
N ASN E 323 -68.59 6.10 7.21
CA ASN E 323 -67.47 7.01 7.06
C ASN E 323 -66.92 7.02 5.64
N ALA E 324 -67.07 5.90 4.95
CA ALA E 324 -66.61 5.77 3.58
C ALA E 324 -67.41 6.69 2.64
N GLN E 325 -68.69 6.82 2.90
CA GLN E 325 -69.54 7.65 2.06
C GLN E 325 -69.36 9.13 2.40
N LYS E 326 -69.02 9.41 3.65
CA LYS E 326 -68.71 10.77 4.10
C LYS E 326 -67.43 11.26 3.42
N GLY E 327 -66.46 10.35 3.33
CA GLY E 327 -65.18 10.67 2.72
C GLY E 327 -65.19 10.48 1.22
N GLU E 328 -64.00 10.36 0.63
CA GLU E 328 -63.87 10.22 -0.81
C GLU E 328 -62.89 9.11 -1.18
N ILE E 329 -63.18 8.41 -2.27
CA ILE E 329 -62.26 7.41 -2.80
C ILE E 329 -61.05 8.11 -3.38
N MET E 330 -59.86 7.64 -3.01
CA MET E 330 -58.61 8.23 -3.49
C MET E 330 -58.47 8.06 -4.98
N PRO E 331 -57.90 9.07 -5.65
CA PRO E 331 -57.57 8.92 -7.06
C PRO E 331 -56.38 7.99 -7.22
N ASN E 332 -56.26 7.35 -8.38
CA ASN E 332 -55.13 6.47 -8.62
C ASN E 332 -54.08 7.15 -9.50
N ILE E 333 -54.23 8.46 -9.69
CA ILE E 333 -53.24 9.23 -10.46
C ILE E 333 -51.84 9.07 -9.89
N PRO E 334 -50.82 9.15 -10.75
CA PRO E 334 -49.42 8.97 -10.31
C PRO E 334 -48.94 10.05 -9.36
N GLN E 335 -49.66 11.17 -9.28
CA GLN E 335 -49.25 12.27 -8.42
C GLN E 335 -49.54 12.00 -6.95
N MET E 336 -50.38 11.00 -6.68
CA MET E 336 -50.74 10.62 -5.32
C MET E 336 -49.55 10.21 -4.48
N SER E 337 -48.50 9.72 -5.12
CA SER E 337 -47.28 9.34 -4.43
C SER E 337 -46.54 10.57 -3.92
N ALA E 338 -46.57 11.63 -4.72
CA ALA E 338 -45.93 12.89 -4.36
C ALA E 338 -46.83 13.69 -3.44
N PHE E 339 -48.12 13.41 -3.49
CA PHE E 339 -49.09 14.07 -2.63
C PHE E 339 -48.95 13.62 -1.18
N TRP E 340 -48.97 12.32 -0.96
CA TRP E 340 -48.84 11.77 0.39
C TRP E 340 -47.53 12.14 1.05
N TYR E 341 -46.45 12.16 0.27
CA TYR E 341 -45.15 12.57 0.80
C TYR E 341 -45.22 14.01 1.26
N ALA E 342 -45.77 14.86 0.41
CA ALA E 342 -45.88 16.29 0.68
C ALA E 342 -46.66 16.55 1.98
N VAL E 343 -47.76 15.82 2.14
CA VAL E 343 -48.62 15.97 3.32
C VAL E 343 -47.99 15.33 4.55
N ARG E 344 -47.30 14.20 4.35
CA ARG E 344 -46.60 13.54 5.45
C ARG E 344 -45.62 14.51 6.08
N THR E 345 -44.94 15.28 5.23
CA THR E 345 -43.94 16.24 5.68
C THR E 345 -44.57 17.43 6.40
N ALA E 346 -45.62 17.98 5.80
CA ALA E 346 -46.32 19.11 6.40
C ALA E 346 -46.89 18.79 7.79
N VAL E 347 -47.46 17.59 7.94
CA VAL E 347 -48.10 17.20 9.19
C VAL E 347 -47.08 16.99 10.31
N ILE E 348 -46.00 16.29 9.99
CA ILE E 348 -44.96 16.01 10.99
C ILE E 348 -44.27 17.28 11.46
N ASN E 349 -43.99 18.20 10.52
CA ASN E 349 -43.35 19.47 10.83
C ASN E 349 -44.22 20.37 11.70
N ALA E 350 -45.50 20.45 11.37
CA ALA E 350 -46.44 21.26 12.13
C ALA E 350 -46.63 20.72 13.55
N ALA E 351 -46.55 19.40 13.69
CA ALA E 351 -46.82 18.75 14.97
C ALA E 351 -45.64 18.81 15.94
N SER E 352 -44.44 18.92 15.40
CA SER E 352 -43.24 18.95 16.23
C SER E 352 -42.76 20.38 16.44
N GLY E 353 -43.52 21.33 15.92
CA GLY E 353 -43.21 22.74 16.06
C GLY E 353 -42.08 23.16 15.15
N ARG E 354 -41.63 22.23 14.31
CA ARG E 354 -40.54 22.47 13.37
C ARG E 354 -40.96 23.43 12.27
N GLN E 355 -42.26 23.68 12.18
CA GLN E 355 -42.79 24.59 11.18
C GLN E 355 -44.22 24.96 11.55
N THR E 356 -44.64 26.16 11.15
CA THR E 356 -45.99 26.65 11.47
C THR E 356 -46.99 26.10 10.46
N VAL E 357 -48.22 25.91 10.91
CA VAL E 357 -49.29 25.33 10.09
C VAL E 357 -49.47 26.08 8.77
N ASP E 358 -49.48 27.40 8.86
CA ASP E 358 -49.67 28.25 7.69
C ASP E 358 -48.55 28.01 6.69
N ALA E 359 -47.33 27.83 7.19
CA ALA E 359 -46.14 27.72 6.35
C ALA E 359 -45.92 26.29 5.87
N ALA E 360 -46.27 25.32 6.72
CA ALA E 360 -46.07 23.91 6.40
C ALA E 360 -46.97 23.47 5.27
N LEU E 361 -48.22 23.95 5.28
CA LEU E 361 -49.19 23.62 4.24
C LEU E 361 -48.92 24.41 2.98
N ALA E 362 -48.31 25.57 3.13
CA ALA E 362 -47.94 26.40 1.98
C ALA E 362 -46.81 25.74 1.19
N ALA E 363 -45.91 25.07 1.92
CA ALA E 363 -44.80 24.36 1.30
C ALA E 363 -45.28 23.08 0.63
N ALA E 364 -46.15 22.35 1.33
CA ALA E 364 -46.72 21.12 0.79
C ALA E 364 -47.69 21.41 -0.35
N GLN E 365 -48.17 22.64 -0.42
CA GLN E 365 -49.07 23.06 -1.49
C GLN E 365 -48.42 22.88 -2.85
N THR E 366 -47.14 23.21 -2.93
CA THR E 366 -46.44 23.22 -4.20
C THR E 366 -45.61 21.96 -4.43
N ASN E 367 -45.51 21.13 -3.38
CA ASN E 367 -44.83 19.84 -3.48
C ASN E 367 -45.76 18.74 -3.97
N ALA E 368 -47.05 18.93 -3.75
CA ALA E 368 -48.05 17.92 -4.10
C ALA E 368 -48.13 17.77 -5.60
N ALA E 369 -47.54 18.73 -6.30
CA ALA E 369 -47.53 18.76 -7.76
C ALA E 369 -46.75 17.61 -8.38
N ALA E 370 -45.58 17.91 -8.93
CA ALA E 370 -44.88 16.97 -9.81
C ALA E 370 -44.05 15.90 -9.10
N ASP E 371 -43.64 14.90 -9.90
CA ASP E 371 -42.73 13.85 -9.45
C ASP E 371 -41.34 14.08 -10.07
N GLU E 372 -40.32 13.40 -9.55
CA GLU E 372 -38.96 13.58 -10.08
C GLU E 372 -38.77 12.80 -11.37
N GLU E 373 -39.73 11.92 -11.67
CA GLU E 373 -39.73 11.18 -12.92
C GLU E 373 -40.03 12.14 -14.05
N ASP E 374 -40.63 13.27 -13.67
CA ASP E 374 -41.03 14.32 -14.59
C ASP E 374 -39.89 15.28 -14.86
N ASP E 375 -38.81 15.15 -14.10
CA ASP E 375 -37.66 16.03 -14.25
C ASP E 375 -36.69 15.50 -15.31
N VAL E 376 -37.10 15.52 -16.57
CA VAL E 376 -36.23 15.09 -17.65
C VAL E 376 -36.22 16.18 -18.73
N VAL E 377 -35.11 16.35 -19.41
CA VAL E 377 -35.06 17.30 -20.53
C VAL E 377 -34.21 16.74 -21.67
N ILE E 378 -34.80 16.68 -22.85
CA ILE E 378 -34.08 16.24 -24.03
C ILE E 378 -33.71 17.45 -24.84
N ILE E 379 -32.49 17.46 -25.37
CA ILE E 379 -32.11 18.49 -26.31
C ILE E 379 -31.76 17.83 -27.62
N TYR E 380 -32.50 18.18 -28.68
CA TYR E 380 -32.21 17.71 -30.01
C TYR E 380 -31.67 18.92 -30.75
N ASN E 381 -30.35 19.04 -30.83
CA ASN E 381 -29.74 20.16 -31.56
C ASN E 381 -29.66 19.89 -33.06
N ARG E 382 -30.80 19.99 -33.73
CA ARG E 382 -31.01 19.45 -35.07
C ARG E 382 -30.09 20.01 -36.14
N VAL E 383 -29.53 19.10 -36.93
CA VAL E 383 -28.71 19.46 -38.06
C VAL E 383 -29.60 19.65 -39.29
N PRO E 384 -29.44 20.79 -39.98
CA PRO E 384 -30.20 21.16 -41.18
C PRO E 384 -30.23 20.10 -42.27
N LYS E 385 -31.42 19.83 -42.78
CA LYS E 385 -31.64 18.92 -43.91
C LYS E 385 -31.20 17.50 -43.61
N THR E 386 -31.59 17.00 -42.44
CA THR E 386 -31.29 15.64 -42.05
C THR E 386 -32.55 14.87 -41.62
N ALA E 387 -33.69 15.24 -42.17
CA ALA E 387 -34.99 14.67 -41.78
C ALA E 387 -35.40 15.05 -40.37
N SER E 388 -34.94 16.21 -39.92
CA SER E 388 -35.19 16.70 -38.56
C SER E 388 -36.64 17.15 -38.37
N THR E 389 -37.24 17.69 -39.43
CA THR E 389 -38.62 18.17 -39.37
C THR E 389 -39.57 17.01 -39.17
N SER E 390 -39.27 15.90 -39.85
CA SER E 390 -40.11 14.71 -39.75
C SER E 390 -40.04 14.14 -38.35
N PHE E 391 -38.82 14.03 -37.81
CA PHE E 391 -38.62 13.49 -36.47
C PHE E 391 -39.23 14.37 -35.39
N THR E 392 -38.99 15.67 -35.50
CA THR E 392 -39.47 16.60 -34.48
C THR E 392 -40.98 16.59 -34.40
N ASN E 393 -41.65 16.48 -35.55
CA ASN E 393 -43.11 16.43 -35.58
C ASN E 393 -43.70 15.22 -34.88
N ILE E 394 -42.90 14.18 -34.70
CA ILE E 394 -43.31 13.06 -33.89
C ILE E 394 -43.40 13.51 -32.44
N ALA E 395 -42.36 14.24 -32.00
CA ALA E 395 -42.34 14.81 -30.67
C ALA E 395 -43.54 15.73 -30.45
N TYR E 396 -43.91 16.47 -31.49
CA TYR E 396 -45.03 17.39 -31.37
C TYR E 396 -46.34 16.63 -31.25
N ASP E 397 -46.44 15.50 -31.94
CA ASP E 397 -47.69 14.77 -31.99
C ASP E 397 -47.91 13.95 -30.72
N LEU E 398 -46.82 13.60 -30.06
CA LEU E 398 -46.93 12.74 -28.89
C LEU E 398 -46.88 13.52 -27.59
N CYS E 399 -46.44 14.77 -27.64
CA CYS E 399 -46.18 15.53 -26.42
C CYS E 399 -47.45 15.76 -25.61
N ALA E 400 -48.54 16.03 -26.31
CA ALA E 400 -49.84 16.22 -25.66
C ALA E 400 -50.26 14.95 -24.94
N LYS E 401 -50.21 13.82 -25.66
CA LYS E 401 -50.65 12.53 -25.15
C LYS E 401 -49.72 11.91 -24.09
N ASN E 402 -48.41 12.04 -24.30
CA ASN E 402 -47.42 11.49 -23.37
C ASN E 402 -47.05 12.48 -22.27
N ARG E 403 -47.78 13.59 -22.21
CA ARG E 403 -47.63 14.60 -21.17
C ARG E 403 -46.22 15.18 -21.05
N TYR E 404 -45.78 15.87 -22.08
CA TYR E 404 -44.55 16.68 -22.00
C TYR E 404 -44.64 17.93 -22.87
N HIS E 405 -43.56 18.70 -22.92
CA HIS E 405 -43.55 19.97 -23.64
C HIS E 405 -42.47 20.01 -24.71
N VAL E 406 -42.78 20.64 -25.84
CA VAL E 406 -41.80 20.76 -26.91
C VAL E 406 -41.61 22.21 -27.28
N LEU E 407 -40.37 22.69 -27.19
CA LEU E 407 -40.03 24.07 -27.47
C LEU E 407 -39.00 24.13 -28.58
N HIS E 408 -39.12 25.11 -29.46
CA HIS E 408 -38.14 25.29 -30.52
C HIS E 408 -37.23 26.45 -30.18
N ILE E 409 -35.94 26.29 -30.42
CA ILE E 409 -34.95 27.32 -30.08
C ILE E 409 -34.58 28.12 -31.32
N ASN E 410 -34.85 29.42 -31.29
CA ASN E 410 -34.51 30.25 -32.45
C ASN E 410 -33.34 31.16 -32.15
N THR E 411 -32.35 31.15 -33.04
CA THR E 411 -31.18 32.01 -32.91
C THR E 411 -31.11 33.06 -34.01
N THR E 412 -30.64 34.24 -33.65
CA THR E 412 -30.48 35.34 -34.59
C THR E 412 -29.62 34.95 -35.78
N LYS E 413 -30.14 35.19 -36.98
CA LYS E 413 -29.48 34.81 -38.24
C LYS E 413 -29.08 33.34 -38.29
N ASN E 414 -29.81 32.53 -37.53
CA ASN E 414 -29.55 31.09 -37.45
C ASN E 414 -28.13 30.69 -37.10
N ASN E 415 -27.38 31.61 -36.51
CA ASN E 415 -26.04 31.35 -36.02
C ASN E 415 -26.09 30.29 -34.93
N PRO E 416 -25.35 29.18 -35.12
CA PRO E 416 -25.39 28.01 -34.24
C PRO E 416 -24.58 28.17 -32.96
N VAL E 417 -23.83 29.25 -32.86
CA VAL E 417 -22.98 29.50 -31.71
C VAL E 417 -23.56 30.58 -30.82
N MET E 418 -23.73 30.28 -29.54
CA MET E 418 -24.26 31.25 -28.59
C MET E 418 -23.15 32.02 -27.90
N SER E 419 -23.44 33.27 -27.54
CA SER E 419 -22.50 34.07 -26.77
C SER E 419 -22.45 33.48 -25.38
N LEU E 420 -21.34 33.67 -24.69
CA LEU E 420 -21.20 33.14 -23.33
C LEU E 420 -22.37 33.51 -22.43
N GLN E 421 -22.82 34.76 -22.50
CA GLN E 421 -23.94 35.21 -21.68
C GLN E 421 -25.24 34.53 -22.07
N ASP E 422 -25.40 34.25 -23.36
CA ASP E 422 -26.59 33.57 -23.84
C ASP E 422 -26.52 32.11 -23.42
N GLN E 423 -25.32 31.56 -23.42
CA GLN E 423 -25.11 30.17 -23.02
C GLN E 423 -25.58 29.98 -21.60
N VAL E 424 -25.14 30.87 -20.72
CA VAL E 424 -25.52 30.82 -19.32
C VAL E 424 -27.04 30.87 -19.17
N ARG E 425 -27.69 31.77 -19.92
CA ARG E 425 -29.13 31.95 -19.86
C ARG E 425 -29.87 30.70 -20.32
N PHE E 426 -29.45 30.18 -21.47
CA PHE E 426 -30.05 28.99 -22.03
C PHE E 426 -29.98 27.83 -21.06
N VAL E 427 -28.80 27.62 -20.49
CA VAL E 427 -28.58 26.55 -19.52
C VAL E 427 -29.47 26.75 -18.28
N LYS E 428 -29.55 27.99 -17.82
CA LYS E 428 -30.41 28.33 -16.69
C LYS E 428 -31.84 27.95 -16.99
N ASN E 429 -32.33 28.37 -18.15
CA ASN E 429 -33.70 28.10 -18.56
C ASN E 429 -33.99 26.62 -18.58
N VAL E 430 -33.32 25.91 -19.48
CA VAL E 430 -33.48 24.46 -19.63
C VAL E 430 -33.62 23.73 -18.29
N THR E 431 -32.74 24.05 -17.34
CA THR E 431 -32.66 23.32 -16.09
C THR E 431 -33.61 23.82 -15.01
N SER E 432 -33.87 25.12 -14.96
CA SER E 432 -34.70 25.66 -13.89
C SER E 432 -36.11 26.10 -14.32
N TRP E 433 -36.44 25.91 -15.60
CA TRP E 433 -37.78 26.22 -16.09
C TRP E 433 -38.71 25.06 -15.80
N LYS E 434 -39.22 25.03 -14.58
CA LYS E 434 -39.94 23.88 -14.06
C LYS E 434 -41.21 23.55 -14.82
N GLU E 435 -41.90 24.56 -15.32
CA GLU E 435 -43.19 24.30 -15.97
C GLU E 435 -43.06 23.76 -17.39
N MET E 436 -41.85 23.48 -17.84
CA MET E 436 -41.63 22.89 -19.15
C MET E 436 -41.02 21.50 -19.03
N LYS E 437 -41.07 20.93 -17.84
CA LYS E 437 -40.48 19.62 -17.63
C LYS E 437 -41.57 18.56 -17.47
N PRO E 438 -41.40 17.39 -18.12
CA PRO E 438 -40.27 17.07 -19.00
C PRO E 438 -40.33 17.83 -20.31
N GLY E 439 -39.19 18.17 -20.90
CA GLY E 439 -39.17 19.01 -22.07
C GLY E 439 -38.31 18.52 -23.21
N PHE E 440 -38.67 18.93 -24.42
CA PHE E 440 -37.96 18.53 -25.62
C PHE E 440 -37.59 19.80 -26.38
N TYR E 441 -36.43 20.36 -26.08
CA TYR E 441 -35.95 21.56 -26.77
C TYR E 441 -35.25 21.15 -28.05
N HIS E 442 -35.55 21.84 -29.14
CA HIS E 442 -34.90 21.53 -30.41
C HIS E 442 -34.53 22.80 -31.16
N GLY E 443 -33.48 22.74 -31.96
CA GLY E 443 -33.04 23.92 -32.69
C GLY E 443 -31.67 23.72 -33.31
N HIS E 444 -31.34 24.55 -34.29
CA HIS E 444 -30.03 24.45 -34.96
C HIS E 444 -28.97 25.17 -34.15
N VAL E 445 -28.64 24.61 -33.00
CA VAL E 445 -27.60 25.15 -32.11
C VAL E 445 -26.46 24.14 -32.00
N SER E 446 -25.23 24.63 -31.97
CA SER E 446 -24.05 23.79 -31.80
C SER E 446 -24.12 23.10 -30.44
N TYR E 447 -23.40 21.98 -30.27
CA TYR E 447 -23.46 21.25 -29.00
C TYR E 447 -22.96 22.06 -27.82
N LEU E 448 -23.81 22.20 -26.79
CA LEU E 448 -23.46 22.98 -25.61
C LEU E 448 -23.29 22.13 -24.36
N ASP E 449 -22.12 22.22 -23.73
CA ASP E 449 -21.78 21.41 -22.56
C ASP E 449 -22.29 22.00 -21.25
N PHE E 450 -23.27 21.35 -20.64
CA PHE E 450 -23.90 21.86 -19.43
C PHE E 450 -23.06 21.64 -18.20
N ALA E 451 -22.09 20.73 -18.28
CA ALA E 451 -21.25 20.38 -17.14
C ALA E 451 -20.49 21.57 -16.60
N LYS E 452 -19.95 22.40 -17.51
CA LYS E 452 -19.14 23.59 -17.17
C LYS E 452 -19.83 24.55 -16.25
N PHE E 453 -21.15 24.63 -16.37
CA PHE E 453 -21.95 25.65 -15.71
C PHE E 453 -22.40 25.19 -14.34
N GLY E 454 -22.05 23.96 -13.99
CA GLY E 454 -22.33 23.43 -12.67
C GLY E 454 -23.81 23.28 -12.41
N VAL E 455 -24.46 22.45 -13.22
CA VAL E 455 -25.89 22.18 -13.05
C VAL E 455 -26.03 20.93 -12.18
N LYS E 456 -27.25 20.67 -11.70
CA LYS E 456 -27.49 19.48 -10.90
C LYS E 456 -27.60 18.29 -11.84
N LYS E 457 -28.48 18.43 -12.81
CA LYS E 457 -28.84 17.36 -13.74
C LYS E 457 -28.59 17.82 -15.17
N LYS E 458 -27.82 17.04 -15.92
CA LYS E 458 -27.58 17.36 -17.33
C LYS E 458 -28.78 16.99 -18.18
N PRO E 459 -28.97 17.67 -19.32
CA PRO E 459 -30.03 17.22 -20.22
C PRO E 459 -29.59 16.00 -21.03
N ILE E 460 -30.53 15.39 -21.73
CA ILE E 460 -30.25 14.27 -22.60
C ILE E 460 -30.09 14.79 -24.03
N TYR E 461 -28.97 14.49 -24.66
CA TYR E 461 -28.73 14.95 -26.02
C TYR E 461 -28.94 13.82 -27.01
N ILE E 462 -29.67 14.11 -28.08
CA ILE E 462 -29.87 13.17 -29.17
C ILE E 462 -29.72 13.91 -30.47
N ASN E 463 -29.48 13.19 -31.55
CA ASN E 463 -29.31 13.84 -32.85
C ASN E 463 -29.44 12.85 -34.00
N VAL E 464 -29.57 13.39 -35.22
CA VAL E 464 -29.59 12.58 -36.42
C VAL E 464 -28.73 13.28 -37.46
N ILE E 465 -27.76 12.56 -38.02
CA ILE E 465 -26.89 13.12 -39.05
C ILE E 465 -27.08 12.40 -40.39
N ARG E 466 -26.57 13.00 -41.46
CA ARG E 466 -26.77 12.50 -42.81
C ARG E 466 -25.44 12.43 -43.52
N ASP E 467 -25.37 11.71 -44.64
CA ASP E 467 -24.14 11.67 -45.41
C ASP E 467 -23.78 13.08 -45.84
N PRO E 468 -22.53 13.49 -45.57
CA PRO E 468 -22.02 14.85 -45.79
C PRO E 468 -22.39 15.43 -47.15
N ILE E 469 -22.17 14.66 -48.21
CA ILE E 469 -22.43 15.13 -49.56
C ILE E 469 -23.92 15.20 -49.85
N GLU E 470 -24.64 14.14 -49.52
CA GLU E 470 -26.08 14.13 -49.76
C GLU E 470 -26.78 15.24 -48.99
N ARG E 471 -26.24 15.60 -47.84
CA ARG E 471 -26.82 16.66 -47.03
C ARG E 471 -26.57 18.01 -47.67
N LEU E 472 -25.37 18.20 -48.20
CA LEU E 472 -25.00 19.47 -48.82
C LEU E 472 -25.83 19.70 -50.06
N VAL E 473 -25.97 18.65 -50.87
CA VAL E 473 -26.77 18.74 -52.09
C VAL E 473 -28.22 19.04 -51.78
N SER E 474 -28.76 18.36 -50.77
CA SER E 474 -30.11 18.64 -50.30
C SER E 474 -30.26 20.09 -49.84
N TYR E 475 -29.27 20.57 -49.09
CA TYR E 475 -29.31 21.94 -48.59
C TYR E 475 -29.10 22.93 -49.72
N TYR E 476 -28.34 22.53 -50.74
CA TYR E 476 -28.09 23.38 -51.88
C TYR E 476 -29.38 23.71 -52.60
N TYR E 477 -30.09 22.68 -53.04
CA TYR E 477 -31.33 22.85 -53.78
C TYR E 477 -32.46 23.39 -52.91
N PHE E 478 -32.33 23.24 -51.60
CA PHE E 478 -33.34 23.75 -50.69
C PHE E 478 -33.38 25.27 -50.71
N LEU E 479 -32.21 25.89 -50.71
CA LEU E 479 -32.12 27.35 -50.74
C LEU E 479 -32.60 27.89 -52.09
N ARG E 480 -32.53 27.06 -53.11
CA ARG E 480 -32.87 27.46 -54.47
C ARG E 480 -34.37 27.37 -54.75
N PHE E 481 -34.99 26.29 -54.28
CA PHE E 481 -36.36 25.98 -54.68
C PHE E 481 -37.34 25.82 -53.53
N GLY E 482 -36.83 25.65 -52.32
CA GLY E 482 -37.69 25.50 -51.16
C GLY E 482 -38.19 24.09 -50.96
N ASP E 483 -39.12 23.91 -50.02
CA ASP E 483 -39.65 22.59 -49.71
C ASP E 483 -41.14 22.51 -49.93
N ASP E 484 -41.77 21.48 -49.35
CA ASP E 484 -43.20 21.29 -49.47
C ASP E 484 -43.93 21.35 -48.14
N TYR E 485 -43.18 21.55 -47.06
CA TYR E 485 -43.77 21.67 -45.73
C TYR E 485 -44.32 23.08 -45.56
N ARG E 486 -43.51 24.06 -45.96
CA ARG E 486 -43.92 25.45 -45.99
C ARG E 486 -43.51 26.06 -47.33
N PRO E 487 -44.36 25.88 -48.36
CA PRO E 487 -44.05 26.28 -49.73
C PRO E 487 -44.25 27.76 -49.96
N GLY E 488 -44.65 28.48 -48.93
CA GLY E 488 -44.94 29.90 -49.05
C GLY E 488 -43.71 30.77 -48.84
N LEU E 489 -42.73 30.25 -48.12
CA LEU E 489 -41.53 31.01 -47.83
C LEU E 489 -40.64 31.13 -49.06
N ARG E 490 -40.19 32.35 -49.35
CA ARG E 490 -39.20 32.56 -50.39
C ARG E 490 -37.82 32.39 -49.77
N ARG E 491 -37.08 31.40 -50.26
CA ARG E 491 -35.79 31.04 -49.66
C ARG E 491 -34.69 32.03 -50.02
N ARG E 492 -33.61 32.01 -49.25
CA ARG E 492 -32.55 33.03 -49.32
C ARG E 492 -31.93 33.21 -50.70
N LYS E 493 -31.44 32.12 -51.29
CA LYS E 493 -30.78 32.20 -52.58
C LYS E 493 -31.70 31.77 -53.71
N GLN E 494 -33.00 31.98 -53.53
CA GLN E 494 -33.96 31.66 -54.58
C GLN E 494 -33.75 32.61 -55.76
N GLY E 495 -33.84 32.05 -56.97
CA GLY E 495 -33.56 32.82 -58.17
C GLY E 495 -32.14 32.59 -58.64
N ASP E 496 -31.57 31.46 -58.25
CA ASP E 496 -30.25 31.05 -58.71
C ASP E 496 -30.43 29.79 -59.57
N LYS E 497 -30.07 29.91 -60.84
CA LYS E 497 -30.37 28.86 -61.82
C LYS E 497 -29.38 27.71 -61.84
N LYS E 498 -28.10 28.00 -61.56
CA LYS E 498 -27.04 27.00 -61.67
C LYS E 498 -27.33 25.76 -60.83
N THR E 499 -27.12 24.60 -61.42
CA THR E 499 -27.29 23.33 -60.70
C THR E 499 -26.05 23.01 -59.88
N PHE E 500 -26.20 22.08 -58.95
CA PHE E 500 -25.11 21.72 -58.05
C PHE E 500 -23.89 21.25 -58.82
N ASP E 501 -24.10 20.36 -59.79
CA ASP E 501 -23.02 19.80 -60.57
C ASP E 501 -22.27 20.87 -61.36
N GLU E 502 -23.03 21.80 -61.92
CA GLU E 502 -22.46 22.90 -62.69
C GLU E 502 -21.70 23.85 -61.78
N CYS E 503 -22.17 23.97 -60.54
CA CYS E 503 -21.56 24.86 -59.57
C CYS E 503 -20.20 24.34 -59.13
N VAL E 504 -20.14 23.05 -58.82
CA VAL E 504 -18.89 22.41 -58.41
C VAL E 504 -17.83 22.52 -59.51
N ALA E 505 -18.22 22.21 -60.74
CA ALA E 505 -17.31 22.30 -61.87
C ALA E 505 -16.79 23.73 -62.07
N ALA E 506 -17.65 24.70 -61.75
CA ALA E 506 -17.32 26.11 -61.94
C ALA E 506 -16.62 26.70 -60.71
N GLY E 507 -16.34 25.86 -59.73
CA GLY E 507 -15.73 26.31 -58.50
C GLY E 507 -16.57 27.35 -57.78
N GLY E 508 -17.86 27.08 -57.67
CA GLY E 508 -18.78 27.99 -57.01
C GLY E 508 -18.60 28.01 -55.51
N SER E 509 -19.22 29.00 -54.86
CA SER E 509 -19.04 29.21 -53.43
C SER E 509 -19.95 28.34 -52.57
N ASP E 510 -21.16 28.09 -53.04
CA ASP E 510 -22.14 27.31 -52.29
C ASP E 510 -21.87 25.81 -52.31
N CYS E 511 -20.99 25.39 -53.20
CA CYS E 511 -20.66 23.98 -53.33
C CYS E 511 -19.16 23.76 -53.19
N ALA E 512 -18.49 24.65 -52.47
CA ALA E 512 -17.09 24.49 -52.12
C ALA E 512 -16.97 23.45 -51.00
N PRO E 513 -15.85 22.72 -50.96
CA PRO E 513 -15.67 21.65 -49.98
C PRO E 513 -15.78 22.16 -48.55
N GLU E 514 -15.42 23.42 -48.35
CA GLU E 514 -15.48 24.04 -47.04
C GLU E 514 -16.92 24.06 -46.51
N LYS E 515 -17.87 23.93 -47.43
CA LYS E 515 -19.28 23.96 -47.08
C LYS E 515 -19.74 22.61 -46.53
N LEU E 516 -18.90 21.59 -46.68
CA LEU E 516 -19.18 20.25 -46.14
C LEU E 516 -18.99 20.23 -44.63
N TRP E 517 -18.18 21.15 -44.13
CA TRP E 517 -17.87 21.25 -42.72
C TRP E 517 -19.04 21.86 -41.97
N LEU E 518 -19.87 21.01 -41.37
CA LEU E 518 -20.99 21.48 -40.55
C LEU E 518 -21.34 20.52 -39.43
N GLN E 519 -21.48 19.25 -39.79
CA GLN E 519 -21.84 18.23 -38.83
C GLN E 519 -20.78 18.04 -37.75
N ILE E 520 -19.52 18.20 -38.12
CA ILE E 520 -18.45 18.11 -37.13
C ILE E 520 -18.51 19.21 -36.05
N PRO E 521 -18.60 20.50 -36.46
CA PRO E 521 -18.69 21.55 -35.43
C PRO E 521 -19.96 21.47 -34.61
N PHE E 522 -21.02 20.94 -35.19
CA PHE E 522 -22.27 20.82 -34.47
C PHE E 522 -22.15 19.87 -33.27
N PHE E 523 -21.18 18.97 -33.33
CA PHE E 523 -20.93 18.07 -32.22
C PHE E 523 -19.75 18.56 -31.38
N CYS E 524 -18.74 19.08 -32.06
CA CYS E 524 -17.56 19.64 -31.41
C CYS E 524 -17.93 20.77 -30.44
N GLY E 525 -18.86 21.64 -30.82
CA GLY E 525 -19.41 22.60 -29.90
C GLY E 525 -18.98 24.05 -30.06
N HIS E 526 -19.11 24.80 -28.97
CA HIS E 526 -18.85 26.24 -28.96
C HIS E 526 -17.40 26.61 -28.69
N SER E 527 -16.45 25.73 -29.03
CA SER E 527 -15.05 26.06 -28.88
C SER E 527 -14.48 26.49 -30.22
N SER E 528 -13.43 27.31 -30.18
CA SER E 528 -12.91 27.93 -31.38
C SER E 528 -12.45 26.95 -32.43
N GLU E 529 -11.75 25.91 -32.00
CA GLU E 529 -11.13 24.98 -32.92
C GLU E 529 -12.15 24.18 -33.73
N CYS E 530 -13.37 24.10 -33.21
CA CYS E 530 -14.43 23.36 -33.88
C CYS E 530 -14.73 23.97 -35.23
N TRP E 531 -14.78 25.30 -35.26
CA TRP E 531 -15.19 26.01 -36.45
C TRP E 531 -14.00 26.34 -37.32
N ASN E 532 -12.82 25.90 -36.90
CA ASN E 532 -11.63 25.94 -37.74
C ASN E 532 -11.73 24.85 -38.79
N VAL E 533 -12.18 25.20 -39.99
CA VAL E 533 -12.51 24.21 -41.01
C VAL E 533 -11.33 23.30 -41.35
N GLY E 534 -11.54 22.00 -41.21
CA GLY E 534 -10.54 21.01 -41.53
C GLY E 534 -9.64 20.68 -40.36
N SER E 535 -10.05 21.07 -39.16
CA SER E 535 -9.24 20.84 -37.96
C SER E 535 -9.27 19.39 -37.55
N ARG E 536 -8.10 18.80 -37.40
CA ARG E 536 -8.02 17.43 -36.96
C ARG E 536 -8.49 17.34 -35.51
N TRP E 537 -8.21 18.37 -34.72
CA TRP E 537 -8.61 18.39 -33.32
C TRP E 537 -10.12 18.42 -33.20
N ALA E 538 -10.73 19.20 -34.07
CA ALA E 538 -12.17 19.39 -34.05
C ALA E 538 -12.86 18.08 -34.33
N LEU E 539 -12.28 17.30 -35.22
CA LEU E 539 -12.85 16.00 -35.59
C LEU E 539 -12.85 15.10 -34.37
N GLU E 540 -11.68 14.98 -33.75
CA GLU E 540 -11.50 14.12 -32.59
C GLU E 540 -12.41 14.49 -31.45
N GLN E 541 -12.52 15.79 -31.16
CA GLN E 541 -13.42 16.26 -30.12
C GLN E 541 -14.87 15.98 -30.47
N ALA E 542 -15.21 16.05 -31.75
CA ALA E 542 -16.58 15.83 -32.17
C ALA E 542 -16.94 14.38 -31.93
N LYS E 543 -16.01 13.48 -32.17
CA LYS E 543 -16.24 12.07 -31.91
C LYS E 543 -16.38 11.79 -30.41
N TYR E 544 -15.52 12.42 -29.60
CA TYR E 544 -15.56 12.24 -28.15
C TYR E 544 -16.87 12.73 -27.55
N ASN E 545 -17.42 13.81 -28.09
CA ASN E 545 -18.68 14.33 -27.61
C ASN E 545 -19.85 13.44 -27.97
N LEU E 546 -19.76 12.81 -29.13
CA LEU E 546 -20.84 11.95 -29.61
C LEU E 546 -20.94 10.69 -28.77
N ILE E 547 -19.79 10.26 -28.25
CA ILE E 547 -19.70 9.04 -27.47
C ILE E 547 -19.97 9.31 -25.99
N ASN E 548 -19.46 10.43 -25.51
CA ASN E 548 -19.50 10.76 -24.09
C ASN E 548 -20.75 11.50 -23.66
N GLU E 549 -21.37 12.22 -24.58
CA GLU E 549 -22.43 13.14 -24.18
C GLU E 549 -23.80 12.87 -24.82
N TYR E 550 -23.79 12.32 -26.02
CA TYR E 550 -25.02 12.05 -26.73
C TYR E 550 -25.60 10.70 -26.38
N PHE E 551 -26.85 10.72 -25.92
CA PHE E 551 -27.58 9.52 -25.51
C PHE E 551 -27.77 8.58 -26.68
N LEU E 552 -28.10 9.12 -27.85
CA LEU E 552 -28.17 8.34 -29.07
C LEU E 552 -28.14 9.26 -30.28
N VAL E 553 -27.28 8.96 -31.24
CA VAL E 553 -27.28 9.67 -32.52
C VAL E 553 -27.48 8.66 -33.63
N GLY E 554 -28.56 8.82 -34.38
CA GLY E 554 -28.88 7.93 -35.48
C GLY E 554 -28.60 8.60 -36.81
N VAL E 555 -28.85 7.91 -37.92
CA VAL E 555 -28.61 8.51 -39.22
C VAL E 555 -29.91 8.68 -39.97
N THR E 556 -29.95 9.66 -40.87
CA THR E 556 -31.17 9.97 -41.62
C THR E 556 -31.72 8.76 -42.35
N GLU E 557 -30.84 8.09 -43.10
CA GLU E 557 -31.28 7.01 -43.98
C GLU E 557 -31.71 5.75 -43.23
N GLU E 558 -31.57 5.77 -41.90
CA GLU E 558 -32.10 4.72 -41.05
C GLU E 558 -32.84 5.36 -39.88
N LEU E 559 -33.80 6.22 -40.21
CA LEU E 559 -34.51 7.00 -39.21
C LEU E 559 -35.56 6.16 -38.49
N GLU E 560 -36.07 5.14 -39.16
CA GLU E 560 -37.11 4.32 -38.55
C GLU E 560 -36.57 3.56 -37.35
N ASP E 561 -35.38 2.99 -37.49
CA ASP E 561 -34.76 2.24 -36.41
C ASP E 561 -34.31 3.15 -35.28
N PHE E 562 -33.90 4.37 -35.63
CA PHE E 562 -33.53 5.36 -34.62
C PHE E 562 -34.72 5.65 -33.72
N ILE E 563 -35.91 5.72 -34.31
CA ILE E 563 -37.11 6.00 -33.56
C ILE E 563 -37.53 4.80 -32.72
N MET E 564 -37.30 3.61 -33.26
CA MET E 564 -37.66 2.36 -32.59
C MET E 564 -36.87 2.20 -31.30
N LEU E 565 -35.60 2.60 -31.36
CA LEU E 565 -34.73 2.50 -30.20
C LEU E 565 -35.10 3.51 -29.13
N LEU E 566 -35.48 4.70 -29.56
CA LEU E 566 -35.85 5.76 -28.63
C LEU E 566 -37.13 5.41 -27.89
N GLU E 567 -38.04 4.72 -28.56
CA GLU E 567 -39.29 4.31 -27.94
C GLU E 567 -39.02 3.29 -26.85
N ALA E 568 -37.97 2.49 -27.04
CA ALA E 568 -37.61 1.46 -26.08
C ALA E 568 -36.83 2.03 -24.90
N ALA E 569 -35.97 3.01 -25.18
CA ALA E 569 -35.11 3.58 -24.16
C ALA E 569 -35.78 4.73 -23.39
N LEU E 570 -36.37 5.66 -24.12
CA LEU E 570 -37.07 6.81 -23.51
C LEU E 570 -38.54 6.79 -23.86
N PRO E 571 -39.29 5.87 -23.25
CA PRO E 571 -40.68 5.68 -23.64
C PRO E 571 -41.56 6.83 -23.16
N ARG E 572 -41.10 7.59 -22.17
CA ARG E 572 -41.85 8.74 -21.69
C ARG E 572 -42.09 9.73 -22.81
N PHE E 573 -41.09 9.88 -23.65
CA PHE E 573 -41.17 10.81 -24.76
C PHE E 573 -41.72 10.16 -26.01
N PHE E 574 -41.34 8.91 -26.25
CA PHE E 574 -41.61 8.29 -27.54
C PHE E 574 -42.48 7.04 -27.52
N ARG E 575 -43.34 6.93 -26.52
CA ARG E 575 -44.31 5.85 -26.49
C ARG E 575 -45.27 6.05 -27.66
N GLY E 576 -45.20 5.15 -28.63
CA GLY E 576 -46.10 5.16 -29.76
C GLY E 576 -45.53 5.87 -30.97
N ALA E 577 -44.25 6.25 -30.86
CA ALA E 577 -43.58 6.97 -31.93
C ALA E 577 -43.39 6.11 -33.18
N THR E 578 -43.12 4.82 -32.99
CA THR E 578 -42.86 3.93 -34.12
C THR E 578 -44.13 3.69 -34.89
N GLU E 579 -45.22 3.46 -34.16
CA GLU E 579 -46.51 3.26 -34.79
C GLU E 579 -46.94 4.49 -35.57
N LEU E 580 -46.75 5.66 -34.95
CA LEU E 580 -47.07 6.93 -35.58
C LEU E 580 -46.25 7.15 -36.86
N TYR E 581 -45.01 6.70 -36.83
CA TYR E 581 -44.12 6.88 -37.97
C TYR E 581 -44.58 6.01 -39.14
N ARG E 582 -44.83 4.73 -38.86
CA ARG E 582 -45.16 3.76 -39.91
C ARG E 582 -46.52 4.02 -40.55
N THR E 583 -47.46 4.54 -39.75
CA THR E 583 -48.81 4.79 -40.22
C THR E 583 -49.23 6.22 -39.92
N GLY E 584 -48.62 7.19 -40.59
CA GLY E 584 -48.85 8.57 -40.21
C GLY E 584 -48.96 9.58 -41.34
N LYS E 585 -48.32 9.27 -42.48
CA LYS E 585 -48.31 10.16 -43.64
C LYS E 585 -47.64 11.50 -43.33
N LYS E 586 -46.99 11.57 -42.18
CA LYS E 586 -46.33 12.77 -41.73
C LYS E 586 -44.89 12.37 -41.39
N SER E 587 -44.43 11.33 -42.08
CA SER E 587 -43.14 10.72 -41.79
C SER E 587 -42.06 11.22 -42.74
N HIS E 588 -42.44 11.74 -43.89
CA HIS E 588 -41.47 12.32 -44.82
C HIS E 588 -41.77 13.78 -45.10
N LEU E 589 -41.53 14.64 -44.10
CA LEU E 589 -41.82 16.05 -44.20
C LEU E 589 -40.66 16.84 -44.79
N ARG E 590 -40.99 17.95 -45.44
CA ARG E 590 -40.01 18.91 -45.96
C ARG E 590 -39.10 18.35 -47.05
N LYS E 591 -39.69 17.69 -48.05
CA LYS E 591 -38.95 17.26 -49.22
C LYS E 591 -38.57 18.48 -50.05
N THR E 592 -37.29 18.58 -50.42
CA THR E 592 -36.84 19.67 -51.27
C THR E 592 -37.47 19.51 -52.64
N THR E 593 -38.21 20.54 -53.05
CA THR E 593 -39.08 20.50 -54.23
C THR E 593 -38.39 19.96 -55.49
N GLU E 594 -37.36 20.66 -55.95
CA GLU E 594 -36.64 20.23 -57.14
C GLU E 594 -35.20 19.88 -56.83
N LYS E 595 -34.88 18.60 -56.85
CA LYS E 595 -33.51 18.16 -56.62
C LYS E 595 -32.94 17.47 -57.85
N LYS E 596 -31.64 17.67 -58.08
CA LYS E 596 -30.92 16.96 -59.13
C LYS E 596 -29.71 16.25 -58.54
N LEU E 597 -29.80 14.93 -58.44
CA LEU E 597 -28.74 14.13 -57.85
C LEU E 597 -27.41 14.32 -58.58
N PRO E 598 -26.29 14.33 -57.84
CA PRO E 598 -24.98 14.69 -58.39
C PRO E 598 -24.39 13.62 -59.29
N THR E 599 -23.63 14.05 -60.29
CA THR E 599 -22.96 13.14 -61.21
C THR E 599 -21.91 12.34 -60.46
N LYS E 600 -21.58 11.17 -60.99
CA LYS E 600 -20.50 10.37 -60.44
C LYS E 600 -19.21 11.17 -60.51
N GLU E 601 -19.15 12.07 -61.49
CA GLU E 601 -17.99 12.92 -61.71
C GLU E 601 -17.93 14.03 -60.67
N THR E 602 -19.09 14.58 -60.33
CA THR E 602 -19.17 15.64 -59.34
C THR E 602 -18.80 15.11 -57.96
N ILE E 603 -19.40 14.00 -57.57
CA ILE E 603 -19.13 13.35 -56.30
C ILE E 603 -17.65 12.99 -56.17
N ALA E 604 -17.07 12.51 -57.27
CA ALA E 604 -15.67 12.11 -57.28
C ALA E 604 -14.72 13.26 -56.96
N LYS E 605 -15.05 14.46 -57.41
CA LYS E 605 -14.20 15.63 -57.18
C LYS E 605 -14.27 16.11 -55.73
N LEU E 606 -15.46 16.06 -55.16
CA LEU E 606 -15.66 16.46 -53.77
C LEU E 606 -14.87 15.55 -52.82
N GLN E 607 -14.78 14.27 -53.19
CA GLN E 607 -14.14 13.30 -52.31
C GLN E 607 -12.62 13.43 -52.29
N GLN E 608 -12.09 14.33 -53.11
CA GLN E 608 -10.65 14.56 -53.13
C GLN E 608 -10.25 15.50 -52.01
N SER E 609 -11.25 16.19 -51.47
CA SER E 609 -11.00 17.21 -50.44
C SER E 609 -10.83 16.62 -49.06
N GLU E 610 -9.82 17.08 -48.34
CA GLU E 610 -9.59 16.64 -46.97
C GLU E 610 -10.77 16.97 -46.07
N ILE E 611 -11.44 18.08 -46.36
CA ILE E 611 -12.63 18.48 -45.61
C ILE E 611 -13.72 17.43 -45.75
N TRP E 612 -13.79 16.79 -46.91
CA TRP E 612 -14.76 15.73 -47.09
C TRP E 612 -14.32 14.46 -46.38
N LYS E 613 -13.08 14.07 -46.58
CA LYS E 613 -12.53 12.87 -45.96
C LYS E 613 -12.79 12.85 -44.46
N MET E 614 -12.65 14.01 -43.83
CA MET E 614 -12.90 14.15 -42.40
C MET E 614 -14.38 14.11 -42.05
N GLU E 615 -15.17 14.92 -42.74
CA GLU E 615 -16.60 15.00 -42.49
C GLU E 615 -17.26 13.65 -42.70
N ASN E 616 -16.65 12.86 -43.59
CA ASN E 616 -17.10 11.50 -43.89
C ASN E 616 -16.66 10.52 -42.84
N GLU E 617 -15.40 10.63 -42.40
CA GLU E 617 -14.88 9.80 -41.32
C GLU E 617 -15.74 9.91 -40.07
N PHE E 618 -16.17 11.13 -39.77
CA PHE E 618 -17.04 11.34 -38.62
C PHE E 618 -18.38 10.66 -38.80
N TYR E 619 -18.93 10.73 -40.01
CA TYR E 619 -20.23 10.13 -40.31
C TYR E 619 -20.17 8.63 -40.09
N GLU E 620 -19.22 8.00 -40.76
CA GLU E 620 -19.08 6.56 -40.69
C GLU E 620 -18.84 6.11 -39.26
N PHE E 621 -18.12 6.93 -38.50
CA PHE E 621 -17.88 6.68 -37.07
C PHE E 621 -19.19 6.64 -36.28
N ALA E 622 -20.02 7.66 -36.49
CA ALA E 622 -21.31 7.79 -35.81
C ALA E 622 -22.28 6.75 -36.32
N LEU E 623 -22.13 6.39 -37.59
CA LEU E 623 -22.97 5.35 -38.20
C LEU E 623 -22.62 3.99 -37.61
N GLU E 624 -21.35 3.62 -37.68
CA GLU E 624 -20.87 2.36 -37.14
C GLU E 624 -21.27 2.21 -35.67
N GLN E 625 -21.32 3.33 -34.96
CA GLN E 625 -21.77 3.34 -33.58
C GLN E 625 -23.25 2.98 -33.48
N PHE E 626 -24.08 3.66 -34.26
CA PHE E 626 -25.51 3.43 -34.20
C PHE E 626 -25.86 1.99 -34.53
N GLN E 627 -25.18 1.46 -35.54
CA GLN E 627 -25.39 0.09 -35.96
C GLN E 627 -25.02 -0.86 -34.83
N PHE E 628 -23.97 -0.53 -34.10
CA PHE E 628 -23.54 -1.31 -32.95
C PHE E 628 -24.61 -1.26 -31.88
N VAL E 629 -25.14 -0.07 -31.63
CA VAL E 629 -26.15 0.15 -30.58
C VAL E 629 -27.40 -0.64 -30.86
N ARG E 630 -27.81 -0.64 -32.12
CA ARG E 630 -28.99 -1.35 -32.56
C ARG E 630 -28.75 -2.83 -32.44
N ALA E 631 -27.61 -3.28 -32.97
CA ALA E 631 -27.25 -4.70 -32.99
C ALA E 631 -27.37 -5.33 -31.61
N HIS E 632 -27.07 -4.55 -30.58
CA HIS E 632 -27.07 -5.06 -29.22
C HIS E 632 -28.41 -4.89 -28.51
N ALA E 633 -29.34 -4.20 -29.15
CA ALA E 633 -30.61 -3.90 -28.52
C ALA E 633 -31.78 -4.70 -29.11
N VAL E 634 -31.57 -5.27 -30.29
CA VAL E 634 -32.64 -5.99 -30.98
C VAL E 634 -32.29 -7.42 -31.38
N ARG E 635 -33.32 -8.15 -31.78
CA ARG E 635 -33.22 -9.51 -32.27
C ARG E 635 -33.94 -9.59 -33.60
N GLU E 636 -33.28 -10.18 -34.60
CA GLU E 636 -33.86 -10.29 -35.94
C GLU E 636 -34.58 -11.62 -36.14
N LYS E 637 -35.84 -11.67 -35.72
CA LYS E 637 -36.64 -12.89 -35.86
C LYS E 637 -37.47 -12.82 -37.13
N ASP E 638 -36.79 -13.10 -38.26
CA ASP E 638 -37.40 -13.10 -39.59
C ASP E 638 -37.92 -11.73 -40.02
N GLY E 639 -37.07 -10.97 -40.71
CA GLY E 639 -37.44 -9.67 -41.24
C GLY E 639 -37.59 -8.61 -40.17
N GLU E 640 -38.61 -8.78 -39.32
CA GLU E 640 -38.87 -7.83 -38.25
C GLU E 640 -37.78 -7.83 -37.19
N LEU E 641 -37.49 -6.64 -36.65
CA LEU E 641 -36.63 -6.51 -35.48
C LEU E 641 -37.51 -6.46 -34.25
N TYR E 642 -37.08 -7.15 -33.20
CA TYR E 642 -37.80 -7.14 -31.94
C TYR E 642 -36.86 -6.71 -30.83
N ILE E 643 -37.32 -5.80 -29.98
CA ILE E 643 -36.49 -5.29 -28.89
C ILE E 643 -36.20 -6.39 -27.87
N LEU E 644 -34.93 -6.48 -27.45
CA LEU E 644 -34.49 -7.51 -26.51
C LEU E 644 -35.06 -7.31 -25.12
N ALA E 645 -35.29 -8.41 -24.43
CA ALA E 645 -35.78 -8.38 -23.05
C ALA E 645 -34.67 -7.94 -22.12
N GLN E 646 -34.95 -7.94 -20.82
CA GLN E 646 -33.92 -7.58 -19.87
C GLN E 646 -32.95 -8.74 -19.75
N ASN E 647 -31.66 -8.45 -19.80
CA ASN E 647 -30.64 -9.48 -19.76
C ASN E 647 -29.65 -9.33 -18.62
N PHE E 648 -30.04 -8.67 -17.55
CA PHE E 648 -29.22 -8.66 -16.35
C PHE E 648 -30.10 -8.77 -15.12
N PHE E 649 -29.48 -9.06 -13.99
CA PHE E 649 -30.21 -9.12 -12.73
C PHE E 649 -29.25 -9.05 -11.57
N TYR E 650 -29.76 -8.78 -10.38
CA TYR E 650 -28.90 -8.64 -9.23
C TYR E 650 -29.00 -9.89 -8.37
N GLU E 651 -27.86 -10.32 -7.83
CA GLU E 651 -27.83 -11.49 -6.98
C GLU E 651 -26.74 -11.36 -5.93
N LYS E 652 -26.73 -12.29 -4.97
CA LYS E 652 -25.80 -12.23 -3.86
C LYS E 652 -25.88 -10.89 -3.13
N ILE E 653 -27.10 -10.43 -2.89
CA ILE E 653 -27.33 -9.16 -2.23
C ILE E 653 -27.25 -9.32 -0.72
N TYR E 654 -26.16 -8.85 -0.13
CA TYR E 654 -26.04 -8.86 1.34
C TYR E 654 -26.08 -7.41 1.81
N PRO E 655 -26.35 -7.18 3.11
CA PRO E 655 -26.83 -8.03 4.20
C PRO E 655 -28.28 -8.38 3.96
N LYS E 656 -28.77 -9.45 4.56
CA LYS E 656 -30.14 -9.90 4.30
C LYS E 656 -31.10 -9.53 5.43
N SER E 657 -32.41 -9.59 5.13
CA SER E 657 -33.45 -9.27 6.10
N LYS F 1 -13.33 56.04 -1.70
CA LYS F 1 -13.20 56.83 -2.91
C LYS F 1 -14.21 57.97 -2.94
N ILE F 2 -15.24 57.87 -2.09
CA ILE F 2 -16.22 58.95 -1.97
C ILE F 2 -15.64 60.07 -1.11
N GLU F 3 -15.52 61.26 -1.70
CA GLU F 3 -14.94 62.41 -1.03
C GLU F 3 -15.75 62.81 0.19
N GLU F 4 -15.07 63.02 1.31
CA GLU F 4 -15.73 63.49 2.53
C GLU F 4 -15.70 65.01 2.59
N GLY F 5 -16.80 65.61 3.07
CA GLY F 5 -16.89 67.04 3.17
C GLY F 5 -17.64 67.66 2.00
N LYS F 6 -18.26 66.82 1.18
CA LYS F 6 -19.09 67.29 0.08
C LYS F 6 -20.17 66.26 -0.24
N LEU F 7 -21.23 66.72 -0.90
CA LEU F 7 -22.32 65.84 -1.29
C LEU F 7 -22.40 65.68 -2.80
N VAL F 8 -22.46 64.44 -3.26
CA VAL F 8 -22.67 64.14 -4.66
C VAL F 8 -24.02 63.45 -4.81
N ILE F 9 -24.84 63.95 -5.72
CA ILE F 9 -26.19 63.45 -5.86
C ILE F 9 -26.50 62.99 -7.29
N TRP F 10 -27.04 61.78 -7.42
CA TRP F 10 -27.45 61.27 -8.72
C TRP F 10 -28.97 61.24 -8.83
N ILE F 11 -29.50 61.88 -9.86
CA ILE F 11 -30.93 61.86 -10.13
C ILE F 11 -31.17 61.61 -11.62
N ASN F 12 -32.29 60.98 -11.95
CA ASN F 12 -32.59 60.60 -13.32
C ASN F 12 -32.59 61.77 -14.29
N GLY F 13 -32.24 61.50 -15.54
CA GLY F 13 -32.09 62.54 -16.55
C GLY F 13 -33.33 63.34 -16.88
N ASP F 14 -34.49 62.68 -16.90
CA ASP F 14 -35.73 63.34 -17.31
C ASP F 14 -36.36 64.15 -16.17
N LYS F 15 -35.78 64.08 -14.98
CA LYS F 15 -36.32 64.81 -13.83
C LYS F 15 -35.72 66.22 -13.76
N GLY F 16 -36.08 66.95 -12.70
CA GLY F 16 -35.62 68.32 -12.53
C GLY F 16 -34.30 68.42 -11.79
N TYR F 17 -33.22 68.09 -12.48
CA TYR F 17 -31.89 68.10 -11.87
C TYR F 17 -31.33 69.51 -11.71
N ASN F 18 -31.73 70.42 -12.60
CA ASN F 18 -31.33 71.82 -12.48
C ASN F 18 -31.99 72.49 -11.28
N GLY F 19 -33.21 72.05 -10.97
CA GLY F 19 -33.95 72.57 -9.83
C GLY F 19 -33.39 72.08 -8.51
N LEU F 20 -32.97 70.82 -8.49
CA LEU F 20 -32.36 70.23 -7.30
C LEU F 20 -31.01 70.89 -7.04
N ALA F 21 -30.32 71.26 -8.12
CA ALA F 21 -29.03 71.91 -8.03
C ALA F 21 -29.13 73.29 -7.38
N GLU F 22 -30.31 73.91 -7.50
CA GLU F 22 -30.53 75.20 -6.84
C GLU F 22 -30.58 75.00 -5.33
N VAL F 23 -31.19 73.89 -4.90
CA VAL F 23 -31.24 73.55 -3.49
C VAL F 23 -29.84 73.18 -3.00
N GLY F 24 -29.00 72.73 -3.92
CA GLY F 24 -27.63 72.41 -3.61
C GLY F 24 -26.82 73.66 -3.31
N LYS F 25 -27.10 74.74 -4.04
CA LYS F 25 -26.43 76.02 -3.84
C LYS F 25 -26.82 76.65 -2.51
N LYS F 26 -28.05 76.40 -2.09
CA LYS F 26 -28.59 76.93 -0.84
C LYS F 26 -28.00 76.20 0.36
N PHE F 27 -27.61 74.94 0.13
CA PHE F 27 -27.01 74.13 1.18
C PHE F 27 -25.53 74.47 1.32
N GLU F 28 -24.89 74.76 0.19
CA GLU F 28 -23.48 75.11 0.19
C GLU F 28 -23.24 76.49 0.76
N LYS F 29 -24.15 77.41 0.47
CA LYS F 29 -24.04 78.78 0.97
C LYS F 29 -24.26 78.84 2.48
N ASP F 30 -24.98 77.85 3.00
CA ASP F 30 -25.32 77.82 4.43
C ASP F 30 -24.37 76.99 5.28
N THR F 31 -23.89 75.88 4.74
CA THR F 31 -23.08 74.95 5.51
C THR F 31 -21.62 74.87 5.04
N GLY F 32 -21.38 75.31 3.81
CA GLY F 32 -20.04 75.30 3.24
C GLY F 32 -19.74 74.00 2.50
N ILE F 33 -20.73 73.11 2.45
CA ILE F 33 -20.56 71.81 1.80
C ILE F 33 -20.97 71.88 0.33
N LYS F 34 -20.00 71.63 -0.56
CA LYS F 34 -20.23 71.65 -1.99
C LYS F 34 -21.18 70.54 -2.43
N VAL F 35 -22.26 70.89 -3.13
CA VAL F 35 -23.21 69.90 -3.62
C VAL F 35 -23.19 69.80 -5.14
N THR F 36 -22.90 68.60 -5.64
CA THR F 36 -22.83 68.37 -7.08
C THR F 36 -23.93 67.42 -7.54
N VAL F 37 -24.80 67.89 -8.41
CA VAL F 37 -25.92 67.08 -8.91
C VAL F 37 -25.68 66.60 -10.35
N GLU F 38 -25.69 65.29 -10.55
CA GLU F 38 -25.42 64.72 -11.87
C GLU F 38 -26.52 63.76 -12.31
N HIS F 39 -26.62 63.56 -13.62
CA HIS F 39 -27.65 62.69 -14.19
C HIS F 39 -27.08 61.67 -15.17
N PRO F 40 -26.43 60.62 -14.65
CA PRO F 40 -25.77 59.59 -15.48
C PRO F 40 -26.77 58.75 -16.28
N ASP F 41 -26.31 58.24 -17.42
CA ASP F 41 -27.14 57.37 -18.25
C ASP F 41 -27.27 56.00 -17.59
N LYS F 42 -28.41 55.35 -17.81
CA LYS F 42 -28.71 54.05 -17.19
C LYS F 42 -28.47 54.10 -15.69
N LEU F 43 -28.92 55.18 -15.06
CA LEU F 43 -28.70 55.43 -13.63
C LEU F 43 -29.07 54.25 -12.74
N GLU F 44 -30.18 53.59 -13.06
CA GLU F 44 -30.70 52.51 -12.22
C GLU F 44 -29.77 51.31 -12.19
N GLU F 45 -29.00 51.14 -13.25
CA GLU F 45 -28.05 50.02 -13.37
C GLU F 45 -26.65 50.44 -12.96
N LYS F 46 -26.36 51.73 -13.14
CA LYS F 46 -25.03 52.26 -12.85
C LYS F 46 -24.76 52.30 -11.34
N PHE F 47 -25.75 52.74 -10.57
CA PHE F 47 -25.58 52.85 -9.12
C PHE F 47 -25.11 51.58 -8.42
N PRO F 48 -25.83 50.45 -8.61
CA PRO F 48 -25.41 49.26 -7.87
C PRO F 48 -24.04 48.75 -8.31
N GLN F 49 -23.69 48.98 -9.57
CA GLN F 49 -22.36 48.63 -10.06
C GLN F 49 -21.30 49.42 -9.31
N VAL F 50 -21.49 50.73 -9.28
CA VAL F 50 -20.50 51.65 -8.70
C VAL F 50 -20.51 51.59 -7.18
N ALA F 51 -21.70 51.54 -6.58
CA ALA F 51 -21.81 51.52 -5.13
C ALA F 51 -21.25 50.23 -4.54
N ALA F 52 -21.14 49.20 -5.37
CA ALA F 52 -20.59 47.92 -4.95
C ALA F 52 -19.09 48.01 -4.70
N THR F 53 -18.44 48.86 -5.46
CA THR F 53 -17.00 49.05 -5.36
C THR F 53 -16.65 49.96 -4.19
N GLY F 54 -17.69 50.50 -3.54
CA GLY F 54 -17.51 51.43 -2.44
C GLY F 54 -17.41 52.86 -2.91
N ASP F 55 -18.00 53.12 -4.07
CA ASP F 55 -17.94 54.45 -4.68
C ASP F 55 -19.36 54.94 -4.93
N GLY F 56 -19.52 55.87 -5.86
CA GLY F 56 -20.84 56.38 -6.20
C GLY F 56 -21.19 57.68 -5.51
N PRO F 57 -22.46 58.08 -5.62
CA PRO F 57 -22.96 59.32 -5.02
C PRO F 57 -23.27 59.11 -3.55
N ASP F 58 -23.49 60.19 -2.81
CA ASP F 58 -23.90 60.09 -1.42
C ASP F 58 -25.41 59.85 -1.36
N ILE F 59 -26.13 60.46 -2.29
CA ILE F 59 -27.58 60.34 -2.36
C ILE F 59 -28.02 59.87 -3.74
N ILE F 60 -28.97 58.93 -3.78
CA ILE F 60 -29.46 58.39 -5.03
C ILE F 60 -30.98 58.56 -5.16
N PHE F 61 -31.41 59.07 -6.32
CA PHE F 61 -32.82 59.35 -6.57
C PHE F 61 -33.41 58.43 -7.64
N TRP F 62 -34.37 57.60 -7.23
CA TRP F 62 -35.09 56.74 -8.15
C TRP F 62 -36.45 56.35 -7.57
N ALA F 63 -37.27 55.66 -8.36
CA ALA F 63 -38.52 55.12 -7.86
C ALA F 63 -38.22 54.02 -6.86
N HIS F 64 -39.11 53.83 -5.89
CA HIS F 64 -38.86 52.96 -4.75
C HIS F 64 -38.70 51.48 -5.08
N ASP F 65 -39.05 51.09 -6.31
CA ASP F 65 -39.08 49.68 -6.69
C ASP F 65 -37.68 49.05 -6.75
N ARG F 66 -36.67 49.86 -7.03
CA ARG F 66 -35.30 49.37 -7.10
C ARG F 66 -34.66 49.30 -5.72
N PHE F 67 -35.13 50.15 -4.81
CA PHE F 67 -34.46 50.37 -3.53
C PHE F 67 -34.41 49.15 -2.59
N GLY F 68 -35.14 48.11 -2.92
CA GLY F 68 -35.09 46.88 -2.13
C GLY F 68 -33.89 46.04 -2.47
N GLY F 69 -33.60 45.91 -3.76
CA GLY F 69 -32.42 45.20 -4.22
C GLY F 69 -31.15 45.87 -3.75
N TYR F 70 -31.17 47.20 -3.71
CA TYR F 70 -30.05 47.98 -3.20
C TYR F 70 -29.84 47.71 -1.71
N ALA F 71 -30.95 47.61 -0.99
CA ALA F 71 -30.91 47.41 0.45
C ALA F 71 -30.37 46.03 0.80
N GLN F 72 -30.84 45.02 0.10
CA GLN F 72 -30.43 43.64 0.35
C GLN F 72 -28.95 43.43 0.04
N SER F 73 -28.46 44.15 -0.96
CA SER F 73 -27.04 44.11 -1.31
C SER F 73 -26.24 44.96 -0.31
N GLY F 74 -26.94 45.66 0.56
CA GLY F 74 -26.32 46.47 1.59
C GLY F 74 -25.74 47.77 1.04
N LEU F 75 -26.41 48.33 0.04
CA LEU F 75 -25.91 49.53 -0.64
C LEU F 75 -26.52 50.79 -0.05
N LEU F 76 -27.47 50.62 0.85
CA LEU F 76 -28.16 51.76 1.45
C LEU F 76 -27.96 51.79 2.96
N ALA F 77 -28.01 52.99 3.52
CA ALA F 77 -27.96 53.15 4.96
C ALA F 77 -29.38 53.35 5.49
N GLU F 78 -29.70 52.67 6.59
CA GLU F 78 -31.01 52.83 7.21
C GLU F 78 -31.17 54.24 7.75
N ILE F 79 -32.05 55.01 7.12
CA ILE F 79 -32.29 56.38 7.52
C ILE F 79 -33.05 56.43 8.83
N THR F 80 -32.83 57.49 9.61
CA THR F 80 -33.46 57.62 10.92
C THR F 80 -34.10 58.99 11.15
N PRO F 81 -35.21 59.26 10.45
CA PRO F 81 -35.92 60.51 10.70
C PRO F 81 -36.77 60.40 11.97
N ASP F 82 -36.79 61.45 12.78
CA ASP F 82 -37.58 61.44 14.00
C ASP F 82 -39.07 61.43 13.66
N LYS F 83 -39.89 61.06 14.64
CA LYS F 83 -41.34 60.96 14.43
C LYS F 83 -41.94 62.32 14.08
N ALA F 84 -41.29 63.39 14.53
CA ALA F 84 -41.74 64.74 14.21
C ALA F 84 -41.64 65.01 12.71
N PHE F 85 -40.73 64.32 12.05
CA PHE F 85 -40.54 64.48 10.61
C PHE F 85 -41.43 63.52 9.83
N GLN F 86 -41.59 62.31 10.35
CA GLN F 86 -42.40 61.29 9.69
C GLN F 86 -43.87 61.68 9.64
N ASP F 87 -44.27 62.59 10.51
CA ASP F 87 -45.66 63.01 10.60
C ASP F 87 -46.00 64.14 9.65
N LYS F 88 -45.02 64.65 8.92
CA LYS F 88 -45.28 65.69 7.93
C LYS F 88 -45.25 65.11 6.53
N LEU F 89 -45.09 63.79 6.44
CA LEU F 89 -45.15 63.07 5.17
C LEU F 89 -46.23 62.00 5.21
N TYR F 90 -46.87 61.78 4.06
CA TYR F 90 -47.94 60.80 3.94
C TYR F 90 -47.48 59.41 4.34
N PRO F 91 -48.14 58.82 5.34
CA PRO F 91 -47.78 57.52 5.93
C PRO F 91 -47.68 56.38 4.91
N PHE F 92 -48.38 56.51 3.79
CA PHE F 92 -48.35 55.45 2.77
C PHE F 92 -47.09 55.51 1.92
N THR F 93 -46.46 56.68 1.84
CA THR F 93 -45.20 56.83 1.11
C THR F 93 -44.04 56.27 1.91
N TRP F 94 -44.19 56.27 3.23
CA TRP F 94 -43.18 55.67 4.11
C TRP F 94 -43.20 54.16 3.98
N ASP F 95 -44.38 53.61 3.66
CA ASP F 95 -44.52 52.17 3.46
C ASP F 95 -43.88 51.75 2.14
N ALA F 96 -43.84 52.70 1.20
CA ALA F 96 -43.24 52.44 -0.12
C ALA F 96 -41.73 52.27 -0.01
N VAL F 97 -41.14 52.83 1.04
CA VAL F 97 -39.70 52.76 1.25
C VAL F 97 -39.35 52.01 2.54
N ARG F 98 -40.26 51.14 2.98
CA ARG F 98 -39.98 50.29 4.13
C ARG F 98 -39.64 48.89 3.67
N TYR F 99 -38.37 48.51 3.79
CA TYR F 99 -37.92 47.18 3.42
C TYR F 99 -37.33 46.48 4.63
N ASN F 100 -37.84 45.28 4.92
CA ASN F 100 -37.43 44.51 6.09
C ASN F 100 -37.64 45.24 7.42
N GLY F 101 -38.73 45.99 7.51
CA GLY F 101 -39.11 46.65 8.75
C GLY F 101 -38.54 48.05 8.93
N LYS F 102 -37.41 48.32 8.31
CA LYS F 102 -36.74 49.60 8.47
C LYS F 102 -36.85 50.48 7.23
N LEU F 103 -36.75 51.79 7.43
CA LEU F 103 -36.79 52.74 6.33
C LEU F 103 -35.43 52.81 5.65
N ILE F 104 -35.44 52.96 4.32
CA ILE F 104 -34.19 52.96 3.56
C ILE F 104 -34.08 54.16 2.60
N ALA F 105 -35.16 54.93 2.47
CA ALA F 105 -35.16 56.08 1.58
C ALA F 105 -36.15 57.16 2.04
N TYR F 106 -35.88 58.40 1.64
CA TYR F 106 -36.79 59.51 1.92
C TYR F 106 -37.71 59.72 0.72
N PRO F 107 -39.00 59.34 0.86
CA PRO F 107 -39.96 59.48 -0.23
C PRO F 107 -40.19 60.94 -0.63
N ILE F 108 -40.00 61.24 -1.91
CA ILE F 108 -40.15 62.61 -2.40
C ILE F 108 -41.53 62.84 -2.99
N ALA F 109 -41.80 62.23 -4.14
CA ALA F 109 -43.05 62.45 -4.83
C ALA F 109 -43.64 61.14 -5.35
N VAL F 110 -44.95 61.16 -5.62
CA VAL F 110 -45.65 60.01 -6.17
C VAL F 110 -45.99 60.25 -7.63
N GLU F 111 -45.34 59.50 -8.51
CA GLU F 111 -45.53 59.66 -9.95
C GLU F 111 -46.39 58.55 -10.54
N ALA F 112 -47.12 58.87 -11.60
CA ALA F 112 -47.98 57.91 -12.28
C ALA F 112 -48.25 58.35 -13.71
N LEU F 113 -48.38 57.39 -14.61
CA LEU F 113 -48.63 57.70 -16.01
C LEU F 113 -50.06 58.17 -16.24
N SER F 114 -50.20 59.20 -17.07
CA SER F 114 -51.52 59.70 -17.44
C SER F 114 -51.59 59.90 -18.95
N LEU F 115 -52.80 60.03 -19.48
CA LEU F 115 -52.99 60.27 -20.90
C LEU F 115 -52.93 61.75 -21.22
N ILE F 116 -52.03 62.12 -22.12
CA ILE F 116 -51.89 63.51 -22.53
C ILE F 116 -52.35 63.67 -23.98
N TYR F 117 -53.33 64.52 -24.20
CA TYR F 117 -53.89 64.72 -25.53
C TYR F 117 -53.79 66.18 -25.99
N ASN F 118 -53.73 66.37 -27.30
CA ASN F 118 -53.69 67.69 -27.91
C ASN F 118 -55.10 68.28 -27.96
N LYS F 119 -55.32 69.35 -27.20
CA LYS F 119 -56.63 70.00 -27.14
C LYS F 119 -57.11 70.46 -28.52
N ASP F 120 -56.19 71.00 -29.31
CA ASP F 120 -56.51 71.50 -30.64
C ASP F 120 -56.81 70.37 -31.61
N LEU F 121 -55.90 69.40 -31.69
CA LEU F 121 -56.04 68.29 -32.62
C LEU F 121 -57.15 67.34 -32.20
N LEU F 122 -57.44 67.29 -30.90
CA LEU F 122 -58.45 66.38 -30.38
C LEU F 122 -59.14 66.95 -29.14
N PRO F 123 -60.31 67.58 -29.33
CA PRO F 123 -61.10 68.18 -28.25
C PRO F 123 -61.57 67.13 -27.25
N ASN F 124 -62.10 66.02 -27.75
CA ASN F 124 -62.59 64.94 -26.89
C ASN F 124 -61.77 63.66 -27.01
N PRO F 125 -60.92 63.41 -26.01
CA PRO F 125 -60.04 62.23 -26.00
C PRO F 125 -60.85 60.95 -25.86
N PRO F 126 -60.36 59.85 -26.46
CA PRO F 126 -61.04 58.54 -26.37
C PRO F 126 -61.00 57.99 -24.95
N LYS F 127 -62.10 57.38 -24.53
CA LYS F 127 -62.18 56.81 -23.19
C LYS F 127 -61.78 55.34 -23.19
N THR F 128 -61.78 54.72 -24.37
CA THR F 128 -61.35 53.33 -24.50
C THR F 128 -60.15 53.18 -25.43
N TRP F 129 -59.46 52.05 -25.32
CA TRP F 129 -58.32 51.75 -26.16
C TRP F 129 -58.76 51.31 -27.56
N GLU F 130 -59.95 50.73 -27.65
CA GLU F 130 -60.42 50.14 -28.89
C GLU F 130 -60.78 51.18 -29.96
N GLU F 131 -61.19 52.36 -29.53
CA GLU F 131 -61.56 53.40 -30.47
C GLU F 131 -60.35 54.25 -30.88
N ILE F 132 -59.18 53.62 -30.93
CA ILE F 132 -57.97 54.28 -31.40
C ILE F 132 -57.58 53.87 -32.83
N PRO F 133 -57.69 52.57 -33.19
CA PRO F 133 -57.46 52.22 -34.60
C PRO F 133 -58.43 52.94 -35.54
N ALA F 134 -59.63 53.25 -35.06
CA ALA F 134 -60.62 53.97 -35.86
C ALA F 134 -60.31 55.47 -35.88
N LEU F 135 -59.69 55.95 -34.81
CA LEU F 135 -59.34 57.36 -34.68
C LEU F 135 -58.09 57.70 -35.47
N ASP F 136 -57.20 56.72 -35.59
CA ASP F 136 -55.94 56.90 -36.32
C ASP F 136 -56.18 57.03 -37.82
N LYS F 137 -57.31 56.50 -38.28
CA LYS F 137 -57.66 56.53 -39.70
C LYS F 137 -57.78 57.94 -40.24
N GLU F 138 -58.64 58.74 -39.61
CA GLU F 138 -58.89 60.10 -40.06
C GLU F 138 -57.67 61.01 -39.90
N LEU F 139 -56.86 60.74 -38.86
CA LEU F 139 -55.69 61.55 -38.59
C LEU F 139 -54.54 61.19 -39.53
N LYS F 140 -54.56 59.97 -40.04
CA LYS F 140 -53.54 59.52 -40.99
C LYS F 140 -53.72 60.23 -42.33
N ALA F 141 -54.98 60.49 -42.69
CA ALA F 141 -55.30 61.16 -43.94
C ALA F 141 -54.92 62.64 -43.89
N LYS F 142 -54.97 63.22 -42.70
CA LYS F 142 -54.59 64.62 -42.52
C LYS F 142 -53.06 64.76 -42.45
N GLY F 143 -52.40 63.69 -42.01
CA GLY F 143 -50.96 63.69 -41.89
C GLY F 143 -50.52 63.67 -40.44
N LYS F 144 -51.36 63.11 -39.57
CA LYS F 144 -51.08 63.05 -38.15
C LYS F 144 -51.03 61.61 -37.64
N SER F 145 -51.07 61.45 -36.32
CA SER F 145 -51.07 60.15 -35.69
C SER F 145 -51.96 60.18 -34.45
N ALA F 146 -52.57 59.05 -34.12
CA ALA F 146 -53.47 58.97 -32.98
C ALA F 146 -52.73 58.88 -31.65
N LEU F 147 -51.61 58.18 -31.63
CA LEU F 147 -50.87 57.93 -30.40
C LEU F 147 -49.38 57.73 -30.64
N MET F 148 -48.56 58.24 -29.72
CA MET F 148 -47.10 58.10 -29.79
C MET F 148 -46.50 58.05 -28.39
N PHE F 149 -45.92 56.91 -28.02
CA PHE F 149 -45.24 56.81 -26.72
C PHE F 149 -44.10 55.81 -26.71
N ASN F 150 -43.35 55.81 -25.61
CA ASN F 150 -42.18 54.94 -25.45
C ASN F 150 -42.54 53.46 -25.39
N LEU F 151 -42.08 52.70 -26.38
CA LEU F 151 -42.32 51.26 -26.44
C LEU F 151 -41.10 50.45 -26.02
N GLN F 152 -39.99 51.15 -25.80
CA GLN F 152 -38.74 50.51 -25.42
C GLN F 152 -38.67 50.22 -23.94
N GLU F 153 -39.49 50.92 -23.15
CA GLU F 153 -39.56 50.69 -21.71
C GLU F 153 -40.91 50.11 -21.33
N PRO F 154 -40.89 49.02 -20.55
CA PRO F 154 -42.11 48.32 -20.12
C PRO F 154 -42.94 49.15 -19.13
N TYR F 155 -42.41 50.29 -18.71
CA TYR F 155 -43.12 51.16 -17.78
C TYR F 155 -44.37 51.74 -18.43
N PHE F 156 -44.23 52.13 -19.70
CA PHE F 156 -45.32 52.75 -20.45
C PHE F 156 -46.28 51.71 -21.02
N THR F 157 -45.77 50.50 -21.20
CA THR F 157 -46.54 49.42 -21.81
C THR F 157 -47.40 48.70 -20.78
N TRP F 158 -46.92 48.66 -19.53
CA TRP F 158 -47.61 47.95 -18.46
C TRP F 158 -49.07 48.33 -18.15
N PRO F 159 -49.44 49.62 -18.27
CA PRO F 159 -50.86 49.95 -18.02
C PRO F 159 -51.82 49.15 -18.91
N LEU F 160 -51.44 48.92 -20.15
CA LEU F 160 -52.29 48.18 -21.08
C LEU F 160 -52.29 46.69 -20.77
N ILE F 161 -51.17 46.19 -20.23
CA ILE F 161 -51.03 44.79 -19.90
C ILE F 161 -51.79 44.43 -18.63
N ALA F 162 -51.63 45.25 -17.59
CA ALA F 162 -52.28 45.01 -16.31
C ALA F 162 -53.75 45.37 -16.35
N ALA F 163 -54.21 45.85 -17.50
CA ALA F 163 -55.59 46.31 -17.65
C ALA F 163 -56.61 45.18 -17.47
N ASP F 164 -56.51 44.15 -18.32
CA ASP F 164 -57.52 43.09 -18.33
C ASP F 164 -57.32 42.05 -17.22
N GLY F 165 -56.13 42.03 -16.62
CA GLY F 165 -55.90 41.12 -15.51
C GLY F 165 -54.45 40.67 -15.34
N GLY F 166 -53.52 41.38 -15.97
CA GLY F 166 -52.11 41.09 -15.83
C GLY F 166 -51.58 41.58 -14.51
N TYR F 167 -50.63 40.86 -13.93
CA TYR F 167 -50.07 41.23 -12.63
C TYR F 167 -48.68 40.65 -12.40
N ALA F 168 -48.01 41.16 -11.37
CA ALA F 168 -46.68 40.67 -11.02
C ALA F 168 -46.58 40.46 -9.51
N PHE F 169 -46.47 39.19 -9.09
CA PHE F 169 -46.41 38.81 -7.68
C PHE F 169 -47.67 39.16 -6.89
N LYS F 170 -48.44 38.13 -6.55
CA LYS F 170 -49.66 38.30 -5.75
C LYS F 170 -49.33 38.75 -4.32
N TYR F 171 -50.12 39.68 -3.81
CA TYR F 171 -49.93 40.22 -2.47
C TYR F 171 -50.68 39.39 -1.42
N GLU F 172 -49.94 38.83 -0.46
CA GLU F 172 -50.52 37.99 0.57
C GLU F 172 -50.77 38.76 1.87
N TYR F 176 -47.95 39.85 3.15
CA TYR F 176 -46.75 39.23 2.60
C TYR F 176 -46.83 39.07 1.08
N ASP F 177 -45.88 38.34 0.52
CA ASP F 177 -45.84 38.12 -0.92
C ASP F 177 -45.51 36.66 -1.26
N ILE F 178 -45.73 36.29 -2.52
CA ILE F 178 -45.36 34.97 -3.02
C ILE F 178 -44.93 35.08 -4.50
N LYS F 179 -43.88 34.36 -4.88
CA LYS F 179 -43.40 34.38 -6.25
C LYS F 179 -44.36 33.65 -7.20
N ASP F 180 -45.56 34.22 -7.35
CA ASP F 180 -46.59 33.74 -8.26
C ASP F 180 -46.82 34.81 -9.32
N VAL F 181 -46.02 34.76 -10.38
CA VAL F 181 -46.01 35.80 -11.42
C VAL F 181 -47.13 35.60 -12.44
N GLY F 182 -47.82 36.68 -12.78
CA GLY F 182 -48.90 36.60 -13.75
C GLY F 182 -48.70 37.49 -14.96
N VAL F 183 -47.62 37.27 -15.69
CA VAL F 183 -47.38 38.02 -16.92
C VAL F 183 -47.74 37.18 -18.15
N ASP F 184 -48.44 36.08 -17.90
CA ASP F 184 -48.75 35.11 -18.95
C ASP F 184 -50.21 34.68 -18.92
N ASN F 185 -51.02 35.34 -18.10
CA ASN F 185 -52.42 34.98 -18.00
C ASN F 185 -53.28 35.60 -19.08
N ALA F 186 -54.60 35.49 -18.94
CA ALA F 186 -55.52 36.01 -19.92
C ALA F 186 -55.33 37.50 -20.16
N GLY F 187 -55.40 38.28 -19.09
CA GLY F 187 -55.31 39.72 -19.17
C GLY F 187 -54.01 40.22 -19.76
N ALA F 188 -52.90 39.58 -19.38
CA ALA F 188 -51.59 39.98 -19.85
C ALA F 188 -51.42 39.71 -21.33
N LYS F 189 -51.89 38.55 -21.78
CA LYS F 189 -51.80 38.20 -23.20
C LYS F 189 -52.74 39.06 -24.03
N ALA F 190 -53.94 39.28 -23.53
CA ALA F 190 -54.94 40.07 -24.24
C ALA F 190 -54.50 41.53 -24.38
N GLY F 191 -53.92 42.06 -23.32
CA GLY F 191 -53.42 43.43 -23.33
C GLY F 191 -52.29 43.63 -24.32
N LEU F 192 -51.29 42.76 -24.25
CA LEU F 192 -50.12 42.89 -25.11
C LEU F 192 -50.43 42.62 -26.58
N THR F 193 -51.33 41.65 -26.84
CA THR F 193 -51.69 41.31 -28.20
C THR F 193 -52.33 42.50 -28.93
N PHE F 194 -53.14 43.25 -28.19
CA PHE F 194 -53.75 44.45 -28.76
C PHE F 194 -52.71 45.49 -29.11
N LEU F 195 -51.68 45.59 -28.28
CA LEU F 195 -50.60 46.53 -28.53
C LEU F 195 -49.81 46.16 -29.79
N VAL F 196 -49.62 44.86 -29.99
CA VAL F 196 -48.92 44.38 -31.18
C VAL F 196 -49.75 44.62 -32.43
N ASP F 197 -51.07 44.51 -32.30
CA ASP F 197 -51.97 44.71 -33.43
C ASP F 197 -52.05 46.18 -33.83
N LEU F 198 -51.64 47.06 -32.94
CA LEU F 198 -51.59 48.49 -33.25
C LEU F 198 -50.37 48.81 -34.11
N ILE F 199 -49.35 47.96 -34.02
CA ILE F 199 -48.14 48.12 -34.83
C ILE F 199 -48.28 47.34 -36.13
N LYS F 200 -48.99 46.22 -36.07
CA LYS F 200 -49.27 45.42 -37.26
C LYS F 200 -50.09 46.22 -38.25
N ASN F 201 -51.11 46.92 -37.75
CA ASN F 201 -51.97 47.76 -38.57
C ASN F 201 -51.34 49.12 -38.86
N LYS F 202 -50.05 49.25 -38.51
CA LYS F 202 -49.28 50.47 -38.77
C LYS F 202 -49.91 51.73 -38.18
N HIS F 203 -50.55 51.58 -37.02
CA HIS F 203 -51.08 52.72 -36.29
C HIS F 203 -49.97 53.31 -35.42
N MET F 204 -48.88 52.55 -35.29
CA MET F 204 -47.76 52.97 -34.48
C MET F 204 -46.49 52.27 -34.96
N ASN F 205 -45.35 52.90 -34.73
CA ASN F 205 -44.07 52.31 -35.08
C ASN F 205 -43.46 51.57 -33.89
N ALA F 206 -42.84 50.43 -34.15
CA ALA F 206 -42.28 49.61 -33.08
C ALA F 206 -40.95 50.14 -32.55
N ASP F 207 -40.37 51.10 -33.26
CA ASP F 207 -39.08 51.67 -32.88
C ASP F 207 -39.23 52.95 -32.05
N THR F 208 -40.48 53.32 -31.78
CA THR F 208 -40.76 54.56 -31.06
C THR F 208 -40.21 54.52 -29.63
N ASP F 209 -39.23 55.36 -29.36
CA ASP F 209 -38.69 55.48 -28.00
C ASP F 209 -39.24 56.71 -27.28
N TYR F 210 -38.47 57.26 -26.35
CA TYR F 210 -38.91 58.41 -25.57
C TYR F 210 -38.77 59.72 -26.35
N SER F 211 -37.58 59.92 -26.92
CA SER F 211 -37.28 61.14 -27.66
C SER F 211 -38.14 61.30 -28.90
N ILE F 212 -38.42 60.19 -29.57
CA ILE F 212 -39.28 60.18 -30.74
C ILE F 212 -40.72 60.51 -30.34
N ALA F 213 -41.16 59.96 -29.22
CA ALA F 213 -42.50 60.21 -28.70
C ALA F 213 -42.70 61.66 -28.28
N GLU F 214 -41.73 62.19 -27.53
CA GLU F 214 -41.82 63.56 -27.03
C GLU F 214 -41.79 64.58 -28.15
N ALA F 215 -40.91 64.35 -29.12
CA ALA F 215 -40.75 65.27 -30.24
C ALA F 215 -41.98 65.27 -31.14
N ALA F 216 -42.57 64.11 -31.35
CA ALA F 216 -43.74 63.99 -32.21
C ALA F 216 -44.95 64.71 -31.63
N PHE F 217 -44.99 64.84 -30.31
CA PHE F 217 -46.13 65.47 -29.64
C PHE F 217 -45.94 66.98 -29.47
N ASN F 218 -44.75 67.37 -29.01
CA ASN F 218 -44.47 68.78 -28.79
C ASN F 218 -44.46 69.59 -30.09
N LYS F 219 -44.24 68.90 -31.21
CA LYS F 219 -44.27 69.55 -32.52
C LYS F 219 -45.66 69.41 -33.14
N GLY F 220 -46.57 68.77 -32.42
CA GLY F 220 -47.94 68.64 -32.86
C GLY F 220 -48.09 67.76 -34.08
N GLU F 221 -47.42 66.61 -34.07
CA GLU F 221 -47.53 65.65 -35.17
C GLU F 221 -48.40 64.46 -34.76
N THR F 222 -48.66 64.33 -33.46
CA THR F 222 -49.53 63.27 -32.95
C THR F 222 -50.52 63.82 -31.93
N ALA F 223 -51.70 63.22 -31.88
CA ALA F 223 -52.79 63.74 -31.06
C ALA F 223 -52.61 63.40 -29.59
N MET F 224 -52.18 62.17 -29.30
CA MET F 224 -52.04 61.73 -27.93
C MET F 224 -50.64 61.19 -27.62
N THR F 225 -50.39 60.98 -26.34
CA THR F 225 -49.13 60.42 -25.87
C THR F 225 -49.28 59.95 -24.42
N ILE F 226 -48.42 59.05 -23.99
CA ILE F 226 -48.44 58.58 -22.61
C ILE F 226 -47.14 58.95 -21.91
N ASN F 227 -47.26 59.61 -20.76
CA ASN F 227 -46.09 60.04 -20.01
C ASN F 227 -46.43 60.35 -18.57
N GLY F 228 -45.45 60.85 -17.83
CA GLY F 228 -45.65 61.24 -16.44
C GLY F 228 -45.53 62.74 -16.26
N PRO F 229 -45.68 63.22 -15.02
CA PRO F 229 -45.63 64.65 -14.67
C PRO F 229 -44.35 65.34 -15.15
N TRP F 230 -43.25 64.60 -15.21
CA TRP F 230 -41.95 65.18 -15.56
C TRP F 230 -41.85 65.67 -17.00
N ALA F 231 -42.82 65.32 -17.83
CA ALA F 231 -42.79 65.72 -19.24
C ALA F 231 -43.70 66.92 -19.51
N TRP F 232 -44.34 67.43 -18.47
CA TRP F 232 -45.26 68.56 -18.60
C TRP F 232 -44.52 69.86 -18.92
N SER F 233 -43.34 70.01 -18.33
CA SER F 233 -42.56 71.24 -18.49
C SER F 233 -42.08 71.44 -19.92
N ASN F 234 -41.88 70.34 -20.63
CA ASN F 234 -41.35 70.39 -21.99
C ASN F 234 -42.43 70.66 -23.04
N ILE F 235 -43.69 70.52 -22.65
CA ILE F 235 -44.81 70.80 -23.54
C ILE F 235 -45.19 72.28 -23.47
N ASP F 236 -44.98 72.87 -22.30
CA ASP F 236 -45.27 74.28 -22.07
C ASP F 236 -44.39 75.17 -22.96
N THR F 237 -43.20 74.67 -23.28
CA THR F 237 -42.24 75.42 -24.09
C THR F 237 -42.53 75.23 -25.59
N SER F 238 -43.63 74.54 -25.90
CA SER F 238 -44.00 74.30 -27.28
C SER F 238 -45.29 75.03 -27.66
N LYS F 239 -45.90 75.67 -26.67
CA LYS F 239 -47.15 76.42 -26.85
C LYS F 239 -48.27 75.54 -27.40
N VAL F 240 -48.12 74.23 -27.26
CA VAL F 240 -49.12 73.27 -27.72
C VAL F 240 -50.16 73.05 -26.65
N ASN F 241 -51.40 73.45 -26.92
CA ASN F 241 -52.49 73.29 -25.98
C ASN F 241 -52.76 71.82 -25.69
N TYR F 242 -52.53 71.39 -24.45
CA TYR F 242 -52.70 69.99 -24.08
C TYR F 242 -53.63 69.81 -22.88
N GLY F 243 -53.89 68.55 -22.54
CA GLY F 243 -54.72 68.22 -21.40
C GLY F 243 -54.31 66.88 -20.80
N VAL F 244 -54.21 66.83 -19.48
CA VAL F 244 -53.83 65.61 -18.78
C VAL F 244 -55.06 64.91 -18.23
N THR F 245 -55.40 63.75 -18.79
CA THR F 245 -56.61 63.05 -18.41
C THR F 245 -56.33 61.61 -17.95
N VAL F 246 -57.40 60.87 -17.69
CA VAL F 246 -57.30 59.49 -17.23
C VAL F 246 -56.98 58.56 -18.41
N LEU F 247 -56.17 57.53 -18.14
CA LEU F 247 -55.80 56.55 -19.16
C LEU F 247 -57.03 55.80 -19.68
N PRO F 248 -57.05 55.53 -20.99
CA PRO F 248 -58.14 54.81 -21.65
C PRO F 248 -58.42 53.45 -21.02
N THR F 249 -59.55 52.84 -21.38
CA THR F 249 -59.90 51.53 -20.83
C THR F 249 -59.81 50.44 -21.90
N PHE F 250 -59.12 49.35 -21.56
CA PHE F 250 -59.04 48.20 -22.45
C PHE F 250 -60.00 47.10 -21.98
N LYS F 251 -60.84 46.64 -22.90
CA LYS F 251 -61.88 45.65 -22.59
C LYS F 251 -62.79 46.08 -21.44
N GLY F 252 -63.08 47.37 -21.37
CA GLY F 252 -63.95 47.91 -20.34
C GLY F 252 -63.30 47.97 -18.97
N GLN F 253 -62.00 47.68 -18.92
CA GLN F 253 -61.25 47.69 -17.68
C GLN F 253 -60.34 48.92 -17.61
N PRO F 254 -60.35 49.63 -16.47
CA PRO F 254 -59.48 50.79 -16.30
C PRO F 254 -58.00 50.37 -16.34
N SER F 255 -57.19 51.11 -17.09
CA SER F 255 -55.76 50.81 -17.16
C SER F 255 -55.14 50.90 -15.78
N LYS F 256 -54.23 49.98 -15.48
CA LYS F 256 -53.59 49.92 -14.18
C LYS F 256 -52.08 50.17 -14.29
N PRO F 257 -51.70 51.45 -14.40
CA PRO F 257 -50.27 51.78 -14.49
C PRO F 257 -49.57 51.50 -13.18
N PHE F 258 -48.28 51.19 -13.26
CA PHE F 258 -47.49 50.98 -12.05
C PHE F 258 -47.13 52.33 -11.45
N VAL F 259 -47.39 52.49 -10.15
CA VAL F 259 -47.18 53.76 -9.48
C VAL F 259 -45.84 53.79 -8.75
N GLY F 260 -44.93 54.63 -9.25
CA GLY F 260 -43.62 54.76 -8.64
C GLY F 260 -43.56 55.90 -7.65
N VAL F 261 -42.76 55.72 -6.60
CA VAL F 261 -42.54 56.78 -5.62
C VAL F 261 -41.07 57.21 -5.66
N LEU F 262 -40.84 58.39 -6.22
CA LEU F 262 -39.49 58.94 -6.29
C LEU F 262 -38.89 59.06 -4.89
N SER F 263 -37.80 58.34 -4.65
CA SER F 263 -37.21 58.31 -3.32
C SER F 263 -35.73 58.65 -3.32
N ALA F 264 -35.25 59.13 -2.19
CA ALA F 264 -33.83 59.46 -2.03
C ALA F 264 -33.22 58.60 -0.95
N GLY F 265 -32.27 57.76 -1.33
CA GLY F 265 -31.60 56.88 -0.38
C GLY F 265 -30.17 57.31 -0.15
N ILE F 266 -29.64 56.97 1.01
CA ILE F 266 -28.27 57.35 1.35
C ILE F 266 -27.31 56.19 1.16
N ASN F 267 -26.24 56.43 0.42
CA ASN F 267 -25.21 55.43 0.14
C ASN F 267 -24.59 54.90 1.42
N ALA F 268 -24.54 53.58 1.56
CA ALA F 268 -24.00 52.95 2.76
C ALA F 268 -22.50 53.22 2.90
N ALA F 269 -21.84 53.54 1.80
CA ALA F 269 -20.41 53.80 1.80
C ALA F 269 -20.08 55.27 2.04
N SER F 270 -21.08 56.13 1.84
CA SER F 270 -20.91 57.57 2.02
C SER F 270 -20.49 57.91 3.45
N PRO F 271 -19.43 58.71 3.59
CA PRO F 271 -18.97 59.20 4.90
C PRO F 271 -19.81 60.39 5.37
N ASN F 272 -20.52 61.00 4.44
CA ASN F 272 -21.33 62.19 4.72
C ASN F 272 -22.80 61.85 4.99
N LYS F 273 -23.04 60.83 5.80
CA LYS F 273 -24.41 60.39 6.08
C LYS F 273 -25.17 61.41 6.92
N GLU F 274 -24.43 62.22 7.66
CA GLU F 274 -25.03 63.27 8.48
C GLU F 274 -25.35 64.52 7.67
N LEU F 275 -24.51 64.80 6.67
CA LEU F 275 -24.74 65.91 5.77
C LEU F 275 -25.89 65.59 4.83
N ALA F 276 -25.99 64.31 4.44
CA ALA F 276 -27.05 63.86 3.56
C ALA F 276 -28.40 63.89 4.27
N LYS F 277 -28.41 63.45 5.52
CA LYS F 277 -29.63 63.45 6.32
C LYS F 277 -30.16 64.88 6.51
N GLU F 278 -29.24 65.81 6.75
CA GLU F 278 -29.62 67.21 6.97
C GLU F 278 -30.10 67.87 5.68
N PHE F 279 -29.49 67.50 4.56
CA PHE F 279 -29.86 68.08 3.27
C PHE F 279 -31.27 67.67 2.87
N LEU F 280 -31.57 66.38 3.02
CA LEU F 280 -32.86 65.84 2.62
C LEU F 280 -33.97 66.31 3.55
N GLU F 281 -33.75 66.25 4.85
CA GLU F 281 -34.76 66.62 5.82
C GLU F 281 -35.03 68.12 5.91
N ASN F 282 -33.97 68.92 5.83
CA ASN F 282 -34.09 70.34 6.11
C ASN F 282 -34.06 71.27 4.90
N TYR F 283 -33.48 70.81 3.79
CA TYR F 283 -33.32 71.67 2.62
C TYR F 283 -34.16 71.23 1.43
N LEU F 284 -34.37 69.92 1.29
CA LEU F 284 -35.15 69.40 0.16
C LEU F 284 -36.60 69.12 0.52
N LEU F 285 -36.82 68.23 1.48
CA LEU F 285 -38.17 67.90 1.91
C LEU F 285 -38.84 69.02 2.71
N THR F 286 -38.81 70.22 2.14
CA THR F 286 -39.50 71.37 2.70
C THR F 286 -40.15 72.12 1.54
N ASP F 287 -41.12 72.97 1.85
CA ASP F 287 -41.87 73.67 0.82
C ASP F 287 -40.98 74.49 -0.12
N GLU F 288 -39.90 75.02 0.43
CA GLU F 288 -38.94 75.79 -0.35
C GLU F 288 -38.25 74.90 -1.38
N GLY F 289 -37.76 73.76 -0.90
CA GLY F 289 -37.00 72.85 -1.73
C GLY F 289 -37.81 72.21 -2.84
N LEU F 290 -38.95 71.62 -2.48
CA LEU F 290 -39.78 70.91 -3.45
C LEU F 290 -40.32 71.84 -4.54
N GLU F 291 -40.63 73.08 -4.17
CA GLU F 291 -41.12 74.05 -5.14
C GLU F 291 -40.01 74.49 -6.08
N ALA F 292 -38.77 74.49 -5.58
CA ALA F 292 -37.62 74.85 -6.40
C ALA F 292 -37.34 73.82 -7.48
N VAL F 293 -37.61 72.55 -7.17
CA VAL F 293 -37.43 71.47 -8.13
C VAL F 293 -38.63 71.39 -9.07
N ASN F 294 -39.81 71.63 -8.50
CA ASN F 294 -41.07 71.56 -9.25
C ASN F 294 -41.13 72.55 -10.41
N LYS F 295 -40.39 73.65 -10.29
CA LYS F 295 -40.38 74.68 -11.33
C LYS F 295 -39.53 74.28 -12.54
N ASP F 296 -38.64 73.30 -12.35
CA ASP F 296 -37.85 72.78 -13.46
C ASP F 296 -38.61 71.67 -14.16
N LYS F 297 -38.90 70.60 -13.42
CA LYS F 297 -39.74 69.52 -13.91
C LYS F 297 -40.71 69.09 -12.80
N PRO F 298 -42.00 68.99 -13.13
CA PRO F 298 -43.04 68.61 -12.16
C PRO F 298 -42.75 67.25 -11.52
N LEU F 299 -42.96 67.16 -10.21
CA LEU F 299 -42.70 65.93 -9.48
C LEU F 299 -43.94 65.05 -9.38
N GLY F 300 -45.11 65.65 -9.61
CA GLY F 300 -46.37 64.96 -9.43
C GLY F 300 -46.95 65.29 -8.07
N ALA F 301 -47.40 64.26 -7.36
CA ALA F 301 -47.95 64.45 -6.02
C ALA F 301 -46.89 64.19 -4.96
N VAL F 302 -46.37 65.26 -4.36
CA VAL F 302 -45.30 65.14 -3.38
C VAL F 302 -45.76 64.42 -2.11
N ALA F 303 -44.80 63.87 -1.38
CA ALA F 303 -45.09 63.12 -0.16
C ALA F 303 -45.21 64.05 1.04
N LEU F 304 -44.73 65.28 0.88
CA LEU F 304 -44.82 66.28 1.93
C LEU F 304 -46.24 66.82 2.04
N LYS F 305 -46.85 66.60 3.20
CA LYS F 305 -48.23 67.03 3.44
C LYS F 305 -48.42 68.52 3.12
N SER F 306 -47.45 69.32 3.54
CA SER F 306 -47.53 70.77 3.44
C SER F 306 -47.68 71.27 2.01
N TYR F 307 -46.77 70.83 1.13
CA TYR F 307 -46.73 71.33 -0.24
C TYR F 307 -47.73 70.62 -1.16
N GLU F 308 -48.23 69.47 -0.72
CA GLU F 308 -49.18 68.72 -1.53
C GLU F 308 -50.59 69.33 -1.49
N GLU F 309 -50.93 69.95 -0.37
CA GLU F 309 -52.23 70.61 -0.23
C GLU F 309 -52.39 71.72 -1.27
N GLU F 310 -51.27 72.26 -1.74
CA GLU F 310 -51.30 73.34 -2.71
C GLU F 310 -51.20 72.83 -4.15
N LEU F 311 -50.59 71.66 -4.31
CA LEU F 311 -50.44 71.05 -5.63
C LEU F 311 -51.68 70.26 -6.03
N ALA F 312 -52.48 69.85 -5.03
CA ALA F 312 -53.68 69.08 -5.28
C ALA F 312 -54.77 69.92 -5.94
N LYS F 313 -54.59 71.24 -5.91
CA LYS F 313 -55.52 72.17 -6.52
C LYS F 313 -55.20 72.37 -8.00
N ASP F 314 -54.62 71.33 -8.61
CA ASP F 314 -54.20 71.39 -10.01
C ASP F 314 -54.97 70.36 -10.84
N PRO F 315 -55.48 70.80 -12.01
CA PRO F 315 -56.25 69.94 -12.91
C PRO F 315 -55.44 68.75 -13.42
N ARG F 316 -54.12 68.91 -13.51
CA ARG F 316 -53.25 67.86 -14.02
C ARG F 316 -52.86 66.86 -12.93
N ILE F 317 -52.59 67.37 -11.73
CA ILE F 317 -52.25 66.53 -10.58
C ILE F 317 -53.46 65.68 -10.18
N ALA F 318 -54.66 66.22 -10.41
CA ALA F 318 -55.89 65.48 -10.12
C ALA F 318 -56.00 64.24 -10.99
N ALA F 319 -55.52 64.34 -12.23
CA ALA F 319 -55.56 63.22 -13.17
C ALA F 319 -54.51 62.17 -12.83
N THR F 320 -53.35 62.63 -12.35
CA THR F 320 -52.26 61.74 -11.99
C THR F 320 -52.64 60.88 -10.79
N MET F 321 -53.25 61.49 -9.79
CA MET F 321 -53.70 60.77 -8.60
C MET F 321 -54.88 59.86 -8.90
N GLU F 322 -55.57 60.13 -10.01
CA GLU F 322 -56.69 59.30 -10.43
C GLU F 322 -56.16 57.99 -10.98
N ASN F 323 -55.25 58.08 -11.96
CA ASN F 323 -54.61 56.92 -12.54
C ASN F 323 -53.77 56.15 -11.52
N ALA F 324 -53.30 56.86 -10.52
CA ALA F 324 -52.50 56.25 -9.45
C ALA F 324 -53.34 55.30 -8.61
N GLN F 325 -54.60 55.65 -8.40
CA GLN F 325 -55.49 54.83 -7.60
C GLN F 325 -56.04 53.67 -8.42
N LYS F 326 -56.14 53.86 -9.73
CA LYS F 326 -56.54 52.80 -10.65
C LYS F 326 -55.46 51.72 -10.71
N GLY F 327 -54.21 52.16 -10.73
CA GLY F 327 -53.08 51.25 -10.79
C GLY F 327 -52.65 50.79 -9.42
N GLU F 328 -51.42 50.28 -9.33
CA GLU F 328 -50.89 49.76 -8.08
C GLU F 328 -49.47 50.26 -7.80
N ILE F 329 -49.16 50.47 -6.52
CA ILE F 329 -47.83 50.86 -6.10
C ILE F 329 -46.90 49.67 -6.27
N MET F 330 -45.76 49.89 -6.92
CA MET F 330 -44.79 48.82 -7.15
C MET F 330 -44.24 48.26 -5.86
N PRO F 331 -44.01 46.94 -5.82
CA PRO F 331 -43.32 46.35 -4.67
C PRO F 331 -41.86 46.77 -4.70
N ASN F 332 -41.21 46.79 -3.54
CA ASN F 332 -39.79 47.11 -3.52
C ASN F 332 -38.92 45.87 -3.40
N ILE F 333 -39.54 44.70 -3.55
CA ILE F 333 -38.81 43.43 -3.50
C ILE F 333 -37.65 43.41 -4.50
N PRO F 334 -36.56 42.70 -4.16
CA PRO F 334 -35.38 42.63 -5.02
C PRO F 334 -35.63 41.96 -6.37
N GLN F 335 -36.74 41.21 -6.47
CA GLN F 335 -37.08 40.51 -7.70
C GLN F 335 -37.60 41.46 -8.79
N MET F 336 -37.92 42.70 -8.41
CA MET F 336 -38.44 43.69 -9.34
C MET F 336 -37.43 44.05 -10.43
N SER F 337 -36.14 43.92 -10.11
CA SER F 337 -35.08 44.21 -11.06
C SER F 337 -35.07 43.16 -12.18
N ALA F 338 -35.35 41.93 -11.82
CA ALA F 338 -35.41 40.83 -12.77
C ALA F 338 -36.76 40.79 -13.47
N PHE F 339 -37.77 41.36 -12.82
CA PHE F 339 -39.09 41.47 -13.40
C PHE F 339 -39.13 42.43 -14.58
N TRP F 340 -38.64 43.65 -14.37
CA TRP F 340 -38.63 44.67 -15.42
C TRP F 340 -37.80 44.24 -16.63
N TYR F 341 -36.70 43.55 -16.38
CA TYR F 341 -35.86 43.05 -17.46
C TYR F 341 -36.61 42.00 -18.27
N ALA F 342 -37.26 41.08 -17.57
CA ALA F 342 -38.01 40.02 -18.22
C ALA F 342 -39.13 40.57 -19.10
N VAL F 343 -39.83 41.60 -18.62
CA VAL F 343 -40.94 42.19 -19.36
C VAL F 343 -40.43 43.08 -20.50
N ARG F 344 -39.33 43.78 -20.25
CA ARG F 344 -38.71 44.63 -21.27
C ARG F 344 -38.36 43.78 -22.48
N THR F 345 -37.88 42.57 -22.23
CA THR F 345 -37.51 41.65 -23.30
C THR F 345 -38.75 41.16 -24.05
N ALA F 346 -39.77 40.77 -23.29
CA ALA F 346 -41.00 40.23 -23.88
C ALA F 346 -41.70 41.24 -24.77
N VAL F 347 -41.74 42.50 -24.31
CA VAL F 347 -42.43 43.56 -25.04
C VAL F 347 -41.70 43.92 -26.34
N ILE F 348 -40.39 44.12 -26.27
CA ILE F 348 -39.61 44.48 -27.43
C ILE F 348 -39.65 43.38 -28.50
N ASN F 349 -39.58 42.13 -28.06
CA ASN F 349 -39.62 40.99 -28.97
C ASN F 349 -40.97 40.84 -29.67
N ALA F 350 -42.05 40.99 -28.91
CA ALA F 350 -43.39 40.87 -29.47
C ALA F 350 -43.71 42.01 -30.44
N ALA F 351 -43.11 43.17 -30.22
CA ALA F 351 -43.38 44.36 -31.02
C ALA F 351 -42.62 44.36 -32.34
N SER F 352 -41.47 43.71 -32.37
CA SER F 352 -40.65 43.68 -33.59
C SER F 352 -40.93 42.44 -34.41
N GLY F 353 -41.88 41.62 -33.97
CA GLY F 353 -42.21 40.38 -34.64
C GLY F 353 -41.17 39.29 -34.41
N ARG F 354 -40.16 39.61 -33.60
CA ARG F 354 -39.08 38.67 -33.33
C ARG F 354 -39.56 37.49 -32.48
N GLN F 355 -40.76 37.61 -31.93
CA GLN F 355 -41.37 36.54 -31.12
C GLN F 355 -42.86 36.79 -30.99
N THR F 356 -43.63 35.72 -30.85
CA THR F 356 -45.07 35.83 -30.72
C THR F 356 -45.48 36.19 -29.30
N VAL F 357 -46.62 36.86 -29.15
CA VAL F 357 -47.11 37.31 -27.85
C VAL F 357 -47.21 36.16 -26.86
N ASP F 358 -47.79 35.05 -27.32
CA ASP F 358 -48.01 33.89 -26.49
C ASP F 358 -46.69 33.31 -25.99
N ALA F 359 -45.69 33.31 -26.86
CA ALA F 359 -44.39 32.73 -26.55
C ALA F 359 -43.49 33.70 -25.77
N ALA F 360 -43.56 34.98 -26.10
CA ALA F 360 -42.72 35.98 -25.45
C ALA F 360 -43.07 36.14 -23.97
N LEU F 361 -44.37 36.12 -23.67
CA LEU F 361 -44.84 36.23 -22.29
C LEU F 361 -44.63 34.94 -21.53
N ALA F 362 -44.64 33.82 -22.25
CA ALA F 362 -44.36 32.51 -21.66
C ALA F 362 -42.91 32.42 -21.20
N ALA F 363 -42.01 33.05 -21.97
CA ALA F 363 -40.60 33.08 -21.63
C ALA F 363 -40.33 34.03 -20.47
N ALA F 364 -40.94 35.22 -20.53
CA ALA F 364 -40.80 36.20 -19.46
C ALA F 364 -41.49 35.76 -18.16
N GLN F 365 -42.41 34.80 -18.29
CA GLN F 365 -43.10 34.24 -17.14
C GLN F 365 -42.14 33.61 -16.14
N THR F 366 -41.10 32.98 -16.66
CA THR F 366 -40.18 32.24 -15.82
C THR F 366 -38.84 32.93 -15.61
N ASN F 367 -38.64 34.04 -16.32
CA ASN F 367 -37.50 34.89 -16.08
C ASN F 367 -37.78 35.81 -14.91
N ALA F 368 -39.06 36.00 -14.62
CA ALA F 368 -39.51 36.64 -13.40
C ALA F 368 -39.64 35.54 -12.35
N ALA F 369 -39.45 35.89 -11.09
CA ALA F 369 -39.46 34.92 -10.00
C ALA F 369 -38.49 33.77 -10.27
N ALA F 370 -37.27 34.13 -10.66
CA ALA F 370 -36.22 33.15 -10.82
C ALA F 370 -35.39 33.12 -9.54
N ASP F 371 -35.43 31.99 -8.84
CA ASP F 371 -34.73 31.85 -7.56
C ASP F 371 -33.23 32.08 -7.72
N GLU F 372 -32.71 33.10 -7.03
CA GLU F 372 -31.28 33.40 -7.05
C GLU F 372 -30.48 32.27 -6.41
N GLU F 373 -29.81 31.48 -7.24
CA GLU F 373 -29.05 30.33 -6.77
C GLU F 373 -27.91 30.74 -5.85
N ASP F 374 -28.08 30.46 -4.56
CA ASP F 374 -27.01 30.71 -3.60
C ASP F 374 -26.05 29.52 -3.58
N ASP F 375 -26.44 28.43 -4.21
CA ASP F 375 -25.62 27.23 -4.24
C ASP F 375 -24.68 27.25 -5.45
N VAL F 376 -23.69 28.13 -5.42
CA VAL F 376 -22.71 28.20 -6.50
C VAL F 376 -21.32 28.20 -5.89
N VAL F 377 -20.36 27.56 -6.54
CA VAL F 377 -18.98 27.61 -6.07
C VAL F 377 -18.01 27.77 -7.23
N ILE F 378 -17.18 28.81 -7.16
CA ILE F 378 -16.16 29.02 -8.18
C ILE F 378 -14.84 28.55 -7.63
N ILE F 379 -14.06 27.86 -8.45
CA ILE F 379 -12.68 27.54 -8.09
C ILE F 379 -11.73 28.20 -9.06
N TYR F 380 -10.91 29.10 -8.54
CA TYR F 380 -9.85 29.72 -9.32
C TYR F 380 -8.54 29.11 -8.85
N ASN F 381 -8.12 28.03 -9.50
CA ASN F 381 -6.81 27.44 -9.20
C ASN F 381 -5.66 28.26 -9.81
N ARG F 382 -5.32 29.35 -9.15
CA ARG F 382 -4.47 30.38 -9.73
C ARG F 382 -3.06 29.92 -10.05
N VAL F 383 -2.62 30.23 -11.27
CA VAL F 383 -1.25 29.99 -11.71
C VAL F 383 -0.35 31.17 -11.31
N PRO F 384 0.80 30.88 -10.69
CA PRO F 384 1.77 31.85 -10.17
C PRO F 384 2.28 32.87 -11.18
N LYS F 385 2.26 34.14 -10.78
CA LYS F 385 2.78 35.26 -11.58
C LYS F 385 2.03 35.45 -12.88
N THR F 386 0.70 35.47 -12.78
CA THR F 386 -0.17 35.65 -13.93
C THR F 386 -1.21 36.72 -13.65
N ALA F 387 -0.89 37.65 -12.77
CA ALA F 387 -1.80 38.73 -12.35
C ALA F 387 -2.94 38.21 -11.49
N SER F 388 -2.72 37.08 -10.84
CA SER F 388 -3.73 36.44 -10.02
C SER F 388 -4.08 37.26 -8.79
N THR F 389 -3.08 37.91 -8.20
CA THR F 389 -3.30 38.68 -6.98
C THR F 389 -4.23 39.83 -7.27
N SER F 390 -4.04 40.47 -8.42
CA SER F 390 -4.88 41.58 -8.83
C SER F 390 -6.32 41.13 -9.01
N PHE F 391 -6.50 40.04 -9.76
CA PHE F 391 -7.84 39.54 -10.03
C PHE F 391 -8.53 39.10 -8.75
N THR F 392 -7.83 38.37 -7.91
CA THR F 392 -8.41 37.81 -6.70
C THR F 392 -8.88 38.89 -5.72
N ASN F 393 -8.15 40.00 -5.67
CA ASN F 393 -8.55 41.12 -4.83
C ASN F 393 -9.84 41.79 -5.26
N ILE F 394 -10.22 41.59 -6.51
CA ILE F 394 -11.52 42.04 -6.97
C ILE F 394 -12.59 41.20 -6.29
N ALA F 395 -12.37 39.89 -6.25
CA ALA F 395 -13.27 38.97 -5.58
C ALA F 395 -13.41 39.35 -4.12
N TYR F 396 -12.31 39.79 -3.52
CA TYR F 396 -12.33 40.13 -2.10
C TYR F 396 -13.08 41.42 -1.87
N ASP F 397 -12.98 42.34 -2.82
CA ASP F 397 -13.60 43.65 -2.63
C ASP F 397 -15.10 43.60 -2.90
N LEU F 398 -15.52 42.64 -3.71
CA LEU F 398 -16.93 42.54 -4.07
C LEU F 398 -17.70 41.53 -3.23
N CYS F 399 -17.00 40.65 -2.53
CA CYS F 399 -17.67 39.53 -1.86
C CYS F 399 -18.59 39.99 -0.76
N ALA F 400 -18.16 41.01 -0.03
CA ALA F 400 -18.97 41.56 1.03
C ALA F 400 -20.25 42.09 0.42
N LYS F 401 -20.11 42.93 -0.60
CA LYS F 401 -21.21 43.64 -1.21
C LYS F 401 -22.15 42.75 -2.04
N ASN F 402 -21.58 41.81 -2.79
CA ASN F 402 -22.36 40.90 -3.63
C ASN F 402 -22.80 39.66 -2.89
N ARG F 403 -22.56 39.66 -1.58
CA ARG F 403 -22.98 38.58 -0.69
C ARG F 403 -22.45 37.19 -1.07
N TYR F 404 -21.13 37.03 -0.99
CA TYR F 404 -20.53 35.70 -1.10
C TYR F 404 -19.24 35.60 -0.29
N HIS F 405 -18.61 34.43 -0.31
CA HIS F 405 -17.43 34.19 0.51
C HIS F 405 -16.22 33.90 -0.35
N VAL F 406 -15.05 34.33 0.11
CA VAL F 406 -13.81 34.04 -0.61
C VAL F 406 -12.82 33.37 0.33
N LEU F 407 -12.36 32.18 -0.04
CA LEU F 407 -11.43 31.43 0.78
C LEU F 407 -10.16 31.18 0.00
N HIS F 408 -9.02 31.19 0.68
CA HIS F 408 -7.75 30.85 0.03
C HIS F 408 -7.30 29.46 0.45
N ILE F 409 -6.89 28.64 -0.51
CA ILE F 409 -6.43 27.28 -0.24
C ILE F 409 -4.92 27.25 -0.12
N ASN F 410 -4.42 26.80 1.02
CA ASN F 410 -2.99 26.72 1.20
C ASN F 410 -2.55 25.27 1.25
N THR F 411 -1.48 24.95 0.52
CA THR F 411 -0.94 23.59 0.49
C THR F 411 0.48 23.55 1.00
N THR F 412 0.82 22.46 1.69
CA THR F 412 2.14 22.27 2.25
C THR F 412 3.23 22.31 1.19
N LYS F 413 4.26 23.13 1.41
CA LYS F 413 5.35 23.32 0.45
C LYS F 413 4.84 23.84 -0.89
N ASN F 414 3.66 24.44 -0.87
CA ASN F 414 3.01 24.93 -2.07
C ASN F 414 2.88 23.90 -3.19
N ASN F 415 3.00 22.63 -2.84
CA ASN F 415 2.82 21.54 -3.79
C ASN F 415 1.41 21.55 -4.36
N PRO F 416 1.30 21.59 -5.71
CA PRO F 416 0.02 21.75 -6.42
C PRO F 416 -0.74 20.47 -6.58
N VAL F 417 -0.17 19.35 -6.14
CA VAL F 417 -0.85 18.07 -6.23
C VAL F 417 -1.29 17.57 -4.86
N MET F 418 -2.57 17.27 -4.72
CA MET F 418 -3.11 16.76 -3.46
C MET F 418 -3.10 15.26 -3.41
N SER F 419 -3.00 14.72 -2.20
CA SER F 419 -3.04 13.28 -1.99
C SER F 419 -4.46 12.85 -2.16
N LEU F 420 -4.66 11.60 -2.57
CA LEU F 420 -6.02 11.10 -2.78
C LEU F 420 -6.94 11.37 -1.60
N GLN F 421 -6.45 11.15 -0.39
CA GLN F 421 -7.27 11.41 0.79
C GLN F 421 -7.56 12.90 0.94
N ASP F 422 -6.62 13.75 0.53
CA ASP F 422 -6.81 15.20 0.63
C ASP F 422 -7.75 15.66 -0.46
N GLN F 423 -7.69 15.01 -1.61
CA GLN F 423 -8.59 15.34 -2.70
C GLN F 423 -10.02 15.11 -2.26
N VAL F 424 -10.28 13.96 -1.65
CA VAL F 424 -11.62 13.62 -1.18
C VAL F 424 -12.12 14.63 -0.17
N ARG F 425 -11.25 15.06 0.73
CA ARG F 425 -11.60 16.04 1.76
C ARG F 425 -11.94 17.38 1.14
N PHE F 426 -11.09 17.83 0.24
CA PHE F 426 -11.28 19.11 -0.42
C PHE F 426 -12.61 19.14 -1.15
N VAL F 427 -12.87 18.09 -1.93
CA VAL F 427 -14.12 17.97 -2.67
C VAL F 427 -15.31 17.97 -1.72
N LYS F 428 -15.19 17.22 -0.62
CA LYS F 428 -16.25 17.15 0.39
C LYS F 428 -16.54 18.53 0.93
N ASN F 429 -15.49 19.25 1.31
CA ASN F 429 -15.63 20.59 1.84
C ASN F 429 -16.32 21.50 0.86
N VAL F 430 -15.71 21.69 -0.31
CA VAL F 430 -16.23 22.59 -1.32
C VAL F 430 -17.73 22.42 -1.54
N THR F 431 -18.17 21.17 -1.63
CA THR F 431 -19.56 20.90 -1.99
C THR F 431 -20.54 20.87 -0.82
N SER F 432 -20.10 20.46 0.35
CA SER F 432 -21.02 20.33 1.47
C SER F 432 -20.81 21.37 2.59
N TRP F 433 -19.90 22.31 2.37
CA TRP F 433 -19.69 23.38 3.34
C TRP F 433 -20.68 24.48 3.04
N LYS F 434 -21.89 24.34 3.58
CA LYS F 434 -23.02 25.18 3.21
C LYS F 434 -22.83 26.64 3.60
N GLU F 435 -22.13 26.86 4.71
CA GLU F 435 -21.95 28.20 5.25
C GLU F 435 -21.04 29.08 4.39
N MET F 436 -20.44 28.49 3.35
CA MET F 436 -19.52 29.22 2.48
C MET F 436 -20.04 29.32 1.06
N LYS F 437 -21.35 29.16 0.89
CA LYS F 437 -21.95 29.24 -0.43
C LYS F 437 -22.83 30.48 -0.55
N PRO F 438 -22.71 31.21 -1.68
CA PRO F 438 -21.80 30.92 -2.78
C PRO F 438 -20.35 31.26 -2.43
N GLY F 439 -19.41 30.57 -3.05
CA GLY F 439 -18.02 30.68 -2.64
C GLY F 439 -17.03 30.81 -3.75
N PHE F 440 -15.89 31.42 -3.43
CA PHE F 440 -14.84 31.64 -4.38
C PHE F 440 -13.54 31.11 -3.77
N TYR F 441 -13.26 29.83 -3.98
CA TYR F 441 -12.03 29.24 -3.48
C TYR F 441 -10.90 29.50 -4.47
N HIS F 442 -9.73 29.85 -3.97
CA HIS F 442 -8.60 30.12 -4.84
C HIS F 442 -7.32 29.61 -4.23
N GLY F 443 -6.36 29.21 -5.06
CA GLY F 443 -5.12 28.67 -4.55
C GLY F 443 -4.27 28.00 -5.61
N HIS F 444 -2.99 27.81 -5.33
N HIS F 444 -3.00 27.79 -5.27
CA HIS F 444 -2.09 27.22 -6.31
CA HIS F 444 -2.02 27.15 -6.12
C HIS F 444 -2.21 25.70 -6.29
C HIS F 444 -2.25 25.64 -6.15
N VAL F 445 -3.33 25.21 -6.80
CA VAL F 445 -3.63 23.79 -6.86
C VAL F 445 -3.86 23.36 -8.29
N SER F 446 -3.32 22.20 -8.66
CA SER F 446 -3.54 21.62 -9.98
C SER F 446 -5.03 21.36 -10.19
N TYR F 447 -5.48 21.27 -11.44
CA TYR F 447 -6.90 21.05 -11.71
C TYR F 447 -7.40 19.74 -11.12
N LEU F 448 -8.47 19.82 -10.33
CA LEU F 448 -9.06 18.65 -9.71
C LEU F 448 -10.47 18.34 -10.24
N ASP F 449 -10.66 17.12 -10.74
CA ASP F 449 -11.91 16.72 -11.37
C ASP F 449 -12.92 16.19 -10.36
N PHE F 450 -13.98 16.96 -10.13
CA PHE F 450 -14.96 16.63 -9.10
C PHE F 450 -15.90 15.51 -9.52
N ALA F 451 -15.99 15.28 -10.82
CA ALA F 451 -16.88 14.25 -11.37
C ALA F 451 -16.61 12.86 -10.81
N LYS F 452 -15.33 12.51 -10.72
CA LYS F 452 -14.87 11.21 -10.24
C LYS F 452 -15.42 10.84 -8.88
N PHE F 453 -15.71 11.85 -8.07
CA PHE F 453 -16.04 11.66 -6.67
C PHE F 453 -17.55 11.55 -6.46
N GLY F 454 -18.29 11.71 -7.56
CA GLY F 454 -19.73 11.57 -7.51
C GLY F 454 -20.41 12.62 -6.66
N VAL F 455 -20.23 13.88 -7.04
CA VAL F 455 -20.85 14.98 -6.34
C VAL F 455 -22.18 15.25 -7.03
N LYS F 456 -23.04 16.05 -6.41
CA LYS F 456 -24.30 16.42 -7.04
C LYS F 456 -24.05 17.50 -8.08
N LYS F 457 -23.36 18.55 -7.66
CA LYS F 457 -23.12 19.73 -8.47
C LYS F 457 -21.62 19.98 -8.55
N LYS F 458 -21.11 20.16 -9.77
CA LYS F 458 -19.70 20.51 -9.96
C LYS F 458 -19.43 21.99 -9.70
N PRO F 459 -18.22 22.35 -9.25
CA PRO F 459 -17.94 23.77 -9.09
C PRO F 459 -17.67 24.40 -10.45
N ILE F 460 -17.55 25.71 -10.48
CA ILE F 460 -17.22 26.43 -11.70
C ILE F 460 -15.73 26.76 -11.69
N TYR F 461 -15.02 26.34 -12.73
CA TYR F 461 -13.59 26.56 -12.80
C TYR F 461 -13.27 27.71 -13.73
N ILE F 462 -12.42 28.62 -13.26
CA ILE F 462 -11.93 29.70 -14.09
C ILE F 462 -10.43 29.82 -13.86
N ASN F 463 -9.75 30.53 -14.76
CA ASN F 463 -8.32 30.71 -14.60
C ASN F 463 -7.79 31.82 -15.51
N VAL F 464 -6.54 32.22 -15.26
CA VAL F 464 -5.84 33.17 -16.12
C VAL F 464 -4.42 32.68 -16.34
N ILE F 465 -4.00 32.58 -17.60
CA ILE F 465 -2.63 32.17 -17.91
C ILE F 465 -1.86 33.27 -18.64
N ARG F 466 -0.54 33.08 -18.73
CA ARG F 466 0.35 34.10 -19.24
C ARG F 466 1.28 33.45 -20.24
N ASP F 467 1.99 34.25 -21.03
CA ASP F 467 2.95 33.71 -21.98
C ASP F 467 4.02 32.98 -21.20
N PRO F 468 4.30 31.72 -21.57
CA PRO F 468 5.21 30.81 -20.87
C PRO F 468 6.52 31.47 -20.47
N ILE F 469 7.16 32.15 -21.42
CA ILE F 469 8.45 32.76 -21.17
C ILE F 469 8.34 33.98 -20.27
N GLU F 470 7.40 34.86 -20.56
CA GLU F 470 7.26 36.06 -19.75
C GLU F 470 6.90 35.70 -18.32
N ARG F 471 6.18 34.61 -18.14
CA ARG F 471 5.78 34.17 -16.82
C ARG F 471 6.99 33.65 -16.06
N LEU F 472 7.81 32.85 -16.73
CA LEU F 472 9.01 32.30 -16.11
C LEU F 472 9.96 33.41 -15.67
N VAL F 473 10.19 34.37 -16.56
CA VAL F 473 11.05 35.50 -16.27
C VAL F 473 10.53 36.28 -15.09
N SER F 474 9.22 36.52 -15.08
CA SER F 474 8.58 37.20 -13.97
C SER F 474 8.77 36.42 -12.68
N TYR F 475 8.59 35.12 -12.74
CA TYR F 475 8.75 34.26 -11.57
C TYR F 475 10.21 34.17 -11.14
N TYR F 476 11.12 34.28 -12.10
CA TYR F 476 12.55 34.24 -11.84
C TYR F 476 12.96 35.40 -10.93
N TYR F 477 12.72 36.61 -11.40
CA TYR F 477 13.09 37.80 -10.65
C TYR F 477 12.26 37.97 -9.37
N PHE F 478 11.10 37.33 -9.32
CA PHE F 478 10.26 37.40 -8.13
C PHE F 478 10.95 36.75 -6.94
N LEU F 479 11.49 35.57 -7.16
CA LEU F 479 12.21 34.84 -6.12
C LEU F 479 13.46 35.59 -5.69
N ARG F 480 13.97 36.43 -6.58
CA ARG F 480 15.24 37.12 -6.35
C ARG F 480 15.04 38.42 -5.56
N PHE F 481 14.00 39.17 -5.93
CA PHE F 481 13.84 40.53 -5.40
C PHE F 481 12.52 40.78 -4.70
N GLY F 482 11.53 39.91 -4.91
CA GLY F 482 10.26 40.05 -4.25
C GLY F 482 9.35 41.04 -4.96
N ASP F 483 8.24 41.37 -4.34
CA ASP F 483 7.24 42.22 -4.98
C ASP F 483 6.98 43.50 -4.20
N ASP F 484 5.87 44.15 -4.49
CA ASP F 484 5.51 45.39 -3.80
C ASP F 484 4.19 45.29 -3.03
N TYR F 485 3.53 44.14 -3.16
CA TYR F 485 2.29 43.87 -2.43
C TYR F 485 2.61 43.53 -0.97
N ARG F 486 3.59 42.66 -0.80
CA ARG F 486 4.11 42.34 0.53
C ARG F 486 5.64 42.38 0.48
N PRO F 487 6.21 43.58 0.63
CA PRO F 487 7.66 43.81 0.48
C PRO F 487 8.44 43.37 1.70
N GLY F 488 7.75 42.85 2.70
CA GLY F 488 8.39 42.47 3.95
C GLY F 488 8.92 41.04 3.94
N LEU F 489 8.33 40.21 3.08
CA LEU F 489 8.73 38.81 3.00
C LEU F 489 10.08 38.66 2.30
N ARG F 490 10.97 37.89 2.92
CA ARG F 490 12.24 37.54 2.29
C ARG F 490 12.01 36.30 1.44
N ARG F 491 12.19 36.44 0.13
CA ARG F 491 11.87 35.37 -0.81
C ARG F 491 12.91 34.24 -0.80
N ARG F 492 12.50 33.09 -1.32
CA ARG F 492 13.28 31.84 -1.22
C ARG F 492 14.71 31.96 -1.71
N LYS F 493 14.87 32.37 -2.97
CA LYS F 493 16.19 32.44 -3.57
C LYS F 493 16.74 33.85 -3.56
N GLN F 494 16.35 34.63 -2.56
CA GLN F 494 16.86 35.99 -2.40
C GLN F 494 18.35 35.95 -2.03
N GLY F 495 19.13 36.83 -2.64
CA GLY F 495 20.57 36.82 -2.47
C GLY F 495 21.25 36.08 -3.61
N ASP F 496 20.58 36.01 -4.75
CA ASP F 496 21.15 35.44 -5.97
C ASP F 496 21.29 36.56 -7.00
N LYS F 497 22.52 36.82 -7.41
CA LYS F 497 22.84 38.00 -8.21
C LYS F 497 22.67 37.81 -9.71
N LYS F 498 22.83 36.59 -10.20
CA LYS F 498 22.77 36.30 -11.63
C LYS F 498 21.43 36.71 -12.26
N THR F 499 21.50 37.40 -13.40
CA THR F 499 20.30 37.80 -14.11
C THR F 499 19.80 36.65 -14.97
N PHE F 500 18.56 36.74 -15.41
CA PHE F 500 17.92 35.67 -16.15
C PHE F 500 18.69 35.32 -17.41
N ASP F 501 19.12 36.36 -18.14
CA ASP F 501 19.82 36.15 -19.40
C ASP F 501 21.15 35.47 -19.17
N GLU F 502 21.82 35.86 -18.09
CA GLU F 502 23.10 35.30 -17.74
C GLU F 502 22.95 33.84 -17.31
N CYS F 503 21.83 33.55 -16.66
CA CYS F 503 21.55 32.21 -16.16
C CYS F 503 21.31 31.25 -17.33
N VAL F 504 20.51 31.69 -18.29
CA VAL F 504 20.19 30.87 -19.45
C VAL F 504 21.46 30.51 -20.20
N ALA F 505 22.29 31.52 -20.44
CA ALA F 505 23.54 31.33 -21.16
C ALA F 505 24.50 30.41 -20.40
N ALA F 506 24.41 30.42 -19.08
CA ALA F 506 25.27 29.57 -18.26
C ALA F 506 24.64 28.20 -18.00
N GLY F 507 23.44 27.99 -18.55
CA GLY F 507 22.72 26.74 -18.40
C GLY F 507 22.28 26.52 -16.96
N GLY F 508 21.77 27.57 -16.34
CA GLY F 508 21.38 27.51 -14.95
C GLY F 508 20.17 26.63 -14.73
N SER F 509 19.86 26.34 -13.48
CA SER F 509 18.77 25.43 -13.16
C SER F 509 17.43 26.14 -13.14
N ASP F 510 17.43 27.38 -12.65
CA ASP F 510 16.19 28.14 -12.50
C ASP F 510 15.63 28.66 -13.82
N CYS F 511 16.44 28.62 -14.87
CA CYS F 511 15.99 29.08 -16.17
C CYS F 511 16.18 27.99 -17.23
N ALA F 512 16.10 26.74 -16.79
CA ALA F 512 16.13 25.61 -17.69
C ALA F 512 14.77 25.50 -18.35
N PRO F 513 14.71 24.98 -19.59
CA PRO F 513 13.45 24.85 -20.33
C PRO F 513 12.42 23.99 -19.59
N GLU F 514 12.90 23.06 -18.77
CA GLU F 514 12.02 22.22 -17.97
C GLU F 514 11.21 23.04 -17.00
N LYS F 515 11.65 24.28 -16.74
CA LYS F 515 10.98 25.15 -15.79
C LYS F 515 9.82 25.86 -16.43
N LEU F 516 9.70 25.72 -17.75
CA LEU F 516 8.59 26.32 -18.50
C LEU F 516 7.33 25.49 -18.31
N TRP F 517 7.52 24.21 -18.00
CA TRP F 517 6.43 23.27 -17.83
C TRP F 517 5.73 23.50 -16.50
N LEU F 518 4.62 24.23 -16.54
CA LEU F 518 3.84 24.48 -15.34
C LEU F 518 2.38 24.67 -15.66
N GLN F 519 2.10 25.52 -16.63
CA GLN F 519 0.72 25.82 -16.99
C GLN F 519 -0.01 24.62 -17.58
N ILE F 520 0.72 23.76 -18.28
CA ILE F 520 0.12 22.53 -18.80
C ILE F 520 -0.34 21.56 -17.70
N PRO F 521 0.54 21.22 -16.74
CA PRO F 521 0.06 20.33 -15.69
C PRO F 521 -1.04 20.95 -14.85
N PHE F 522 -1.01 22.25 -14.66
CA PHE F 522 -2.04 22.91 -13.86
C PHE F 522 -3.43 22.69 -14.43
N PHE F 523 -3.50 22.40 -15.73
CA PHE F 523 -4.77 22.12 -16.38
C PHE F 523 -4.96 20.62 -16.58
N CYS F 524 -3.85 19.93 -16.81
CA CYS F 524 -3.86 18.49 -17.00
C CYS F 524 -4.34 17.78 -15.72
N GLY F 525 -3.89 18.23 -14.55
CA GLY F 525 -4.43 17.75 -13.31
C GLY F 525 -3.54 16.87 -12.45
N HIS F 526 -4.18 16.08 -11.60
CA HIS F 526 -3.48 15.23 -10.64
C HIS F 526 -3.17 13.84 -11.18
N SER F 527 -3.03 13.70 -12.48
CA SER F 527 -2.65 12.41 -13.03
C SER F 527 -1.15 12.41 -13.31
N SER F 528 -0.56 11.23 -13.31
CA SER F 528 0.89 11.08 -13.44
C SER F 528 1.47 11.73 -14.68
N GLU F 529 0.87 11.48 -15.83
CA GLU F 529 1.44 11.89 -17.10
C GLU F 529 1.48 13.41 -17.26
N CYS F 530 0.78 14.12 -16.39
CA CYS F 530 0.70 15.56 -16.50
C CYS F 530 2.03 16.15 -16.12
N TRP F 531 2.65 15.55 -15.11
CA TRP F 531 3.86 16.08 -14.54
C TRP F 531 5.09 15.43 -15.17
N ASN F 532 4.84 14.59 -16.15
CA ASN F 532 5.89 14.07 -17.01
C ASN F 532 6.28 15.15 -18.00
N VAL F 533 7.35 15.87 -17.69
CA VAL F 533 7.71 17.06 -18.47
C VAL F 533 7.93 16.75 -19.95
N GLY F 534 7.18 17.43 -20.79
CA GLY F 534 7.31 17.29 -22.23
C GLY F 534 6.37 16.25 -22.80
N SER F 535 5.44 15.78 -21.99
CA SER F 535 4.51 14.75 -22.39
C SER F 535 3.54 15.27 -23.43
N ARG F 536 3.41 14.55 -24.55
CA ARG F 536 2.46 14.95 -25.56
C ARG F 536 1.04 14.66 -25.08
N TRP F 537 0.87 13.59 -24.31
CA TRP F 537 -0.44 13.24 -23.77
C TRP F 537 -0.90 14.32 -22.83
N ALA F 538 0.01 14.79 -22.00
CA ALA F 538 -0.31 15.80 -20.99
C ALA F 538 -0.74 17.09 -21.66
N LEU F 539 -0.22 17.38 -22.84
CA LEU F 539 -0.59 18.59 -23.54
C LEU F 539 -2.02 18.45 -23.97
N GLU F 540 -2.31 17.32 -24.61
CA GLU F 540 -3.62 17.07 -25.17
C GLU F 540 -4.70 17.07 -24.10
N GLN F 541 -4.41 16.44 -22.97
CA GLN F 541 -5.35 16.38 -21.86
C GLN F 541 -5.56 17.77 -21.28
N ALA F 542 -4.52 18.57 -21.24
CA ALA F 542 -4.62 19.91 -20.68
C ALA F 542 -5.55 20.77 -21.52
N LYS F 543 -5.47 20.60 -22.84
CA LYS F 543 -6.39 21.27 -23.76
C LYS F 543 -7.83 20.78 -23.57
N TYR F 544 -8.03 19.48 -23.49
CA TYR F 544 -9.38 18.94 -23.31
C TYR F 544 -10.02 19.40 -22.03
N ASN F 545 -9.21 19.58 -20.99
CA ASN F 545 -9.73 20.02 -19.71
C ASN F 545 -10.16 21.47 -19.74
N LEU F 546 -9.40 22.29 -20.46
CA LEU F 546 -9.67 23.71 -20.55
C LEU F 546 -10.95 23.96 -21.31
N ILE F 547 -11.26 23.06 -22.24
CA ILE F 547 -12.42 23.22 -23.11
C ILE F 547 -13.64 22.62 -22.44
N ASN F 548 -13.46 21.48 -21.81
CA ASN F 548 -14.58 20.73 -21.25
C ASN F 548 -14.96 21.10 -19.83
N GLU F 549 -14.03 21.70 -19.08
CA GLU F 549 -14.24 21.84 -17.65
C GLU F 549 -14.18 23.28 -17.16
N TYR F 550 -13.34 24.07 -17.79
CA TYR F 550 -13.19 25.45 -17.40
C TYR F 550 -14.26 26.36 -18.01
N PHE F 551 -14.99 27.05 -17.13
CA PHE F 551 -16.03 28.00 -17.52
C PHE F 551 -15.48 29.12 -18.40
N LEU F 552 -14.36 29.67 -18.00
CA LEU F 552 -13.63 30.65 -18.81
C LEU F 552 -12.18 30.76 -18.33
N VAL F 553 -11.25 30.78 -19.29
CA VAL F 553 -9.84 30.98 -19.00
C VAL F 553 -9.36 32.14 -19.85
N GLY F 554 -8.94 33.22 -19.21
CA GLY F 554 -8.45 34.38 -19.93
C GLY F 554 -6.94 34.45 -19.84
N VAL F 555 -6.35 35.43 -20.51
CA VAL F 555 -4.90 35.60 -20.45
C VAL F 555 -4.54 36.86 -19.68
N THR F 556 -3.37 36.89 -19.07
CA THR F 556 -2.95 38.03 -18.25
C THR F 556 -3.00 39.34 -19.03
N GLU F 557 -2.42 39.34 -20.22
CA GLU F 557 -2.23 40.57 -20.95
C GLU F 557 -3.54 41.13 -21.50
N GLU F 558 -4.62 40.37 -21.31
CA GLU F 558 -5.96 40.85 -21.62
C GLU F 558 -6.88 40.54 -20.46
N LEU F 559 -6.52 41.03 -19.28
CA LEU F 559 -7.24 40.74 -18.05
C LEU F 559 -8.50 41.59 -17.92
N GLU F 560 -8.50 42.76 -18.54
CA GLU F 560 -9.64 43.64 -18.45
C GLU F 560 -10.85 43.01 -19.12
N ASP F 561 -10.63 42.45 -20.30
CA ASP F 561 -11.71 41.85 -21.06
C ASP F 561 -12.21 40.57 -20.40
N PHE F 562 -11.30 39.87 -19.73
CA PHE F 562 -11.63 38.66 -19.00
C PHE F 562 -12.62 38.99 -17.89
N ILE F 563 -12.36 40.10 -17.21
CA ILE F 563 -13.20 40.55 -16.11
C ILE F 563 -14.55 41.02 -16.64
N MET F 564 -14.53 41.70 -17.77
CA MET F 564 -15.75 42.21 -18.39
C MET F 564 -16.70 41.08 -18.74
N LEU F 565 -16.16 39.98 -19.24
CA LEU F 565 -16.97 38.83 -19.61
C LEU F 565 -17.52 38.13 -18.39
N LEU F 566 -16.75 38.09 -17.31
CA LEU F 566 -17.18 37.42 -16.10
C LEU F 566 -18.31 38.18 -15.41
N GLU F 567 -18.27 39.51 -15.53
CA GLU F 567 -19.32 40.34 -14.96
C GLU F 567 -20.64 40.07 -15.69
N ALA F 568 -20.55 39.85 -17.00
CA ALA F 568 -21.73 39.58 -17.80
C ALA F 568 -22.28 38.18 -17.57
N ALA F 569 -21.38 37.21 -17.42
CA ALA F 569 -21.76 35.80 -17.31
C ALA F 569 -22.10 35.37 -15.88
N LEU F 570 -21.23 35.75 -14.94
CA LEU F 570 -21.45 35.44 -13.52
C LEU F 570 -21.57 36.73 -12.71
N PRO F 571 -22.69 37.43 -12.86
CA PRO F 571 -22.79 38.75 -12.24
C PRO F 571 -22.97 38.64 -10.74
N ARG F 572 -23.36 37.48 -10.24
CA ARG F 572 -23.52 37.31 -8.80
C ARG F 572 -22.19 37.57 -8.11
N PHE F 573 -21.12 37.12 -8.76
CA PHE F 573 -19.78 37.24 -8.21
C PHE F 573 -19.08 38.53 -8.63
N PHE F 574 -19.38 38.98 -9.85
CA PHE F 574 -18.60 40.06 -10.44
C PHE F 574 -19.40 41.29 -10.86
N ARG F 575 -20.51 41.54 -10.18
CA ARG F 575 -21.26 42.77 -10.39
C ARG F 575 -20.38 43.93 -9.97
N GLY F 576 -19.98 44.76 -10.93
CA GLY F 576 -19.21 45.96 -10.65
C GLY F 576 -17.72 45.71 -10.62
N ALA F 577 -17.31 44.54 -11.10
CA ALA F 577 -15.91 44.18 -11.14
C ALA F 577 -15.16 45.03 -12.15
N THR F 578 -15.80 45.31 -13.28
CA THR F 578 -15.14 46.05 -14.34
C THR F 578 -14.95 47.49 -13.93
N GLU F 579 -15.96 48.07 -13.29
CA GLU F 579 -15.84 49.43 -12.80
C GLU F 579 -14.75 49.53 -11.74
N LEU F 580 -14.69 48.52 -10.88
CA LEU F 580 -13.70 48.46 -9.81
C LEU F 580 -12.30 48.39 -10.38
N TYR F 581 -12.16 47.67 -11.49
CA TYR F 581 -10.86 47.48 -12.09
C TYR F 581 -10.36 48.74 -12.74
N ARG F 582 -11.22 49.42 -13.48
CA ARG F 582 -10.83 50.60 -14.25
C ARG F 582 -10.54 51.78 -13.35
N THR F 583 -11.24 51.87 -12.24
CA THR F 583 -11.09 52.98 -11.32
C THR F 583 -10.86 52.47 -9.89
N GLY F 584 -9.70 51.89 -9.64
CA GLY F 584 -9.47 51.23 -8.37
C GLY F 584 -8.10 51.40 -7.76
N LYS F 585 -7.09 51.60 -8.59
CA LYS F 585 -5.70 51.71 -8.15
C LYS F 585 -5.22 50.43 -7.45
N LYS F 586 -6.01 49.37 -7.57
CA LYS F 586 -5.70 48.12 -6.93
C LYS F 586 -5.80 47.09 -8.04
N SER F 587 -5.48 47.53 -9.25
CA SER F 587 -5.64 46.71 -10.44
C SER F 587 -4.33 46.07 -10.90
N HIS F 588 -3.21 46.69 -10.53
CA HIS F 588 -1.89 46.12 -10.85
C HIS F 588 -1.11 45.80 -9.58
N LEU F 589 -1.53 44.76 -8.88
CA LEU F 589 -0.91 44.36 -7.62
C LEU F 589 0.23 43.37 -7.82
N ARG F 590 1.21 43.43 -6.91
CA ARG F 590 2.32 42.48 -6.85
C ARG F 590 3.27 42.56 -8.04
N LYS F 591 3.63 43.76 -8.44
CA LYS F 591 4.64 43.94 -9.47
C LYS F 591 5.98 43.47 -8.92
N THR F 592 6.70 42.67 -9.70
CA THR F 592 8.02 42.22 -9.30
C THR F 592 8.99 43.39 -9.31
N THR F 593 9.58 43.66 -8.15
CA THR F 593 10.35 44.89 -7.88
C THR F 593 11.38 45.24 -8.95
N GLU F 594 12.37 44.36 -9.15
CA GLU F 594 13.39 44.59 -10.15
C GLU F 594 13.35 43.51 -11.21
N LYS F 595 12.90 43.86 -12.41
CA LYS F 595 12.84 42.92 -13.53
C LYS F 595 13.74 43.38 -14.67
N LYS F 596 14.38 42.43 -15.33
CA LYS F 596 15.19 42.73 -16.52
C LYS F 596 14.71 41.88 -17.68
N LEU F 597 14.03 42.52 -18.62
CA LEU F 597 13.46 41.82 -19.78
C LEU F 597 14.53 41.11 -20.59
N PRO F 598 14.20 39.91 -21.11
CA PRO F 598 15.18 39.02 -21.74
C PRO F 598 15.64 39.49 -23.10
N THR F 599 16.91 39.24 -23.42
CA THR F 599 17.49 39.56 -24.71
C THR F 599 16.75 38.82 -25.80
N LYS F 600 16.80 39.35 -27.02
CA LYS F 600 16.27 38.64 -28.18
C LYS F 600 17.03 37.33 -28.33
N GLU F 601 18.29 37.34 -27.91
CA GLU F 601 19.17 36.17 -27.99
C GLU F 601 18.76 35.12 -26.96
N THR F 602 18.40 35.58 -25.75
CA THR F 602 17.99 34.68 -24.69
C THR F 602 16.68 33.98 -25.04
N ILE F 603 15.70 34.77 -25.46
CA ILE F 603 14.40 34.25 -25.85
C ILE F 603 14.53 33.26 -26.99
N ALA F 604 15.42 33.57 -27.94
CA ALA F 604 15.64 32.72 -29.09
C ALA F 604 16.11 31.32 -28.71
N LYS F 605 16.92 31.21 -27.66
CA LYS F 605 17.46 29.92 -27.25
C LYS F 605 16.40 29.07 -26.55
N LEU F 606 15.54 29.72 -25.78
CA LEU F 606 14.47 29.03 -25.07
C LEU F 606 13.48 28.44 -26.06
N GLN F 607 13.30 29.13 -27.18
CA GLN F 607 12.31 28.72 -28.17
C GLN F 607 12.76 27.53 -28.99
N GLN F 608 13.97 27.05 -28.75
CA GLN F 608 14.46 25.87 -29.44
C GLN F 608 13.98 24.61 -28.73
N SER F 609 13.56 24.78 -27.49
CA SER F 609 13.19 23.66 -26.63
C SER F 609 11.79 23.16 -26.93
N GLU F 610 11.64 21.85 -27.08
CA GLU F 610 10.33 21.25 -27.27
C GLU F 610 9.39 21.53 -26.11
N ILE F 611 9.94 21.63 -24.90
CA ILE F 611 9.13 21.97 -23.74
C ILE F 611 8.52 23.33 -23.95
N TRP F 612 9.24 24.22 -24.61
CA TRP F 612 8.69 25.54 -24.87
C TRP F 612 7.63 25.46 -25.95
N LYS F 613 7.97 24.78 -27.03
CA LYS F 613 7.07 24.67 -28.17
C LYS F 613 5.70 24.16 -27.75
N MET F 614 5.69 23.28 -26.75
CA MET F 614 4.46 22.69 -26.25
C MET F 614 3.72 23.63 -25.33
N GLU F 615 4.44 24.18 -24.36
CA GLU F 615 3.86 25.13 -23.40
C GLU F 615 3.29 26.36 -24.12
N ASN F 616 3.90 26.68 -25.26
CA ASN F 616 3.47 27.81 -26.05
C ASN F 616 2.23 27.45 -26.84
N GLU F 617 2.23 26.25 -27.42
CA GLU F 617 1.11 25.75 -28.19
C GLU F 617 -0.16 25.73 -27.34
N PHE F 618 -0.01 25.37 -26.08
CA PHE F 618 -1.15 25.38 -25.17
C PHE F 618 -1.63 26.79 -24.96
N TYR F 619 -0.70 27.72 -24.74
CA TYR F 619 -1.04 29.11 -24.49
C TYR F 619 -1.88 29.67 -25.63
N GLU F 620 -1.33 29.66 -26.83
CA GLU F 620 -2.01 30.15 -28.00
C GLU F 620 -3.35 29.46 -28.20
N PHE F 621 -3.45 28.19 -27.81
CA PHE F 621 -4.71 27.48 -27.88
C PHE F 621 -5.74 28.12 -26.97
N ALA F 622 -5.35 28.33 -25.73
CA ALA F 622 -6.22 28.93 -24.71
C ALA F 622 -6.53 30.38 -25.02
N LEU F 623 -5.56 31.04 -25.63
CA LEU F 623 -5.70 32.42 -26.11
C LEU F 623 -6.69 32.51 -27.24
N GLU F 624 -6.47 31.73 -28.31
CA GLU F 624 -7.36 31.76 -29.45
C GLU F 624 -8.77 31.43 -29.01
N GLN F 625 -8.89 30.61 -27.97
CA GLN F 625 -10.19 30.27 -27.43
C GLN F 625 -10.86 31.46 -26.76
N PHE F 626 -10.11 32.16 -25.91
CA PHE F 626 -10.64 33.35 -25.25
C PHE F 626 -11.04 34.42 -26.24
N GLN F 627 -10.18 34.66 -27.23
CA GLN F 627 -10.46 35.62 -28.26
C GLN F 627 -11.76 35.26 -28.95
N PHE F 628 -11.97 33.97 -29.21
CA PHE F 628 -13.20 33.49 -29.83
C PHE F 628 -14.41 33.73 -28.94
N VAL F 629 -14.27 33.46 -27.65
CA VAL F 629 -15.34 33.63 -26.68
C VAL F 629 -15.78 35.10 -26.60
N ARG F 630 -14.80 35.99 -26.59
CA ARG F 630 -15.05 37.42 -26.54
C ARG F 630 -15.73 37.85 -27.82
N ALA F 631 -15.16 37.44 -28.95
CA ALA F 631 -15.64 37.83 -30.26
C ALA F 631 -17.13 37.55 -30.44
N HIS F 632 -17.60 36.52 -29.76
CA HIS F 632 -19.01 36.14 -29.88
C HIS F 632 -19.88 36.74 -28.80
N ALA F 633 -19.29 37.44 -27.84
CA ALA F 633 -20.05 37.95 -26.71
C ALA F 633 -20.16 39.48 -26.73
N VAL F 634 -19.33 40.13 -27.54
CA VAL F 634 -19.33 41.60 -27.56
C VAL F 634 -19.50 42.18 -28.95
N ARG F 635 -19.75 43.48 -28.98
CA ARG F 635 -19.85 44.27 -30.20
C ARG F 635 -18.90 45.45 -30.06
N GLU F 636 -18.13 45.72 -31.11
CA GLU F 636 -17.22 46.86 -31.13
C GLU F 636 -17.90 48.08 -31.74
N LYS F 637 -18.57 48.89 -30.92
CA LYS F 637 -19.23 50.09 -31.43
C LYS F 637 -18.37 51.33 -31.18
N ASP F 638 -17.39 51.53 -32.08
CA ASP F 638 -16.49 52.69 -32.07
C ASP F 638 -15.69 52.83 -30.78
N GLY F 639 -14.43 52.43 -30.80
CA GLY F 639 -13.54 52.64 -29.68
C GLY F 639 -13.60 51.62 -28.56
N GLU F 640 -14.80 51.21 -28.16
CA GLU F 640 -14.94 50.31 -27.00
C GLU F 640 -15.95 49.19 -27.22
N LEU F 641 -15.96 48.21 -26.31
CA LEU F 641 -16.76 47.01 -26.44
C LEU F 641 -18.05 47.12 -25.66
N TYR F 642 -19.12 46.55 -26.20
CA TYR F 642 -20.39 46.49 -25.49
C TYR F 642 -20.95 45.08 -25.52
N ILE F 643 -21.38 44.57 -24.37
CA ILE F 643 -21.89 43.21 -24.28
C ILE F 643 -23.15 43.01 -25.14
N LEU F 644 -23.20 41.92 -25.88
CA LEU F 644 -24.35 41.64 -26.74
C LEU F 644 -25.61 41.31 -25.96
N ALA F 645 -26.76 41.70 -26.52
CA ALA F 645 -28.05 41.38 -25.91
C ALA F 645 -28.37 39.90 -26.05
N GLN F 646 -29.57 39.52 -25.63
CA GLN F 646 -29.96 38.12 -25.78
C GLN F 646 -30.29 37.90 -27.24
N ASN F 647 -29.79 36.80 -27.81
CA ASN F 647 -30.00 36.52 -29.22
C ASN F 647 -30.67 35.18 -29.52
N PHE F 648 -31.42 34.67 -28.54
CA PHE F 648 -32.24 33.49 -28.77
C PHE F 648 -33.59 33.64 -28.09
N PHE F 649 -34.54 32.79 -28.45
CA PHE F 649 -35.83 32.76 -27.80
C PHE F 649 -36.53 31.45 -28.10
N TYR F 650 -37.59 31.15 -27.35
CA TYR F 650 -38.31 29.90 -27.52
C TYR F 650 -39.62 30.13 -28.23
N GLU F 651 -39.97 29.24 -29.14
CA GLU F 651 -41.18 29.37 -29.93
C GLU F 651 -41.72 27.99 -30.29
N LYS F 652 -42.93 27.96 -30.85
CA LYS F 652 -43.62 26.71 -31.14
C LYS F 652 -43.72 25.83 -29.91
N ILE F 653 -44.08 26.42 -28.78
CA ILE F 653 -44.18 25.70 -27.52
C ILE F 653 -45.54 25.02 -27.37
N TYR F 654 -45.57 23.72 -27.57
CA TYR F 654 -46.76 22.90 -27.37
C TYR F 654 -46.54 22.02 -26.14
N PRO F 655 -47.62 21.50 -25.53
CA PRO F 655 -49.04 21.76 -25.70
C PRO F 655 -49.39 23.13 -25.13
N LYS F 656 -50.52 23.70 -25.54
CA LYS F 656 -50.86 25.06 -25.14
C LYS F 656 -51.94 25.11 -24.07
N SER F 657 -52.04 26.26 -23.40
CA SER F 657 -53.05 26.48 -22.37
C SER F 657 -54.44 26.68 -22.98
C1 BDP G . 66.15 -5.04 4.29
C2 BDP G . 67.09 -6.20 4.39
C3 BDP G . 66.78 -6.96 5.63
C4 BDP G . 66.93 -6.07 6.82
C5 BDP G . 65.94 -4.97 6.63
C6 BDP G . 66.01 -3.97 7.72
O2 BDP G . 66.95 -7.01 3.29
O3 BDP G . 67.61 -8.05 5.71
O4 BDP G . 66.75 -6.72 8.02
O5 BDP G . 66.28 -4.35 5.47
O6A BDP G . 66.99 -3.00 7.66
O6B BDP G . 65.10 -4.03 8.75
C1 GNS G . 67.87 -6.55 8.92
C2 GNS G . 68.88 -7.65 8.83
N2 GNS G . 69.45 -7.72 7.52
S1 GNS G . 70.96 -7.20 7.18
O1S GNS G . 71.95 -7.98 7.92
O2S GNS G . 71.09 -5.78 7.48
O3S GNS G . 71.23 -7.28 5.74
C3 GNS G . 68.26 -8.95 9.21
O3 GNS G . 69.25 -9.90 9.23
C4 GNS G . 67.61 -8.88 10.55
C5 GNS G . 66.75 -7.66 10.63
O5 GNS G . 67.46 -6.57 10.22
C6 GNS G . 66.34 -7.47 12.04
O6 GNS G . 65.43 -6.45 12.05
O4 GNS G . 66.76 -9.95 10.73
C1 IDR G . 67.35 -11.07 11.40
C2 IDR G . 66.40 -11.58 12.43
C3 IDR G . 66.89 -12.84 13.08
C4 IDR G . 67.31 -13.81 12.03
C5 IDR G . 68.24 -13.18 11.04
C6 IDR G . 69.62 -12.89 11.56
O2 IDR G . 66.23 -10.61 13.39
O3 IDR G . 65.85 -13.40 13.78
O4 IDR G . 67.87 -14.94 12.60
O5 IDR G . 67.64 -12.06 10.50
O6A IDR G . 70.44 -12.02 10.88
O6B IDR G . 70.11 -13.50 12.69
C1 GNS G . 66.99 -16.08 12.40
C2 GNS G . 67.54 -17.30 13.04
N2 GNS G . 67.87 -17.08 14.42
S1 GNS G . 66.72 -17.06 15.56
O1S GNS G . 65.95 -18.30 15.55
O2S GNS G . 65.86 -15.91 15.36
O3S GNS G . 67.29 -16.86 16.90
C3 GNS G . 68.76 -17.75 12.30
O3 GNS G . 69.36 -18.83 12.91
C4 GNS G . 68.40 -18.04 10.88
C5 GNS G . 67.87 -16.77 10.31
O5 GNS G . 66.79 -16.37 11.07
C6 GNS G . 67.47 -16.95 8.89
O6 GNS G . 66.99 -15.75 8.43
O4 GNS G . 69.49 -18.42 10.14
C1 BDP G . 69.41 -19.80 9.73
C2 BDP G . 70.10 -19.96 8.42
C3 BDP G . 70.17 -21.39 8.01
C4 BDP G . 70.80 -22.20 9.11
C5 BDP G . 70.00 -22.00 10.36
C6 BDP G . 70.54 -22.73 11.55
O2 BDP G . 69.45 -19.20 7.47
O3 BDP G . 70.88 -21.44 6.83
O4 BDP G . 70.90 -23.56 8.82
O5 BDP G . 69.99 -20.64 10.63
O6A BDP G . 71.50 -22.15 12.36
O6B BDP G . 70.05 -23.98 11.85
C1 NDG G . 72.08 -23.91 8.04
C2 NDG G . 71.68 -24.99 7.06
C3 NDG G . 71.09 -26.17 7.82
C4 NDG G . 72.05 -26.63 8.91
C5 NDG G . 72.59 -25.45 9.74
C6 NDG G . 73.74 -25.84 10.63
C7 NDG G . 71.12 -23.83 4.97
C8 NDG G . 70.03 -23.41 4.04
O5 NDG G . 73.07 -24.40 8.89
O3 NDG G . 70.80 -27.23 6.91
O4 NDG G . 71.37 -27.50 9.81
O6 NDG G . 74.07 -24.79 11.54
O7 NDG G . 72.30 -23.59 4.73
N2 NDG G . 70.73 -24.50 6.06
C1 BDP G . 71.71 -28.87 9.56
C2 BDP G . 71.54 -29.68 10.80
C3 BDP G . 71.98 -31.07 10.52
C4 BDP G . 71.20 -31.64 9.38
C5 BDP G . 71.30 -30.73 8.20
C6 BDP G . 70.41 -31.17 7.08
O2 BDP G . 72.26 -29.13 11.83
O3 BDP G . 71.82 -31.84 11.65
O4 BDP G . 71.69 -32.88 9.07
O5 BDP G . 70.96 -29.46 8.58
O6A BDP G . 69.16 -31.68 7.34
O6B BDP G . 70.83 -31.06 5.78
C1 GLC H . 56.35 -44.08 -17.24
C2 GLC H . 54.88 -43.94 -17.66
C3 GLC H . 54.06 -43.18 -16.62
C4 GLC H . 54.35 -43.64 -15.20
C5 GLC H . 55.85 -43.80 -14.96
C6 GLC H . 56.12 -44.38 -13.57
O1 GLC H . 56.97 -42.82 -17.27
O2 GLC H . 54.80 -43.25 -18.89
O3 GLC H . 52.69 -43.36 -16.93
O4 GLC H . 53.84 -42.69 -14.29
O5 GLC H . 56.43 -44.62 -15.93
O6 GLC H . 57.50 -44.46 -13.35
C1 GLC H . 52.60 -43.14 -13.71
C2 GLC H . 51.57 -42.01 -13.82
C3 GLC H . 51.98 -40.82 -12.94
C4 GLC H . 52.34 -41.28 -11.53
C5 GLC H . 53.27 -42.48 -11.55
C6 GLC H . 53.48 -43.01 -10.14
O2 GLC H . 51.48 -41.60 -15.16
O3 GLC H . 50.91 -39.90 -12.88
O4 GLC H . 52.98 -40.21 -10.86
O5 GLC H . 52.74 -43.51 -12.36
O6 GLC H . 54.24 -44.19 -10.20
C1 BDP I . 10.51 -2.92 -1.44
C2 BDP I . 10.28 -3.97 -2.46
C3 BDP I . 11.54 -4.35 -3.16
C4 BDP I . 12.29 -3.16 -3.66
C5 BDP I . 12.47 -2.23 -2.51
C6 BDP I . 13.16 -1.01 -2.98
O2 BDP I . 9.77 -5.09 -1.84
O3 BDP I . 11.24 -5.15 -4.23
O4 BDP I . 13.52 -3.55 -4.15
O5 BDP I . 11.22 -1.92 -2.04
O6A BDP I . 12.45 0.10 -3.35
O6B BDP I . 14.54 -1.06 -3.05
C1 GNS I . 13.79 -3.10 -5.49
C2 GNS I . 13.35 -4.02 -6.59
N2 GNS I . 11.94 -4.26 -6.53
S1 GNS I . 10.93 -3.57 -7.59
O1S GNS I . 11.26 -3.99 -8.95
O2S GNS I . 10.99 -2.12 -7.49
O3S GNS I . 9.53 -3.90 -7.27
C3 GNS I . 14.09 -5.33 -6.55
O3 GNS I . 13.75 -6.02 -7.69
C4 GNS I . 15.57 -5.09 -6.52
C5 GNS I . 15.90 -4.08 -5.49
O5 GNS I . 15.14 -2.95 -5.67
C6 GNS I . 17.34 -3.72 -5.61
O6 GNS I . 17.63 -2.87 -4.57
O4 GNS I . 16.23 -6.24 -6.14
C1 IDR I . 16.65 -7.07 -7.25
C2 IDR I . 18.06 -7.50 -7.03
C3 IDR I . 18.51 -8.50 -8.04
C4 IDR I . 17.49 -9.58 -8.19
C5 IDR I . 16.12 -9.03 -8.39
C6 IDR I . 15.87 -8.40 -9.74
O2 IDR I . 18.89 -6.39 -7.11
O3 IDR I . 19.68 -9.06 -7.60
O4 IDR I . 17.81 -10.45 -9.22
O5 IDR I . 15.82 -8.17 -7.34
O6A IDR I . 14.83 -7.52 -9.93
O6B IDR I . 16.68 -8.69 -10.82
C1 GNS I . 18.21 -11.72 -8.67
C2 GNS I . 18.63 -12.67 -9.74
N2 GNS I . 19.66 -12.12 -10.57
S1 GNS I . 21.21 -12.07 -10.06
O1S GNS I . 21.68 -13.41 -9.72
O2S GNS I . 21.36 -11.18 -8.92
O3S GNS I . 22.09 -11.48 -11.09
C3 GNS I . 17.46 -13.03 -10.59
O3 GNS I . 17.85 -13.86 -11.62
C4 GNS I . 16.40 -13.68 -9.74
C5 GNS I . 16.04 -12.70 -8.69
O5 GNS I . 17.17 -12.33 -8.00
C6 GNS I . 15.03 -13.26 -7.75
O6 GNS I . 14.73 -12.28 -6.83
O4 GNS I . 15.28 -13.97 -10.48
C1 BDP I . 15.11 -15.39 -10.68
C2 BDP I . 13.65 -15.72 -10.76
C3 BDP I . 13.45 -17.17 -11.12
C4 BDP I . 14.23 -17.53 -12.36
C5 BDP I . 15.66 -17.18 -12.08
C6 BDP I . 16.56 -17.55 -13.21
O2 BDP I . 13.04 -15.44 -9.57
O3 BDP I . 12.11 -17.40 -11.25
O4 BDP I . 14.15 -18.86 -12.72
O5 BDP I . 15.72 -15.84 -11.83
O6A BDP I . 16.79 -16.66 -14.24
O6B BDP I . 17.17 -18.78 -13.23
C1 NDG I . 13.11 -19.16 -13.68
C2 NDG I . 12.60 -20.52 -13.31
C3 NDG I . 13.76 -21.52 -13.37
C4 NDG I . 14.48 -21.45 -14.71
C5 NDG I . 14.76 -20.01 -15.16
C6 NDG I . 15.15 -19.92 -16.62
C7 NDG I . 11.37 -21.53 -11.44
C8 NDG I . 10.79 -21.30 -10.07
O5 NDG I . 13.59 -19.18 -15.00
O3 NDG I . 13.28 -22.84 -13.16
O4 NDG I . 15.74 -22.10 -14.60
O6 NDG I . 16.08 -18.87 -16.87
O7 NDG I . 11.27 -22.63 -12.00
N2 NDG I . 11.99 -20.50 -11.99
C1 BDP I . 15.75 -23.30 -15.39
C2 BDP I . 17.16 -23.59 -15.82
C3 BDP I . 17.19 -24.86 -16.63
C4 BDP I . 16.57 -25.97 -15.84
C5 BDP I . 15.20 -25.57 -15.37
C6 BDP I . 14.66 -26.60 -14.44
O2 BDP I . 17.65 -22.54 -16.56
O3 BDP I . 18.49 -25.16 -16.96
O4 BDP I . 16.47 -27.09 -16.62
O5 BDP I . 15.31 -24.39 -14.69
O6A BDP I . 15.51 -27.40 -13.71
O6B BDP I . 13.29 -26.73 -14.30
C1 GLC J . 12.55 -49.37 3.35
C2 GLC J . 11.96 -49.21 4.75
C3 GLC J . 12.86 -48.38 5.68
C4 GLC J . 14.31 -48.81 5.59
C5 GLC J . 14.73 -48.97 4.13
C6 GLC J . 16.18 -49.46 4.02
O1 GLC J . 12.54 -48.14 2.67
O2 GLC J . 10.70 -48.59 4.66
O3 GLC J . 12.38 -48.49 7.00
O4 GLC J . 15.11 -47.83 6.22
O5 GLC J . 13.87 -49.85 3.43
O6 GLC J . 16.53 -49.57 2.66
C1 GLC J . 15.57 -48.24 7.52
C2 GLC J . 15.33 -47.11 8.51
C3 GLC J . 16.19 -45.89 8.18
C4 GLC J . 17.65 -46.28 7.98
C5 GLC J . 17.78 -47.52 7.09
C6 GLC J . 19.22 -47.99 7.02
O2 GLC J . 13.96 -46.74 8.47
O3 GLC J . 16.09 -44.94 9.21
O4 GLC J . 18.37 -45.21 7.38
O5 GLC J . 16.95 -48.57 7.55
O6 GLC J . 19.28 -49.19 6.30
C1 GLC K . -14.92 27.67 27.57
C2 GLC K . -15.20 26.18 27.51
C3 GLC K . -15.51 25.71 26.09
C4 GLC K . -16.46 26.64 25.35
C5 GLC K . -16.06 28.10 25.56
C6 GLC K . -17.09 29.04 24.92
O1 GLC K . -13.69 27.95 26.94
O2 GLC K . -14.08 25.47 28.00
O3 GLC K . -16.07 24.41 26.17
O4 GLC K . -16.46 26.37 23.97
O5 GLC K . -15.94 28.39 26.94
O6 GLC K . -16.69 30.38 25.13
C1 GLC K . -17.61 25.60 23.57
C2 GLC K . -17.15 24.42 22.72
C3 GLC K . -16.52 24.92 21.43
C4 GLC K . -17.46 25.88 20.70
C5 GLC K . -17.98 26.93 21.66
C6 GLC K . -19.03 27.80 20.98
O2 GLC K . -16.21 23.67 23.44
O3 GLC K . -16.24 23.80 20.62
O4 GLC K . -16.78 26.50 19.62
O5 GLC K . -18.54 26.33 22.81
O6 GLC K . -19.57 28.69 21.94
C1 BDP L . -20.21 -18.15 -21.11
C2 BDP L . -20.64 -18.63 -19.77
C3 BDP L . -19.91 -17.89 -18.69
C4 BDP L . -18.43 -18.03 -18.92
C5 BDP L . -18.10 -17.45 -20.25
C6 BDP L . -16.63 -17.54 -20.50
O2 BDP L . -21.99 -18.43 -19.60
O3 BDP L . -20.31 -18.42 -17.47
O4 BDP L . -17.67 -17.43 -17.93
O5 BDP L . -18.82 -18.17 -21.17
O6A BDP L . -16.05 -18.75 -20.77
O6B BDP L . -15.85 -16.40 -20.44
C1 GNS L . -16.74 -18.35 -17.29
C2 GNS L . -17.36 -19.14 -16.18
N2 GNS L . -18.39 -20.00 -16.66
S1 GNS L . -18.15 -21.61 -16.76
O1S GNS L . -17.97 -22.15 -15.42
O2S GNS L . -17.01 -21.89 -17.63
O3S GNS L . -19.28 -22.26 -17.43
C3 GNS L . -17.92 -18.21 -15.16
O3 GNS L . -18.38 -18.99 -14.11
C4 GNS L . -16.88 -17.24 -14.67
C5 GNS L . -16.17 -16.64 -15.83
O5 GNS L . -15.75 -17.62 -16.70
C6 GNS L . -15.02 -15.84 -15.30
O6 GNS L . -14.45 -15.19 -16.36
O4 GNS L . -17.48 -16.16 -14.07
C1 IDR L . -17.66 -16.32 -12.66
C2 IDR L . -17.25 -15.04 -12.02
C3 IDR L . -17.46 -15.10 -10.53
C4 IDR L . -18.83 -15.61 -10.22
C5 IDR L . -19.15 -16.85 -10.99
C6 IDR L . -18.39 -18.07 -10.52
O2 IDR L . -15.92 -14.79 -12.31
O3 IDR L . -17.32 -13.84 -10.01
O4 IDR L . -19.02 -15.81 -8.87
O5 IDR L . -18.96 -16.63 -12.35
O6A IDR L . -18.29 -19.18 -11.31
O6B IDR L . -17.82 -18.11 -9.26
C1 GNS L . -19.92 -14.82 -8.35
C2 GNS L . -20.10 -14.93 -6.88
N2 GNS L . -18.85 -14.91 -6.19
S1 GNS L . -18.04 -13.52 -5.93
O1S GNS L . -18.89 -12.58 -5.21
O2S GNS L . -17.59 -12.98 -7.21
O3S GNS L . -16.80 -13.72 -5.19
C3 GNS L . -20.82 -16.21 -6.56
O3 GNS L . -20.94 -16.36 -5.20
C4 GNS L . -22.15 -16.22 -7.23
C5 GNS L . -21.90 -16.10 -8.69
O5 GNS L . -21.18 -14.95 -8.90
C6 GNS L . -23.17 -16.06 -9.46
O6 GNS L . -22.86 -15.96 -10.80
O4 GNS L . -22.84 -17.40 -6.99
C1 BDP L . -24.00 -17.18 -6.16
C2 BDP L . -25.07 -18.15 -6.53
C3 BDP L . -26.23 -18.10 -5.57
C4 BDP L . -25.75 -18.23 -4.15
C5 BDP L . -24.73 -17.16 -3.91
C6 BDP L . -24.16 -17.17 -2.52
O2 BDP L . -25.51 -17.89 -7.81
O3 BDP L . -27.14 -19.08 -5.91
O4 BDP L . -26.78 -18.11 -3.22
O5 BDP L . -23.71 -17.35 -4.83
O6A BDP L . -23.08 -17.96 -2.22
O6B BDP L . -24.72 -16.36 -1.55
C1 NDG L . -27.47 -19.35 -2.89
C2 NDG L . -28.90 -19.05 -2.50
C3 NDG L . -28.93 -18.18 -1.25
C4 NDG L . -28.04 -18.74 -0.14
C5 NDG L . -26.69 -19.25 -0.65
C6 NDG L . -25.97 -20.12 0.37
C7 NDG L . -30.22 -19.13 -4.56
C8 NDG L . -30.93 -18.33 -5.61
O5 NDG L . -26.82 -20.03 -1.85
O3 NDG L . -30.28 -18.06 -0.79
O4 NDG L . -27.77 -17.70 0.79
O6 NDG L . -24.57 -20.04 0.23
O7 NDG L . -30.18 -20.35 -4.60
N2 NDG L . -29.63 -18.43 -3.59
C1 BDP L . -28.62 -17.78 1.96
C2 BDP L . -27.99 -17.02 3.07
C3 BDP L . -28.80 -17.27 4.31
C4 BDP L . -30.21 -16.83 4.08
C5 BDP L . -30.75 -17.47 2.84
C6 BDP L . -32.08 -16.89 2.49
O2 BDP L . -26.68 -17.41 3.25
O3 BDP L . -28.27 -16.58 5.37
O4 BDP L . -30.96 -17.20 5.17
O5 BDP L . -29.88 -17.27 1.80
O6A BDP L . -32.31 -15.55 2.66
O6B BDP L . -33.06 -17.70 1.98
C1 GLC M . -53.17 0.97 5.85
C2 GLC M . -54.03 1.24 4.62
C3 GLC M . -53.38 2.17 3.60
C4 GLC M . -52.73 3.38 4.27
C5 GLC M . -51.91 2.93 5.48
C6 GLC M . -51.26 4.10 6.20
O1 GLC M . -52.09 0.12 5.50
O2 GLC M . -54.30 -0.01 4.00
O3 GLC M . -54.35 2.61 2.67
O4 GLC M . -51.86 4.01 3.35
O5 GLC M . -52.70 2.19 6.38
O6 GLC M . -50.42 3.60 7.22
C1 GLC M . -52.42 5.21 2.80
C2 GLC M . -52.28 5.17 1.29
C3 GLC M . -50.82 5.29 0.87
C4 GLC M . -50.10 6.43 1.58
C5 GLC M . -50.40 6.41 3.07
C6 GLC M . -49.81 7.63 3.77
O2 GLC M . -52.79 3.93 0.82
O3 GLC M . -50.73 5.51 -0.51
O4 GLC M . -48.72 6.28 1.38
O5 GLC M . -51.80 6.38 3.28
O6 GLC M . -50.21 7.63 5.12
C1 BDP N . -28.32 32.09 -43.26
C2 BDP N . -29.41 32.40 -44.23
C3 BDP N . -30.65 31.61 -43.90
C4 BDP N . -30.35 30.15 -43.78
C5 BDP N . -29.19 29.96 -42.86
C6 BDP N . -28.77 28.53 -42.85
O2 BDP N . -29.71 33.74 -44.16
O3 BDP N . -31.56 31.81 -44.90
O4 BDP N . -31.41 29.45 -43.22
O5 BDP N . -28.15 30.72 -43.29
O6A BDP N . -27.74 28.13 -43.65
O6B BDP N . -29.41 27.62 -42.03
C1 GNS N . -32.19 28.75 -44.21
C2 GNS N . -33.63 29.15 -44.14
N2 GNS N . -33.80 30.54 -44.36
S1 GNS N . -34.44 31.05 -45.76
O1S GNS N . -35.77 30.46 -45.97
O2S GNS N . -33.56 30.70 -46.88
O3S GNS N . -34.51 32.51 -45.80
C3 GNS N . -34.19 28.77 -42.80
O3 GNS N . -35.51 29.12 -42.77
C4 GNS N . -34.04 27.30 -42.55
C5 GNS N . -32.63 26.90 -42.81
O5 GNS N . -32.19 27.40 -44.03
C6 GNS N . -32.54 25.41 -42.80
O6 GNS N . -31.24 25.05 -43.03
O4 GNS N . -34.29 27.02 -41.22
C1 IDR N . -35.63 26.55 -40.96
C2 IDR N . -35.53 25.37 -40.05
C3 IDR N . -36.89 24.86 -39.67
C4 IDR N . -37.76 25.98 -39.23
C5 IDR N . -37.71 27.14 -40.16
C6 IDR N . -38.47 26.93 -41.44
O2 IDR N . -34.79 24.38 -40.65
O3 IDR N . -36.73 23.96 -38.64
O4 IDR N . -39.08 25.57 -39.02
O5 IDR N . -36.40 27.53 -40.38
O6A IDR N . -38.29 27.78 -42.52
O6B IDR N . -39.38 25.91 -41.55
C1 GNS N . -39.37 25.54 -37.60
C2 GNS N . -40.75 25.04 -37.33
N2 GNS N . -40.97 23.73 -37.90
S1 GNS N . -40.35 22.39 -37.20
O1S GNS N . -40.80 22.25 -35.82
O2S GNS N . -38.90 22.43 -37.25
O3S GNS N . -40.70 21.18 -37.96
C3 GNS N . -41.77 26.00 -37.87
O3 GNS N . -43.03 25.53 -37.60
C4 GNS N . -41.56 27.36 -37.28
C5 GNS N . -40.16 27.78 -37.50
O5 GNS N . -39.31 26.80 -37.04
C6 GNS N . -39.86 29.08 -36.82
O6 GNS N . -38.57 29.45 -37.09
O4 GNS N . -42.37 28.26 -37.94
C1 BDP N . -43.53 28.63 -37.16
C2 BDP N . -44.04 29.97 -37.62
C3 BDP N . -45.25 30.35 -36.83
C4 BDP N . -46.28 29.26 -36.85
C5 BDP N . -45.62 27.98 -36.41
C6 BDP N . -46.52 26.79 -36.39
O2 BDP N . -43.05 30.90 -37.45
O3 BDP N . -45.73 31.54 -37.34
O4 BDP N . -47.31 29.53 -35.97
O5 BDP N . -44.56 27.73 -37.25
O6A BDP N . -46.79 26.11 -37.55
O6B BDP N . -47.04 26.37 -35.20
C1 NDG N . -48.40 30.27 -36.57
C2 NDG N . -48.91 31.24 -35.53
C3 NDG N . -49.31 30.49 -34.27
C4 NDG N . -50.29 29.37 -34.61
C5 NDG N . -49.82 28.54 -35.81
C6 NDG N . -50.89 27.60 -36.33
C7 NDG N . -47.99 33.51 -35.73
C8 NDG N . -46.89 34.44 -35.34
O5 NDG N . -49.44 29.38 -36.90
O3 NDG N . -49.90 31.38 -33.33
O4 NDG N . -50.42 28.49 -33.50
O6 NDG N . -50.39 26.76 -37.35
O7 NDG N . -48.92 33.87 -36.45
N2 NDG N . -47.92 32.26 -35.24
C1 BDP N . -51.70 28.61 -32.88
C2 BDP N . -52.13 27.29 -32.34
C3 BDP N . -53.46 27.44 -31.67
C4 BDP N . -53.40 28.49 -30.61
C5 BDP N . -52.90 29.76 -31.22
C6 BDP N . -52.70 30.80 -30.18
O2 BDP N . -52.20 26.35 -33.35
O3 BDP N . -53.82 26.23 -31.10
O4 BDP N . -54.65 28.69 -30.09
O5 BDP N . -51.71 29.51 -31.84
O6A BDP N . -52.21 30.44 -28.94
O6B BDP N . -52.98 32.13 -30.45
C1 GLC O . -39.23 57.47 -15.16
C2 GLC O . -39.80 56.97 -13.84
C3 GLC O . -39.37 55.54 -13.52
C4 GLC O . -39.44 54.61 -14.73
C5 GLC O . -38.85 55.30 -15.97
C6 GLC O . -39.02 54.42 -17.21
O1 GLC O . -37.85 57.72 -15.02
O2 GLC O . -39.39 57.82 -12.80
O3 GLC O . -40.19 55.05 -12.48
O4 GLC O . -38.71 53.44 -14.47
O5 GLC O . -39.46 56.55 -16.20
O6 GLC O . -38.42 55.04 -18.32
C1 GLC O . -39.59 52.35 -14.13
C2 GLC O . -39.07 51.69 -12.87
C3 GLC O . -37.73 51.01 -13.11
C4 GLC O . -37.76 50.14 -14.37
C5 GLC O . -38.40 50.88 -15.54
C6 GLC O . -38.58 49.95 -16.73
O2 GLC O . -38.94 52.65 -11.85
O3 GLC O . -37.40 50.20 -12.00
O4 GLC O . -36.44 49.78 -14.72
O5 GLC O . -39.66 51.39 -15.17
O6 GLC O . -39.31 50.61 -17.74
C1 BDP P . 7.30 26.43 -0.60
C2 BDP P . 6.93 27.73 0.05
C3 BDP P . 6.07 28.52 -0.89
C4 BDP P . 6.80 28.72 -2.21
C5 BDP P . 7.04 27.35 -2.76
C6 BDP P . 7.68 27.38 -4.11
O2 BDP P . 6.27 27.56 1.25
O3 BDP P . 5.72 29.69 -0.26
O4 BDP P . 6.10 29.52 -3.10
O5 BDP P . 7.82 26.67 -1.85
O6A BDP P . 8.94 26.86 -4.26
O1 BDP P . 8.25 25.77 0.15
O6B BDP P . 7.00 27.90 -5.19
C1 GNS P . 6.81 30.73 -3.49
C2 GNS P . 6.70 31.83 -2.50
N2 GNS P . 7.47 31.60 -1.32
S1 GNS P . 8.80 32.49 -1.04
O1S GNS P . 8.46 33.91 -0.87
O2S GNS P . 9.76 32.31 -2.11
O3S GNS P . 9.49 31.98 0.15
C3 GNS P . 5.25 32.04 -2.17
O3 GNS P . 5.17 33.08 -1.27
C4 GNS P . 4.46 32.35 -3.40
C5 GNS P . 4.85 31.45 -4.55
O5 GNS P . 6.22 31.27 -4.60
C6 GNS P . 4.35 32.06 -5.81
O6 GNS P . 4.75 31.29 -6.88
O4 GNS P . 3.14 32.07 -3.13
C1 IDR P . 2.43 33.22 -2.63
C2 IDR P . 1.17 33.34 -3.45
C3 IDR P . 0.30 34.44 -2.93
C4 IDR P . 0.14 34.31 -1.44
C5 IDR P . 1.46 34.16 -0.75
C6 IDR P . 2.29 35.41 -0.72
O2 IDR P . 1.51 33.59 -4.76
O3 IDR P . -0.93 34.32 -3.52
O4 IDR P . -0.57 35.37 -0.91
O5 IDR P . 2.15 33.08 -1.28
O6A IDR P . 3.63 35.36 -0.41
O6B IDR P . 1.73 36.64 -0.97
C1 GNS P . -1.89 34.94 -0.49
C2 GNS P . -2.72 36.07 0.02
N2 GNS P . -2.87 37.11 -0.96
S1 GNS P . -3.87 36.95 -2.24
O1S GNS P . -5.25 36.69 -1.83
O2S GNS P . -3.41 35.89 -3.13
O3S GNS P . -3.83 38.14 -3.09
C3 GNS P . -2.10 36.62 1.27
O3 GNS P . -2.84 37.68 1.73
C4 GNS P . -1.98 35.55 2.31
C5 GNS P . -1.21 34.43 1.72
O5 GNS P . -1.80 34.03 0.54
C6 GNS P . -1.11 33.29 2.68
O6 GNS P . -0.32 32.31 2.13
O4 GNS P . -1.29 36.02 3.40
C1 BDP P . -2.18 36.23 4.51
C2 BDP P . -1.41 36.06 5.79
C3 BDP P . -2.27 36.39 6.99
C4 BDP P . -2.95 37.72 6.82
C5 BDP P . -3.63 37.76 5.49
C6 BDP P . -4.25 39.09 5.19
O2 BDP P . -0.98 34.75 5.89
O3 BDP P . -1.45 36.37 8.10
O4 BDP P . -3.92 37.93 7.79
O5 BDP P . -2.72 37.49 4.51
O6A BDP P . -3.51 40.04 4.55
O6B BDP P . -5.55 39.33 5.55
C1 NDG P . -3.41 38.52 9.01
C2 NDG P . -4.30 38.07 10.16
C3 NDG P . -5.73 38.56 9.93
C4 NDG P . -5.76 40.05 9.62
C5 NDG P . -4.71 40.43 8.57
C6 NDG P . -4.55 41.93 8.42
C7 NDG P . -3.62 36.00 11.31
C8 NDG P . -3.70 34.50 11.30
O5 NDG P . -3.43 39.91 8.93
O3 NDG P . -6.50 38.30 11.10
O4 NDG P . -7.04 40.37 9.07
O6 NDG P . -3.76 42.26 7.28
O7 NDG P . -3.00 36.61 12.17
N2 NDG P . -4.27 36.62 10.31
C1 BDP P . -7.89 41.05 10.00
C2 BDP P . -8.95 41.80 9.26
C3 BDP P . -9.84 42.53 10.22
C4 BDP P . -10.40 41.58 11.23
C5 BDP P . -9.29 40.81 11.88
C6 BDP P . -9.84 39.77 12.80
O2 BDP P . -8.40 42.68 8.38
O3 BDP P . -10.87 43.11 9.51
O4 BDP P . -11.07 42.29 12.20
O5 BDP P . -8.52 40.22 10.90
O6A BDP P . -10.99 39.08 12.46
O6B BDP P . -9.21 39.48 13.98
P1 A3P Q . 70.49 -4.46 22.77
O1P A3P Q . 70.65 -3.89 21.36
O2P A3P Q . 71.81 -5.11 23.24
O3P A3P Q . 70.14 -3.30 23.72
P2 A3P Q . 66.46 -9.46 19.34
O4P A3P Q . 66.87 -10.81 20.00
O5P A3P Q . 64.95 -9.45 19.05
O6P A3P Q . 67.15 -9.22 17.99
O5' A3P Q . 66.82 -8.34 20.37
C5' A3P Q . 68.09 -8.26 20.90
C4' A3P Q . 68.11 -7.19 21.94
O4' A3P Q . 67.47 -7.68 23.06
C3' A3P Q . 69.49 -6.79 22.35
O3' A3P Q . 69.37 -5.51 22.82
C2' A3P Q . 69.71 -7.66 23.52
O2' A3P Q . 70.60 -7.09 24.39
C1' A3P Q . 68.35 -7.66 24.11
N9 A3P Q . 68.10 -8.76 24.99
C8 A3P Q . 68.43 -10.12 24.72
N7 A3P Q . 68.01 -10.91 25.83
C5 A3P Q . 67.41 -10.06 26.80
C6 A3P Q . 66.81 -10.30 28.13
N6 A3P Q . 66.75 -11.62 28.65
N1 A3P Q . 66.29 -9.20 28.87
C2 A3P Q . 66.36 -7.88 28.33
N3 A3P Q . 66.93 -7.62 27.04
C4 A3P Q . 67.47 -8.69 26.26
C1 NPO R . 64.68 -0.50 2.59
C2 NPO R . 65.70 -0.92 1.74
C3 NPO R . 66.27 -2.17 1.93
C4 NPO R . 65.84 -3.00 2.94
C5 NPO R . 64.83 -2.58 3.78
C6 NPO R . 64.24 -1.33 3.63
OH NPO R . 66.43 -4.25 3.11
N1 NPO R . 64.06 0.79 2.44
O2 NPO R . 63.11 1.15 3.26
O3 NPO R . 64.43 1.54 1.54
P1 A3P S . 24.26 2.28 -13.66
O1P A3P S . 22.89 2.56 -12.98
O2P A3P S . 24.03 1.94 -15.15
O3P A3P S . 25.15 3.56 -13.56
P2 A3P S . 23.84 -3.95 -9.77
O4P A3P S . 24.31 -5.06 -10.75
O5P A3P S . 24.38 -4.21 -8.34
O6P A3P S . 22.30 -3.96 -9.64
O5' A3P S . 24.36 -2.57 -10.29
C5' A3P S . 24.18 -2.16 -11.60
C4' A3P S . 24.98 -0.92 -11.84
O4' A3P S . 26.30 -1.27 -11.94
C3' A3P S . 24.64 -0.22 -13.12
O3' A3P S . 24.98 1.09 -12.94
C2' A3P S . 25.61 -0.79 -14.06
O2' A3P S . 25.88 0.07 -15.10
C1' A3P S . 26.78 -0.89 -13.18
N9 A3P S . 27.75 -1.84 -13.64
C8 A3P S . 27.48 -3.15 -14.15
N7 A3P S . 28.71 -3.77 -14.50
C5 A3P S . 29.76 -2.87 -14.20
C6 A3P S . 31.23 -2.95 -14.33
N6 A3P S . 31.81 -4.14 -14.86
N1 A3P S . 32.03 -1.83 -13.93
C2 A3P S . 31.42 -0.66 -13.41
N3 A3P S . 30.00 -0.56 -13.27
C4 A3P S . 29.16 -1.64 -13.65
C1 NPO T . 9.01 0.36 2.12
C2 NPO T . 7.87 -0.36 1.74
C3 NPO T . 7.96 -1.31 0.73
C4 NPO T . 9.17 -1.55 0.11
C5 NPO T . 10.29 -0.84 0.49
C6 NPO T . 10.22 0.11 1.48
OH NPO T . 9.25 -2.51 -0.89
N1 NPO T . 8.94 1.35 3.14
O2 NPO T . 10.02 2.00 3.47
O3 NPO T . 7.89 1.58 3.70
P1 A3P U . 14.91 -6.59 44.21
O1P A3P U . 16.15 -6.41 45.14
O2P A3P U . 13.77 -7.29 45.02
O3P A3P U . 14.41 -5.20 43.72
P2 A3P U . 19.08 -11.89 41.42
O4P A3P U . 18.11 -13.08 41.23
O5P A3P U . 20.06 -11.82 40.22
O6P A3P U . 19.91 -12.05 42.72
O5' A3P U . 18.25 -10.58 41.47
C5' A3P U . 17.20 -10.45 42.34
C4' A3P U . 16.45 -9.20 42.02
O4' A3P U . 15.74 -9.40 40.87
C3' A3P U . 15.46 -8.83 43.06
O3' A3P U . 15.30 -7.46 42.99
C2' A3P U . 14.20 -9.42 42.56
O2' A3P U . 13.11 -8.72 42.98
C1' A3P U . 14.40 -9.17 41.11
N9 A3P U . 13.62 -10.04 40.29
C8 A3P U . 13.45 -11.43 40.46
N7 A3P U . 12.60 -11.92 39.41
C5 A3P U . 12.25 -10.82 38.57
C6 A3P U . 11.43 -10.68 37.34
N6 A3P U . 10.78 -11.83 36.77
N1 A3P U . 11.29 -9.40 36.74
C2 A3P U . 11.93 -8.25 37.30
N3 A3P U . 12.73 -8.36 38.48
C4 A3P U . 12.91 -9.62 39.14
P1 A3P V . -4.30 -17.49 -10.80
O1P A3P V . -5.07 -18.10 -12.01
O2P A3P V . -4.25 -18.49 -9.63
O3P A3P V . -2.84 -17.18 -11.24
P2 A3P V . -10.51 -13.68 -9.91
O4P A3P V . -10.74 -13.68 -8.36
O5P A3P V . -10.89 -12.29 -10.49
O6P A3P V . -11.39 -14.73 -10.65
O5' A3P V . -9.00 -13.96 -10.15
C5' A3P V . -8.35 -15.03 -9.57
C4' A3P V . -6.89 -14.94 -9.84
O4' A3P V . -6.34 -13.99 -9.01
C3' A3P V . -6.17 -16.21 -9.54
O3' A3P V . -5.04 -16.20 -10.33
C2' A3P V . -5.77 -16.00 -8.13
O2' A3P V . -4.68 -16.76 -7.82
C1' A3P V . -5.41 -14.57 -8.18
N9 A3P V . -5.43 -13.93 -6.91
C8 A3P V . -6.41 -14.13 -5.89
N7 A3P V . -6.09 -13.29 -4.78
C5 A3P V . -4.90 -12.57 -5.09
C6 A3P V . -4.10 -11.58 -4.35
N6 A3P V . -4.50 -11.18 -3.05
N1 A3P V . -2.93 -11.03 -4.96
C2 A3P V . -2.55 -11.44 -6.29
N3 A3P V . -3.31 -12.41 -7.02
C4 A3P V . -4.48 -12.98 -6.45
C1 NPO W . -20.67 -17.72 -26.04
C2 NPO W . -21.23 -18.96 -25.73
C3 NPO W . -21.27 -19.38 -24.41
C4 NPO W . -20.76 -18.57 -23.41
C5 NPO W . -20.21 -17.34 -23.71
C6 NPO W . -20.16 -16.90 -25.03
OH NPO W . -20.81 -19.00 -22.10
N1 NPO W . -20.63 -17.26 -27.40
O2 NPO W . -21.09 -18.01 -28.34
O3 NPO W . -20.13 -16.17 -27.65
P1 A3P X . -34.29 16.04 -49.45
O1P A3P X . -33.73 17.47 -49.69
O2P A3P X . -35.73 15.97 -50.04
O3P A3P X . -33.36 15.03 -50.18
P2 A3P X . -35.07 18.61 -42.65
O4P A3P X . -36.47 18.08 -42.22
O5P A3P X . -34.10 18.55 -41.44
O6P A3P X . -35.13 20.08 -43.14
O5' A3P X . -34.56 17.68 -43.81
C5' A3P X . -35.32 17.45 -44.92
C4' A3P X . -34.69 16.39 -45.75
O4' A3P X . -34.87 15.18 -45.10
C3' A3P X . -35.31 16.28 -47.09
O3' A3P X . -34.36 15.75 -47.93
C2' A3P X . -36.33 15.24 -46.87
O2' A3P X . -36.60 14.59 -48.05
C1' A3P X . -35.59 14.35 -45.95
N9 A3P X . -36.42 13.47 -45.19
C8 A3P X . -37.63 13.82 -44.53
N7 A3P X . -38.16 12.66 -43.88
C5 A3P X . -37.28 11.58 -44.13
C6 A3P X . -37.28 10.14 -43.74
N6 A3P X . -38.34 9.64 -42.93
N1 A3P X . -36.21 9.30 -44.16
C2 A3P X . -35.14 9.82 -44.97
N3 A3P X . -35.13 11.19 -45.37
C4 A3P X . -36.17 12.08 -44.97
C1 NPO Y . -24.08 31.93 -40.88
C2 NPO Y . -24.15 31.23 -42.08
C3 NPO Y . -25.16 31.53 -42.99
C4 NPO Y . -26.11 32.50 -42.69
C5 NPO Y . -26.04 33.19 -41.50
C6 NPO Y . -25.03 32.91 -40.59
OH NPO Y . -27.11 32.79 -43.59
N1 NPO Y . -23.04 31.64 -39.94
O2 NPO Y . -22.16 30.72 -40.20
O3 NPO Y . -23.00 32.25 -38.88
P1 A3P Z . 5.58 41.11 -13.23
O1P A3P Z . 6.53 40.14 -12.49
O2P A3P Z . 5.67 42.52 -12.58
O3P A3P Z . 5.97 41.21 -14.74
P2 A3P Z . 0.67 37.38 -9.40
O4P A3P Z . -0.28 38.50 -8.88
O5P A3P Z . -0.12 36.09 -9.75
O6P A3P Z . 1.68 36.94 -8.31
O5' A3P Z . 1.42 37.95 -10.63
C5' A3P Z . 1.96 39.22 -10.61
C4' A3P Z . 2.42 39.59 -11.98
O4' A3P Z . 1.35 39.99 -12.73
C3' A3P Z . 3.38 40.71 -11.97
O3' A3P Z . 4.11 40.58 -13.12
C2' A3P Z . 2.47 41.87 -12.16
O2' A3P Z . 3.13 42.95 -12.70
C1' A3P Z . 1.52 41.30 -13.13
N9 A3P Z . 0.27 41.97 -13.13
C8 A3P Z . -0.47 42.40 -11.98
N7 A3P Z . -1.68 43.02 -12.41
C5 A3P Z . -1.72 42.99 -13.84
C6 A3P Z . -2.67 43.47 -14.85
N6 A3P Z . -3.88 44.13 -14.44
N1 A3P Z . -2.38 43.28 -16.24
C2 A3P Z . -1.18 42.62 -16.65
N3 A3P Z . -0.22 42.15 -15.69
C4 A3P Z . -0.47 42.32 -14.29
#